data_8X0P
#
_entry.id   8X0P
#
_cell.length_a   219.540
_cell.length_b   118.980
_cell.length_c   182.530
_cell.angle_alpha   90.000
_cell.angle_beta   90.000
_cell.angle_gamma   90.000
#
_symmetry.space_group_name_H-M   'P 21 21 2'
#
loop_
_entity.id
_entity.type
_entity.pdbx_description
1 polymer 'Tyrosine/DOPA decarboxylase 2'
2 non-polymer "PYRIDOXAL-5'-PHOSPHATE"
3 non-polymer CARBIDOPA
4 water water
#
_entity_poly.entity_id   1
_entity_poly.type   'polypeptide(L)'
_entity_poly.pdbx_seq_one_letter_code
;MGSLNTEDVLENSSAFGVTNPLDPEEFRRQGHMIIDFLADYYRDVEKYPVRSQVEPGYLRKRLPETAPYNPESIETILQD
VTTEIIPGLTHWQSPNYYAYFPSSGSVAGFLGEMLSTGFNVVGFNWMSSPAATELESVVMDWFGKMLNLPESFLFSGSGG
GVLQGTSCEAILCTLTAARDRKLNKIGREHIGRLVVYGSDQTHCALQKAAQVAGINPKNFRAIKTFKENSFGLSAATLRE
VILEDIEAGLIPLFVCPTVGTTSSTAVDPISPICEVAKEYEMWVHVDAAYAGSACICPEFRHFIDGVEEADSFSLNAHKW
FFTTLDCCCLWVKDPSALVKALSTNPEYLRNKATESRQVVDYKDWQIALSRRFRSLKLWMVLRSYGVTNLRNFLRSHVKM
AKTFEGLICMDGRFEITVPRTFAMVCFRLLPPKTIKVYDNGVHQNGNGVVPLRDENENLVLANKLNQVYLETVNATGSVY
MTHAVVGGVYMIRFAVGSTLTEERHVIYAWKILQEHADLILGKFSEADFSS
;
_entity_poly.pdbx_strand_id   A,B,C,D,E,F
#
# COMPACT_ATOMS: atom_id res chain seq x y z
N GLY A 17 24.26 -35.27 -57.64
CA GLY A 17 23.49 -35.41 -56.42
C GLY A 17 24.27 -36.09 -55.31
N VAL A 18 24.22 -35.51 -54.11
CA VAL A 18 24.90 -36.05 -52.93
C VAL A 18 23.91 -35.98 -51.77
N THR A 19 23.39 -37.14 -51.37
CA THR A 19 22.46 -37.19 -50.25
C THR A 19 23.16 -36.82 -48.95
N ASN A 20 22.49 -36.03 -48.14
CA ASN A 20 23.10 -35.50 -46.92
C ASN A 20 23.50 -36.66 -46.00
N PRO A 21 24.64 -36.56 -45.32
CA PRO A 21 25.14 -37.70 -44.54
C PRO A 21 24.21 -38.18 -43.44
N LEU A 22 23.21 -37.40 -43.07
CA LEU A 22 22.28 -37.75 -42.01
C LEU A 22 20.85 -37.79 -42.52
N ASP A 23 20.65 -38.28 -43.73
CA ASP A 23 19.32 -38.42 -44.31
C ASP A 23 18.47 -39.34 -43.45
N PRO A 24 17.32 -38.86 -42.94
CA PRO A 24 16.51 -39.73 -42.07
C PRO A 24 16.09 -41.03 -42.73
N GLU A 25 15.78 -41.00 -44.03
CA GLU A 25 15.31 -42.22 -44.67
C GLU A 25 16.45 -43.17 -45.00
N GLU A 26 17.61 -42.64 -45.39
CA GLU A 26 18.77 -43.49 -45.58
C GLU A 26 19.30 -44.02 -44.25
N PHE A 27 19.13 -43.26 -43.17
CA PHE A 27 19.44 -43.75 -41.84
C PHE A 27 18.61 -44.99 -41.51
N ARG A 28 17.30 -44.90 -41.72
CA ARG A 28 16.41 -46.04 -41.50
C ARG A 28 16.84 -47.23 -42.35
N ARG A 29 17.11 -47.00 -43.62
CA ARG A 29 17.46 -48.07 -44.54
C ARG A 29 18.71 -48.82 -44.08
N GLN A 30 19.83 -48.10 -43.96
CA GLN A 30 21.08 -48.74 -43.58
C GLN A 30 21.05 -49.22 -42.13
N GLY A 31 20.28 -48.56 -41.28
CA GLY A 31 20.24 -48.96 -39.88
C GLY A 31 19.64 -50.33 -39.67
N HIS A 32 18.60 -50.67 -40.44
CA HIS A 32 17.99 -51.98 -40.33
C HIS A 32 18.94 -53.08 -40.81
N MET A 33 19.80 -52.77 -41.77
CA MET A 33 20.76 -53.76 -42.25
C MET A 33 21.70 -54.21 -41.13
N ILE A 34 22.20 -53.25 -40.33
CA ILE A 34 23.14 -53.60 -39.27
C ILE A 34 22.42 -54.35 -38.15
N ILE A 35 21.20 -53.95 -37.82
CA ILE A 35 20.45 -54.63 -36.77
C ILE A 35 20.22 -56.09 -37.16
N ASP A 36 19.91 -56.34 -38.43
CA ASP A 36 19.82 -57.72 -38.90
C ASP A 36 21.20 -58.36 -39.02
N PHE A 37 22.22 -57.57 -39.34
CA PHE A 37 23.58 -58.10 -39.41
C PHE A 37 24.08 -58.56 -38.04
N LEU A 38 23.71 -57.82 -36.99
CA LEU A 38 24.14 -58.17 -35.63
C LEU A 38 23.27 -59.24 -35.02
N ALA A 39 21.98 -59.28 -35.35
CA ALA A 39 21.14 -60.38 -34.89
C ALA A 39 21.61 -61.70 -35.49
N ASP A 40 21.95 -61.70 -36.78
CA ASP A 40 22.55 -62.87 -37.39
C ASP A 40 23.87 -63.23 -36.72
N TYR A 41 24.60 -62.22 -36.22
CA TYR A 41 25.86 -62.48 -35.54
C TYR A 41 25.64 -63.29 -34.27
N TYR A 42 24.78 -62.79 -33.37
CA TYR A 42 24.51 -63.51 -32.13
C TYR A 42 23.92 -64.88 -32.40
N ARG A 43 23.22 -65.05 -33.51
CA ARG A 43 22.66 -66.35 -33.85
C ARG A 43 23.76 -67.34 -34.19
N ASP A 44 24.71 -66.95 -35.04
CA ASP A 44 25.75 -67.85 -35.54
C ASP A 44 27.11 -67.58 -34.92
N VAL A 45 27.15 -66.91 -33.76
CA VAL A 45 28.44 -66.59 -33.13
C VAL A 45 29.15 -67.83 -32.64
N GLU A 46 28.42 -68.93 -32.45
CA GLU A 46 29.02 -70.17 -31.97
C GLU A 46 29.91 -70.83 -33.02
N LYS A 47 29.71 -70.51 -34.30
CA LYS A 47 30.40 -71.23 -35.37
C LYS A 47 31.83 -70.74 -35.60
N TYR A 48 32.17 -69.53 -35.12
CA TYR A 48 33.55 -69.11 -35.29
C TYR A 48 34.41 -69.63 -34.14
N PRO A 49 35.70 -69.84 -34.38
CA PRO A 49 36.61 -70.12 -33.27
C PRO A 49 36.71 -68.92 -32.35
N VAL A 50 36.71 -69.18 -31.04
CA VAL A 50 36.54 -68.11 -30.06
C VAL A 50 37.73 -67.15 -30.10
N ARG A 51 38.94 -67.65 -29.87
CA ARG A 51 40.13 -66.83 -30.02
C ARG A 51 40.51 -66.73 -31.50
N SER A 52 40.84 -65.53 -31.94
CA SER A 52 41.17 -65.30 -33.34
C SER A 52 42.37 -66.14 -33.77
N GLN A 53 42.35 -66.58 -35.03
CA GLN A 53 43.38 -67.46 -35.56
C GLN A 53 44.16 -66.81 -36.70
N VAL A 54 44.22 -65.47 -36.71
CA VAL A 54 44.95 -64.76 -37.73
C VAL A 54 46.38 -64.51 -37.25
N GLU A 55 47.27 -64.26 -38.21
CA GLU A 55 48.65 -63.86 -37.98
C GLU A 55 48.74 -62.34 -37.85
N PRO A 56 49.68 -61.84 -37.04
CA PRO A 56 49.82 -60.38 -36.91
C PRO A 56 50.26 -59.76 -38.23
N GLY A 57 49.54 -58.72 -38.64
CA GLY A 57 49.78 -58.07 -39.91
C GLY A 57 48.89 -58.53 -41.05
N TYR A 58 47.87 -59.34 -40.77
CA TYR A 58 47.02 -59.85 -41.84
C TYR A 58 46.16 -58.76 -42.47
N LEU A 59 45.83 -57.71 -41.70
CA LEU A 59 44.85 -56.74 -42.16
C LEU A 59 45.48 -55.66 -43.04
N ARG A 60 46.72 -55.27 -42.73
CA ARG A 60 47.41 -54.29 -43.56
C ARG A 60 47.62 -54.78 -44.99
N LYS A 61 47.58 -56.09 -45.20
CA LYS A 61 47.76 -56.66 -46.53
C LYS A 61 46.43 -56.93 -47.25
N ARG A 62 45.33 -57.07 -46.52
CA ARG A 62 44.03 -57.31 -47.13
C ARG A 62 43.24 -56.03 -47.39
N LEU A 63 43.75 -54.88 -46.96
CA LEU A 63 43.09 -53.60 -47.13
C LEU A 63 43.95 -52.67 -47.99
N PRO A 64 43.35 -51.67 -48.63
CA PRO A 64 44.15 -50.68 -49.37
C PRO A 64 44.97 -49.83 -48.42
N GLU A 65 45.92 -49.09 -49.02
CA GLU A 65 46.81 -48.24 -48.25
C GLU A 65 46.31 -46.80 -48.15
N THR A 66 45.32 -46.41 -48.94
CA THR A 66 44.80 -45.05 -48.92
C THR A 66 43.28 -45.09 -48.84
N ALA A 67 42.72 -43.98 -48.41
CA ALA A 67 41.28 -43.86 -48.37
C ALA A 67 40.71 -43.74 -49.78
N PRO A 68 39.51 -44.26 -50.01
CA PRO A 68 38.93 -44.16 -51.35
C PRO A 68 38.43 -42.76 -51.64
N TYR A 69 38.62 -42.31 -52.88
CA TYR A 69 38.21 -40.96 -53.25
C TYR A 69 36.71 -40.85 -53.44
N ASN A 70 36.07 -41.90 -53.94
CA ASN A 70 34.64 -41.94 -54.17
C ASN A 70 33.95 -42.92 -53.22
N PRO A 71 32.65 -42.75 -52.97
CA PRO A 71 31.97 -43.57 -51.96
C PRO A 71 32.03 -45.06 -52.28
N GLU A 72 31.81 -45.86 -51.24
CA GLU A 72 31.67 -47.30 -51.34
C GLU A 72 30.34 -47.69 -50.71
N SER A 73 29.62 -48.60 -51.36
CA SER A 73 28.30 -48.99 -50.90
C SER A 73 28.39 -49.74 -49.58
N ILE A 74 27.39 -49.54 -48.72
CA ILE A 74 27.37 -50.25 -47.44
C ILE A 74 27.28 -51.75 -47.65
N GLU A 75 26.61 -52.18 -48.73
CA GLU A 75 26.55 -53.60 -49.04
C GLU A 75 27.95 -54.16 -49.30
N THR A 76 28.88 -53.32 -49.78
CA THR A 76 30.27 -53.75 -49.93
C THR A 76 31.00 -53.72 -48.60
N ILE A 77 30.76 -52.69 -47.79
CA ILE A 77 31.43 -52.57 -46.49
C ILE A 77 31.02 -53.72 -45.58
N LEU A 78 29.71 -54.00 -45.51
CA LEU A 78 29.23 -55.10 -44.68
C LEU A 78 29.88 -56.42 -45.09
N GLN A 79 30.08 -56.62 -46.39
CA GLN A 79 30.72 -57.83 -46.86
C GLN A 79 32.16 -57.92 -46.35
N ASP A 80 32.88 -56.80 -46.42
CA ASP A 80 34.26 -56.79 -45.92
C ASP A 80 34.30 -56.88 -44.40
N VAL A 81 33.24 -56.44 -43.72
CA VAL A 81 33.14 -56.67 -42.29
C VAL A 81 33.13 -58.17 -42.01
N THR A 82 32.49 -58.94 -42.89
CA THR A 82 32.37 -60.39 -42.67
C THR A 82 33.69 -61.10 -42.92
N THR A 83 34.37 -60.76 -44.02
CA THR A 83 35.54 -61.51 -44.45
C THR A 83 36.86 -60.94 -43.94
N GLU A 84 36.92 -59.65 -43.63
CA GLU A 84 38.15 -59.04 -43.15
C GLU A 84 38.15 -58.73 -41.66
N ILE A 85 37.05 -58.20 -41.13
CA ILE A 85 37.00 -57.82 -39.72
C ILE A 85 36.69 -59.02 -38.83
N ILE A 86 35.63 -59.76 -39.18
CA ILE A 86 35.15 -60.83 -38.29
C ILE A 86 36.21 -61.90 -38.05
N PRO A 87 36.96 -62.38 -39.04
CA PRO A 87 38.02 -63.36 -38.73
C PRO A 87 39.12 -62.80 -37.85
N GLY A 88 39.17 -61.47 -37.66
CA GLY A 88 40.15 -60.88 -36.78
C GLY A 88 39.58 -60.45 -35.44
N LEU A 89 38.49 -61.09 -35.04
CA LEU A 89 37.87 -60.83 -33.74
C LEU A 89 38.06 -62.04 -32.84
N THR A 90 38.31 -61.78 -31.56
CA THR A 90 38.15 -62.79 -30.53
C THR A 90 36.77 -62.60 -29.92
N HIS A 91 35.89 -63.58 -30.14
CA HIS A 91 34.47 -63.38 -29.89
C HIS A 91 34.18 -63.32 -28.41
N TRP A 92 34.21 -62.10 -27.86
CA TRP A 92 33.92 -61.89 -26.44
C TRP A 92 32.48 -62.27 -26.11
N GLN A 93 31.57 -62.16 -27.08
CA GLN A 93 30.17 -62.49 -26.87
C GLN A 93 29.85 -63.95 -27.14
N SER A 94 30.82 -64.72 -27.64
CA SER A 94 30.60 -66.15 -27.89
C SER A 94 30.20 -66.83 -26.58
N PRO A 95 29.20 -67.72 -26.62
CA PRO A 95 28.79 -68.39 -25.37
C PRO A 95 29.86 -69.30 -24.81
N ASN A 96 30.85 -69.69 -25.61
CA ASN A 96 31.94 -70.55 -25.18
C ASN A 96 33.20 -69.75 -24.86
N TYR A 97 33.03 -68.56 -24.29
CA TYR A 97 34.14 -67.66 -23.98
C TYR A 97 34.20 -67.48 -22.48
N TYR A 98 35.38 -67.73 -21.89
CA TYR A 98 35.56 -67.62 -20.46
C TYR A 98 36.85 -66.91 -20.08
N ALA A 99 37.56 -66.32 -21.04
CA ALA A 99 38.83 -65.68 -20.75
C ALA A 99 38.61 -64.37 -20.00
N TYR A 100 39.55 -64.06 -19.11
CA TYR A 100 39.59 -62.77 -18.43
C TYR A 100 38.30 -62.60 -17.63
N PHE A 101 37.58 -61.50 -17.80
CA PHE A 101 36.29 -61.24 -17.19
C PHE A 101 35.26 -60.97 -18.28
N PRO A 102 33.98 -61.24 -18.03
CA PRO A 102 32.97 -61.08 -19.08
C PRO A 102 32.90 -59.65 -19.59
N SER A 103 32.67 -59.52 -20.90
CA SER A 103 32.19 -58.26 -21.49
C SER A 103 30.67 -58.35 -21.58
N SER A 104 30.05 -58.22 -20.42
CA SER A 104 28.62 -58.51 -20.27
C SER A 104 27.80 -57.42 -20.95
N GLY A 105 27.00 -57.82 -21.93
CA GLY A 105 26.10 -56.91 -22.61
C GLY A 105 24.68 -57.45 -22.62
N SER A 106 23.80 -56.66 -23.22
CA SER A 106 22.40 -57.05 -23.33
C SER A 106 21.75 -56.21 -24.41
N VAL A 107 20.55 -56.63 -24.82
CA VAL A 107 19.78 -55.83 -25.77
C VAL A 107 19.47 -54.47 -25.18
N ALA A 108 18.96 -54.44 -23.94
CA ALA A 108 18.63 -53.17 -23.30
C ALA A 108 19.84 -52.26 -23.20
N GLY A 109 21.00 -52.81 -22.84
CA GLY A 109 22.21 -52.02 -22.85
C GLY A 109 22.63 -51.58 -24.24
N PHE A 110 22.38 -52.43 -25.24
CA PHE A 110 22.72 -52.08 -26.61
C PHE A 110 21.90 -50.89 -27.09
N LEU A 111 20.58 -50.98 -26.95
CA LEU A 111 19.71 -49.88 -27.35
C LEU A 111 19.96 -48.63 -26.52
N GLY A 112 20.61 -48.77 -25.37
CA GLY A 112 21.00 -47.60 -24.60
C GLY A 112 22.02 -46.74 -25.32
N GLU A 113 23.05 -47.37 -25.88
CA GLU A 113 24.03 -46.62 -26.66
C GLU A 113 23.45 -46.14 -27.98
N MET A 114 22.54 -46.92 -28.58
CA MET A 114 21.94 -46.51 -29.85
C MET A 114 21.20 -45.19 -29.70
N LEU A 115 20.35 -45.08 -28.68
CA LEU A 115 19.70 -43.79 -28.42
C LEU A 115 20.72 -42.72 -28.06
N SER A 116 21.73 -43.08 -27.25
CA SER A 116 22.76 -42.11 -26.89
C SER A 116 23.58 -41.67 -28.09
N THR A 117 23.83 -42.58 -29.03
CA THR A 117 24.57 -42.21 -30.23
C THR A 117 23.69 -41.50 -31.25
N GLY A 118 22.40 -41.87 -31.31
CA GLY A 118 21.50 -41.16 -32.21
C GLY A 118 21.29 -39.73 -31.80
N PHE A 119 20.96 -39.50 -30.53
CA PHE A 119 20.86 -38.14 -30.02
C PHE A 119 22.18 -37.39 -30.22
N ASN A 120 23.29 -38.04 -29.88
CA ASN A 120 24.64 -37.48 -30.04
C ASN A 120 24.77 -36.10 -29.39
N VAL A 121 24.41 -36.03 -28.13
CA VAL A 121 24.59 -34.82 -27.35
C VAL A 121 25.94 -34.88 -26.65
N VAL A 122 26.51 -33.72 -26.38
CA VAL A 122 27.77 -33.60 -25.66
C VAL A 122 27.48 -32.98 -24.30
N GLY A 123 27.27 -33.83 -23.29
CA GLY A 123 26.87 -33.33 -21.99
C GLY A 123 27.99 -32.82 -21.11
N PHE A 124 28.73 -31.82 -21.59
CA PHE A 124 29.83 -31.26 -20.81
C PHE A 124 29.38 -30.21 -19.82
N ASN A 125 28.10 -29.87 -19.81
CA ASN A 125 27.52 -29.07 -18.74
C ASN A 125 26.04 -29.43 -18.63
N TRP A 126 25.34 -28.76 -17.72
CA TRP A 126 23.92 -29.08 -17.53
C TRP A 126 23.09 -28.60 -18.71
N MET A 127 23.47 -27.47 -19.32
CA MET A 127 22.64 -26.90 -20.38
C MET A 127 22.72 -27.70 -21.66
N SER A 128 23.89 -28.25 -21.98
CA SER A 128 24.06 -29.00 -23.23
C SER A 128 23.08 -30.17 -23.33
N SER A 129 22.57 -30.65 -22.20
CA SER A 129 21.50 -31.64 -22.12
C SER A 129 21.14 -31.84 -20.65
N PRO A 130 20.11 -31.15 -20.16
CA PRO A 130 19.70 -31.38 -18.76
C PRO A 130 19.41 -32.84 -18.47
N ALA A 131 18.76 -33.55 -19.39
CA ALA A 131 18.43 -34.95 -19.12
C ALA A 131 19.67 -35.83 -19.08
N ALA A 132 20.73 -35.47 -19.80
CA ALA A 132 21.92 -36.30 -19.80
C ALA A 132 22.70 -36.21 -18.50
N THR A 133 22.52 -35.13 -17.74
CA THR A 133 23.15 -34.99 -16.44
C THR A 133 22.23 -35.48 -15.32
N GLU A 134 20.96 -35.08 -15.36
CA GLU A 134 20.05 -35.41 -14.27
C GLU A 134 19.74 -36.90 -14.23
N LEU A 135 19.60 -37.54 -15.39
CA LEU A 135 19.32 -38.97 -15.41
C LEU A 135 20.49 -39.77 -14.83
N GLU A 136 21.73 -39.33 -15.10
CA GLU A 136 22.88 -39.99 -14.51
C GLU A 136 22.88 -39.89 -12.99
N SER A 137 22.37 -38.78 -12.44
CA SER A 137 22.26 -38.65 -11.00
C SER A 137 21.13 -39.48 -10.41
N VAL A 138 20.12 -39.81 -11.21
CA VAL A 138 19.03 -40.66 -10.73
C VAL A 138 19.47 -42.12 -10.71
N VAL A 139 19.94 -42.63 -11.86
CA VAL A 139 20.27 -44.04 -11.95
C VAL A 139 21.48 -44.42 -11.12
N MET A 140 22.30 -43.45 -10.72
CA MET A 140 23.38 -43.76 -9.79
C MET A 140 22.88 -43.88 -8.36
N ASP A 141 21.70 -43.34 -8.06
CA ASP A 141 21.03 -43.60 -6.79
C ASP A 141 20.18 -44.86 -6.86
N TRP A 142 19.63 -45.17 -8.04
CA TRP A 142 19.01 -46.48 -8.23
C TRP A 142 20.01 -47.59 -7.96
N PHE A 143 21.17 -47.54 -8.61
CA PHE A 143 22.18 -48.57 -8.46
C PHE A 143 22.84 -48.53 -7.10
N GLY A 144 22.87 -47.35 -6.47
CA GLY A 144 23.41 -47.26 -5.12
C GLY A 144 22.57 -48.02 -4.13
N LYS A 145 21.28 -47.69 -4.08
CA LYS A 145 20.37 -48.36 -3.15
C LYS A 145 20.29 -49.86 -3.44
N MET A 146 20.45 -50.25 -4.71
CA MET A 146 20.45 -51.67 -5.03
C MET A 146 21.63 -52.38 -4.37
N LEU A 147 22.82 -51.77 -4.46
CA LEU A 147 24.00 -52.27 -3.76
C LEU A 147 23.91 -52.03 -2.25
N ASN A 148 22.86 -51.36 -1.80
CA ASN A 148 22.66 -51.06 -0.37
C ASN A 148 23.84 -50.29 0.20
N LEU A 149 24.40 -49.40 -0.60
CA LEU A 149 25.45 -48.50 -0.10
C LEU A 149 24.83 -47.52 0.89
N PRO A 150 25.60 -47.06 1.87
CA PRO A 150 25.07 -46.10 2.84
C PRO A 150 24.73 -44.78 2.16
N GLU A 151 23.88 -44.00 2.83
CA GLU A 151 23.45 -42.72 2.26
C GLU A 151 24.59 -41.73 2.07
N SER A 152 25.78 -42.04 2.60
CA SER A 152 26.93 -41.16 2.43
C SER A 152 27.42 -41.13 0.99
N PHE A 153 27.06 -42.13 0.19
CA PHE A 153 27.59 -42.28 -1.16
C PHE A 153 26.67 -41.77 -2.25
N LEU A 154 25.40 -41.53 -1.96
CA LEU A 154 24.45 -41.14 -2.99
C LEU A 154 23.86 -39.77 -2.68
N PHE A 155 23.06 -39.29 -3.63
CA PHE A 155 22.60 -37.89 -3.63
C PHE A 155 21.50 -37.63 -2.62
N SER A 156 20.79 -38.66 -2.15
CA SER A 156 19.82 -38.46 -1.09
C SER A 156 20.51 -37.97 0.18
N GLY A 157 21.68 -38.51 0.48
CA GLY A 157 22.45 -38.06 1.62
C GLY A 157 23.49 -37.02 1.26
N SER A 158 24.75 -37.27 1.63
CA SER A 158 25.82 -36.31 1.38
C SER A 158 26.92 -36.95 0.54
N GLY A 159 26.59 -37.34 -0.68
CA GLY A 159 27.54 -37.97 -1.57
C GLY A 159 27.07 -37.83 -3.00
N GLY A 160 27.73 -38.58 -3.89
CA GLY A 160 27.38 -38.50 -5.29
C GLY A 160 27.94 -39.67 -6.07
N GLY A 161 27.44 -39.81 -7.29
CA GLY A 161 27.89 -40.86 -8.19
C GLY A 161 28.07 -40.37 -9.61
N VAL A 162 29.09 -40.87 -10.31
CA VAL A 162 29.43 -40.44 -11.65
C VAL A 162 29.66 -41.67 -12.52
N LEU A 163 29.31 -41.55 -13.80
CA LEU A 163 29.54 -42.60 -14.78
C LEU A 163 30.71 -42.21 -15.67
N GLN A 164 31.69 -43.10 -15.78
CA GLN A 164 32.86 -42.86 -16.62
C GLN A 164 33.09 -44.07 -17.52
N GLY A 165 34.30 -44.19 -18.05
CA GLY A 165 34.62 -45.24 -19.00
C GLY A 165 35.33 -46.44 -18.38
N THR A 166 36.47 -46.20 -17.74
CA THR A 166 37.26 -47.25 -17.13
C THR A 166 37.31 -47.05 -15.62
N SER A 167 37.58 -48.15 -14.90
CA SER A 167 37.97 -48.02 -13.51
C SER A 167 39.32 -47.32 -13.39
N CYS A 168 40.23 -47.55 -14.35
CA CYS A 168 41.54 -46.90 -14.31
C CYS A 168 41.41 -45.39 -14.32
N GLU A 169 40.52 -44.86 -15.16
CA GLU A 169 40.26 -43.42 -15.11
C GLU A 169 39.54 -43.04 -13.84
N ALA A 170 38.64 -43.90 -13.35
CA ALA A 170 37.94 -43.63 -12.10
C ALA A 170 38.89 -43.66 -10.93
N ILE A 171 39.80 -44.64 -10.90
CA ILE A 171 40.80 -44.70 -9.83
C ILE A 171 41.72 -43.48 -9.91
N LEU A 172 42.02 -43.01 -11.12
CA LEU A 172 42.90 -41.87 -11.29
C LEU A 172 42.30 -40.61 -10.67
N CYS A 173 41.09 -40.25 -11.06
CA CYS A 173 40.43 -39.08 -10.49
C CYS A 173 40.41 -39.15 -8.97
N THR A 174 40.10 -40.32 -8.43
CA THR A 174 40.11 -40.51 -6.99
C THR A 174 41.51 -40.28 -6.42
N LEU A 175 42.53 -40.82 -7.08
CA LEU A 175 43.89 -40.69 -6.60
C LEU A 175 44.33 -39.23 -6.58
N THR A 176 44.06 -38.50 -7.67
CA THR A 176 44.39 -37.09 -7.70
C THR A 176 43.51 -36.28 -6.76
N ALA A 177 42.28 -36.76 -6.48
CA ALA A 177 41.44 -36.11 -5.48
C ALA A 177 42.05 -36.25 -4.10
N ALA A 178 42.53 -37.45 -3.77
CA ALA A 178 43.23 -37.64 -2.51
C ALA A 178 44.55 -36.88 -2.48
N ARG A 179 45.30 -36.93 -3.58
CA ARG A 179 46.60 -36.29 -3.64
C ARG A 179 46.49 -34.78 -3.42
N ASP A 180 45.61 -34.12 -4.17
CA ASP A 180 45.46 -32.68 -4.03
C ASP A 180 44.96 -32.31 -2.65
N ARG A 181 44.10 -33.14 -2.06
CA ARG A 181 43.61 -32.90 -0.71
C ARG A 181 44.76 -32.81 0.28
N LYS A 182 45.75 -33.70 0.14
CA LYS A 182 46.88 -33.70 1.06
C LYS A 182 47.84 -32.56 0.75
N LEU A 183 48.19 -32.37 -0.52
CA LEU A 183 49.16 -31.35 -0.88
C LEU A 183 48.63 -29.94 -0.64
N ASN A 184 47.31 -29.75 -0.66
CA ASN A 184 46.75 -28.44 -0.31
C ASN A 184 46.99 -28.12 1.15
N LYS A 185 46.97 -29.14 2.02
CA LYS A 185 47.25 -28.94 3.44
C LYS A 185 48.74 -28.67 3.67
N ILE A 186 49.58 -29.62 3.26
CA ILE A 186 50.99 -29.60 3.66
C ILE A 186 51.91 -28.89 2.67
N GLY A 187 51.51 -28.75 1.41
CA GLY A 187 52.38 -28.14 0.42
C GLY A 187 52.60 -29.00 -0.81
N ARG A 188 52.89 -28.38 -1.95
CA ARG A 188 53.02 -29.12 -3.19
C ARG A 188 54.37 -29.78 -3.36
N GLU A 189 55.42 -29.28 -2.70
CA GLU A 189 56.75 -29.82 -2.87
C GLU A 189 56.89 -31.22 -2.29
N HIS A 190 55.88 -31.72 -1.60
CA HIS A 190 55.94 -33.03 -0.96
C HIS A 190 55.33 -34.13 -1.81
N ILE A 191 55.04 -33.84 -3.09
CA ILE A 191 54.49 -34.88 -3.96
C ILE A 191 55.48 -36.02 -4.12
N GLY A 192 56.78 -35.76 -3.97
CA GLY A 192 57.77 -36.81 -4.02
C GLY A 192 57.83 -37.69 -2.80
N ARG A 193 56.98 -37.44 -1.80
CA ARG A 193 56.93 -38.23 -0.59
C ARG A 193 55.62 -39.01 -0.43
N LEU A 194 54.65 -38.77 -1.30
CA LEU A 194 53.36 -39.46 -1.20
C LEU A 194 53.49 -40.90 -1.69
N VAL A 195 52.83 -41.81 -0.97
CA VAL A 195 52.88 -43.23 -1.26
C VAL A 195 51.47 -43.73 -1.59
N VAL A 196 51.41 -44.72 -2.47
CA VAL A 196 50.17 -45.35 -2.91
C VAL A 196 50.27 -46.84 -2.60
N TYR A 197 49.22 -47.39 -2.00
CA TYR A 197 49.27 -48.74 -1.45
C TYR A 197 48.28 -49.67 -2.14
N GLY A 198 48.75 -50.89 -2.40
CA GLY A 198 47.91 -51.95 -2.91
C GLY A 198 48.62 -53.28 -2.71
N SER A 199 47.86 -54.36 -2.87
CA SER A 199 48.44 -55.69 -2.81
C SER A 199 49.09 -56.04 -4.14
N ASP A 200 49.96 -57.07 -4.11
CA ASP A 200 50.55 -57.57 -5.34
C ASP A 200 49.52 -58.20 -6.26
N GLN A 201 48.29 -58.36 -5.80
CA GLN A 201 47.18 -58.84 -6.62
C GLN A 201 46.29 -57.72 -7.13
N THR A 202 46.48 -56.50 -6.64
CA THR A 202 45.75 -55.35 -7.16
C THR A 202 46.08 -55.17 -8.64
N HIS A 203 45.05 -54.90 -9.44
CA HIS A 203 45.24 -54.78 -10.88
C HIS A 203 46.17 -53.62 -11.20
N CYS A 204 46.88 -53.73 -12.33
CA CYS A 204 47.86 -52.74 -12.77
C CYS A 204 47.23 -51.40 -13.17
N ALA A 205 45.93 -51.20 -12.96
CA ALA A 205 45.35 -49.88 -13.16
C ALA A 205 45.74 -48.92 -12.05
N LEU A 206 45.93 -49.45 -10.83
CA LEU A 206 46.33 -48.60 -9.72
C LEU A 206 47.75 -48.07 -9.92
N GLN A 207 48.64 -48.92 -10.43
CA GLN A 207 50.00 -48.47 -10.72
C GLN A 207 50.01 -47.42 -11.81
N LYS A 208 49.26 -47.65 -12.90
CA LYS A 208 49.20 -46.67 -13.98
C LYS A 208 48.56 -45.37 -13.51
N ALA A 209 47.52 -45.46 -12.68
CA ALA A 209 46.91 -44.27 -12.12
C ALA A 209 47.93 -43.47 -11.30
N ALA A 210 48.75 -44.17 -10.53
CA ALA A 210 49.79 -43.50 -9.75
C ALA A 210 50.81 -42.84 -10.68
N GLN A 211 51.23 -43.55 -11.73
CA GLN A 211 52.25 -43.03 -12.64
C GLN A 211 51.80 -41.72 -13.28
N VAL A 212 50.54 -41.64 -13.71
CA VAL A 212 50.09 -40.45 -14.42
C VAL A 212 49.99 -39.27 -13.46
N ALA A 213 49.51 -39.50 -12.24
CA ALA A 213 49.21 -38.42 -11.30
C ALA A 213 50.46 -37.78 -10.71
N GLY A 214 51.65 -38.15 -11.14
CA GLY A 214 52.87 -37.62 -10.58
C GLY A 214 53.38 -38.34 -9.35
N ILE A 215 52.75 -39.46 -8.97
CA ILE A 215 53.25 -40.26 -7.87
C ILE A 215 54.59 -40.89 -8.26
N ASN A 216 55.54 -40.88 -7.34
CA ASN A 216 56.87 -41.39 -7.65
C ASN A 216 56.81 -42.90 -7.89
N PRO A 217 57.44 -43.40 -8.96
CA PRO A 217 57.42 -44.85 -9.19
C PRO A 217 58.10 -45.64 -8.09
N LYS A 218 59.03 -45.03 -7.36
CA LYS A 218 59.65 -45.69 -6.22
C LYS A 218 58.75 -45.69 -4.99
N ASN A 219 57.62 -44.99 -5.03
CA ASN A 219 56.67 -44.95 -3.92
C ASN A 219 55.36 -45.65 -4.25
N PHE A 220 55.41 -46.72 -5.05
CA PHE A 220 54.27 -47.58 -5.29
C PHE A 220 54.53 -48.91 -4.60
N ARG A 221 53.61 -49.31 -3.74
CA ARG A 221 53.77 -50.50 -2.90
C ARG A 221 52.88 -51.62 -3.41
N ALA A 222 53.45 -52.83 -3.46
CA ALA A 222 52.72 -54.06 -3.80
C ALA A 222 52.82 -54.99 -2.61
N ILE A 223 51.95 -54.78 -1.62
CA ILE A 223 52.00 -55.55 -0.38
C ILE A 223 51.81 -57.03 -0.68
N LYS A 224 52.61 -57.86 -0.03
CA LYS A 224 52.57 -59.30 -0.29
C LYS A 224 51.32 -59.94 0.30
N THR A 225 50.74 -60.85 -0.46
CA THR A 225 49.60 -61.65 -0.01
C THR A 225 50.02 -63.12 0.06
N PHE A 226 49.38 -63.86 0.97
CA PHE A 226 49.74 -65.25 1.21
C PHE A 226 48.57 -66.16 0.92
N LYS A 227 48.90 -67.43 0.61
CA LYS A 227 47.87 -68.44 0.37
C LYS A 227 47.06 -68.71 1.63
N GLU A 228 47.64 -68.47 2.81
CA GLU A 228 46.91 -68.69 4.05
C GLU A 228 45.69 -67.78 4.15
N ASN A 229 45.78 -66.57 3.62
CA ASN A 229 44.65 -65.66 3.55
C ASN A 229 43.97 -65.66 2.18
N SER A 230 44.20 -66.71 1.39
CA SER A 230 43.65 -66.83 0.04
C SER A 230 44.01 -65.62 -0.83
N PHE A 231 45.20 -65.07 -0.59
CA PHE A 231 45.76 -63.98 -1.39
C PHE A 231 44.96 -62.68 -1.25
N GLY A 232 44.36 -62.46 -0.08
CA GLY A 232 43.77 -61.19 0.25
C GLY A 232 44.72 -60.36 1.09
N LEU A 233 44.62 -59.05 0.95
CA LEU A 233 45.52 -58.15 1.66
C LEU A 233 45.30 -58.21 3.17
N SER A 234 46.40 -58.22 3.92
CA SER A 234 46.36 -58.29 5.38
C SER A 234 46.47 -56.89 5.96
N ALA A 235 45.49 -56.50 6.77
CA ALA A 235 45.58 -55.22 7.46
C ALA A 235 46.79 -55.17 8.36
N ALA A 236 47.21 -56.32 8.87
CA ALA A 236 48.42 -56.38 9.69
C ALA A 236 49.66 -56.10 8.84
N THR A 237 49.76 -56.73 7.67
CA THR A 237 50.93 -56.53 6.84
C THR A 237 50.97 -55.13 6.25
N LEU A 238 49.81 -54.57 5.91
CA LEU A 238 49.76 -53.22 5.37
C LEU A 238 50.32 -52.21 6.36
N ARG A 239 49.81 -52.24 7.60
CA ARG A 239 50.28 -51.31 8.62
C ARG A 239 51.76 -51.49 8.92
N GLU A 240 52.25 -52.73 8.85
CA GLU A 240 53.69 -52.97 8.96
C GLU A 240 54.47 -52.14 7.94
N VAL A 241 54.02 -52.14 6.69
CA VAL A 241 54.75 -51.46 5.63
C VAL A 241 54.67 -49.94 5.81
N ILE A 242 53.54 -49.45 6.30
CA ILE A 242 53.35 -48.01 6.48
C ILE A 242 54.36 -47.47 7.47
N LEU A 243 54.54 -48.17 8.59
CA LEU A 243 55.50 -47.73 9.60
C LEU A 243 56.90 -47.63 9.02
N GLU A 244 57.23 -48.47 8.04
CA GLU A 244 58.51 -48.35 7.34
C GLU A 244 58.59 -47.05 6.55
N ASP A 245 57.48 -46.66 5.91
CA ASP A 245 57.48 -45.43 5.12
C ASP A 245 57.53 -44.20 6.00
N ILE A 246 56.79 -44.22 7.12
CA ILE A 246 56.81 -43.09 8.04
C ILE A 246 58.18 -42.94 8.69
N GLU A 247 58.80 -44.07 9.05
CA GLU A 247 60.16 -44.04 9.57
C GLU A 247 61.17 -43.60 8.52
N ALA A 248 60.84 -43.72 7.23
CA ALA A 248 61.69 -43.27 6.14
C ALA A 248 61.34 -41.87 5.65
N GLY A 249 60.39 -41.19 6.30
CA GLY A 249 60.06 -39.84 5.93
C GLY A 249 59.04 -39.70 4.81
N LEU A 250 58.39 -40.79 4.42
CA LEU A 250 57.39 -40.75 3.36
C LEU A 250 56.02 -40.46 3.95
N ILE A 251 55.10 -40.06 3.06
CA ILE A 251 53.74 -39.69 3.45
C ILE A 251 52.78 -40.73 2.89
N PRO A 252 52.16 -41.56 3.72
CA PRO A 252 51.15 -42.49 3.22
C PRO A 252 49.86 -41.74 2.88
N LEU A 253 49.28 -42.08 1.73
CA LEU A 253 48.21 -41.25 1.18
C LEU A 253 46.98 -42.03 0.70
N PHE A 254 47.16 -43.16 0.03
CA PHE A 254 46.08 -43.74 -0.76
C PHE A 254 46.21 -45.27 -0.78
N VAL A 255 45.17 -45.96 -0.31
CA VAL A 255 45.16 -47.42 -0.27
C VAL A 255 43.97 -47.92 -1.08
N CYS A 256 44.15 -49.03 -1.79
CA CYS A 256 43.14 -49.54 -2.73
C CYS A 256 42.84 -51.01 -2.46
N PRO A 257 41.90 -51.30 -1.57
CA PRO A 257 41.42 -52.68 -1.43
C PRO A 257 40.62 -53.12 -2.66
N THR A 258 40.71 -54.41 -2.96
CA THR A 258 40.08 -55.00 -4.14
C THR A 258 39.16 -56.13 -3.72
N VAL A 259 37.95 -56.13 -4.26
CA VAL A 259 36.97 -57.18 -4.03
C VAL A 259 36.80 -57.91 -5.35
N GLY A 260 37.49 -59.03 -5.52
CA GLY A 260 37.44 -59.76 -6.76
C GLY A 260 38.58 -59.39 -7.67
N THR A 261 39.80 -59.77 -7.29
CA THR A 261 40.98 -59.43 -8.07
C THR A 261 40.96 -60.15 -9.41
N THR A 262 41.85 -59.72 -10.32
CA THR A 262 41.79 -60.22 -11.68
C THR A 262 42.30 -61.64 -11.80
N SER A 263 43.32 -61.99 -11.01
CA SER A 263 43.97 -63.29 -11.18
C SER A 263 43.20 -64.40 -10.48
N SER A 264 43.11 -64.35 -9.15
CA SER A 264 42.50 -65.41 -8.37
C SER A 264 41.15 -65.02 -7.78
N THR A 265 40.51 -64.00 -8.34
CA THR A 265 39.27 -63.40 -7.84
C THR A 265 39.25 -63.33 -6.31
N ALA A 266 40.37 -62.91 -5.72
CA ALA A 266 40.50 -62.80 -4.29
C ALA A 266 39.78 -61.57 -3.76
N VAL A 267 39.55 -61.54 -2.46
CA VAL A 267 38.75 -60.51 -1.80
C VAL A 267 39.56 -59.93 -0.65
N ASP A 268 39.62 -58.60 -0.58
CA ASP A 268 40.33 -57.94 0.50
C ASP A 268 39.36 -57.46 1.57
N PRO A 269 39.73 -57.55 2.84
CA PRO A 269 38.83 -57.14 3.92
C PRO A 269 38.92 -55.65 4.22
N ILE A 270 37.89 -54.89 3.86
CA ILE A 270 37.98 -53.44 3.88
C ILE A 270 37.86 -52.90 5.30
N SER A 271 37.02 -53.52 6.12
CA SER A 271 36.74 -52.95 7.44
C SER A 271 37.98 -52.76 8.30
N PRO A 272 38.94 -53.70 8.38
CA PRO A 272 40.18 -53.40 9.10
C PRO A 272 41.22 -52.65 8.28
N ILE A 273 41.05 -52.53 6.96
CA ILE A 273 41.96 -51.72 6.17
C ILE A 273 41.63 -50.23 6.31
N CYS A 274 40.34 -49.90 6.41
CA CYS A 274 39.98 -48.53 6.76
C CYS A 274 40.37 -48.20 8.20
N GLU A 275 40.35 -49.21 9.08
CA GLU A 275 40.91 -49.07 10.42
C GLU A 275 42.32 -48.51 10.34
N VAL A 276 43.18 -49.19 9.58
CA VAL A 276 44.56 -48.75 9.45
C VAL A 276 44.65 -47.41 8.72
N ALA A 277 43.89 -47.25 7.64
CA ALA A 277 43.96 -46.02 6.87
C ALA A 277 43.41 -44.83 7.64
N LYS A 278 42.44 -45.05 8.52
CA LYS A 278 41.96 -43.96 9.38
C LYS A 278 43.07 -43.44 10.28
N GLU A 279 43.86 -44.35 10.84
CA GLU A 279 44.93 -43.97 11.75
C GLU A 279 45.91 -43.01 11.09
N TYR A 280 46.29 -43.28 9.84
CA TYR A 280 47.30 -42.50 9.14
C TYR A 280 46.70 -41.62 8.06
N GLU A 281 45.43 -41.23 8.23
CA GLU A 281 44.74 -40.25 7.37
C GLU A 281 44.96 -40.54 5.89
N MET A 282 44.47 -41.69 5.46
CA MET A 282 44.62 -42.11 4.07
C MET A 282 43.28 -42.10 3.36
N TRP A 283 43.33 -42.39 2.07
CA TRP A 283 42.15 -42.50 1.24
C TRP A 283 41.97 -43.97 0.90
N VAL A 284 40.77 -44.48 1.12
CA VAL A 284 40.44 -45.87 0.85
C VAL A 284 39.52 -45.90 -0.37
N HIS A 285 40.07 -46.20 -1.54
CA HIS A 285 39.29 -46.48 -2.73
C HIS A 285 39.05 -47.99 -2.77
N VAL A 286 37.83 -48.43 -2.90
CA VAL A 286 37.58 -49.83 -2.92
C VAL A 286 37.28 -50.24 -4.30
N ASP A 287 37.97 -51.21 -4.84
CA ASP A 287 37.86 -51.49 -6.22
C ASP A 287 37.21 -52.80 -6.49
N ALA A 288 35.93 -52.83 -6.56
CA ALA A 288 35.22 -53.93 -7.11
C ALA A 288 34.91 -53.54 -8.48
N ALA A 289 35.57 -54.13 -9.44
CA ALA A 289 35.38 -53.76 -10.80
C ALA A 289 34.54 -54.81 -11.34
N TYR A 290 35.06 -55.99 -11.38
CA TYR A 290 34.25 -57.11 -11.85
C TYR A 290 33.12 -57.44 -10.88
N ALA A 291 33.46 -57.74 -9.63
CA ALA A 291 32.55 -58.37 -8.69
C ALA A 291 31.58 -57.40 -8.01
N GLY A 292 31.69 -56.10 -8.25
CA GLY A 292 30.82 -55.16 -7.56
C GLY A 292 29.33 -55.41 -7.84
N SER A 293 29.01 -55.90 -9.03
CA SER A 293 27.61 -56.01 -9.43
C SER A 293 26.88 -57.06 -8.63
N ALA A 294 27.56 -58.14 -8.25
CA ALA A 294 26.91 -59.21 -7.50
C ALA A 294 26.43 -58.77 -6.12
N CYS A 295 26.91 -57.62 -5.64
CA CYS A 295 26.54 -57.15 -4.31
C CYS A 295 25.14 -56.55 -4.26
N ILE A 296 24.41 -56.51 -5.38
CA ILE A 296 22.99 -56.19 -5.35
C ILE A 296 22.17 -57.34 -4.81
N CYS A 297 22.76 -58.54 -4.71
CA CYS A 297 22.17 -59.73 -4.12
C CYS A 297 22.53 -59.80 -2.64
N PRO A 298 21.55 -59.98 -1.75
CA PRO A 298 21.86 -60.00 -0.31
C PRO A 298 22.90 -61.04 0.07
N GLU A 299 22.95 -62.18 -0.62
CA GLU A 299 23.88 -63.23 -0.24
C GLU A 299 25.33 -62.89 -0.56
N PHE A 300 25.57 -61.92 -1.44
CA PHE A 300 26.93 -61.49 -1.75
C PHE A 300 27.30 -60.13 -1.17
N ARG A 301 26.32 -59.39 -0.63
CA ARG A 301 26.56 -58.01 -0.18
C ARG A 301 27.58 -57.94 0.95
N HIS A 302 27.80 -59.03 1.68
CA HIS A 302 28.77 -59.00 2.77
C HIS A 302 30.20 -58.74 2.28
N PHE A 303 30.44 -58.88 0.97
CA PHE A 303 31.80 -58.75 0.46
C PHE A 303 32.28 -57.32 0.45
N ILE A 304 31.37 -56.36 0.41
CA ILE A 304 31.74 -54.96 0.51
C ILE A 304 31.36 -54.38 1.88
N ASP A 305 31.25 -55.23 2.89
CA ASP A 305 31.05 -54.74 4.24
C ASP A 305 32.28 -53.99 4.70
N GLY A 306 32.07 -52.84 5.33
CA GLY A 306 33.15 -51.94 5.64
C GLY A 306 33.40 -50.88 4.59
N VAL A 307 32.58 -50.82 3.54
CA VAL A 307 32.70 -49.76 2.54
C VAL A 307 32.17 -48.44 3.06
N GLU A 308 31.55 -48.43 4.24
CA GLU A 308 31.04 -47.19 4.82
C GLU A 308 32.15 -46.32 5.40
N GLU A 309 33.33 -46.88 5.62
CA GLU A 309 34.47 -46.11 6.12
C GLU A 309 35.44 -45.71 5.02
N ALA A 310 35.29 -46.27 3.83
CA ALA A 310 36.14 -45.91 2.70
C ALA A 310 35.64 -44.63 2.04
N ASP A 311 36.53 -43.99 1.29
CA ASP A 311 36.22 -42.69 0.69
C ASP A 311 35.56 -42.81 -0.68
N SER A 312 35.69 -43.96 -1.35
CA SER A 312 35.13 -44.11 -2.69
C SER A 312 35.01 -45.59 -3.02
N PHE A 313 34.14 -45.89 -3.98
CA PHE A 313 33.82 -47.25 -4.39
C PHE A 313 33.57 -47.23 -5.89
N SER A 314 34.11 -48.22 -6.56
CA SER A 314 34.29 -48.28 -8.01
C SER A 314 33.85 -49.60 -8.54
N LEU A 315 32.93 -49.66 -9.48
CA LEU A 315 32.53 -50.94 -10.07
C LEU A 315 32.39 -50.73 -11.52
N ASN A 316 32.48 -51.75 -12.33
CA ASN A 316 32.51 -51.61 -13.77
C ASN A 316 31.31 -52.29 -14.37
N ALA A 317 30.31 -51.54 -14.84
CA ALA A 317 29.04 -52.12 -15.24
C ALA A 317 29.14 -52.95 -16.51
N HIS A 318 30.19 -52.74 -17.31
CA HIS A 318 30.35 -53.52 -18.52
C HIS A 318 30.96 -54.89 -18.26
N LYS A 319 31.61 -55.08 -17.11
CA LYS A 319 32.19 -56.38 -16.81
C LYS A 319 31.14 -57.40 -16.37
N TRP A 320 30.13 -56.98 -15.60
CA TRP A 320 29.20 -57.95 -15.05
C TRP A 320 27.84 -57.31 -14.77
N PHE A 321 27.41 -56.35 -15.62
CA PHE A 321 26.07 -55.81 -15.40
C PHE A 321 25.34 -55.42 -16.69
N PHE A 322 25.71 -56.00 -17.83
CA PHE A 322 24.89 -56.01 -19.04
C PHE A 322 24.73 -54.63 -19.69
N THR A 323 25.64 -53.70 -19.44
CA THR A 323 25.49 -52.34 -19.94
C THR A 323 26.42 -52.02 -21.10
N THR A 324 27.05 -53.03 -21.71
CA THR A 324 27.94 -52.83 -22.85
C THR A 324 29.19 -52.04 -22.46
N LEU A 325 30.31 -52.26 -23.16
CA LEU A 325 31.52 -51.47 -22.93
C LEU A 325 31.41 -50.14 -23.67
N ASP A 326 31.72 -49.05 -22.97
CA ASP A 326 32.20 -49.07 -21.59
C ASP A 326 31.25 -48.32 -20.66
N CYS A 327 31.24 -48.70 -19.39
CA CYS A 327 30.41 -48.02 -18.39
C CYS A 327 30.94 -48.37 -17.01
N CYS A 328 31.54 -47.38 -16.34
CA CYS A 328 32.12 -47.57 -15.03
C CYS A 328 31.42 -46.65 -14.04
N CYS A 329 31.06 -47.19 -12.88
CA CYS A 329 30.28 -46.47 -11.88
C CYS A 329 31.15 -46.16 -10.66
N LEU A 330 31.29 -44.87 -10.35
CA LEU A 330 32.07 -44.40 -9.22
C LEU A 330 31.18 -43.69 -8.22
N TRP A 331 31.29 -44.07 -6.95
CA TRP A 331 30.58 -43.41 -5.86
C TRP A 331 31.61 -42.82 -4.90
N VAL A 332 31.34 -41.60 -4.43
CA VAL A 332 32.25 -40.89 -3.53
C VAL A 332 31.46 -40.27 -2.39
N LYS A 333 32.12 -40.18 -1.22
CA LYS A 333 31.57 -39.45 -0.09
C LYS A 333 31.69 -37.95 -0.28
N ASP A 334 32.84 -37.50 -0.81
CA ASP A 334 33.16 -36.08 -0.95
C ASP A 334 33.33 -35.77 -2.43
N PRO A 335 32.24 -35.53 -3.16
CA PRO A 335 32.36 -35.12 -4.56
C PRO A 335 33.00 -33.75 -4.73
N SER A 336 33.16 -32.99 -3.64
CA SER A 336 33.89 -31.73 -3.73
C SER A 336 35.38 -31.97 -3.89
N ALA A 337 35.89 -33.09 -3.40
CA ALA A 337 37.33 -33.38 -3.54
C ALA A 337 37.70 -33.60 -5.01
N LEU A 338 36.78 -34.16 -5.80
CA LEU A 338 37.03 -34.29 -7.23
C LEU A 338 36.89 -32.94 -7.93
N VAL A 339 35.94 -32.11 -7.47
CA VAL A 339 35.75 -30.79 -8.07
C VAL A 339 37.00 -29.94 -7.88
N LYS A 340 37.62 -30.01 -6.69
CA LYS A 340 38.77 -29.17 -6.40
C LYS A 340 40.04 -29.65 -7.08
N ALA A 341 40.08 -30.90 -7.53
CA ALA A 341 41.27 -31.43 -8.18
C ALA A 341 41.17 -31.43 -9.69
N LEU A 342 39.97 -31.52 -10.25
CA LEU A 342 39.78 -31.70 -11.68
C LEU A 342 39.14 -30.51 -12.38
N SER A 343 38.58 -29.55 -11.65
CA SER A 343 38.03 -28.37 -12.27
C SER A 343 39.13 -27.38 -12.62
N THR A 344 38.98 -26.69 -13.74
CA THR A 344 39.92 -25.67 -14.16
C THR A 344 39.52 -24.28 -13.72
N ASN A 345 38.40 -24.14 -13.01
CA ASN A 345 38.05 -22.87 -12.40
C ASN A 345 39.11 -22.47 -11.39
N PRO A 346 39.25 -21.18 -11.11
CA PRO A 346 40.24 -20.75 -10.10
C PRO A 346 39.96 -21.38 -8.75
N GLU A 347 41.02 -21.58 -7.99
CA GLU A 347 40.97 -22.35 -6.74
C GLU A 347 40.14 -21.66 -5.65
N TYR A 348 39.59 -20.47 -5.89
CA TYR A 348 38.71 -19.81 -4.93
C TYR A 348 37.24 -19.97 -5.28
N LEU A 349 36.91 -20.63 -6.40
CA LEU A 349 35.54 -20.97 -6.73
C LEU A 349 35.24 -22.45 -6.60
N ARG A 350 36.27 -23.30 -6.52
CA ARG A 350 36.05 -24.73 -6.31
C ARG A 350 35.53 -25.03 -4.91
N ASN A 351 35.78 -24.13 -3.94
CA ASN A 351 35.23 -24.26 -2.60
C ASN A 351 33.88 -23.60 -2.45
N LYS A 352 33.42 -22.86 -3.46
CA LYS A 352 32.10 -22.26 -3.45
C LYS A 352 31.14 -23.06 -4.34
N VAL A 359 22.31 -28.24 -9.63
CA VAL A 359 22.94 -28.42 -10.94
C VAL A 359 24.35 -28.96 -10.79
N VAL A 360 24.60 -30.12 -11.39
CA VAL A 360 25.87 -30.82 -11.28
C VAL A 360 26.71 -30.57 -12.53
N ASP A 361 27.99 -30.21 -12.32
CA ASP A 361 28.96 -30.10 -13.41
C ASP A 361 29.79 -31.37 -13.39
N TYR A 362 29.30 -32.40 -14.07
CA TYR A 362 29.92 -33.72 -13.97
C TYR A 362 31.30 -33.75 -14.60
N LYS A 363 31.65 -32.78 -15.45
CA LYS A 363 32.99 -32.76 -16.02
C LYS A 363 34.05 -32.47 -14.97
N ASP A 364 33.68 -31.85 -13.86
CA ASP A 364 34.60 -31.63 -12.75
C ASP A 364 34.73 -32.85 -11.86
N TRP A 365 34.06 -33.95 -12.20
CA TRP A 365 34.17 -35.19 -11.46
C TRP A 365 35.05 -36.23 -12.16
N GLN A 366 35.58 -35.90 -13.34
CA GLN A 366 36.30 -36.87 -14.14
C GLN A 366 37.33 -36.15 -15.01
N ILE A 367 37.95 -36.91 -15.93
CA ILE A 367 38.95 -36.36 -16.82
C ILE A 367 38.38 -35.99 -18.18
N ALA A 368 37.24 -36.57 -18.57
CA ALA A 368 36.66 -36.34 -19.88
C ALA A 368 35.75 -35.12 -19.84
N LEU A 369 36.09 -34.09 -20.63
CA LEU A 369 35.22 -32.93 -20.73
C LEU A 369 34.00 -33.24 -21.60
N SER A 370 34.23 -33.66 -22.83
CA SER A 370 33.12 -34.07 -23.69
C SER A 370 32.47 -35.33 -23.14
N ARG A 371 31.53 -35.16 -22.21
CA ARG A 371 30.85 -36.29 -21.62
C ARG A 371 29.85 -36.89 -22.59
N ARG A 372 29.59 -38.18 -22.43
CA ARG A 372 28.64 -38.92 -23.26
C ARG A 372 27.37 -39.20 -22.47
N PHE A 373 26.30 -39.49 -23.20
CA PHE A 373 25.01 -39.86 -22.60
C PHE A 373 25.06 -41.30 -22.11
N ARG A 374 25.99 -41.56 -21.19
CA ARG A 374 26.21 -42.91 -20.70
C ARG A 374 25.07 -43.42 -19.82
N SER A 375 24.28 -42.52 -19.23
CA SER A 375 23.22 -42.94 -18.32
C SER A 375 22.13 -43.73 -19.03
N LEU A 376 21.97 -43.54 -20.34
CA LEU A 376 20.91 -44.24 -21.06
C LEU A 376 21.12 -45.75 -21.03
N LYS A 377 22.38 -46.20 -21.11
CA LYS A 377 22.68 -47.62 -20.97
C LYS A 377 22.15 -48.17 -19.65
N LEU A 378 22.64 -47.62 -18.53
CA LEU A 378 22.24 -48.09 -17.22
C LEU A 378 20.73 -47.96 -17.01
N TRP A 379 20.15 -46.86 -17.47
CA TRP A 379 18.71 -46.65 -17.31
C TRP A 379 17.92 -47.77 -17.96
N MET A 380 18.29 -48.14 -19.19
CA MET A 380 17.52 -49.16 -19.91
C MET A 380 17.76 -50.55 -19.35
N VAL A 381 18.94 -50.81 -18.79
CA VAL A 381 19.19 -52.12 -18.21
C VAL A 381 18.36 -52.31 -16.95
N LEU A 382 18.33 -51.30 -16.08
CA LEU A 382 17.58 -51.42 -14.82
C LEU A 382 16.08 -51.49 -15.07
N ARG A 383 15.58 -50.82 -16.12
CA ARG A 383 14.15 -50.81 -16.38
C ARG A 383 13.71 -52.05 -17.16
N SER A 384 14.48 -52.43 -18.18
CA SER A 384 14.05 -53.53 -19.05
C SER A 384 14.13 -54.89 -18.37
N TYR A 385 14.79 -54.99 -17.23
CA TYR A 385 14.96 -56.29 -16.60
C TYR A 385 14.48 -56.26 -15.14
N GLY A 386 14.64 -55.13 -14.47
CA GLY A 386 14.24 -55.00 -13.09
C GLY A 386 15.20 -55.68 -12.14
N VAL A 387 15.08 -55.33 -10.86
CA VAL A 387 16.04 -55.82 -9.86
C VAL A 387 15.95 -57.34 -9.74
N THR A 388 14.73 -57.88 -9.73
CA THR A 388 14.56 -59.32 -9.50
C THR A 388 15.26 -60.14 -10.58
N ASN A 389 15.02 -59.82 -11.85
CA ASN A 389 15.66 -60.59 -12.91
C ASN A 389 17.15 -60.27 -13.01
N LEU A 390 17.52 -59.00 -12.76
CA LEU A 390 18.93 -58.64 -12.78
C LEU A 390 19.73 -59.43 -11.75
N ARG A 391 19.13 -59.69 -10.58
CA ARG A 391 19.80 -60.51 -9.57
C ARG A 391 20.01 -61.93 -10.07
N ASN A 392 18.97 -62.52 -10.67
CA ASN A 392 19.05 -63.92 -11.09
C ASN A 392 20.04 -64.12 -12.22
N PHE A 393 20.21 -63.12 -13.08
CA PHE A 393 21.24 -63.17 -14.12
C PHE A 393 22.61 -63.47 -13.51
N LEU A 394 23.04 -62.62 -12.58
CA LEU A 394 24.32 -62.84 -11.90
C LEU A 394 24.32 -64.15 -11.16
N ARG A 395 23.21 -64.50 -10.52
CA ARG A 395 23.13 -65.75 -9.77
C ARG A 395 23.38 -66.95 -10.69
N SER A 396 22.77 -66.94 -11.87
CA SER A 396 22.92 -68.08 -12.80
C SER A 396 24.37 -68.25 -13.24
N HIS A 397 25.10 -67.14 -13.44
CA HIS A 397 26.51 -67.24 -13.79
C HIS A 397 27.32 -67.84 -12.63
N VAL A 398 26.87 -67.62 -11.40
CA VAL A 398 27.60 -68.16 -10.25
C VAL A 398 27.33 -69.65 -10.08
N LYS A 399 26.07 -70.08 -10.24
CA LYS A 399 25.78 -71.51 -10.14
C LYS A 399 26.44 -72.28 -11.27
N MET A 400 26.52 -71.68 -12.46
CA MET A 400 27.17 -72.36 -13.58
C MET A 400 28.64 -72.62 -13.30
N ALA A 401 29.33 -71.65 -12.70
CA ALA A 401 30.70 -71.88 -12.27
C ALA A 401 30.76 -72.80 -11.07
N LYS A 402 29.81 -72.66 -10.14
CA LYS A 402 29.69 -73.58 -9.03
C LYS A 402 29.52 -75.01 -9.52
N THR A 403 28.68 -75.20 -10.54
CA THR A 403 28.57 -76.50 -11.19
C THR A 403 29.91 -76.94 -11.75
N PHE A 404 30.58 -76.06 -12.50
CA PHE A 404 31.89 -76.39 -13.06
C PHE A 404 32.87 -76.75 -11.97
N GLU A 405 32.83 -76.06 -10.83
CA GLU A 405 33.71 -76.39 -9.72
C GLU A 405 33.45 -77.79 -9.21
N GLY A 406 32.17 -78.18 -9.11
CA GLY A 406 31.85 -79.51 -8.61
C GLY A 406 32.25 -80.61 -9.57
N LEU A 407 32.12 -80.36 -10.88
CA LEU A 407 32.56 -81.33 -11.87
C LEU A 407 34.07 -81.53 -11.80
N ILE A 408 34.82 -80.44 -11.58
CA ILE A 408 36.26 -80.54 -11.37
C ILE A 408 36.57 -81.43 -10.18
N CYS A 409 35.83 -81.24 -9.08
CA CYS A 409 36.13 -81.95 -7.85
C CYS A 409 35.92 -83.45 -7.97
N MET A 410 34.95 -83.88 -8.78
CA MET A 410 34.70 -85.30 -9.00
C MET A 410 35.70 -85.94 -9.95
N ASP A 411 36.67 -85.18 -10.44
CA ASP A 411 37.76 -85.69 -11.27
C ASP A 411 39.04 -85.61 -10.45
N GLY A 412 39.59 -86.78 -10.09
CA GLY A 412 40.79 -86.81 -9.29
C GLY A 412 42.02 -86.29 -9.97
N ARG A 413 41.93 -85.99 -11.27
CA ARG A 413 43.06 -85.48 -12.03
C ARG A 413 43.20 -83.96 -11.97
N PHE A 414 42.20 -83.26 -11.43
CA PHE A 414 42.25 -81.82 -11.27
C PHE A 414 42.13 -81.46 -9.79
N GLU A 415 42.72 -80.33 -9.42
CA GLU A 415 42.56 -79.76 -8.10
C GLU A 415 42.06 -78.32 -8.24
N ILE A 416 41.48 -77.81 -7.17
CA ILE A 416 41.03 -76.41 -7.09
C ILE A 416 42.10 -75.63 -6.36
N THR A 417 42.62 -74.58 -7.02
CA THR A 417 43.79 -73.88 -6.49
C THR A 417 43.42 -72.88 -5.40
N VAL A 418 42.33 -72.14 -5.57
CA VAL A 418 41.91 -71.13 -4.61
C VAL A 418 40.39 -71.13 -4.52
N PRO A 419 39.85 -70.64 -3.40
CA PRO A 419 38.39 -70.67 -3.22
C PRO A 419 37.67 -69.80 -4.24
N ARG A 420 36.53 -70.31 -4.72
CA ARG A 420 35.67 -69.55 -5.61
C ARG A 420 34.88 -68.52 -4.82
N THR A 421 34.83 -67.29 -5.33
CA THR A 421 34.08 -66.22 -4.69
C THR A 421 32.89 -65.76 -5.51
N PHE A 422 33.08 -65.41 -6.79
CA PHE A 422 32.00 -64.97 -7.66
C PHE A 422 32.22 -65.55 -9.06
N ALA A 423 31.54 -66.65 -9.37
CA ALA A 423 31.33 -67.10 -10.74
C ALA A 423 32.62 -67.35 -11.52
N MET A 424 33.76 -67.45 -10.85
CA MET A 424 35.02 -67.78 -11.53
C MET A 424 35.74 -68.87 -10.76
N VAL A 425 36.16 -69.90 -11.49
CA VAL A 425 36.82 -71.06 -10.90
C VAL A 425 38.26 -71.11 -11.39
N CYS A 426 39.18 -71.37 -10.46
CA CYS A 426 40.58 -71.60 -10.77
C CYS A 426 40.89 -73.07 -10.50
N PHE A 427 41.53 -73.74 -11.47
CA PHE A 427 41.83 -75.15 -11.32
C PHE A 427 43.19 -75.45 -11.97
N ARG A 428 43.59 -76.71 -11.89
CA ARG A 428 44.89 -77.15 -12.35
C ARG A 428 44.85 -78.67 -12.57
N LEU A 429 45.49 -79.12 -13.64
CA LEU A 429 45.60 -80.55 -13.95
C LEU A 429 46.92 -81.05 -13.37
N LEU A 430 46.85 -81.76 -12.24
CA LEU A 430 48.06 -82.24 -11.60
C LEU A 430 48.65 -83.43 -12.36
N PRO A 431 49.97 -83.58 -12.36
CA PRO A 431 50.58 -84.75 -12.98
C PRO A 431 50.48 -85.96 -12.07
N PRO A 432 50.65 -87.18 -12.61
CA PRO A 432 50.52 -88.43 -11.85
C PRO A 432 51.31 -88.46 -10.54
N GLU A 457 61.68 -79.36 -7.67
CA GLU A 457 60.25 -79.22 -7.35
C GLU A 457 59.38 -79.56 -8.55
N ASN A 458 58.28 -80.27 -8.29
CA ASN A 458 57.32 -80.58 -9.35
C ASN A 458 56.41 -79.40 -9.67
N LEU A 459 56.47 -78.32 -8.90
CA LEU A 459 55.69 -77.13 -9.23
C LEU A 459 56.11 -76.58 -10.59
N VAL A 460 57.41 -76.62 -10.90
CA VAL A 460 57.86 -76.25 -12.24
C VAL A 460 57.27 -77.20 -13.27
N LEU A 461 57.16 -78.49 -12.93
CA LEU A 461 56.62 -79.47 -13.86
C LEU A 461 55.11 -79.31 -14.02
N ALA A 462 54.39 -79.16 -12.90
CA ALA A 462 52.94 -78.99 -12.96
C ALA A 462 52.55 -77.68 -13.63
N ASN A 463 53.46 -76.69 -13.67
CA ASN A 463 53.19 -75.45 -14.38
C ASN A 463 53.40 -75.59 -15.88
N LYS A 464 54.38 -76.39 -16.30
CA LYS A 464 54.57 -76.63 -17.72
C LYS A 464 53.48 -77.54 -18.27
N LEU A 465 52.95 -78.45 -17.43
CA LEU A 465 51.83 -79.28 -17.87
C LEU A 465 50.60 -78.43 -18.15
N ASN A 466 50.21 -77.59 -17.19
CA ASN A 466 49.06 -76.70 -17.38
C ASN A 466 49.30 -75.71 -18.51
N GLN A 467 50.54 -75.27 -18.71
CA GLN A 467 50.84 -74.38 -19.82
C GLN A 467 50.55 -75.07 -21.15
N VAL A 468 51.01 -76.32 -21.31
CA VAL A 468 50.79 -77.04 -22.55
C VAL A 468 49.34 -77.51 -22.65
N TYR A 469 48.78 -77.98 -21.54
CA TYR A 469 47.39 -78.44 -21.52
C TYR A 469 46.44 -77.30 -21.88
N LEU A 470 46.64 -76.12 -21.28
CA LEU A 470 45.74 -75.01 -21.52
C LEU A 470 45.82 -74.53 -22.96
N GLU A 471 47.03 -74.28 -23.46
CA GLU A 471 47.16 -73.76 -24.81
C GLU A 471 46.67 -74.76 -25.86
N THR A 472 46.67 -76.05 -25.55
CA THR A 472 46.11 -77.02 -26.49
C THR A 472 44.59 -76.91 -26.54
N VAL A 473 43.94 -76.72 -25.39
CA VAL A 473 42.50 -76.52 -25.37
C VAL A 473 42.12 -75.22 -26.07
N ASN A 474 42.94 -74.19 -25.89
CA ASN A 474 42.62 -72.87 -26.43
C ASN A 474 42.85 -72.81 -27.93
N ALA A 475 43.79 -73.59 -28.46
CA ALA A 475 44.10 -73.58 -29.88
C ALA A 475 43.06 -74.31 -30.72
N THR A 476 42.14 -75.05 -30.10
CA THR A 476 41.06 -75.67 -30.87
C THR A 476 40.09 -74.62 -31.40
N GLY A 477 39.88 -73.54 -30.65
CA GLY A 477 38.88 -72.56 -30.99
C GLY A 477 37.50 -72.87 -30.44
N SER A 478 37.31 -74.02 -29.80
CA SER A 478 35.99 -74.38 -29.28
C SER A 478 35.67 -73.58 -28.03
N VAL A 479 36.66 -73.37 -27.16
CA VAL A 479 36.51 -72.59 -25.93
C VAL A 479 37.72 -71.68 -25.78
N TYR A 480 37.62 -70.76 -24.83
CA TYR A 480 38.69 -69.81 -24.55
C TYR A 480 38.72 -69.49 -23.06
N MET A 481 39.89 -69.67 -22.45
CA MET A 481 40.06 -69.43 -21.02
C MET A 481 41.53 -69.14 -20.76
N THR A 482 41.79 -68.23 -19.82
CA THR A 482 43.14 -67.76 -19.53
C THR A 482 43.64 -68.34 -18.21
N HIS A 483 44.85 -67.94 -17.84
CA HIS A 483 45.58 -68.49 -16.71
C HIS A 483 46.03 -67.37 -15.78
N ALA A 484 46.73 -67.76 -14.72
CA ALA A 484 47.33 -66.82 -13.79
C ALA A 484 48.36 -67.57 -12.96
N VAL A 485 49.47 -66.90 -12.68
CA VAL A 485 50.51 -67.45 -11.81
C VAL A 485 50.34 -66.77 -10.45
N VAL A 486 49.78 -67.49 -9.49
CA VAL A 486 49.43 -66.93 -8.19
C VAL A 486 50.06 -67.82 -7.12
N GLY A 487 50.98 -67.25 -6.35
CA GLY A 487 51.69 -68.02 -5.35
C GLY A 487 52.66 -69.02 -5.90
N GLY A 488 53.13 -68.81 -7.13
CA GLY A 488 53.99 -69.76 -7.81
C GLY A 488 53.26 -70.82 -8.61
N VAL A 489 52.01 -71.11 -8.27
CA VAL A 489 51.23 -72.10 -8.99
C VAL A 489 50.70 -71.50 -10.29
N TYR A 490 50.61 -72.35 -11.31
CA TYR A 490 50.03 -71.98 -12.59
C TYR A 490 48.62 -72.57 -12.64
N MET A 491 47.62 -71.72 -12.50
CA MET A 491 46.24 -72.17 -12.47
C MET A 491 45.48 -71.65 -13.68
N ILE A 492 44.51 -72.45 -14.14
CA ILE A 492 43.67 -72.09 -15.27
C ILE A 492 42.41 -71.40 -14.75
N ARG A 493 42.09 -70.25 -15.35
CA ARG A 493 40.98 -69.42 -14.93
C ARG A 493 39.76 -69.75 -15.78
N PHE A 494 38.68 -70.18 -15.12
CA PHE A 494 37.41 -70.44 -15.79
C PHE A 494 36.37 -69.51 -15.19
N ALA A 495 36.10 -68.40 -15.90
CA ALA A 495 35.16 -67.38 -15.45
C ALA A 495 33.96 -67.37 -16.37
N VAL A 496 32.78 -67.65 -15.81
CA VAL A 496 31.53 -67.65 -16.57
C VAL A 496 30.90 -66.27 -16.47
N GLY A 497 30.54 -65.70 -17.62
CA GLY A 497 29.91 -64.40 -17.59
C GLY A 497 29.37 -63.90 -18.92
N SER A 498 29.71 -64.58 -20.02
CA SER A 498 29.16 -64.21 -21.31
C SER A 498 27.64 -64.27 -21.25
N THR A 499 26.99 -63.22 -21.74
CA THR A 499 25.54 -63.13 -21.63
C THR A 499 24.85 -64.29 -22.33
N LEU A 500 25.42 -64.77 -23.44
CA LEU A 500 24.85 -65.88 -24.19
C LEU A 500 25.24 -67.25 -23.65
N THR A 501 25.89 -67.31 -22.49
CA THR A 501 26.34 -68.58 -21.94
C THR A 501 25.19 -69.27 -21.22
N GLU A 502 24.90 -70.51 -21.61
CA GLU A 502 23.94 -71.37 -20.96
C GLU A 502 24.68 -72.54 -20.31
N GLU A 503 23.94 -73.35 -19.55
CA GLU A 503 24.56 -74.46 -18.83
C GLU A 503 25.17 -75.48 -19.80
N ARG A 504 24.56 -75.66 -20.98
CA ARG A 504 25.07 -76.59 -21.97
C ARG A 504 26.47 -76.22 -22.44
N HIS A 505 26.86 -74.94 -22.34
CA HIS A 505 28.18 -74.53 -22.78
C HIS A 505 29.25 -74.85 -21.73
N VAL A 506 28.91 -74.74 -20.45
CA VAL A 506 29.85 -75.11 -19.39
C VAL A 506 30.16 -76.59 -19.46
N ILE A 507 29.15 -77.42 -19.71
CA ILE A 507 29.38 -78.85 -19.85
C ILE A 507 30.20 -79.16 -21.10
N TYR A 508 29.93 -78.44 -22.19
CA TYR A 508 30.75 -78.59 -23.39
C TYR A 508 32.21 -78.29 -23.10
N ALA A 509 32.47 -77.22 -22.36
CA ALA A 509 33.85 -76.90 -21.99
C ALA A 509 34.43 -77.95 -21.05
N TRP A 510 33.61 -78.46 -20.11
CA TRP A 510 34.08 -79.51 -19.22
C TRP A 510 34.43 -80.77 -20.00
N LYS A 511 33.60 -81.16 -20.96
CA LYS A 511 33.89 -82.33 -21.76
C LYS A 511 35.16 -82.15 -22.58
N ILE A 512 35.41 -80.93 -23.07
CA ILE A 512 36.61 -80.68 -23.86
C ILE A 512 37.84 -80.65 -22.96
N LEU A 513 37.71 -80.09 -21.76
CA LEU A 513 38.80 -80.19 -20.78
C LEU A 513 39.10 -81.63 -20.43
N GLN A 514 38.05 -82.45 -20.28
CA GLN A 514 38.23 -83.86 -19.94
C GLN A 514 38.84 -84.63 -21.11
N GLU A 515 38.41 -84.32 -22.34
CA GLU A 515 38.95 -85.02 -23.51
C GLU A 515 40.45 -84.79 -23.64
N HIS A 516 40.90 -83.56 -23.43
CA HIS A 516 42.33 -83.27 -23.50
C HIS A 516 43.06 -83.79 -22.28
N ALA A 517 42.41 -83.81 -21.11
CA ALA A 517 43.02 -84.42 -19.94
C ALA A 517 43.37 -85.88 -20.19
N ASP A 518 42.44 -86.62 -20.79
CA ASP A 518 42.70 -88.00 -21.19
C ASP A 518 43.88 -88.08 -22.12
N LEU A 519 43.90 -87.22 -23.13
CA LEU A 519 44.88 -87.30 -24.20
C LEU A 519 46.26 -86.87 -23.72
N ILE A 520 46.33 -85.87 -22.84
CA ILE A 520 47.61 -85.37 -22.37
C ILE A 520 48.25 -86.37 -21.40
N LEU A 521 47.50 -86.81 -20.39
CA LEU A 521 48.04 -87.72 -19.39
C LEU A 521 48.20 -89.14 -19.90
N GLY A 522 47.50 -89.51 -20.98
CA GLY A 522 47.61 -90.87 -21.49
C GLY A 522 48.98 -91.21 -22.02
N LYS A 523 49.70 -90.22 -22.56
CA LYS A 523 51.04 -90.38 -23.08
C LYS A 523 52.04 -89.57 -22.25
N PHE A 524 51.86 -89.57 -20.93
CA PHE A 524 52.65 -88.72 -20.05
C PHE A 524 54.08 -89.22 -19.96
N SER A 525 55.01 -88.27 -19.87
CA SER A 525 56.41 -88.56 -19.63
C SER A 525 57.05 -87.31 -19.07
N GLU A 526 57.74 -87.44 -17.93
CA GLU A 526 58.38 -86.28 -17.32
C GLU A 526 59.30 -85.57 -18.29
N ALA A 527 60.04 -86.34 -19.11
CA ALA A 527 61.00 -85.75 -20.04
C ALA A 527 60.33 -84.79 -21.02
N ASP A 528 59.05 -85.02 -21.33
CA ASP A 528 58.37 -84.12 -22.25
C ASP A 528 58.06 -82.78 -21.61
N PHE A 529 57.87 -82.74 -20.30
CA PHE A 529 57.58 -81.51 -19.58
C PHE A 529 58.71 -81.04 -18.67
N SER A 530 59.78 -81.83 -18.51
CA SER A 530 60.90 -81.42 -17.67
C SER A 530 61.87 -80.54 -18.43
N SER A 531 61.35 -79.53 -19.12
CA SER A 531 62.18 -78.58 -19.87
C SER A 531 61.36 -77.35 -20.26
N GLY B 17 10.00 -69.45 -20.05
CA GLY B 17 11.05 -69.29 -19.07
C GLY B 17 11.52 -67.86 -18.90
N VAL B 18 12.84 -67.66 -18.91
CA VAL B 18 13.43 -66.34 -18.80
C VAL B 18 14.16 -66.06 -20.11
N THR B 19 13.70 -65.06 -20.84
CA THR B 19 14.33 -64.71 -22.12
C THR B 19 15.74 -64.19 -21.89
N ASN B 20 16.69 -64.71 -22.64
CA ASN B 20 18.08 -64.30 -22.49
C ASN B 20 18.22 -62.82 -22.85
N PRO B 21 19.02 -62.06 -22.08
CA PRO B 21 19.15 -60.62 -22.37
C PRO B 21 19.83 -60.30 -23.70
N LEU B 22 20.35 -61.29 -24.41
CA LEU B 22 20.99 -61.10 -25.71
C LEU B 22 20.37 -62.05 -26.74
N ASP B 23 19.07 -62.23 -26.66
CA ASP B 23 18.38 -63.12 -27.60
C ASP B 23 18.43 -62.52 -29.00
N PRO B 24 18.88 -63.27 -30.01
CA PRO B 24 18.98 -62.69 -31.36
C PRO B 24 17.66 -62.16 -31.90
N GLU B 25 16.56 -62.89 -31.69
CA GLU B 25 15.28 -62.44 -32.21
C GLU B 25 14.76 -61.23 -31.46
N GLU B 26 14.90 -61.22 -30.14
CA GLU B 26 14.49 -60.04 -29.38
C GLU B 26 15.43 -58.86 -29.64
N PHE B 27 16.71 -59.13 -29.88
CA PHE B 27 17.62 -58.06 -30.27
C PHE B 27 17.16 -57.38 -31.54
N ARG B 28 16.87 -58.18 -32.58
CA ARG B 28 16.51 -57.61 -33.87
C ARG B 28 15.15 -56.92 -33.84
N ARG B 29 14.21 -57.43 -33.03
CA ARG B 29 12.88 -56.83 -32.97
C ARG B 29 12.94 -55.45 -32.35
N GLN B 30 13.51 -55.34 -31.15
CA GLN B 30 13.66 -54.04 -30.51
C GLN B 30 14.69 -53.19 -31.24
N GLY B 31 15.62 -53.80 -31.97
CA GLY B 31 16.61 -53.03 -32.70
C GLY B 31 16.01 -52.20 -33.81
N HIS B 32 15.02 -52.75 -34.52
CA HIS B 32 14.36 -51.99 -35.57
C HIS B 32 13.44 -50.93 -34.99
N MET B 33 12.92 -51.13 -33.77
CA MET B 33 12.12 -50.11 -33.12
C MET B 33 12.92 -48.82 -32.96
N ILE B 34 14.13 -48.92 -32.41
CA ILE B 34 14.94 -47.74 -32.15
C ILE B 34 15.43 -47.13 -33.45
N ILE B 35 15.70 -47.95 -34.46
CA ILE B 35 16.14 -47.41 -35.75
C ILE B 35 15.05 -46.54 -36.36
N ASP B 36 13.80 -47.03 -36.35
CA ASP B 36 12.68 -46.18 -36.75
C ASP B 36 12.53 -44.99 -35.82
N PHE B 37 12.76 -45.21 -34.51
CA PHE B 37 12.63 -44.14 -33.53
C PHE B 37 13.61 -43.00 -33.80
N LEU B 38 14.85 -43.34 -34.18
CA LEU B 38 15.85 -42.30 -34.41
C LEU B 38 15.67 -41.65 -35.79
N ALA B 39 15.36 -42.45 -36.81
CA ALA B 39 15.04 -41.87 -38.11
C ALA B 39 13.84 -40.94 -38.00
N ASP B 40 12.87 -41.29 -37.17
CA ASP B 40 11.79 -40.37 -36.84
C ASP B 40 12.32 -39.11 -36.18
N TYR B 41 13.24 -39.27 -35.22
CA TYR B 41 13.79 -38.13 -34.52
C TYR B 41 14.55 -37.20 -35.47
N TYR B 42 15.40 -37.78 -36.33
CA TYR B 42 16.13 -36.97 -37.30
C TYR B 42 15.21 -36.28 -38.29
N ARG B 43 13.97 -36.76 -38.43
CA ARG B 43 13.02 -36.13 -39.34
C ARG B 43 12.33 -34.94 -38.69
N ASP B 44 11.86 -35.09 -37.45
CA ASP B 44 11.13 -34.05 -36.75
C ASP B 44 12.00 -33.24 -35.80
N VAL B 45 13.33 -33.43 -35.83
CA VAL B 45 14.21 -32.76 -34.89
C VAL B 45 14.09 -31.24 -34.97
N GLU B 46 13.62 -30.72 -36.10
CA GLU B 46 13.51 -29.28 -36.29
C GLU B 46 12.32 -28.68 -35.55
N LYS B 47 11.41 -29.52 -35.04
CA LYS B 47 10.20 -29.02 -34.39
C LYS B 47 10.44 -28.67 -32.93
N TYR B 48 11.41 -29.32 -32.27
CA TYR B 48 11.66 -29.01 -30.88
C TYR B 48 12.44 -27.70 -30.76
N PRO B 49 12.30 -26.99 -29.64
CA PRO B 49 13.19 -25.85 -29.37
C PRO B 49 14.63 -26.35 -29.18
N VAL B 50 15.57 -25.66 -29.82
CA VAL B 50 16.93 -26.19 -29.91
C VAL B 50 17.56 -26.30 -28.53
N ARG B 51 17.51 -25.21 -27.75
CA ARG B 51 18.04 -25.23 -26.40
C ARG B 51 16.94 -25.62 -25.42
N SER B 52 17.26 -26.53 -24.51
CA SER B 52 16.29 -27.07 -23.56
C SER B 52 15.60 -25.95 -22.81
N GLN B 53 14.32 -26.17 -22.48
CA GLN B 53 13.53 -25.19 -21.74
C GLN B 53 13.08 -25.71 -20.37
N VAL B 54 13.64 -26.83 -19.91
CA VAL B 54 13.25 -27.39 -18.61
C VAL B 54 13.99 -26.64 -17.52
N GLU B 55 13.55 -26.83 -16.28
CA GLU B 55 14.17 -26.23 -15.11
C GLU B 55 15.07 -27.24 -14.42
N PRO B 56 16.06 -26.77 -13.65
CA PRO B 56 16.89 -27.70 -12.88
C PRO B 56 16.05 -28.54 -11.94
N GLY B 57 16.34 -29.84 -11.91
CA GLY B 57 15.62 -30.76 -11.06
C GLY B 57 14.31 -31.25 -11.63
N TYR B 58 14.06 -31.03 -12.92
CA TYR B 58 12.79 -31.41 -13.53
C TYR B 58 12.63 -32.92 -13.57
N LEU B 59 13.73 -33.67 -13.66
CA LEU B 59 13.64 -35.11 -13.93
C LEU B 59 13.54 -35.95 -12.68
N ARG B 60 14.10 -35.49 -11.55
CA ARG B 60 13.92 -36.24 -10.31
C ARG B 60 12.46 -36.32 -9.91
N LYS B 61 11.68 -35.29 -10.24
CA LYS B 61 10.26 -35.28 -9.89
C LYS B 61 9.47 -36.23 -10.78
N ARG B 62 9.77 -36.26 -12.08
CA ARG B 62 9.02 -37.05 -13.04
C ARG B 62 9.41 -38.53 -13.06
N LEU B 63 10.40 -38.94 -12.28
CA LEU B 63 10.92 -40.29 -12.29
C LEU B 63 10.80 -40.93 -10.91
N PRO B 64 10.79 -42.26 -10.82
CA PRO B 64 10.73 -42.92 -9.52
C PRO B 64 12.01 -42.71 -8.72
N GLU B 65 11.93 -43.04 -7.43
CA GLU B 65 13.09 -42.94 -6.55
C GLU B 65 13.90 -44.23 -6.51
N THR B 66 13.31 -45.35 -6.87
CA THR B 66 13.99 -46.64 -6.86
C THR B 66 13.88 -47.29 -8.24
N ALA B 67 14.84 -48.17 -8.52
CA ALA B 67 14.75 -48.99 -9.71
C ALA B 67 13.60 -49.98 -9.58
N PRO B 68 12.91 -50.30 -10.66
CA PRO B 68 11.78 -51.22 -10.57
C PRO B 68 12.25 -52.64 -10.25
N TYR B 69 11.42 -53.35 -9.48
CA TYR B 69 11.69 -54.75 -9.20
C TYR B 69 11.23 -55.67 -10.33
N ASN B 70 10.36 -55.17 -11.22
CA ASN B 70 9.84 -55.97 -12.31
C ASN B 70 10.13 -55.29 -13.64
N PRO B 71 10.39 -56.06 -14.71
CA PRO B 71 10.75 -55.45 -15.99
C PRO B 71 9.62 -54.63 -16.58
N GLU B 72 10.01 -53.59 -17.32
CA GLU B 72 9.08 -52.70 -17.99
C GLU B 72 9.17 -52.93 -19.50
N SER B 73 8.03 -52.85 -20.18
CA SER B 73 8.00 -53.08 -21.61
C SER B 73 8.82 -52.02 -22.34
N ILE B 74 9.57 -52.46 -23.35
CA ILE B 74 10.36 -51.52 -24.16
C ILE B 74 9.45 -50.47 -24.78
N GLU B 75 8.20 -50.82 -25.04
CA GLU B 75 7.26 -49.84 -25.58
C GLU B 75 7.01 -48.70 -24.59
N THR B 76 6.81 -49.04 -23.31
CA THR B 76 6.58 -48.00 -22.30
C THR B 76 7.85 -47.20 -22.04
N ILE B 77 9.03 -47.82 -22.20
CA ILE B 77 10.28 -47.10 -21.99
C ILE B 77 10.44 -45.99 -23.01
N LEU B 78 10.19 -46.31 -24.29
CA LEU B 78 10.37 -45.32 -25.35
C LEU B 78 9.39 -44.16 -25.21
N GLN B 79 8.21 -44.40 -24.64
CA GLN B 79 7.28 -43.29 -24.40
C GLN B 79 7.85 -42.31 -23.37
N ASP B 80 8.52 -42.83 -22.35
CA ASP B 80 9.17 -41.94 -21.38
C ASP B 80 10.40 -41.26 -21.97
N VAL B 81 11.00 -41.83 -23.02
CA VAL B 81 12.07 -41.13 -23.72
C VAL B 81 11.53 -39.91 -24.44
N THR B 82 10.40 -40.05 -25.13
CA THR B 82 9.82 -38.92 -25.86
C THR B 82 9.29 -37.85 -24.91
N THR B 83 8.66 -38.26 -23.81
CA THR B 83 7.97 -37.31 -22.95
C THR B 83 8.80 -36.79 -21.78
N GLU B 84 9.85 -37.51 -21.36
CA GLU B 84 10.67 -37.08 -20.23
C GLU B 84 12.11 -36.79 -20.60
N ILE B 85 12.71 -37.57 -21.50
CA ILE B 85 14.12 -37.39 -21.84
C ILE B 85 14.30 -36.32 -22.92
N ILE B 86 13.47 -36.39 -23.97
CA ILE B 86 13.63 -35.43 -25.08
C ILE B 86 13.43 -33.99 -24.65
N PRO B 87 12.48 -33.65 -23.77
CA PRO B 87 12.44 -32.26 -23.26
C PRO B 87 13.73 -31.82 -22.58
N GLY B 88 14.55 -32.75 -22.11
CA GLY B 88 15.78 -32.39 -21.44
C GLY B 88 17.00 -32.48 -22.33
N LEU B 89 16.79 -32.39 -23.63
CA LEU B 89 17.86 -32.43 -24.62
C LEU B 89 18.02 -31.05 -25.26
N THR B 90 19.26 -30.57 -25.33
CA THR B 90 19.61 -29.50 -26.24
C THR B 90 20.07 -30.12 -27.54
N HIS B 91 19.33 -29.88 -28.62
CA HIS B 91 19.44 -30.67 -29.84
C HIS B 91 20.71 -30.27 -30.59
N TRP B 92 21.81 -30.92 -30.21
CA TRP B 92 23.07 -30.75 -30.94
C TRP B 92 22.92 -31.12 -32.40
N GLN B 93 21.99 -32.02 -32.72
CA GLN B 93 21.79 -32.49 -34.08
C GLN B 93 20.70 -31.72 -34.81
N SER B 94 20.14 -30.69 -34.19
CA SER B 94 19.17 -29.83 -34.89
C SER B 94 19.86 -29.11 -36.04
N PRO B 95 19.18 -28.91 -37.16
CA PRO B 95 19.78 -28.11 -38.24
C PRO B 95 19.95 -26.66 -37.89
N ASN B 96 19.28 -26.17 -36.86
CA ASN B 96 19.39 -24.78 -36.43
C ASN B 96 20.27 -24.62 -35.20
N TYR B 97 21.18 -25.57 -34.97
CA TYR B 97 22.09 -25.54 -33.82
C TYR B 97 23.42 -24.97 -34.28
N TYR B 98 23.79 -23.80 -33.74
CA TYR B 98 25.07 -23.15 -34.07
C TYR B 98 25.87 -22.82 -32.83
N ALA B 99 25.53 -23.41 -31.68
CA ALA B 99 26.24 -23.14 -30.44
C ALA B 99 27.58 -23.86 -30.40
N TYR B 100 28.52 -23.27 -29.67
CA TYR B 100 29.81 -23.89 -29.36
C TYR B 100 30.53 -24.38 -30.62
N PHE B 101 30.75 -25.68 -30.70
CA PHE B 101 31.32 -26.33 -31.86
C PHE B 101 30.43 -27.49 -32.26
N PRO B 102 30.47 -27.92 -33.52
CA PRO B 102 29.53 -28.94 -33.98
C PRO B 102 29.76 -30.28 -33.29
N SER B 103 28.69 -31.06 -33.21
CA SER B 103 28.76 -32.47 -32.85
C SER B 103 28.48 -33.24 -34.14
N SER B 104 29.51 -33.32 -34.98
CA SER B 104 29.34 -33.81 -36.34
C SER B 104 28.96 -35.29 -36.33
N GLY B 105 27.76 -35.60 -36.83
CA GLY B 105 27.30 -36.95 -36.95
C GLY B 105 27.11 -37.34 -38.40
N SER B 106 26.85 -38.63 -38.61
CA SER B 106 26.56 -39.16 -39.94
C SER B 106 25.99 -40.56 -39.77
N VAL B 107 25.29 -41.02 -40.81
CA VAL B 107 24.80 -42.39 -40.81
C VAL B 107 25.96 -43.36 -40.65
N ALA B 108 27.03 -43.15 -41.44
CA ALA B 108 28.15 -44.06 -41.44
C ALA B 108 28.80 -44.16 -40.06
N GLY B 109 29.00 -43.02 -39.40
CA GLY B 109 29.57 -43.05 -38.06
C GLY B 109 28.68 -43.74 -37.06
N PHE B 110 27.36 -43.62 -37.22
CA PHE B 110 26.43 -44.31 -36.34
C PHE B 110 26.55 -45.82 -36.48
N LEU B 111 26.60 -46.31 -37.72
CA LEU B 111 26.79 -47.73 -37.96
C LEU B 111 28.14 -48.22 -37.48
N GLY B 112 29.14 -47.33 -37.39
CA GLY B 112 30.44 -47.74 -36.90
C GLY B 112 30.43 -48.08 -35.43
N GLU B 113 29.72 -47.29 -34.62
CA GLU B 113 29.64 -47.60 -33.20
C GLU B 113 28.61 -48.67 -32.91
N MET B 114 27.58 -48.82 -33.75
CA MET B 114 26.65 -49.91 -33.55
C MET B 114 27.25 -51.25 -33.96
N LEU B 115 28.11 -51.25 -34.98
CA LEU B 115 28.87 -52.47 -35.29
C LEU B 115 29.87 -52.77 -34.19
N SER B 116 30.47 -51.74 -33.59
CA SER B 116 31.43 -51.91 -32.51
C SER B 116 30.76 -52.11 -31.15
N THR B 117 29.46 -51.87 -31.04
CA THR B 117 28.70 -52.21 -29.84
C THR B 117 28.08 -53.59 -29.94
N GLY B 118 27.80 -54.07 -31.16
CA GLY B 118 27.29 -55.42 -31.31
C GLY B 118 28.35 -56.47 -31.04
N PHE B 119 29.55 -56.27 -31.60
CA PHE B 119 30.68 -57.14 -31.26
C PHE B 119 31.02 -57.02 -29.79
N ASN B 120 31.06 -55.79 -29.28
CA ASN B 120 31.36 -55.50 -27.87
C ASN B 120 32.59 -56.27 -27.39
N VAL B 121 33.69 -56.03 -28.08
CA VAL B 121 34.97 -56.62 -27.72
C VAL B 121 35.78 -55.57 -26.98
N VAL B 122 36.70 -56.03 -26.14
CA VAL B 122 37.59 -55.17 -25.35
C VAL B 122 38.98 -55.26 -25.94
N GLY B 123 39.52 -54.13 -26.40
CA GLY B 123 40.80 -54.14 -27.07
C GLY B 123 41.98 -53.75 -26.20
N PHE B 124 42.17 -54.43 -25.08
CA PHE B 124 43.29 -54.16 -24.20
C PHE B 124 44.55 -54.91 -24.58
N ASN B 125 44.51 -55.73 -25.63
CA ASN B 125 45.72 -56.29 -26.23
C ASN B 125 45.36 -56.81 -27.61
N TRP B 126 46.40 -57.06 -28.41
CA TRP B 126 46.18 -57.44 -29.81
C TRP B 126 45.34 -58.70 -29.93
N MET B 127 45.49 -59.66 -29.01
CA MET B 127 44.77 -60.92 -29.14
C MET B 127 43.29 -60.80 -28.79
N SER B 128 42.91 -59.85 -27.93
CA SER B 128 41.50 -59.71 -27.57
C SER B 128 40.63 -59.35 -28.77
N SER B 129 41.22 -58.78 -29.82
CA SER B 129 40.63 -58.61 -31.16
C SER B 129 41.69 -58.00 -32.07
N PRO B 130 42.42 -58.82 -32.83
CA PRO B 130 43.45 -58.27 -33.72
C PRO B 130 42.93 -57.17 -34.65
N ALA B 131 41.72 -57.36 -35.20
CA ALA B 131 41.18 -56.34 -36.10
C ALA B 131 40.93 -55.03 -35.38
N ALA B 132 40.67 -55.07 -34.07
CA ALA B 132 40.46 -53.83 -33.33
C ALA B 132 41.74 -53.00 -33.26
N THR B 133 42.90 -53.67 -33.25
CA THR B 133 44.18 -52.98 -33.26
C THR B 133 44.68 -52.74 -34.68
N GLU B 134 44.65 -53.77 -35.53
CA GLU B 134 45.18 -53.64 -36.88
C GLU B 134 44.44 -52.57 -37.67
N LEU B 135 43.10 -52.62 -37.66
CA LEU B 135 42.31 -51.63 -38.40
C LEU B 135 42.56 -50.23 -37.91
N GLU B 136 42.81 -50.05 -36.61
CA GLU B 136 43.05 -48.71 -36.07
C GLU B 136 44.28 -48.07 -36.69
N SER B 137 45.28 -48.87 -37.05
CA SER B 137 46.51 -48.35 -37.63
C SER B 137 46.41 -48.11 -39.13
N VAL B 138 45.43 -48.69 -39.81
CA VAL B 138 45.25 -48.40 -41.23
C VAL B 138 44.49 -47.10 -41.40
N VAL B 139 43.37 -46.94 -40.69
CA VAL B 139 42.56 -45.73 -40.85
C VAL B 139 43.32 -44.50 -40.38
N MET B 140 44.23 -44.67 -39.41
CA MET B 140 45.00 -43.53 -38.96
C MET B 140 46.12 -43.16 -39.93
N ASP B 141 46.50 -44.07 -40.82
CA ASP B 141 47.38 -43.72 -41.92
C ASP B 141 46.60 -43.20 -43.12
N TRP B 142 45.42 -43.77 -43.40
CA TRP B 142 44.49 -43.17 -44.35
C TRP B 142 44.27 -41.70 -44.02
N PHE B 143 43.84 -41.43 -42.79
CA PHE B 143 43.63 -40.06 -42.33
C PHE B 143 44.93 -39.27 -42.42
N GLY B 144 46.00 -39.80 -41.84
CA GLY B 144 47.27 -39.09 -41.82
C GLY B 144 47.72 -38.63 -43.20
N LYS B 145 47.63 -39.51 -44.19
CA LYS B 145 47.95 -39.11 -45.56
C LYS B 145 46.92 -38.13 -46.11
N MET B 146 45.66 -38.25 -45.67
CA MET B 146 44.62 -37.35 -46.15
C MET B 146 44.87 -35.91 -45.70
N LEU B 147 45.43 -35.72 -44.50
CA LEU B 147 45.83 -34.39 -44.07
C LEU B 147 47.22 -34.02 -44.53
N ASN B 148 47.83 -34.82 -45.42
CA ASN B 148 49.19 -34.59 -45.88
C ASN B 148 50.17 -34.43 -44.71
N LEU B 149 49.99 -35.27 -43.68
CA LEU B 149 50.93 -35.29 -42.58
C LEU B 149 52.28 -35.81 -43.05
N PRO B 150 53.38 -35.36 -42.43
CA PRO B 150 54.69 -35.89 -42.79
C PRO B 150 54.76 -37.38 -42.48
N GLU B 151 55.74 -38.04 -43.11
CA GLU B 151 55.95 -39.46 -42.86
C GLU B 151 56.40 -39.74 -41.44
N SER B 152 56.84 -38.72 -40.71
CA SER B 152 57.26 -38.88 -39.32
C SER B 152 56.11 -39.24 -38.40
N PHE B 153 54.87 -38.95 -38.81
CA PHE B 153 53.68 -39.23 -37.99
C PHE B 153 52.97 -40.52 -38.37
N LEU B 154 53.34 -41.15 -39.47
CA LEU B 154 52.63 -42.32 -39.98
C LEU B 154 53.36 -43.61 -39.65
N PHE B 155 52.61 -44.70 -39.65
CA PHE B 155 53.20 -46.02 -39.42
C PHE B 155 54.10 -46.44 -40.57
N SER B 156 53.83 -45.96 -41.78
CA SER B 156 54.72 -46.23 -42.91
C SER B 156 56.11 -45.69 -42.64
N GLY B 157 56.20 -44.50 -42.04
CA GLY B 157 57.48 -43.91 -41.71
C GLY B 157 58.02 -44.36 -40.36
N SER B 158 58.16 -43.42 -39.43
CA SER B 158 58.76 -43.69 -38.13
C SER B 158 57.91 -43.10 -37.01
N GLY B 159 56.59 -43.21 -37.15
CA GLY B 159 55.69 -42.65 -36.17
C GLY B 159 54.52 -43.56 -35.85
N GLY B 160 53.36 -42.97 -35.55
CA GLY B 160 52.19 -43.77 -35.24
C GLY B 160 51.04 -42.88 -34.81
N GLY B 161 49.85 -43.43 -34.94
CA GLY B 161 48.63 -42.73 -34.54
C GLY B 161 47.72 -43.63 -33.75
N VAL B 162 47.03 -43.05 -32.78
CA VAL B 162 46.16 -43.78 -31.87
C VAL B 162 44.84 -43.03 -31.74
N LEU B 163 43.74 -43.77 -31.71
CA LEU B 163 42.42 -43.20 -31.48
C LEU B 163 42.10 -43.23 -30.00
N GLN B 164 41.74 -42.07 -29.46
CA GLN B 164 41.34 -41.92 -28.06
C GLN B 164 39.93 -41.33 -28.00
N GLY B 165 39.40 -41.23 -26.79
CA GLY B 165 38.05 -40.76 -26.61
C GLY B 165 37.94 -39.25 -26.68
N THR B 166 38.90 -38.54 -26.10
CA THR B 166 38.83 -37.09 -26.00
C THR B 166 40.19 -36.48 -26.28
N SER B 167 40.21 -35.15 -26.37
CA SER B 167 41.42 -34.36 -26.47
C SER B 167 42.06 -34.14 -25.11
N CYS B 168 41.26 -33.85 -24.08
CA CYS B 168 41.80 -33.62 -22.74
C CYS B 168 42.68 -34.78 -22.30
N GLU B 169 42.31 -36.01 -22.65
CA GLU B 169 43.16 -37.15 -22.36
C GLU B 169 44.23 -37.37 -23.41
N ALA B 170 44.02 -36.93 -24.66
CA ALA B 170 45.10 -36.99 -25.64
C ALA B 170 46.20 -36.00 -25.31
N ILE B 171 45.82 -34.76 -24.97
CA ILE B 171 46.79 -33.78 -24.48
C ILE B 171 47.46 -34.29 -23.20
N LEU B 172 46.72 -35.05 -22.40
CA LEU B 172 47.29 -35.63 -21.18
C LEU B 172 48.46 -36.55 -21.51
N CYS B 173 48.21 -37.61 -22.29
CA CYS B 173 49.24 -38.62 -22.53
C CYS B 173 50.51 -38.02 -23.11
N THR B 174 50.39 -37.00 -23.97
CA THR B 174 51.58 -36.31 -24.44
C THR B 174 52.22 -35.49 -23.32
N LEU B 175 51.40 -34.84 -22.51
CA LEU B 175 51.93 -34.06 -21.38
C LEU B 175 52.64 -34.97 -20.39
N THR B 176 52.01 -36.10 -20.02
CA THR B 176 52.61 -37.05 -19.11
C THR B 176 53.64 -37.95 -19.77
N ALA B 177 54.10 -37.61 -20.97
CA ALA B 177 55.18 -38.34 -21.62
C ALA B 177 56.31 -37.36 -21.96
N ALA B 178 55.94 -36.12 -22.29
CA ALA B 178 56.93 -35.05 -22.35
C ALA B 178 57.58 -34.86 -20.98
N ARG B 179 56.77 -34.88 -19.93
CA ARG B 179 57.30 -34.82 -18.58
C ARG B 179 58.25 -35.97 -18.31
N ASP B 180 57.81 -37.21 -18.59
CA ASP B 180 58.67 -38.36 -18.35
C ASP B 180 59.90 -38.35 -19.24
N ARG B 181 59.81 -37.72 -20.41
CA ARG B 181 60.99 -37.56 -21.26
C ARG B 181 62.07 -36.76 -20.55
N LYS B 182 61.68 -35.64 -19.95
CA LYS B 182 62.65 -34.74 -19.32
C LYS B 182 62.98 -35.19 -17.89
N LEU B 183 61.98 -35.66 -17.15
CA LEU B 183 62.21 -36.07 -15.77
C LEU B 183 63.09 -37.30 -15.66
N ASN B 184 63.14 -38.14 -16.72
CA ASN B 184 64.05 -39.28 -16.72
C ASN B 184 65.48 -38.89 -17.10
N LYS B 185 65.70 -37.67 -17.57
CA LYS B 185 67.05 -37.16 -17.79
C LYS B 185 67.60 -36.43 -16.58
N ILE B 186 66.76 -35.69 -15.87
CA ILE B 186 67.20 -34.77 -14.82
C ILE B 186 66.76 -35.22 -13.43
N GLY B 187 66.00 -36.30 -13.32
CA GLY B 187 65.54 -36.75 -12.01
C GLY B 187 64.14 -36.29 -11.67
N ARG B 188 63.38 -37.13 -10.97
CA ARG B 188 61.97 -36.85 -10.75
C ARG B 188 61.71 -35.80 -9.69
N GLU B 189 62.75 -35.33 -8.99
CA GLU B 189 62.55 -34.30 -7.97
C GLU B 189 62.37 -32.91 -8.56
N HIS B 190 62.54 -32.76 -9.87
CA HIS B 190 62.39 -31.46 -10.53
C HIS B 190 61.01 -31.27 -11.14
N ILE B 191 60.01 -32.04 -10.70
CA ILE B 191 58.69 -31.90 -11.26
C ILE B 191 58.09 -30.54 -10.92
N GLY B 192 58.50 -29.96 -9.79
CA GLY B 192 58.04 -28.65 -9.37
C GLY B 192 58.66 -27.48 -10.10
N ARG B 193 59.50 -27.74 -11.10
CA ARG B 193 60.12 -26.69 -11.90
C ARG B 193 59.67 -26.71 -13.35
N LEU B 194 58.81 -27.65 -13.74
CA LEU B 194 58.38 -27.78 -15.13
C LEU B 194 57.22 -26.84 -15.41
N VAL B 195 57.32 -26.09 -16.50
CA VAL B 195 56.32 -25.11 -16.90
C VAL B 195 55.59 -25.61 -18.13
N VAL B 196 54.27 -25.43 -18.13
CA VAL B 196 53.42 -25.78 -19.27
C VAL B 196 52.96 -24.47 -19.92
N TYR B 197 53.04 -24.41 -21.25
CA TYR B 197 52.82 -23.17 -21.98
C TYR B 197 51.59 -23.22 -22.87
N GLY B 198 50.86 -22.12 -22.88
CA GLY B 198 49.73 -21.95 -23.76
C GLY B 198 49.29 -20.50 -23.76
N SER B 199 48.47 -20.16 -24.74
CA SER B 199 47.93 -18.81 -24.82
C SER B 199 46.71 -18.68 -23.91
N ASP B 200 46.25 -17.43 -23.75
CA ASP B 200 45.02 -17.20 -22.99
C ASP B 200 43.77 -17.53 -23.81
N GLN B 201 43.94 -18.01 -25.04
CA GLN B 201 42.85 -18.56 -25.84
C GLN B 201 42.87 -20.08 -25.91
N THR B 202 43.96 -20.70 -25.45
CA THR B 202 44.05 -22.15 -25.44
C THR B 202 42.95 -22.74 -24.56
N HIS B 203 42.32 -23.80 -25.05
CA HIS B 203 41.23 -24.44 -24.32
C HIS B 203 41.67 -24.89 -22.94
N CYS B 204 40.72 -24.91 -22.01
CA CYS B 204 41.06 -25.29 -20.63
C CYS B 204 41.43 -26.77 -20.50
N ALA B 205 41.57 -27.50 -21.59
CA ALA B 205 42.01 -28.89 -21.49
C ALA B 205 43.50 -28.98 -21.15
N LEU B 206 44.28 -27.97 -21.54
CA LEU B 206 45.70 -27.98 -21.22
C LEU B 206 45.93 -27.75 -19.74
N GLN B 207 45.18 -26.83 -19.13
CA GLN B 207 45.28 -26.62 -17.69
C GLN B 207 44.90 -27.88 -16.93
N LYS B 208 43.76 -28.48 -17.28
CA LYS B 208 43.32 -29.70 -16.61
C LYS B 208 44.32 -30.82 -16.79
N ALA B 209 44.85 -30.99 -18.01
CA ALA B 209 45.85 -32.02 -18.26
C ALA B 209 47.08 -31.80 -17.39
N ALA B 210 47.54 -30.55 -17.30
CA ALA B 210 48.68 -30.25 -16.43
C ALA B 210 48.33 -30.45 -14.97
N GLN B 211 47.08 -30.16 -14.58
CA GLN B 211 46.67 -30.36 -13.20
C GLN B 211 46.74 -31.83 -12.81
N VAL B 212 46.18 -32.70 -13.65
CA VAL B 212 46.17 -34.13 -13.36
C VAL B 212 47.57 -34.71 -13.41
N ALA B 213 48.43 -34.19 -14.28
CA ALA B 213 49.75 -34.76 -14.53
C ALA B 213 50.82 -34.31 -13.53
N GLY B 214 50.44 -33.55 -12.50
CA GLY B 214 51.38 -33.18 -11.46
C GLY B 214 52.10 -31.86 -11.66
N ILE B 215 51.86 -31.15 -12.75
CA ILE B 215 52.48 -29.85 -12.95
C ILE B 215 51.93 -28.87 -11.91
N ASN B 216 52.82 -28.02 -11.38
CA ASN B 216 52.44 -27.10 -10.32
C ASN B 216 51.41 -26.09 -10.84
N PRO B 217 50.36 -25.81 -10.07
CA PRO B 217 49.39 -24.78 -10.50
C PRO B 217 50.01 -23.42 -10.76
N LYS B 218 51.07 -23.05 -10.04
CA LYS B 218 51.73 -21.78 -10.29
C LYS B 218 52.49 -21.77 -11.61
N ASN B 219 52.75 -22.93 -12.20
CA ASN B 219 53.58 -23.04 -13.39
C ASN B 219 52.78 -23.36 -14.64
N PHE B 220 51.56 -22.87 -14.72
CA PHE B 220 50.77 -22.90 -15.96
C PHE B 220 50.72 -21.48 -16.52
N ARG B 221 51.24 -21.29 -17.72
CA ARG B 221 51.30 -19.99 -18.36
C ARG B 221 50.18 -19.86 -19.39
N ALA B 222 49.46 -18.75 -19.34
CA ALA B 222 48.45 -18.40 -20.34
C ALA B 222 48.91 -17.12 -21.03
N ILE B 223 49.92 -17.26 -21.89
CA ILE B 223 50.56 -16.10 -22.50
C ILE B 223 49.53 -15.23 -23.21
N LYS B 224 49.70 -13.92 -23.08
CA LYS B 224 48.68 -13.00 -23.55
C LYS B 224 48.66 -12.92 -25.07
N THR B 225 47.46 -12.75 -25.61
CA THR B 225 47.24 -12.55 -27.04
C THR B 225 46.67 -11.17 -27.27
N PHE B 226 47.02 -10.57 -28.40
CA PHE B 226 46.56 -9.24 -28.74
C PHE B 226 45.74 -9.27 -30.03
N LYS B 227 44.84 -8.31 -30.16
CA LYS B 227 44.02 -8.20 -31.37
C LYS B 227 44.88 -7.93 -32.61
N GLU B 228 46.05 -7.33 -32.43
CA GLU B 228 46.90 -6.96 -33.56
C GLU B 228 47.25 -8.16 -34.44
N ASN B 229 47.28 -9.36 -33.86
CA ASN B 229 47.49 -10.58 -34.61
C ASN B 229 46.31 -11.54 -34.46
N SER B 230 45.10 -10.99 -34.33
CA SER B 230 43.85 -11.78 -34.26
C SER B 230 43.93 -12.85 -33.16
N PHE B 231 44.60 -12.52 -32.07
CA PHE B 231 44.62 -13.34 -30.85
C PHE B 231 45.27 -14.70 -31.07
N GLY B 232 46.24 -14.77 -31.98
CA GLY B 232 47.10 -15.93 -32.10
C GLY B 232 48.37 -15.72 -31.30
N LEU B 233 48.89 -16.81 -30.72
CA LEU B 233 50.07 -16.71 -29.88
C LEU B 233 51.28 -16.26 -30.69
N SER B 234 52.07 -15.36 -30.11
CA SER B 234 53.25 -14.81 -30.75
C SER B 234 54.49 -15.52 -30.21
N ALA B 235 55.29 -16.10 -31.11
CA ALA B 235 56.53 -16.74 -30.68
C ALA B 235 57.46 -15.76 -29.98
N ALA B 236 57.41 -14.49 -30.39
CA ALA B 236 58.19 -13.47 -29.69
C ALA B 236 57.71 -13.29 -28.26
N THR B 237 56.39 -13.28 -28.06
CA THR B 237 55.86 -13.17 -26.72
C THR B 237 56.11 -14.45 -25.92
N LEU B 238 56.03 -15.60 -26.58
CA LEU B 238 56.35 -16.87 -25.93
C LEU B 238 57.78 -16.88 -25.42
N ARG B 239 58.72 -16.37 -26.23
CA ARG B 239 60.14 -16.41 -25.84
C ARG B 239 60.42 -15.45 -24.70
N GLU B 240 59.75 -14.30 -24.68
CA GLU B 240 59.90 -13.36 -23.57
C GLU B 240 59.54 -14.04 -22.25
N VAL B 241 58.42 -14.77 -22.23
CA VAL B 241 57.96 -15.42 -21.01
C VAL B 241 58.92 -16.55 -20.61
N ILE B 242 59.51 -17.23 -21.59
CA ILE B 242 60.38 -18.38 -21.29
C ILE B 242 61.62 -17.91 -20.53
N LEU B 243 62.30 -16.89 -21.05
CA LEU B 243 63.45 -16.33 -20.35
C LEU B 243 63.05 -15.83 -18.97
N GLU B 244 61.86 -15.23 -18.86
CA GLU B 244 61.35 -14.84 -17.55
C GLU B 244 61.28 -16.03 -16.60
N ASP B 245 60.89 -17.19 -17.12
CA ASP B 245 60.76 -18.38 -16.28
C ASP B 245 62.10 -19.06 -16.03
N ILE B 246 63.04 -18.98 -16.97
CA ILE B 246 64.36 -19.57 -16.76
C ILE B 246 65.07 -18.87 -15.62
N GLU B 247 65.07 -17.54 -15.64
CA GLU B 247 65.71 -16.78 -14.56
C GLU B 247 64.98 -16.93 -13.23
N ALA B 248 63.76 -17.45 -13.23
CA ALA B 248 63.06 -17.75 -12.00
C ALA B 248 63.40 -19.13 -11.45
N GLY B 249 64.31 -19.86 -12.10
CA GLY B 249 64.68 -21.19 -11.70
C GLY B 249 63.86 -22.30 -12.32
N LEU B 250 62.91 -21.96 -13.18
CA LEU B 250 61.99 -22.94 -13.74
C LEU B 250 62.58 -23.63 -14.96
N ILE B 251 61.88 -24.67 -15.42
CA ILE B 251 62.29 -25.46 -16.57
C ILE B 251 61.15 -25.47 -17.60
N PRO B 252 61.32 -24.83 -18.75
CA PRO B 252 60.28 -24.92 -19.79
C PRO B 252 60.18 -26.33 -20.34
N LEU B 253 58.94 -26.81 -20.50
CA LEU B 253 58.71 -28.21 -20.80
C LEU B 253 57.87 -28.43 -22.06
N PHE B 254 56.73 -27.75 -22.16
CA PHE B 254 55.67 -28.19 -23.05
C PHE B 254 54.88 -26.98 -23.55
N VAL B 255 54.73 -26.86 -24.87
CA VAL B 255 53.96 -25.79 -25.47
C VAL B 255 52.87 -26.40 -26.34
N CYS B 256 51.73 -25.73 -26.42
CA CYS B 256 50.54 -26.26 -27.10
C CYS B 256 49.94 -25.18 -28.00
N PRO B 257 50.47 -25.02 -29.22
CA PRO B 257 49.86 -24.10 -30.18
C PRO B 257 48.52 -24.63 -30.62
N THR B 258 47.56 -23.72 -30.77
CA THR B 258 46.19 -24.07 -31.10
C THR B 258 45.83 -23.60 -32.51
N VAL B 259 45.19 -24.46 -33.28
CA VAL B 259 44.71 -24.14 -34.62
C VAL B 259 43.19 -24.10 -34.57
N GLY B 260 42.62 -22.90 -34.61
CA GLY B 260 41.19 -22.74 -34.47
C GLY B 260 40.77 -22.82 -33.03
N THR B 261 41.05 -21.76 -32.26
CA THR B 261 40.72 -21.73 -30.85
C THR B 261 39.20 -21.77 -30.65
N THR B 262 38.79 -22.12 -29.44
CA THR B 262 37.37 -22.34 -29.18
C THR B 262 36.59 -21.02 -29.17
N SER B 263 37.20 -19.93 -28.73
CA SER B 263 36.46 -18.68 -28.58
C SER B 263 36.24 -18.00 -29.93
N SER B 264 37.32 -17.76 -30.69
CA SER B 264 37.24 -16.98 -31.91
C SER B 264 37.90 -17.66 -33.11
N THR B 265 38.18 -18.96 -33.02
CA THR B 265 38.87 -19.72 -34.07
C THR B 265 40.12 -18.99 -34.55
N ALA B 266 40.98 -18.66 -33.60
CA ALA B 266 42.29 -18.08 -33.90
C ALA B 266 43.30 -19.18 -34.21
N VAL B 267 44.35 -18.80 -34.93
CA VAL B 267 45.38 -19.73 -35.37
C VAL B 267 46.72 -19.27 -34.84
N ASP B 268 47.36 -20.10 -34.04
CA ASP B 268 48.72 -19.83 -33.61
C ASP B 268 49.70 -20.28 -34.69
N PRO B 269 50.69 -19.44 -35.04
CA PRO B 269 51.67 -19.87 -36.05
C PRO B 269 52.57 -20.99 -35.53
N ILE B 270 52.39 -22.19 -36.08
CA ILE B 270 53.07 -23.37 -35.55
C ILE B 270 54.56 -23.30 -35.81
N SER B 271 54.96 -22.90 -37.02
CA SER B 271 56.36 -22.98 -37.39
C SER B 271 57.28 -22.11 -36.52
N PRO B 272 56.95 -20.85 -36.22
CA PRO B 272 57.84 -20.07 -35.33
C PRO B 272 57.79 -20.52 -33.88
N ILE B 273 56.69 -21.14 -33.44
CA ILE B 273 56.63 -21.61 -32.06
C ILE B 273 57.58 -22.80 -31.87
N CYS B 274 57.56 -23.74 -32.82
CA CYS B 274 58.51 -24.85 -32.75
C CYS B 274 59.95 -24.35 -32.76
N GLU B 275 60.22 -23.30 -33.54
CA GLU B 275 61.54 -22.67 -33.56
C GLU B 275 62.00 -22.32 -32.16
N VAL B 276 61.13 -21.66 -31.38
CA VAL B 276 61.47 -21.31 -30.01
C VAL B 276 61.52 -22.55 -29.13
N ALA B 277 60.66 -23.54 -29.38
CA ALA B 277 60.61 -24.73 -28.54
C ALA B 277 61.77 -25.68 -28.77
N LYS B 278 62.46 -25.59 -29.92
CA LYS B 278 63.64 -26.42 -30.12
C LYS B 278 64.86 -25.83 -29.43
N GLU B 279 64.91 -24.51 -29.24
CA GLU B 279 65.97 -23.91 -28.44
C GLU B 279 65.98 -24.51 -27.04
N TYR B 280 64.81 -24.58 -26.41
CA TYR B 280 64.70 -24.98 -25.02
C TYR B 280 64.24 -26.42 -24.86
N GLU B 281 64.40 -27.24 -25.91
CA GLU B 281 64.15 -28.67 -25.86
C GLU B 281 62.76 -28.98 -25.30
N MET B 282 61.75 -28.51 -26.02
CA MET B 282 60.38 -28.57 -25.56
C MET B 282 59.56 -29.50 -26.45
N TRP B 283 58.40 -29.90 -25.92
CA TRP B 283 57.42 -30.69 -26.65
C TRP B 283 56.36 -29.77 -27.21
N VAL B 284 56.14 -29.84 -28.52
CA VAL B 284 55.15 -29.03 -29.21
C VAL B 284 53.99 -29.95 -29.58
N HIS B 285 52.88 -29.81 -28.87
CA HIS B 285 51.64 -30.48 -29.24
C HIS B 285 50.73 -29.50 -29.95
N VAL B 286 50.32 -29.84 -31.17
CA VAL B 286 49.38 -29.01 -31.92
C VAL B 286 47.97 -29.47 -31.58
N ASP B 287 47.17 -28.54 -31.07
CA ASP B 287 45.75 -28.78 -30.81
C ASP B 287 44.95 -28.25 -31.99
N ALA B 288 44.32 -29.16 -32.73
CA ALA B 288 43.46 -28.83 -33.84
C ALA B 288 42.14 -29.58 -33.73
N ALA B 289 41.57 -29.58 -32.51
CA ALA B 289 40.38 -30.38 -32.22
C ALA B 289 39.26 -30.10 -33.20
N TYR B 290 38.91 -28.82 -33.36
CA TYR B 290 37.87 -28.48 -34.33
C TYR B 290 38.43 -28.40 -35.75
N ALA B 291 39.46 -27.58 -35.94
CA ALA B 291 39.88 -27.19 -37.29
C ALA B 291 40.60 -28.30 -38.05
N GLY B 292 41.22 -29.25 -37.35
CA GLY B 292 42.12 -30.17 -38.01
C GLY B 292 41.48 -30.93 -39.16
N SER B 293 40.19 -31.27 -39.02
CA SER B 293 39.53 -32.08 -40.04
C SER B 293 39.45 -31.36 -41.39
N ALA B 294 39.50 -30.04 -41.41
CA ALA B 294 39.39 -29.30 -42.66
C ALA B 294 40.68 -29.29 -43.47
N CYS B 295 41.79 -29.73 -42.91
CA CYS B 295 43.04 -29.80 -43.64
C CYS B 295 43.11 -30.99 -44.59
N ILE B 296 42.01 -31.75 -44.72
CA ILE B 296 41.86 -32.65 -45.86
C ILE B 296 41.88 -31.86 -47.16
N CYS B 297 41.27 -30.67 -47.14
CA CYS B 297 41.18 -29.84 -48.33
C CYS B 297 42.53 -29.16 -48.58
N PRO B 298 43.13 -29.33 -49.76
CA PRO B 298 44.47 -28.75 -49.99
C PRO B 298 44.52 -27.24 -49.83
N GLU B 299 43.38 -26.54 -49.95
CA GLU B 299 43.37 -25.09 -49.77
C GLU B 299 43.32 -24.68 -48.31
N PHE B 300 43.17 -25.63 -47.38
CA PHE B 300 43.20 -25.34 -45.96
C PHE B 300 44.43 -25.90 -45.25
N ARG B 301 45.17 -26.80 -45.90
CA ARG B 301 46.29 -27.50 -45.27
C ARG B 301 47.37 -26.53 -44.77
N HIS B 302 47.38 -25.29 -45.25
CA HIS B 302 48.40 -24.34 -44.84
C HIS B 302 48.27 -23.91 -43.38
N PHE B 303 47.16 -24.24 -42.72
CA PHE B 303 46.98 -23.81 -41.34
C PHE B 303 47.83 -24.63 -40.38
N ILE B 304 48.02 -25.91 -40.65
CA ILE B 304 48.88 -26.75 -39.82
C ILE B 304 50.27 -26.82 -40.43
N ASP B 305 50.63 -25.82 -41.23
CA ASP B 305 52.00 -25.74 -41.73
C ASP B 305 52.96 -25.53 -40.58
N GLY B 306 54.04 -26.31 -40.57
CA GLY B 306 54.95 -26.35 -39.46
C GLY B 306 54.76 -27.51 -38.53
N VAL B 307 53.69 -28.29 -38.71
CA VAL B 307 53.47 -29.48 -37.90
C VAL B 307 54.59 -30.50 -38.11
N GLU B 308 55.37 -30.33 -39.18
CA GLU B 308 56.49 -31.24 -39.42
C GLU B 308 57.55 -31.12 -38.34
N GLU B 309 57.64 -29.96 -37.69
CA GLU B 309 58.64 -29.71 -36.66
C GLU B 309 58.09 -29.87 -35.25
N ALA B 310 56.87 -30.39 -35.11
CA ALA B 310 56.26 -30.61 -33.82
C ALA B 310 56.49 -32.04 -33.35
N ASP B 311 55.88 -32.38 -32.21
CA ASP B 311 56.00 -33.71 -31.64
C ASP B 311 54.71 -34.51 -31.67
N SER B 312 53.55 -33.84 -31.64
CA SER B 312 52.27 -34.52 -31.65
C SER B 312 51.21 -33.60 -32.23
N PHE B 313 50.15 -34.22 -32.75
CA PHE B 313 49.07 -33.51 -33.43
C PHE B 313 47.76 -34.22 -33.10
N SER B 314 46.73 -33.44 -32.79
CA SER B 314 45.48 -34.03 -32.33
C SER B 314 44.28 -33.23 -32.83
N LEU B 315 43.31 -33.94 -33.40
CA LEU B 315 42.01 -33.37 -33.78
C LEU B 315 40.90 -34.30 -33.29
N ASN B 316 39.77 -33.71 -32.93
CA ASN B 316 38.59 -34.45 -32.52
C ASN B 316 37.67 -34.67 -33.72
N ALA B 317 37.45 -35.94 -34.07
CA ALA B 317 36.63 -36.30 -35.21
C ALA B 317 35.14 -36.35 -34.86
N HIS B 318 34.73 -35.83 -33.70
CA HIS B 318 33.31 -35.58 -33.46
C HIS B 318 32.90 -34.15 -33.74
N LYS B 319 33.87 -33.23 -33.81
CA LYS B 319 33.53 -31.84 -34.09
C LYS B 319 33.30 -31.59 -35.57
N TRP B 320 34.12 -32.19 -36.44
CA TRP B 320 34.06 -31.85 -37.85
C TRP B 320 34.44 -33.03 -38.74
N PHE B 321 34.05 -34.26 -38.36
CA PHE B 321 34.28 -35.37 -39.27
C PHE B 321 33.24 -36.47 -39.16
N PHE B 322 32.03 -36.16 -38.71
CA PHE B 322 30.85 -37.00 -38.92
C PHE B 322 30.96 -38.36 -38.24
N THR B 323 31.87 -38.54 -37.27
CA THR B 323 32.06 -39.83 -36.63
C THR B 323 31.31 -39.95 -35.30
N THR B 324 30.29 -39.13 -35.07
CA THR B 324 29.60 -39.08 -33.79
C THR B 324 30.58 -38.85 -32.63
N LEU B 325 30.08 -38.96 -31.40
CA LEU B 325 30.90 -38.86 -30.21
C LEU B 325 31.16 -40.26 -29.68
N ASP B 326 32.42 -40.58 -29.42
CA ASP B 326 33.56 -39.69 -29.55
C ASP B 326 34.71 -40.33 -30.33
N CYS B 327 35.61 -39.52 -30.88
CA CYS B 327 36.71 -40.02 -31.70
C CYS B 327 37.78 -38.94 -31.80
N CYS B 328 38.82 -39.06 -30.98
CA CYS B 328 39.97 -38.17 -31.02
C CYS B 328 41.13 -38.88 -31.70
N CYS B 329 41.82 -38.17 -32.60
CA CYS B 329 42.90 -38.72 -33.40
C CYS B 329 44.21 -38.08 -32.97
N LEU B 330 45.10 -38.87 -32.40
CA LEU B 330 46.42 -38.40 -31.96
C LEU B 330 47.49 -39.02 -32.84
N TRP B 331 48.36 -38.16 -33.39
CA TRP B 331 49.49 -38.59 -34.21
C TRP B 331 50.76 -38.16 -33.49
N VAL B 332 51.45 -39.12 -32.89
CA VAL B 332 52.71 -38.86 -32.20
C VAL B 332 53.85 -39.23 -33.11
N LYS B 333 54.91 -38.41 -33.11
CA LYS B 333 56.10 -38.69 -33.88
C LYS B 333 56.94 -39.84 -33.29
N ASP B 334 57.03 -39.90 -31.98
CA ASP B 334 57.71 -40.99 -31.29
C ASP B 334 56.78 -41.68 -30.32
N PRO B 335 56.18 -42.76 -30.71
CA PRO B 335 55.25 -43.47 -29.83
C PRO B 335 55.94 -44.19 -28.68
N SER B 336 57.27 -44.16 -28.68
CA SER B 336 58.05 -44.67 -27.57
C SER B 336 57.81 -43.85 -26.31
N ALA B 337 57.71 -42.53 -26.47
CA ALA B 337 57.54 -41.62 -25.34
C ALA B 337 56.25 -41.93 -24.58
N LEU B 338 55.14 -42.12 -25.28
CA LEU B 338 53.91 -42.56 -24.62
C LEU B 338 54.13 -43.88 -23.89
N VAL B 339 54.57 -44.91 -24.61
CA VAL B 339 54.79 -46.24 -24.03
C VAL B 339 55.68 -46.16 -22.80
N LYS B 340 56.85 -45.55 -22.94
CA LYS B 340 57.78 -45.43 -21.81
C LYS B 340 57.14 -44.73 -20.63
N ALA B 341 56.10 -43.93 -20.86
CA ALA B 341 55.43 -43.18 -19.81
C ALA B 341 54.17 -43.84 -19.28
N LEU B 342 53.42 -44.55 -20.12
CA LEU B 342 52.11 -45.04 -19.74
C LEU B 342 52.02 -46.54 -19.50
N SER B 343 53.02 -47.32 -19.93
CA SER B 343 53.01 -48.74 -19.65
C SER B 343 53.32 -49.00 -18.17
N THR B 344 52.81 -50.13 -17.66
CA THR B 344 53.04 -50.52 -16.27
C THR B 344 54.11 -51.58 -16.13
N ASN B 345 54.65 -52.08 -17.23
CA ASN B 345 55.78 -52.99 -17.16
C ASN B 345 57.00 -52.26 -16.60
N PRO B 346 57.91 -52.98 -15.95
CA PRO B 346 59.11 -52.33 -15.41
C PRO B 346 59.87 -51.54 -16.46
N GLU B 347 60.58 -50.51 -16.01
CA GLU B 347 61.17 -49.52 -16.90
C GLU B 347 62.26 -50.10 -17.79
N TYR B 348 62.80 -51.27 -17.46
CA TYR B 348 63.81 -51.92 -18.30
C TYR B 348 63.19 -52.77 -19.41
N LEU B 349 61.93 -52.51 -19.75
CA LEU B 349 61.23 -53.36 -20.73
C LEU B 349 60.60 -52.49 -21.82
N ARG B 350 60.27 -51.25 -21.49
CA ARG B 350 59.62 -50.35 -22.44
C ARG B 350 60.65 -49.57 -23.26
N VAL B 359 54.09 -56.23 -32.80
CA VAL B 359 52.67 -55.95 -32.62
C VAL B 359 52.50 -54.72 -31.74
N VAL B 360 51.31 -54.12 -31.76
CA VAL B 360 51.06 -52.82 -31.14
C VAL B 360 50.25 -52.99 -29.86
N ASP B 361 50.84 -52.61 -28.72
CA ASP B 361 50.13 -52.48 -27.45
C ASP B 361 49.54 -51.08 -27.37
N TYR B 362 48.39 -50.90 -28.01
CA TYR B 362 47.80 -49.56 -28.11
C TYR B 362 47.43 -49.01 -26.75
N LYS B 363 47.15 -49.88 -25.78
CA LYS B 363 46.77 -49.42 -24.44
C LYS B 363 47.89 -48.67 -23.75
N ASP B 364 49.14 -48.86 -24.17
CA ASP B 364 50.26 -48.13 -23.61
C ASP B 364 50.41 -46.74 -24.20
N TRP B 365 49.49 -46.32 -25.07
CA TRP B 365 49.52 -45.00 -25.66
C TRP B 365 48.53 -44.03 -25.01
N GLN B 366 47.69 -44.50 -24.10
CA GLN B 366 46.64 -43.65 -23.56
C GLN B 366 46.28 -44.10 -22.15
N ILE B 367 45.32 -43.39 -21.55
CA ILE B 367 44.92 -43.60 -20.17
C ILE B 367 43.90 -44.72 -20.02
N ALA B 368 43.27 -45.14 -21.11
CA ALA B 368 42.21 -46.13 -21.06
C ALA B 368 42.77 -47.52 -21.37
N LEU B 369 42.56 -48.44 -20.46
CA LEU B 369 43.01 -49.80 -20.61
C LEU B 369 42.08 -50.62 -21.43
N SER B 370 40.80 -50.62 -21.12
CA SER B 370 39.87 -51.36 -21.90
C SER B 370 39.36 -50.47 -23.00
N ARG B 371 39.92 -50.67 -24.17
CA ARG B 371 39.83 -49.81 -25.26
C ARG B 371 38.75 -50.36 -26.10
N ARG B 372 38.08 -49.52 -26.86
CA ARG B 372 36.91 -49.83 -27.67
C ARG B 372 37.26 -49.77 -29.15
N PHE B 373 36.36 -50.32 -29.96
CA PHE B 373 36.54 -50.42 -31.40
C PHE B 373 36.18 -49.10 -32.10
N ARG B 374 36.95 -48.07 -31.74
CA ARG B 374 36.75 -46.76 -32.36
C ARG B 374 37.07 -46.76 -33.86
N SER B 375 37.81 -47.77 -34.33
CA SER B 375 38.31 -47.77 -35.70
C SER B 375 37.17 -47.89 -36.71
N LEU B 376 36.13 -48.66 -36.37
CA LEU B 376 35.00 -48.82 -37.27
C LEU B 376 34.34 -47.48 -37.59
N LYS B 377 34.21 -46.62 -36.57
CA LYS B 377 33.65 -45.29 -36.78
C LYS B 377 34.39 -44.53 -37.88
N LEU B 378 35.72 -44.42 -37.74
CA LEU B 378 36.51 -43.73 -38.76
C LEU B 378 36.59 -44.51 -40.06
N TRP B 379 36.40 -45.84 -40.02
CA TRP B 379 36.48 -46.65 -41.23
C TRP B 379 35.25 -46.44 -42.11
N MET B 380 34.05 -46.51 -41.52
CA MET B 380 32.84 -46.32 -42.31
C MET B 380 32.76 -44.91 -42.87
N VAL B 381 33.20 -43.92 -42.09
CA VAL B 381 33.08 -42.53 -42.55
C VAL B 381 33.97 -42.30 -43.76
N LEU B 382 35.21 -42.81 -43.73
CA LEU B 382 36.09 -42.64 -44.87
C LEU B 382 35.64 -43.47 -46.06
N ARG B 383 35.08 -44.65 -45.81
CA ARG B 383 34.75 -45.57 -46.89
C ARG B 383 33.46 -45.17 -47.60
N SER B 384 32.37 -45.01 -46.85
CA SER B 384 31.07 -44.80 -47.48
C SER B 384 30.89 -43.39 -48.04
N TYR B 385 31.71 -42.44 -47.65
CA TYR B 385 31.61 -41.08 -48.18
C TYR B 385 32.76 -40.70 -49.11
N GLY B 386 33.93 -41.29 -48.94
CA GLY B 386 35.04 -41.03 -49.84
C GLY B 386 35.70 -39.69 -49.59
N VAL B 387 36.93 -39.56 -50.09
CA VAL B 387 37.71 -38.35 -49.86
C VAL B 387 37.07 -37.15 -50.56
N THR B 388 36.59 -37.34 -51.80
CA THR B 388 36.09 -36.22 -52.58
C THR B 388 34.89 -35.56 -51.91
N ASN B 389 33.94 -36.37 -51.46
CA ASN B 389 32.73 -35.82 -50.85
C ASN B 389 33.02 -35.21 -49.48
N LEU B 390 33.91 -35.84 -48.70
CA LEU B 390 34.20 -35.36 -47.36
C LEU B 390 34.77 -33.94 -47.39
N ARG B 391 35.60 -33.64 -48.40
CA ARG B 391 36.05 -32.26 -48.58
C ARG B 391 34.88 -31.34 -48.88
N ASN B 392 34.03 -31.74 -49.83
CA ASN B 392 32.89 -30.91 -50.20
C ASN B 392 31.95 -30.70 -49.03
N PHE B 393 31.86 -31.69 -48.13
CA PHE B 393 31.05 -31.52 -46.93
C PHE B 393 31.57 -30.36 -46.09
N LEU B 394 32.85 -30.39 -45.74
CA LEU B 394 33.43 -29.31 -44.95
C LEU B 394 33.44 -28.00 -45.73
N ARG B 395 33.72 -28.07 -47.03
CA ARG B 395 33.67 -26.87 -47.87
C ARG B 395 32.27 -26.26 -47.85
N SER B 396 31.24 -27.10 -47.85
CA SER B 396 29.87 -26.59 -47.79
C SER B 396 29.63 -25.83 -46.49
N HIS B 397 30.07 -26.38 -45.36
CA HIS B 397 29.92 -25.71 -44.08
C HIS B 397 30.61 -24.35 -44.08
N VAL B 398 31.88 -24.32 -44.52
CA VAL B 398 32.63 -23.07 -44.58
C VAL B 398 31.93 -22.08 -45.48
N LYS B 399 31.37 -22.55 -46.59
CA LYS B 399 30.79 -21.64 -47.56
C LYS B 399 29.49 -21.03 -47.05
N MET B 400 28.68 -21.82 -46.32
CA MET B 400 27.49 -21.26 -45.69
C MET B 400 27.85 -20.20 -44.66
N ALA B 401 28.85 -20.48 -43.82
CA ALA B 401 29.32 -19.48 -42.87
C ALA B 401 29.90 -18.28 -43.61
N LYS B 402 30.61 -18.52 -44.72
CA LYS B 402 31.12 -17.43 -45.54
C LYS B 402 29.99 -16.64 -46.18
N THR B 403 28.81 -17.24 -46.33
CA THR B 403 27.65 -16.50 -46.82
C THR B 403 26.98 -15.73 -45.67
N PHE B 404 26.87 -16.36 -44.51
CA PHE B 404 26.34 -15.65 -43.34
C PHE B 404 27.22 -14.46 -42.96
N GLU B 405 28.54 -14.59 -43.15
CA GLU B 405 29.43 -13.45 -42.94
C GLU B 405 29.12 -12.33 -43.92
N GLY B 406 28.80 -12.69 -45.16
CA GLY B 406 28.47 -11.67 -46.15
C GLY B 406 27.14 -10.99 -45.91
N LEU B 407 26.20 -11.70 -45.28
CA LEU B 407 24.92 -11.09 -44.93
C LEU B 407 25.10 -10.07 -43.81
N ILE B 408 25.96 -10.37 -42.84
CA ILE B 408 26.23 -9.46 -41.73
C ILE B 408 26.86 -8.18 -42.25
N CYS B 409 27.69 -8.27 -43.29
CA CYS B 409 28.38 -7.10 -43.83
C CYS B 409 27.46 -6.16 -44.60
N MET B 410 26.22 -6.56 -44.89
CA MET B 410 25.28 -5.67 -45.54
C MET B 410 24.38 -4.93 -44.56
N ASP B 411 24.13 -5.51 -43.39
CA ASP B 411 23.43 -4.80 -42.32
C ASP B 411 24.43 -3.89 -41.62
N GLY B 412 24.24 -2.58 -41.77
CA GLY B 412 25.20 -1.61 -41.26
C GLY B 412 25.25 -1.48 -39.75
N ARG B 413 24.39 -2.19 -39.03
CA ARG B 413 24.38 -2.15 -37.57
C ARG B 413 25.08 -3.34 -36.94
N PHE B 414 25.81 -4.12 -37.73
CA PHE B 414 26.56 -5.26 -37.24
C PHE B 414 28.04 -5.07 -37.55
N GLU B 415 28.88 -5.80 -36.83
CA GLU B 415 30.33 -5.71 -37.00
C GLU B 415 30.94 -7.09 -36.87
N ILE B 416 31.81 -7.44 -37.81
CA ILE B 416 32.57 -8.68 -37.73
C ILE B 416 33.79 -8.42 -36.85
N THR B 417 33.88 -9.12 -35.72
CA THR B 417 34.85 -8.76 -34.70
C THR B 417 36.24 -9.32 -35.00
N VAL B 418 36.33 -10.52 -35.55
CA VAL B 418 37.63 -11.15 -35.82
C VAL B 418 37.55 -11.91 -37.14
N PRO B 419 38.70 -12.12 -37.78
CA PRO B 419 38.70 -12.82 -39.07
C PRO B 419 38.16 -14.24 -38.96
N ARG B 420 37.27 -14.58 -39.88
CA ARG B 420 36.74 -15.93 -39.99
C ARG B 420 37.76 -16.84 -40.68
N THR B 421 38.10 -17.95 -40.03
CA THR B 421 39.06 -18.90 -40.57
C THR B 421 38.43 -20.19 -41.07
N PHE B 422 37.60 -20.83 -40.23
CA PHE B 422 36.90 -22.06 -40.62
C PHE B 422 35.46 -21.98 -40.13
N ALA B 423 34.52 -21.75 -41.06
CA ALA B 423 33.10 -22.09 -40.86
C ALA B 423 32.50 -21.51 -39.58
N MET B 424 33.11 -20.48 -38.99
CA MET B 424 32.55 -19.86 -37.80
C MET B 424 32.79 -18.35 -37.84
N VAL B 425 31.71 -17.61 -37.67
CA VAL B 425 31.72 -16.15 -37.74
C VAL B 425 31.52 -15.59 -36.33
N CYS B 426 32.29 -14.57 -35.99
CA CYS B 426 32.16 -13.86 -34.72
C CYS B 426 31.70 -12.43 -35.03
N PHE B 427 30.42 -12.16 -34.80
CA PHE B 427 29.82 -10.86 -35.06
C PHE B 427 29.29 -10.26 -33.76
N ARG B 428 28.82 -9.02 -33.85
CA ARG B 428 28.18 -8.37 -32.72
C ARG B 428 27.33 -7.21 -33.22
N LEU B 429 26.27 -6.91 -32.47
CA LEU B 429 25.40 -5.80 -32.78
C LEU B 429 25.93 -4.54 -32.10
N LEU B 430 26.02 -3.43 -32.86
CA LEU B 430 26.55 -2.23 -32.26
C LEU B 430 25.43 -1.28 -31.83
N PRO B 431 25.65 -0.50 -30.78
CA PRO B 431 24.66 0.48 -30.37
C PRO B 431 24.67 1.66 -31.31
N PRO B 432 23.55 2.39 -31.45
CA PRO B 432 23.48 3.57 -32.31
C PRO B 432 24.20 4.77 -31.70
N GLU B 457 33.63 2.58 -21.06
CA GLU B 457 32.22 2.78 -20.72
C GLU B 457 31.32 2.39 -21.89
N ASN B 458 31.75 2.77 -23.10
CA ASN B 458 31.01 2.39 -24.30
C ASN B 458 31.11 0.90 -24.57
N LEU B 459 32.25 0.28 -24.22
CA LEU B 459 32.38 -1.16 -24.37
C LEU B 459 31.44 -1.90 -23.43
N VAL B 460 31.36 -1.45 -22.17
CA VAL B 460 30.45 -2.07 -21.22
C VAL B 460 29.01 -1.95 -21.72
N LEU B 461 28.66 -0.81 -22.29
CA LEU B 461 27.32 -0.63 -22.86
C LEU B 461 27.08 -1.61 -23.99
N ALA B 462 27.96 -1.62 -24.99
CA ALA B 462 27.77 -2.51 -26.14
C ALA B 462 27.81 -3.97 -25.73
N ASN B 463 28.66 -4.33 -24.76
CA ASN B 463 28.74 -5.71 -24.30
C ASN B 463 27.42 -6.14 -23.67
N LYS B 464 26.80 -5.27 -22.88
CA LYS B 464 25.48 -5.59 -22.32
C LYS B 464 24.42 -5.65 -23.40
N LEU B 465 24.58 -4.86 -24.47
CA LEU B 465 23.61 -4.87 -25.55
C LEU B 465 23.56 -6.23 -26.23
N ASN B 466 24.72 -6.79 -26.54
CA ASN B 466 24.75 -8.08 -27.22
C ASN B 466 24.36 -9.23 -26.31
N GLN B 467 24.62 -9.10 -25.00
CA GLN B 467 24.18 -10.15 -24.07
C GLN B 467 22.66 -10.24 -24.04
N VAL B 468 21.99 -9.10 -23.83
CA VAL B 468 20.53 -9.08 -23.84
C VAL B 468 20.01 -9.50 -25.21
N TYR B 469 20.63 -8.99 -26.26
CA TYR B 469 20.20 -9.31 -27.62
C TYR B 469 20.35 -10.81 -27.89
N LEU B 470 21.48 -11.39 -27.54
CA LEU B 470 21.72 -12.81 -27.83
C LEU B 470 20.73 -13.70 -27.09
N GLU B 471 20.58 -13.48 -25.78
CA GLU B 471 19.71 -14.33 -24.99
C GLU B 471 18.24 -14.20 -25.41
N THR B 472 17.86 -13.06 -25.99
CA THR B 472 16.50 -12.96 -26.52
C THR B 472 16.33 -13.81 -27.77
N VAL B 473 17.40 -13.98 -28.55
CA VAL B 473 17.34 -14.88 -29.71
C VAL B 473 17.36 -16.34 -29.25
N ASN B 474 18.18 -16.64 -28.24
CA ASN B 474 18.28 -18.02 -27.77
C ASN B 474 17.01 -18.47 -27.08
N ALA B 475 16.31 -17.55 -26.40
CA ALA B 475 15.16 -17.94 -25.58
C ALA B 475 13.95 -18.29 -26.41
N THR B 476 13.92 -17.90 -27.69
CA THR B 476 12.80 -18.29 -28.53
C THR B 476 12.76 -19.79 -28.76
N GLY B 477 13.91 -20.45 -28.67
CA GLY B 477 14.01 -21.85 -29.04
C GLY B 477 14.12 -22.10 -30.53
N SER B 478 14.08 -21.05 -31.35
CA SER B 478 14.14 -21.23 -32.80
C SER B 478 15.55 -21.60 -33.24
N VAL B 479 16.53 -20.78 -32.85
CA VAL B 479 17.94 -21.03 -33.14
C VAL B 479 18.70 -20.99 -31.81
N TYR B 480 20.01 -21.29 -31.88
CA TYR B 480 20.82 -21.32 -30.68
C TYR B 480 22.28 -21.05 -31.01
N MET B 481 22.81 -19.95 -30.47
CA MET B 481 24.21 -19.59 -30.58
C MET B 481 24.75 -19.24 -29.20
N THR B 482 26.07 -19.29 -29.08
CA THR B 482 26.77 -18.92 -27.85
C THR B 482 27.69 -17.75 -28.11
N HIS B 483 28.38 -17.31 -27.07
CA HIS B 483 29.19 -16.10 -27.14
C HIS B 483 30.62 -16.33 -26.71
N ALA B 484 31.38 -15.26 -26.58
CA ALA B 484 32.73 -15.26 -26.05
C ALA B 484 33.13 -13.82 -25.77
N VAL B 485 34.07 -13.64 -24.83
CA VAL B 485 34.61 -12.34 -24.50
C VAL B 485 36.09 -12.40 -24.83
N VAL B 486 36.46 -11.93 -26.03
CA VAL B 486 37.83 -11.97 -26.51
C VAL B 486 38.34 -10.54 -26.59
N GLY B 487 39.41 -10.24 -25.87
CA GLY B 487 39.91 -8.88 -25.79
C GLY B 487 38.96 -7.93 -25.10
N GLY B 488 38.14 -8.43 -24.18
CA GLY B 488 37.19 -7.60 -23.47
C GLY B 488 35.95 -7.23 -24.26
N VAL B 489 35.82 -7.71 -25.49
CA VAL B 489 34.68 -7.40 -26.34
C VAL B 489 33.75 -8.61 -26.36
N TYR B 490 32.47 -8.37 -26.06
CA TYR B 490 31.45 -9.41 -26.10
C TYR B 490 30.98 -9.61 -27.54
N MET B 491 31.13 -10.83 -28.06
CA MET B 491 30.76 -11.13 -29.43
C MET B 491 29.96 -12.42 -29.50
N ILE B 492 29.24 -12.60 -30.61
CA ILE B 492 28.36 -13.73 -30.82
C ILE B 492 29.00 -14.67 -31.84
N ARG B 493 29.01 -15.96 -31.52
CA ARG B 493 29.64 -16.98 -32.35
C ARG B 493 28.59 -17.73 -33.15
N PHE B 494 28.77 -17.77 -34.47
CA PHE B 494 27.91 -18.52 -35.37
C PHE B 494 28.77 -19.64 -35.97
N ALA B 495 28.59 -20.86 -35.46
CA ALA B 495 29.39 -22.02 -35.87
C ALA B 495 28.51 -22.96 -36.69
N VAL B 496 28.66 -22.92 -38.00
CA VAL B 496 27.93 -23.83 -38.90
C VAL B 496 28.64 -25.16 -38.92
N GLY B 497 27.91 -26.24 -38.60
CA GLY B 497 28.55 -27.53 -38.60
C GLY B 497 27.63 -28.73 -38.49
N SER B 498 26.42 -28.53 -37.96
CA SER B 498 25.48 -29.64 -37.82
C SER B 498 25.27 -30.32 -39.16
N THR B 499 25.26 -31.65 -39.15
CA THR B 499 25.19 -32.40 -40.40
C THR B 499 23.89 -32.12 -41.15
N LEU B 500 22.79 -31.91 -40.43
CA LEU B 500 21.49 -31.63 -41.04
C LEU B 500 21.35 -30.20 -41.52
N THR B 501 22.31 -29.33 -41.25
CA THR B 501 22.15 -27.91 -41.56
C THR B 501 22.30 -27.68 -43.05
N GLU B 502 21.26 -27.13 -43.67
CA GLU B 502 21.30 -26.69 -45.06
C GLU B 502 21.43 -25.17 -45.09
N GLU B 503 21.36 -24.60 -46.29
CA GLU B 503 21.55 -23.15 -46.44
C GLU B 503 20.33 -22.37 -45.99
N ARG B 504 19.13 -22.92 -46.18
CA ARG B 504 17.92 -22.21 -45.76
C ARG B 504 17.88 -22.03 -44.25
N HIS B 505 18.49 -22.95 -43.50
CA HIS B 505 18.56 -22.81 -42.05
C HIS B 505 19.44 -21.62 -41.66
N VAL B 506 20.57 -21.45 -42.35
CA VAL B 506 21.43 -20.30 -42.11
C VAL B 506 20.69 -19.01 -42.44
N ILE B 507 20.05 -18.97 -43.61
CA ILE B 507 19.23 -17.82 -43.99
C ILE B 507 18.11 -17.61 -42.98
N TYR B 508 17.51 -18.70 -42.50
CA TYR B 508 16.49 -18.58 -41.46
C TYR B 508 17.06 -17.96 -40.20
N ALA B 509 18.27 -18.38 -39.80
CA ALA B 509 18.91 -17.80 -38.63
C ALA B 509 19.27 -16.34 -38.85
N TRP B 510 19.59 -15.96 -40.09
CA TRP B 510 19.87 -14.56 -40.38
C TRP B 510 18.64 -13.70 -40.19
N LYS B 511 17.47 -14.17 -40.66
CA LYS B 511 16.24 -13.41 -40.51
C LYS B 511 15.94 -13.14 -39.05
N ILE B 512 15.98 -14.20 -38.23
CA ILE B 512 15.65 -14.07 -36.81
C ILE B 512 16.59 -13.09 -36.12
N LEU B 513 17.89 -13.16 -36.44
CA LEU B 513 18.83 -12.18 -35.91
C LEU B 513 18.45 -10.76 -36.31
N GLN B 514 17.83 -10.60 -37.47
CA GLN B 514 17.46 -9.27 -37.94
C GLN B 514 16.14 -8.81 -37.33
N GLU B 515 15.20 -9.72 -37.10
CA GLU B 515 13.93 -9.35 -36.49
C GLU B 515 14.11 -8.90 -35.04
N HIS B 516 15.10 -9.48 -34.34
CA HIS B 516 15.39 -9.02 -32.99
C HIS B 516 16.31 -7.81 -32.99
N ALA B 517 17.16 -7.68 -34.01
CA ALA B 517 17.95 -6.47 -34.14
C ALA B 517 17.06 -5.26 -34.42
N ASP B 518 16.12 -5.42 -35.36
CA ASP B 518 15.09 -4.40 -35.58
C ASP B 518 14.37 -4.06 -34.27
N LEU B 519 14.17 -5.07 -33.43
CA LEU B 519 13.29 -4.94 -32.28
C LEU B 519 13.99 -4.27 -31.11
N ILE B 520 15.18 -4.74 -30.76
CA ILE B 520 15.90 -4.17 -29.62
C ILE B 520 16.39 -2.76 -29.94
N LEU B 521 16.91 -2.56 -31.16
CA LEU B 521 17.41 -1.24 -31.52
C LEU B 521 16.29 -0.24 -31.81
N GLY B 522 15.06 -0.72 -32.03
CA GLY B 522 13.97 0.20 -32.32
C GLY B 522 13.52 0.99 -31.12
N LYS B 523 13.59 0.39 -29.93
CA LYS B 523 13.25 1.05 -28.67
C LYS B 523 14.50 1.24 -27.82
N PHE B 524 15.60 1.66 -28.44
CA PHE B 524 16.87 1.72 -27.74
C PHE B 524 16.90 2.90 -26.78
N SER B 525 17.41 2.65 -25.58
CA SER B 525 17.68 3.68 -24.59
C SER B 525 18.97 3.30 -23.88
N GLU B 526 19.84 4.30 -23.69
CA GLU B 526 21.09 4.04 -23.00
C GLU B 526 20.87 3.47 -21.61
N ALA B 527 19.80 3.89 -20.94
CA ALA B 527 19.59 3.49 -19.55
C ALA B 527 19.22 2.01 -19.42
N ASP B 528 18.62 1.42 -20.45
CA ASP B 528 18.24 0.01 -20.36
C ASP B 528 19.45 -0.92 -20.31
N PHE B 529 20.60 -0.47 -20.82
CA PHE B 529 21.82 -1.27 -20.77
C PHE B 529 22.94 -0.58 -20.01
N SER B 530 22.70 0.59 -19.43
CA SER B 530 23.65 1.25 -18.55
C SER B 530 23.55 0.77 -17.11
N SER B 531 23.21 -0.49 -16.91
CA SER B 531 22.98 -1.03 -15.57
C SER B 531 23.86 -2.26 -15.32
N GLY C 17 24.97 6.70 25.36
CA GLY C 17 24.60 5.33 25.64
C GLY C 17 23.10 5.08 25.72
N VAL C 18 22.44 5.04 24.56
CA VAL C 18 21.01 4.73 24.49
C VAL C 18 20.87 3.30 23.98
N THR C 19 20.07 2.51 24.69
CA THR C 19 19.84 1.13 24.26
C THR C 19 19.18 1.12 22.89
N ASN C 20 19.42 0.03 22.16
CA ASN C 20 19.06 -0.05 20.76
C ASN C 20 17.56 0.17 20.56
N PRO C 21 17.15 0.84 19.46
CA PRO C 21 15.72 0.96 19.17
C PRO C 21 15.10 -0.37 18.81
N LEU C 22 15.90 -1.44 18.80
CA LEU C 22 15.40 -2.78 18.53
C LEU C 22 15.97 -3.77 19.53
N ASP C 23 16.22 -3.34 20.77
CA ASP C 23 16.72 -4.21 21.81
C ASP C 23 15.75 -5.36 22.04
N PRO C 24 16.20 -6.62 21.95
CA PRO C 24 15.26 -7.74 22.10
C PRO C 24 14.49 -7.73 23.41
N GLU C 25 15.14 -7.34 24.51
CA GLU C 25 14.47 -7.42 25.80
C GLU C 25 13.51 -6.27 26.05
N GLU C 26 13.77 -5.10 25.45
CA GLU C 26 12.77 -4.04 25.51
C GLU C 26 11.62 -4.31 24.54
N PHE C 27 11.90 -4.97 23.42
CA PHE C 27 10.84 -5.44 22.54
C PHE C 27 9.92 -6.42 23.26
N ARG C 28 10.47 -7.22 24.18
CA ARG C 28 9.65 -8.11 25.00
C ARG C 28 8.82 -7.32 26.00
N ARG C 29 9.48 -6.46 26.78
CA ARG C 29 8.80 -5.77 27.87
C ARG C 29 7.65 -4.92 27.34
N GLN C 30 7.92 -4.05 26.37
CA GLN C 30 6.88 -3.21 25.81
C GLN C 30 5.97 -3.96 24.87
N GLY C 31 6.44 -5.05 24.26
CA GLY C 31 5.59 -5.83 23.38
C GLY C 31 4.43 -6.46 24.12
N HIS C 32 4.67 -6.94 25.34
CA HIS C 32 3.59 -7.50 26.15
C HIS C 32 2.67 -6.42 26.70
N MET C 33 3.16 -5.18 26.83
CA MET C 33 2.30 -4.10 27.31
C MET C 33 1.20 -3.79 26.31
N ILE C 34 1.54 -3.73 25.02
CA ILE C 34 0.54 -3.40 24.00
C ILE C 34 -0.44 -4.55 23.82
N ILE C 35 0.04 -5.79 23.87
CA ILE C 35 -0.85 -6.94 23.75
C ILE C 35 -1.89 -6.94 24.87
N ASP C 36 -1.47 -6.60 26.08
CA ASP C 36 -2.43 -6.46 27.18
C ASP C 36 -3.30 -5.22 26.99
N PHE C 37 -2.72 -4.14 26.46
CA PHE C 37 -3.51 -2.95 26.18
C PHE C 37 -4.62 -3.25 25.18
N LEU C 38 -4.31 -4.01 24.14
CA LEU C 38 -5.30 -4.35 23.12
C LEU C 38 -6.30 -5.39 23.61
N ALA C 39 -5.83 -6.36 24.40
CA ALA C 39 -6.73 -7.39 24.90
C ALA C 39 -7.83 -6.78 25.76
N ASP C 40 -7.46 -5.82 26.62
CA ASP C 40 -8.46 -5.12 27.43
C ASP C 40 -9.37 -4.27 26.56
N TYR C 41 -8.85 -3.72 25.46
CA TYR C 41 -9.69 -2.94 24.55
C TYR C 41 -10.82 -3.78 23.98
N TYR C 42 -10.50 -4.96 23.45
CA TYR C 42 -11.53 -5.86 22.94
C TYR C 42 -12.49 -6.27 24.04
N ARG C 43 -12.02 -6.32 25.29
CA ARG C 43 -12.87 -6.71 26.41
C ARG C 43 -13.85 -5.60 26.81
N ASP C 44 -13.38 -4.34 26.81
CA ASP C 44 -14.20 -3.21 27.22
C ASP C 44 -14.58 -2.30 26.06
N VAL C 45 -14.57 -2.82 24.83
CA VAL C 45 -14.87 -1.97 23.67
C VAL C 45 -16.32 -1.54 23.63
N GLU C 46 -17.19 -2.25 24.34
CA GLU C 46 -18.62 -1.98 24.28
C GLU C 46 -19.03 -0.77 25.12
N LYS C 47 -18.12 -0.21 25.92
CA LYS C 47 -18.45 0.92 26.78
C LYS C 47 -18.23 2.27 26.13
N TYR C 48 -17.83 2.29 24.85
CA TYR C 48 -17.67 3.54 24.12
C TYR C 48 -18.81 3.71 23.13
N PRO C 49 -19.15 4.96 22.77
CA PRO C 49 -20.03 5.16 21.63
C PRO C 49 -19.36 4.68 20.35
N VAL C 50 -20.13 4.00 19.50
CA VAL C 50 -19.61 3.41 18.27
C VAL C 50 -19.06 4.52 17.39
N ARG C 51 -19.94 5.34 16.82
CA ARG C 51 -19.51 6.51 16.09
C ARG C 51 -18.92 7.54 17.05
N SER C 52 -17.77 8.11 16.69
CA SER C 52 -17.08 9.01 17.59
C SER C 52 -17.92 10.25 17.87
N GLN C 53 -17.81 10.75 19.10
CA GLN C 53 -18.57 11.92 19.55
C GLN C 53 -17.69 13.17 19.68
N VAL C 54 -16.52 13.17 19.05
CA VAL C 54 -15.63 14.33 19.11
C VAL C 54 -15.97 15.28 17.97
N GLU C 55 -15.41 16.48 18.03
CA GLU C 55 -15.63 17.53 17.05
C GLU C 55 -14.36 17.79 16.25
N PRO C 56 -14.48 18.26 15.01
CA PRO C 56 -13.29 18.45 14.17
C PRO C 56 -12.31 19.44 14.79
N GLY C 57 -11.02 19.15 14.64
CA GLY C 57 -9.99 19.95 15.26
C GLY C 57 -9.78 19.69 16.72
N TYR C 58 -10.19 18.53 17.22
CA TYR C 58 -10.09 18.24 18.65
C TYR C 58 -8.69 17.81 19.05
N LEU C 59 -7.96 17.13 18.16
CA LEU C 59 -6.70 16.52 18.55
C LEU C 59 -5.53 17.50 18.53
N ARG C 60 -5.55 18.47 17.61
CA ARG C 60 -4.50 19.47 17.58
C ARG C 60 -4.51 20.33 18.83
N LYS C 61 -5.69 20.52 19.44
CA LYS C 61 -5.77 21.33 20.65
C LYS C 61 -5.22 20.60 21.86
N ARG C 62 -5.27 19.27 21.87
CA ARG C 62 -4.85 18.48 23.02
C ARG C 62 -3.44 17.88 22.86
N LEU C 63 -2.76 18.15 21.75
CA LEU C 63 -1.41 17.68 21.49
C LEU C 63 -0.46 18.85 21.36
N PRO C 64 0.84 18.62 21.57
CA PRO C 64 1.82 19.70 21.38
C PRO C 64 2.01 20.02 19.91
N GLU C 65 2.57 21.21 19.66
CA GLU C 65 2.73 21.68 18.29
C GLU C 65 3.98 21.12 17.61
N THR C 66 5.03 20.85 18.37
CA THR C 66 6.28 20.35 17.82
C THR C 66 6.60 18.98 18.40
N ALA C 67 7.52 18.28 17.74
CA ALA C 67 7.96 16.99 18.22
C ALA C 67 8.88 17.17 19.44
N PRO C 68 8.86 16.23 20.38
CA PRO C 68 9.69 16.36 21.58
C PRO C 68 11.15 16.13 21.28
N TYR C 69 12.00 16.82 22.04
CA TYR C 69 13.45 16.62 21.91
C TYR C 69 13.92 15.42 22.70
N ASN C 70 13.35 15.20 23.89
CA ASN C 70 13.74 14.10 24.74
C ASN C 70 12.70 12.98 24.66
N PRO C 71 13.14 11.72 24.82
CA PRO C 71 12.22 10.60 24.65
C PRO C 71 11.14 10.59 25.73
N GLU C 72 10.00 10.01 25.38
CA GLU C 72 8.87 9.89 26.28
C GLU C 72 8.64 8.41 26.62
N SER C 73 8.27 8.16 27.88
CA SER C 73 8.03 6.79 28.32
C SER C 73 6.82 6.21 27.61
N ILE C 74 6.91 4.94 27.24
CA ILE C 74 5.76 4.26 26.66
C ILE C 74 4.61 4.20 27.65
N GLU C 75 4.91 4.21 28.95
CA GLU C 75 3.85 4.18 29.96
C GLU C 75 2.94 5.39 29.83
N THR C 76 3.52 6.56 29.52
CA THR C 76 2.71 7.76 29.31
C THR C 76 2.21 7.87 27.88
N ILE C 77 2.91 7.27 26.91
CA ILE C 77 2.40 7.24 25.54
C ILE C 77 1.08 6.50 25.49
N LEU C 78 0.99 5.35 26.16
CA LEU C 78 -0.24 4.58 26.18
C LEU C 78 -1.35 5.30 26.92
N GLN C 79 -0.99 6.14 27.90
CA GLN C 79 -2.01 6.91 28.62
C GLN C 79 -2.67 7.94 27.71
N ASP C 80 -1.91 8.49 26.76
CA ASP C 80 -2.48 9.42 25.79
C ASP C 80 -3.32 8.69 24.74
N VAL C 81 -2.97 7.45 24.42
CA VAL C 81 -3.79 6.65 23.51
C VAL C 81 -5.17 6.45 24.12
N THR C 82 -5.24 6.26 25.44
CA THR C 82 -6.53 6.07 26.10
C THR C 82 -7.32 7.37 26.14
N THR C 83 -6.64 8.50 26.34
CA THR C 83 -7.30 9.78 26.57
C THR C 83 -7.45 10.63 25.31
N GLU C 84 -6.48 10.60 24.41
CA GLU C 84 -6.52 11.45 23.22
C GLU C 84 -6.97 10.72 21.97
N ILE C 85 -6.54 9.48 21.78
CA ILE C 85 -6.78 8.76 20.54
C ILE C 85 -8.07 7.95 20.60
N ILE C 86 -8.24 7.14 21.65
CA ILE C 86 -9.41 6.27 21.73
C ILE C 86 -10.72 7.05 21.72
N PRO C 87 -10.86 8.20 22.39
CA PRO C 87 -12.09 8.98 22.24
C PRO C 87 -12.37 9.40 20.81
N GLY C 88 -11.34 9.48 19.97
CA GLY C 88 -11.54 9.86 18.58
C GLY C 88 -11.55 8.67 17.63
N LEU C 89 -12.10 7.56 18.07
CA LEU C 89 -12.22 6.36 17.25
C LEU C 89 -13.69 6.05 17.00
N THR C 90 -14.00 5.70 15.76
CA THR C 90 -15.25 5.02 15.44
C THR C 90 -14.96 3.52 15.48
N HIS C 91 -15.55 2.83 16.44
CA HIS C 91 -15.13 1.49 16.80
C HIS C 91 -15.65 0.49 15.77
N TRP C 92 -14.80 0.19 14.79
CA TRP C 92 -15.14 -0.81 13.79
C TRP C 92 -15.23 -2.20 14.41
N GLN C 93 -14.45 -2.47 15.45
CA GLN C 93 -14.44 -3.77 16.09
C GLN C 93 -15.43 -3.86 17.24
N SER C 94 -16.18 -2.80 17.50
CA SER C 94 -17.25 -2.88 18.50
C SER C 94 -18.30 -3.88 18.05
N PRO C 95 -18.82 -4.73 18.96
CA PRO C 95 -19.86 -5.68 18.56
C PRO C 95 -21.17 -5.02 18.18
N ASN C 96 -21.27 -3.69 18.28
CA ASN C 96 -22.45 -2.96 17.89
C ASN C 96 -22.21 -2.08 16.67
N TYR C 97 -21.16 -2.36 15.91
CA TYR C 97 -20.87 -1.65 14.67
C TYR C 97 -21.53 -2.38 13.52
N TYR C 98 -22.43 -1.70 12.82
CA TYR C 98 -23.14 -2.28 11.68
C TYR C 98 -23.04 -1.41 10.43
N ALA C 99 -22.19 -0.39 10.44
CA ALA C 99 -22.14 0.57 9.36
C ALA C 99 -21.29 0.05 8.21
N TYR C 100 -21.59 0.55 7.00
CA TYR C 100 -20.80 0.22 5.81
C TYR C 100 -20.61 -1.28 5.65
N PHE C 101 -19.37 -1.70 5.59
CA PHE C 101 -19.04 -3.12 5.48
C PHE C 101 -18.11 -3.49 6.62
N PRO C 102 -18.21 -4.71 7.12
CA PRO C 102 -17.45 -5.06 8.33
C PRO C 102 -15.95 -5.06 8.08
N SER C 103 -15.21 -4.43 9.00
CA SER C 103 -13.76 -4.55 9.01
C SER C 103 -13.45 -5.83 9.77
N SER C 104 -13.46 -6.96 9.06
CA SER C 104 -13.27 -8.27 9.68
C SER C 104 -11.85 -8.40 10.20
N GLY C 105 -11.74 -8.96 11.39
CA GLY C 105 -10.45 -9.22 12.01
C GLY C 105 -10.52 -10.49 12.83
N SER C 106 -9.35 -11.03 13.12
CA SER C 106 -9.26 -12.22 13.97
C SER C 106 -7.93 -12.20 14.69
N VAL C 107 -7.83 -13.02 15.72
CA VAL C 107 -6.57 -13.16 16.45
C VAL C 107 -5.48 -13.65 15.51
N ALA C 108 -5.78 -14.71 14.74
CA ALA C 108 -4.79 -15.28 13.84
C ALA C 108 -4.41 -14.29 12.74
N GLY C 109 -5.40 -13.57 12.20
CA GLY C 109 -5.09 -12.53 11.23
C GLY C 109 -4.25 -11.43 11.82
N PHE C 110 -4.41 -11.15 13.11
CA PHE C 110 -3.58 -10.16 13.79
C PHE C 110 -2.15 -10.65 13.92
N LEU C 111 -1.96 -11.86 14.44
CA LEU C 111 -0.63 -12.42 14.57
C LEU C 111 0.06 -12.60 13.22
N GLY C 112 -0.70 -12.65 12.14
CA GLY C 112 -0.11 -12.68 10.81
C GLY C 112 0.65 -11.40 10.51
N GLU C 113 -0.05 -10.26 10.61
CA GLU C 113 0.62 -8.97 10.44
C GLU C 113 1.66 -8.75 11.53
N MET C 114 1.45 -9.33 12.71
CA MET C 114 2.43 -9.20 13.78
C MET C 114 3.77 -9.82 13.40
N LEU C 115 3.73 -11.00 12.76
CA LEU C 115 4.97 -11.64 12.33
C LEU C 115 5.56 -10.92 11.12
N SER C 116 4.72 -10.52 10.17
CA SER C 116 5.22 -9.82 8.99
C SER C 116 5.79 -8.45 9.33
N THR C 117 5.35 -7.85 10.44
CA THR C 117 5.92 -6.60 10.89
C THR C 117 7.15 -6.80 11.76
N GLY C 118 7.34 -8.00 12.31
CA GLY C 118 8.53 -8.32 13.06
C GLY C 118 9.70 -8.66 12.17
N PHE C 119 9.48 -9.59 11.23
CA PHE C 119 10.52 -9.94 10.26
C PHE C 119 10.95 -8.71 9.45
N ASN C 120 9.98 -7.90 9.02
CA ASN C 120 10.24 -6.66 8.29
C ASN C 120 11.10 -6.90 7.06
N VAL C 121 10.74 -7.91 6.28
CA VAL C 121 11.38 -8.14 4.99
C VAL C 121 10.66 -7.29 3.94
N VAL C 122 11.34 -7.07 2.82
CA VAL C 122 10.80 -6.28 1.72
C VAL C 122 10.77 -7.18 0.50
N GLY C 123 9.61 -7.80 0.23
CA GLY C 123 9.52 -8.75 -0.86
C GLY C 123 9.39 -8.16 -2.26
N PHE C 124 10.25 -7.20 -2.60
CA PHE C 124 10.21 -6.60 -3.93
C PHE C 124 10.91 -7.44 -4.99
N ASN C 125 11.40 -8.62 -4.64
CA ASN C 125 11.80 -9.63 -5.61
C ASN C 125 11.91 -10.96 -4.85
N TRP C 126 12.21 -12.02 -5.59
CA TRP C 126 12.17 -13.35 -4.97
C TRP C 126 13.30 -13.53 -3.96
N MET C 127 14.49 -13.00 -4.26
CA MET C 127 15.62 -13.23 -3.37
C MET C 127 15.52 -12.44 -2.08
N SER C 128 14.86 -11.28 -2.09
CA SER C 128 14.74 -10.49 -0.88
C SER C 128 14.01 -11.24 0.22
N SER C 129 13.24 -12.27 -0.14
CA SER C 129 12.69 -13.28 0.76
C SER C 129 11.87 -14.27 -0.07
N PRO C 130 12.40 -15.46 -0.33
CA PRO C 130 11.64 -16.45 -1.12
C PRO C 130 10.29 -16.78 -0.51
N ALA C 131 10.25 -17.06 0.79
CA ALA C 131 8.98 -17.41 1.42
C ALA C 131 8.00 -16.25 1.45
N ALA C 132 8.47 -15.02 1.27
CA ALA C 132 7.53 -13.89 1.20
C ALA C 132 6.78 -13.89 -0.12
N THR C 133 7.39 -14.43 -1.16
CA THR C 133 6.77 -14.57 -2.48
C THR C 133 6.18 -15.97 -2.70
N GLU C 134 6.90 -17.01 -2.28
CA GLU C 134 6.43 -18.38 -2.51
C GLU C 134 5.13 -18.65 -1.77
N LEU C 135 5.07 -18.29 -0.48
CA LEU C 135 3.88 -18.55 0.32
C LEU C 135 2.66 -17.82 -0.21
N GLU C 136 2.86 -16.63 -0.80
CA GLU C 136 1.74 -15.91 -1.39
C GLU C 136 1.05 -16.74 -2.47
N SER C 137 1.84 -17.39 -3.33
CA SER C 137 1.26 -18.22 -4.38
C SER C 137 0.51 -19.41 -3.80
N VAL C 138 1.04 -20.00 -2.73
CA VAL C 138 0.42 -21.20 -2.16
C VAL C 138 -0.93 -20.86 -1.54
N VAL C 139 -0.97 -19.82 -0.70
CA VAL C 139 -2.23 -19.48 -0.04
C VAL C 139 -3.26 -19.00 -1.05
N MET C 140 -2.80 -18.43 -2.17
CA MET C 140 -3.75 -17.98 -3.19
C MET C 140 -4.33 -19.14 -3.97
N ASP C 141 -3.54 -20.20 -4.20
CA ASP C 141 -4.13 -21.42 -4.73
C ASP C 141 -5.08 -22.05 -3.73
N TRP C 142 -4.69 -22.07 -2.45
CA TRP C 142 -5.57 -22.54 -1.38
C TRP C 142 -6.92 -21.84 -1.42
N PHE C 143 -6.90 -20.51 -1.40
CA PHE C 143 -8.13 -19.72 -1.37
C PHE C 143 -8.90 -19.87 -2.68
N GLY C 144 -8.20 -19.93 -3.81
CA GLY C 144 -8.87 -20.10 -5.08
C GLY C 144 -9.63 -21.40 -5.17
N LYS C 145 -9.03 -22.49 -4.73
CA LYS C 145 -9.73 -23.77 -4.69
C LYS C 145 -10.88 -23.75 -3.70
N MET C 146 -10.73 -23.03 -2.58
CA MET C 146 -11.83 -22.91 -1.63
C MET C 146 -13.01 -22.17 -2.23
N LEU C 147 -12.74 -21.09 -2.99
CA LEU C 147 -13.79 -20.41 -3.73
C LEU C 147 -14.27 -21.21 -4.93
N ASN C 148 -13.67 -22.37 -5.19
CA ASN C 148 -13.99 -23.19 -6.37
C ASN C 148 -13.83 -22.38 -7.66
N LEU C 149 -12.74 -21.63 -7.74
CA LEU C 149 -12.41 -20.94 -8.98
C LEU C 149 -11.94 -21.96 -10.02
N PRO C 150 -12.25 -21.72 -11.30
CA PRO C 150 -11.71 -22.58 -12.34
C PRO C 150 -10.19 -22.58 -12.34
N GLU C 151 -9.60 -23.64 -12.88
CA GLU C 151 -8.16 -23.83 -12.81
C GLU C 151 -7.38 -22.76 -13.56
N SER C 152 -8.04 -22.01 -14.45
CA SER C 152 -7.37 -20.96 -15.19
C SER C 152 -7.04 -19.75 -14.32
N PHE C 153 -7.52 -19.71 -13.08
CA PHE C 153 -7.19 -18.65 -12.13
C PHE C 153 -6.14 -19.08 -11.12
N LEU C 154 -5.73 -20.33 -11.13
CA LEU C 154 -4.81 -20.88 -10.15
C LEU C 154 -3.45 -21.14 -10.78
N PHE C 155 -2.43 -21.24 -9.93
CA PHE C 155 -1.08 -21.49 -10.43
C PHE C 155 -0.93 -22.92 -10.92
N SER C 156 -1.68 -23.87 -10.35
CA SER C 156 -1.67 -25.23 -10.85
C SER C 156 -2.21 -25.31 -12.28
N GLY C 157 -2.93 -24.28 -12.72
CA GLY C 157 -3.39 -24.19 -14.10
C GLY C 157 -2.57 -23.21 -14.91
N SER C 158 -3.23 -22.24 -15.54
CA SER C 158 -2.56 -21.27 -16.40
C SER C 158 -2.33 -19.93 -15.72
N GLY C 159 -3.29 -19.46 -14.93
CA GLY C 159 -3.23 -18.16 -14.31
C GLY C 159 -2.54 -18.16 -12.96
N GLY C 160 -2.90 -17.17 -12.15
CA GLY C 160 -2.31 -17.02 -10.83
C GLY C 160 -3.02 -15.97 -10.03
N GLY C 161 -2.58 -15.80 -8.79
CA GLY C 161 -3.18 -14.84 -7.88
C GLY C 161 -2.14 -14.04 -7.16
N VAL C 162 -2.50 -12.80 -6.82
CA VAL C 162 -1.60 -11.86 -6.17
C VAL C 162 -2.35 -11.17 -5.03
N LEU C 163 -1.66 -10.98 -3.91
CA LEU C 163 -2.20 -10.27 -2.75
C LEU C 163 -1.71 -8.83 -2.79
N GLN C 164 -2.64 -7.89 -2.81
CA GLN C 164 -2.29 -6.47 -2.74
C GLN C 164 -3.16 -5.78 -1.71
N GLY C 165 -2.84 -4.50 -1.48
CA GLY C 165 -3.44 -3.72 -0.42
C GLY C 165 -4.95 -3.61 -0.48
N THR C 166 -5.47 -2.91 -1.50
CA THR C 166 -6.88 -2.59 -1.59
C THR C 166 -7.40 -2.94 -2.98
N SER C 167 -8.73 -2.96 -3.10
CA SER C 167 -9.34 -3.37 -4.37
C SER C 167 -9.20 -2.28 -5.42
N CYS C 168 -9.29 -1.01 -5.00
CA CYS C 168 -9.19 0.10 -5.96
C CYS C 168 -7.88 0.01 -6.74
N GLU C 169 -6.80 -0.36 -6.06
CA GLU C 169 -5.53 -0.56 -6.75
C GLU C 169 -5.55 -1.83 -7.59
N ALA C 170 -6.25 -2.88 -7.12
CA ALA C 170 -6.36 -4.10 -7.92
C ALA C 170 -7.11 -3.84 -9.21
N ILE C 171 -8.21 -3.09 -9.15
CA ILE C 171 -8.94 -2.71 -10.36
C ILE C 171 -8.06 -1.83 -11.24
N LEU C 172 -7.22 -0.98 -10.64
CA LEU C 172 -6.32 -0.16 -11.41
C LEU C 172 -5.35 -1.02 -12.22
N CYS C 173 -4.73 -2.01 -11.57
CA CYS C 173 -3.77 -2.86 -12.28
C CYS C 173 -4.42 -3.61 -13.42
N THR C 174 -5.61 -4.16 -13.19
CA THR C 174 -6.31 -4.87 -14.26
C THR C 174 -6.78 -3.92 -15.35
N LEU C 175 -7.09 -2.67 -14.99
CA LEU C 175 -7.54 -1.69 -15.99
C LEU C 175 -6.40 -1.27 -16.90
N THR C 176 -5.24 -0.93 -16.32
CA THR C 176 -4.08 -0.62 -17.15
C THR C 176 -3.61 -1.83 -17.93
N ALA C 177 -3.73 -3.03 -17.36
CA ALA C 177 -3.40 -4.23 -18.10
C ALA C 177 -4.32 -4.40 -19.30
N ALA C 178 -5.62 -4.19 -19.09
CA ALA C 178 -6.58 -4.25 -20.20
C ALA C 178 -6.34 -3.12 -21.19
N ARG C 179 -6.07 -1.91 -20.69
CA ARG C 179 -5.82 -0.77 -21.55
C ARG C 179 -4.56 -0.98 -22.39
N ASP C 180 -3.46 -1.36 -21.74
CA ASP C 180 -2.20 -1.56 -22.48
C ASP C 180 -2.36 -2.66 -23.52
N ARG C 181 -3.14 -3.69 -23.22
CA ARG C 181 -3.34 -4.77 -24.18
C ARG C 181 -4.02 -4.26 -25.44
N LYS C 182 -4.98 -3.35 -25.30
CA LYS C 182 -5.64 -2.79 -26.48
C LYS C 182 -4.75 -1.73 -27.13
N LEU C 183 -4.22 -0.80 -26.34
CA LEU C 183 -3.38 0.26 -26.90
C LEU C 183 -2.10 -0.27 -27.52
N ASN C 184 -1.74 -1.53 -27.25
CA ASN C 184 -0.57 -2.11 -27.89
C ASN C 184 -0.86 -2.67 -29.27
N LYS C 185 -2.14 -2.72 -29.68
CA LYS C 185 -2.51 -3.14 -31.02
C LYS C 185 -2.97 -1.95 -31.87
N ILE C 186 -4.06 -1.28 -31.48
CA ILE C 186 -4.58 -0.17 -32.25
C ILE C 186 -3.64 1.03 -32.23
N GLY C 187 -2.74 1.11 -31.27
CA GLY C 187 -1.87 2.26 -31.17
C GLY C 187 -2.18 3.09 -29.93
N ARG C 188 -1.13 3.72 -29.39
CA ARG C 188 -1.28 4.46 -28.14
C ARG C 188 -2.03 5.77 -28.30
N GLU C 189 -2.18 6.26 -29.53
CA GLU C 189 -2.89 7.52 -29.76
C GLU C 189 -4.39 7.38 -29.54
N HIS C 190 -4.89 6.18 -29.30
CA HIS C 190 -6.32 5.94 -29.14
C HIS C 190 -6.76 5.87 -27.68
N ILE C 191 -5.89 6.27 -26.75
CA ILE C 191 -6.29 6.26 -25.34
C ILE C 191 -7.50 7.17 -25.12
N GLY C 192 -7.65 8.21 -25.93
CA GLY C 192 -8.73 9.17 -25.75
C GLY C 192 -10.10 8.64 -26.12
N ARG C 193 -10.19 7.44 -26.70
CA ARG C 193 -11.46 6.88 -27.14
C ARG C 193 -11.86 5.61 -26.39
N LEU C 194 -11.14 5.27 -25.31
CA LEU C 194 -11.43 4.05 -24.57
C LEU C 194 -12.51 4.30 -23.53
N VAL C 195 -13.50 3.42 -23.48
CA VAL C 195 -14.62 3.53 -22.54
C VAL C 195 -14.46 2.49 -21.45
N VAL C 196 -15.00 2.79 -20.28
CA VAL C 196 -14.96 1.90 -19.11
C VAL C 196 -16.37 1.83 -18.54
N TYR C 197 -16.87 0.62 -18.31
CA TYR C 197 -18.28 0.38 -18.03
C TYR C 197 -18.51 -0.11 -16.61
N GLY C 198 -19.43 0.55 -15.91
CA GLY C 198 -19.98 0.08 -14.66
C GLY C 198 -21.45 0.41 -14.59
N SER C 199 -22.06 0.26 -13.41
CA SER C 199 -23.45 0.65 -13.21
C SER C 199 -23.51 1.80 -12.21
N ASP C 200 -24.72 2.32 -12.00
CA ASP C 200 -24.90 3.37 -10.99
C ASP C 200 -24.79 2.84 -9.57
N GLN C 201 -24.52 1.54 -9.42
CA GLN C 201 -24.24 0.93 -8.13
C GLN C 201 -22.78 0.50 -7.98
N THR C 202 -22.01 0.52 -9.06
CA THR C 202 -20.60 0.16 -8.98
C THR C 202 -19.85 1.14 -8.10
N HIS C 203 -18.98 0.61 -7.23
CA HIS C 203 -18.25 1.44 -6.29
C HIS C 203 -17.42 2.50 -7.01
N CYS C 204 -17.11 3.58 -6.29
CA CYS C 204 -16.39 4.69 -6.89
C CYS C 204 -14.90 4.38 -7.02
N ALA C 205 -14.54 3.10 -7.09
CA ALA C 205 -13.17 2.71 -7.39
C ALA C 205 -12.93 2.57 -8.89
N LEU C 206 -13.92 2.10 -9.65
CA LEU C 206 -13.82 2.07 -11.10
C LEU C 206 -13.59 3.46 -11.66
N GLN C 207 -14.33 4.46 -11.15
CA GLN C 207 -14.11 5.84 -11.54
C GLN C 207 -12.68 6.28 -11.23
N LYS C 208 -12.26 6.13 -9.97
CA LYS C 208 -10.94 6.58 -9.55
C LYS C 208 -9.84 5.83 -10.29
N ALA C 209 -10.04 4.53 -10.53
CA ALA C 209 -9.05 3.77 -11.29
C ALA C 209 -8.99 4.23 -12.74
N ALA C 210 -10.15 4.56 -13.33
CA ALA C 210 -10.17 5.01 -14.71
C ALA C 210 -9.55 6.40 -14.85
N GLN C 211 -9.72 7.26 -13.85
CA GLN C 211 -9.12 8.59 -13.89
C GLN C 211 -7.60 8.51 -13.86
N VAL C 212 -7.06 7.67 -12.98
CA VAL C 212 -5.61 7.56 -12.85
C VAL C 212 -5.00 6.98 -14.11
N ALA C 213 -5.66 6.00 -14.71
CA ALA C 213 -5.12 5.28 -15.85
C ALA C 213 -5.23 6.05 -17.17
N GLY C 214 -5.70 7.30 -17.13
CA GLY C 214 -5.77 8.12 -18.32
C GLY C 214 -7.01 7.95 -19.17
N ILE C 215 -8.01 7.20 -18.70
CA ILE C 215 -9.27 7.12 -19.41
C ILE C 215 -9.97 8.46 -19.33
N ASN C 216 -10.48 8.93 -20.47
CA ASN C 216 -11.13 10.23 -20.52
C ASN C 216 -12.32 10.27 -19.59
N PRO C 217 -12.45 11.29 -18.73
CA PRO C 217 -13.60 11.35 -17.81
C PRO C 217 -14.96 11.39 -18.51
N LYS C 218 -15.00 11.58 -19.82
CA LYS C 218 -16.25 11.52 -20.56
C LYS C 218 -16.59 10.10 -21.01
N ASN C 219 -15.73 9.12 -20.74
CA ASN C 219 -15.93 7.75 -21.20
C ASN C 219 -16.07 6.78 -20.03
N PHE C 220 -16.67 7.22 -18.94
CA PHE C 220 -17.03 6.34 -17.84
C PHE C 220 -18.55 6.19 -17.82
N ARG C 221 -19.02 4.96 -18.00
CA ARG C 221 -20.45 4.67 -18.10
C ARG C 221 -20.97 4.21 -16.74
N ALA C 222 -21.95 4.92 -16.21
CA ALA C 222 -22.68 4.50 -15.01
C ALA C 222 -24.06 4.05 -15.48
N ILE C 223 -24.11 2.86 -16.07
CA ILE C 223 -25.34 2.36 -16.67
C ILE C 223 -26.41 2.23 -15.60
N LYS C 224 -27.63 2.68 -15.93
CA LYS C 224 -28.69 2.73 -14.95
C LYS C 224 -29.21 1.34 -14.63
N THR C 225 -29.51 1.11 -13.36
CA THR C 225 -30.11 -0.12 -12.86
C THR C 225 -31.51 0.16 -12.35
N PHE C 226 -32.40 -0.82 -12.53
CA PHE C 226 -33.81 -0.66 -12.19
C PHE C 226 -34.18 -1.55 -11.01
N LYS C 227 -35.18 -1.10 -10.26
CA LYS C 227 -35.69 -1.88 -9.13
C LYS C 227 -36.25 -3.22 -9.57
N GLU C 228 -36.63 -3.35 -10.84
CA GLU C 228 -37.22 -4.60 -11.33
C GLU C 228 -36.25 -5.77 -11.21
N ASN C 229 -34.95 -5.52 -11.36
CA ASN C 229 -33.93 -6.56 -11.22
C ASN C 229 -33.17 -6.43 -9.90
N SER C 230 -33.73 -5.72 -8.92
CA SER C 230 -33.05 -5.44 -7.65
C SER C 230 -31.70 -4.77 -7.90
N PHE C 231 -31.67 -3.88 -8.89
CA PHE C 231 -30.53 -3.00 -9.18
C PHE C 231 -29.30 -3.76 -9.64
N GLY C 232 -29.48 -4.99 -10.13
CA GLY C 232 -28.41 -5.69 -10.80
C GLY C 232 -28.35 -5.27 -12.26
N LEU C 233 -27.14 -4.95 -12.74
CA LEU C 233 -26.99 -4.40 -14.08
C LEU C 233 -27.50 -5.37 -15.13
N SER C 234 -28.39 -4.89 -15.99
CA SER C 234 -28.94 -5.70 -17.07
C SER C 234 -27.91 -5.86 -18.19
N ALA C 235 -27.71 -7.09 -18.63
CA ALA C 235 -26.79 -7.34 -19.74
C ALA C 235 -27.33 -6.80 -21.05
N ALA C 236 -28.64 -6.53 -21.13
CA ALA C 236 -29.22 -5.98 -22.35
C ALA C 236 -29.04 -4.47 -22.42
N THR C 237 -29.18 -3.79 -21.28
CA THR C 237 -28.92 -2.35 -21.25
C THR C 237 -27.45 -2.06 -21.49
N LEU C 238 -26.56 -2.89 -20.92
CA LEU C 238 -25.13 -2.72 -21.14
C LEU C 238 -24.80 -2.80 -22.62
N ARG C 239 -25.39 -3.77 -23.33
CA ARG C 239 -25.14 -3.89 -24.76
C ARG C 239 -25.71 -2.69 -25.52
N GLU C 240 -26.89 -2.22 -25.12
CA GLU C 240 -27.45 -1.02 -25.72
C GLU C 240 -26.45 0.13 -25.67
N VAL C 241 -25.89 0.38 -24.48
CA VAL C 241 -24.95 1.48 -24.30
C VAL C 241 -23.68 1.27 -25.12
N ILE C 242 -23.26 0.02 -25.30
CA ILE C 242 -22.05 -0.28 -26.06
C ILE C 242 -22.23 0.14 -27.52
N LEU C 243 -23.37 -0.22 -28.11
CA LEU C 243 -23.59 0.08 -29.53
C LEU C 243 -23.72 1.58 -29.77
N GLU C 244 -24.16 2.34 -28.77
CA GLU C 244 -24.09 3.80 -28.88
C GLU C 244 -22.65 4.27 -28.94
N ASP C 245 -21.77 3.65 -28.15
CA ASP C 245 -20.37 4.06 -28.12
C ASP C 245 -19.66 3.74 -29.42
N ILE C 246 -19.89 2.53 -29.97
CA ILE C 246 -19.28 2.17 -31.25
C ILE C 246 -19.81 3.06 -32.36
N GLU C 247 -21.11 3.40 -32.32
CA GLU C 247 -21.67 4.35 -33.27
C GLU C 247 -20.97 5.70 -33.19
N ALA C 248 -20.64 6.14 -31.98
CA ALA C 248 -19.96 7.40 -31.77
C ALA C 248 -18.48 7.35 -32.13
N GLY C 249 -17.97 6.17 -32.51
CA GLY C 249 -16.56 6.01 -32.80
C GLY C 249 -15.69 5.69 -31.60
N LEU C 250 -16.30 5.31 -30.48
CA LEU C 250 -15.57 4.99 -29.26
C LEU C 250 -15.18 3.50 -29.25
N ILE C 251 -14.40 3.12 -28.25
CA ILE C 251 -13.91 1.75 -28.13
C ILE C 251 -14.29 1.19 -26.76
N PRO C 252 -15.21 0.22 -26.70
CA PRO C 252 -15.48 -0.45 -25.43
C PRO C 252 -14.31 -1.32 -25.01
N LEU C 253 -13.89 -1.18 -23.76
CA LEU C 253 -12.63 -1.79 -23.33
C LEU C 253 -12.74 -2.62 -22.07
N PHE C 254 -13.52 -2.19 -21.09
CA PHE C 254 -13.44 -2.74 -19.74
C PHE C 254 -14.79 -2.65 -19.06
N VAL C 255 -15.34 -3.80 -18.65
CA VAL C 255 -16.59 -3.85 -17.90
C VAL C 255 -16.31 -4.54 -16.57
N CYS C 256 -17.00 -4.10 -15.53
CA CYS C 256 -16.76 -4.58 -14.17
C CYS C 256 -18.08 -4.81 -13.43
N PRO C 257 -18.65 -6.02 -13.52
CA PRO C 257 -19.87 -6.32 -12.77
C PRO C 257 -19.55 -6.57 -11.30
N THR C 258 -20.31 -5.93 -10.42
CA THR C 258 -20.11 -6.06 -8.98
C THR C 258 -21.02 -7.13 -8.40
N VAL C 259 -20.45 -7.99 -7.56
CA VAL C 259 -21.21 -8.97 -6.79
C VAL C 259 -21.22 -8.50 -5.34
N GLY C 260 -22.36 -7.96 -4.90
CA GLY C 260 -22.45 -7.37 -3.58
C GLY C 260 -22.12 -5.89 -3.62
N THR C 261 -22.99 -5.09 -4.23
CA THR C 261 -22.75 -3.67 -4.36
C THR C 261 -22.75 -3.00 -2.98
N THR C 262 -22.25 -1.76 -2.95
CA THR C 262 -22.03 -1.09 -1.67
C THR C 262 -23.33 -0.63 -1.04
N SER C 263 -24.23 -0.04 -1.84
CA SER C 263 -25.40 0.61 -1.27
C SER C 263 -26.50 -0.41 -0.94
N SER C 264 -26.85 -1.29 -1.88
CA SER C 264 -27.99 -2.18 -1.71
C SER C 264 -27.59 -3.64 -1.80
N THR C 265 -26.30 -3.95 -1.71
CA THR C 265 -25.75 -5.31 -1.78
C THR C 265 -26.36 -6.12 -2.92
N ALA C 266 -26.61 -5.46 -4.05
CA ALA C 266 -27.16 -6.14 -5.22
C ALA C 266 -26.10 -7.02 -5.89
N VAL C 267 -26.54 -7.82 -6.85
CA VAL C 267 -25.67 -8.77 -7.55
C VAL C 267 -25.87 -8.60 -9.04
N ASP C 268 -24.76 -8.40 -9.77
CA ASP C 268 -24.81 -8.30 -11.23
C ASP C 268 -24.65 -9.69 -11.85
N PRO C 269 -25.48 -10.06 -12.82
CA PRO C 269 -25.36 -11.39 -13.44
C PRO C 269 -24.13 -11.47 -14.34
N ILE C 270 -23.18 -12.33 -13.95
CA ILE C 270 -21.86 -12.35 -14.57
C ILE C 270 -21.91 -12.99 -15.96
N SER C 271 -22.56 -14.14 -16.07
CA SER C 271 -22.49 -14.91 -17.31
C SER C 271 -23.07 -14.17 -18.51
N PRO C 272 -24.21 -13.46 -18.43
CA PRO C 272 -24.67 -12.70 -19.60
C PRO C 272 -23.86 -11.45 -19.88
N ILE C 273 -23.10 -10.95 -18.91
CA ILE C 273 -22.29 -9.76 -19.14
C ILE C 273 -20.97 -10.13 -19.82
N CYS C 274 -20.39 -11.29 -19.48
CA CYS C 274 -19.24 -11.79 -20.22
C CYS C 274 -19.64 -12.24 -21.62
N GLU C 275 -20.91 -12.60 -21.82
CA GLU C 275 -21.37 -12.95 -23.17
C GLU C 275 -21.50 -11.72 -24.05
N VAL C 276 -21.83 -10.56 -23.45
CA VAL C 276 -21.83 -9.31 -24.19
C VAL C 276 -20.40 -8.79 -24.36
N ALA C 277 -19.52 -9.09 -23.41
CA ALA C 277 -18.18 -8.53 -23.45
C ALA C 277 -17.27 -9.31 -24.39
N LYS C 278 -17.38 -10.64 -24.39
CA LYS C 278 -16.59 -11.44 -25.32
C LYS C 278 -16.90 -11.12 -26.77
N GLU C 279 -18.08 -10.56 -27.05
CA GLU C 279 -18.42 -10.17 -28.41
C GLU C 279 -17.59 -8.98 -28.86
N TYR C 280 -17.49 -7.94 -28.03
CA TYR C 280 -16.75 -6.74 -28.36
C TYR C 280 -15.35 -6.71 -27.75
N GLU C 281 -14.81 -7.88 -27.39
CA GLU C 281 -13.44 -8.03 -26.92
C GLU C 281 -13.13 -7.12 -25.74
N MET C 282 -14.05 -7.09 -24.79
CA MET C 282 -13.85 -6.32 -23.57
C MET C 282 -13.20 -7.19 -22.50
N TRP C 283 -12.79 -6.53 -21.41
CA TRP C 283 -12.20 -7.20 -20.26
C TRP C 283 -13.23 -7.15 -19.13
N VAL C 284 -13.48 -8.30 -18.51
CA VAL C 284 -14.48 -8.42 -17.47
C VAL C 284 -13.76 -8.64 -16.14
N HIS C 285 -13.86 -7.67 -15.26
CA HIS C 285 -13.37 -7.80 -13.88
C HIS C 285 -14.56 -7.97 -12.96
N VAL C 286 -14.62 -9.12 -12.29
CA VAL C 286 -15.67 -9.38 -11.30
C VAL C 286 -15.19 -8.84 -9.96
N ASP C 287 -15.86 -7.80 -9.47
CA ASP C 287 -15.55 -7.19 -8.18
C ASP C 287 -16.53 -7.74 -7.15
N ALA C 288 -16.02 -8.50 -6.19
CA ALA C 288 -16.84 -9.08 -5.14
C ALA C 288 -16.15 -8.89 -3.79
N ALA C 289 -15.90 -7.64 -3.43
CA ALA C 289 -15.14 -7.29 -2.23
C ALA C 289 -15.80 -7.82 -0.96
N TYR C 290 -16.95 -7.28 -0.60
CA TYR C 290 -17.67 -7.81 0.56
C TYR C 290 -18.12 -9.24 0.32
N ALA C 291 -18.76 -9.50 -0.81
CA ALA C 291 -19.50 -10.74 -0.99
C ALA C 291 -18.62 -11.92 -1.36
N GLY C 292 -17.47 -11.68 -1.97
CA GLY C 292 -16.71 -12.76 -2.58
C GLY C 292 -16.36 -13.87 -1.61
N SER C 293 -15.93 -13.50 -0.40
CA SER C 293 -15.46 -14.52 0.54
C SER C 293 -16.57 -15.44 1.00
N ALA C 294 -17.84 -15.07 0.79
CA ALA C 294 -18.93 -15.98 1.13
C ALA C 294 -19.03 -17.14 0.14
N CYS C 295 -18.40 -17.03 -1.02
CA CYS C 295 -18.49 -18.05 -2.06
C CYS C 295 -17.64 -19.28 -1.75
N ILE C 296 -17.04 -19.37 -0.56
CA ILE C 296 -16.41 -20.61 -0.12
C ILE C 296 -17.41 -21.58 0.49
N CYS C 297 -18.65 -21.16 0.69
CA CYS C 297 -19.74 -22.02 1.12
C CYS C 297 -20.49 -22.52 -0.10
N PRO C 298 -20.68 -23.85 -0.24
CA PRO C 298 -21.27 -24.37 -1.48
C PRO C 298 -22.65 -23.83 -1.78
N GLU C 299 -23.41 -23.41 -0.76
CA GLU C 299 -24.72 -22.83 -0.98
C GLU C 299 -24.65 -21.37 -1.42
N PHE C 300 -23.47 -20.77 -1.46
CA PHE C 300 -23.30 -19.39 -1.87
C PHE C 300 -22.47 -19.22 -3.14
N ARG C 301 -21.79 -20.27 -3.61
CA ARG C 301 -20.89 -20.17 -4.75
C ARG C 301 -21.63 -19.82 -6.05
N HIS C 302 -22.93 -20.10 -6.11
CA HIS C 302 -23.69 -19.83 -7.33
C HIS C 302 -23.73 -18.34 -7.68
N PHE C 303 -23.24 -17.46 -6.81
CA PHE C 303 -23.32 -16.02 -7.05
C PHE C 303 -22.22 -15.51 -7.96
N ILE C 304 -21.04 -16.13 -7.94
CA ILE C 304 -19.99 -15.83 -8.89
C ILE C 304 -19.98 -16.82 -10.05
N ASP C 305 -21.09 -17.53 -10.26
CA ASP C 305 -21.21 -18.40 -11.42
C ASP C 305 -21.05 -17.57 -12.68
N GLY C 306 -20.25 -18.06 -13.62
CA GLY C 306 -19.90 -17.29 -14.79
C GLY C 306 -18.62 -16.51 -14.66
N VAL C 307 -17.96 -16.55 -13.50
CA VAL C 307 -16.64 -15.95 -13.38
C VAL C 307 -15.60 -16.70 -14.20
N GLU C 308 -15.97 -17.85 -14.78
CA GLU C 308 -15.07 -18.60 -15.62
C GLU C 308 -14.81 -17.88 -16.94
N GLU C 309 -15.76 -17.06 -17.38
CA GLU C 309 -15.59 -16.29 -18.60
C GLU C 309 -15.00 -14.91 -18.37
N ALA C 310 -14.89 -14.48 -17.12
CA ALA C 310 -14.30 -13.18 -16.82
C ALA C 310 -12.79 -13.24 -16.98
N ASP C 311 -12.15 -12.07 -16.92
CA ASP C 311 -10.71 -11.97 -17.04
C ASP C 311 -10.01 -11.77 -15.70
N SER C 312 -10.71 -11.26 -14.69
CA SER C 312 -10.11 -11.09 -13.38
C SER C 312 -11.20 -11.10 -12.32
N PHE C 313 -10.82 -11.49 -11.11
CA PHE C 313 -11.70 -11.60 -9.96
C PHE C 313 -10.98 -11.06 -8.74
N SER C 314 -11.71 -10.31 -7.89
CA SER C 314 -11.10 -9.70 -6.73
C SER C 314 -12.10 -9.62 -5.59
N LEU C 315 -11.63 -9.92 -4.39
CA LEU C 315 -12.42 -9.77 -3.17
C LEU C 315 -11.53 -9.19 -2.09
N ASN C 316 -12.09 -8.29 -1.27
CA ASN C 316 -11.37 -7.71 -0.15
C ASN C 316 -11.42 -8.70 1.01
N ALA C 317 -10.32 -9.43 1.21
CA ALA C 317 -10.23 -10.39 2.30
C ALA C 317 -10.33 -9.71 3.66
N HIS C 318 -10.20 -8.39 3.72
CA HIS C 318 -10.31 -7.65 4.97
C HIS C 318 -11.72 -7.13 5.23
N LYS C 319 -12.64 -7.31 4.28
CA LYS C 319 -14.02 -6.96 4.54
C LYS C 319 -14.81 -8.12 5.13
N TRP C 320 -14.49 -9.35 4.78
CA TRP C 320 -15.29 -10.47 5.29
C TRP C 320 -14.50 -11.77 5.31
N PHE C 321 -13.23 -11.70 5.72
CA PHE C 321 -12.47 -12.94 5.87
C PHE C 321 -11.40 -12.89 6.95
N PHE C 322 -11.52 -11.98 7.93
CA PHE C 322 -10.87 -12.11 9.23
C PHE C 322 -9.36 -11.85 9.18
N THR C 323 -8.88 -11.02 8.25
CA THR C 323 -7.45 -10.84 8.08
C THR C 323 -6.95 -9.46 8.49
N THR C 324 -7.78 -8.66 9.15
CA THR C 324 -7.46 -7.28 9.50
C THR C 324 -7.13 -6.45 8.25
N LEU C 325 -6.72 -5.21 8.43
CA LEU C 325 -6.43 -4.31 7.33
C LEU C 325 -4.93 -4.32 7.04
N ASP C 326 -4.56 -4.47 5.76
CA ASP C 326 -5.50 -4.69 4.67
C ASP C 326 -5.12 -5.95 3.88
N CYS C 327 -6.03 -6.40 3.02
CA CYS C 327 -5.80 -7.63 2.26
C CYS C 327 -6.80 -7.76 1.12
N CYS C 328 -6.34 -7.68 -0.12
CA CYS C 328 -7.17 -7.81 -1.30
C CYS C 328 -6.59 -8.92 -2.17
N CYS C 329 -7.40 -9.93 -2.47
CA CYS C 329 -6.97 -11.09 -3.26
C CYS C 329 -7.37 -10.88 -4.71
N LEU C 330 -6.39 -10.87 -5.61
CA LEU C 330 -6.63 -10.70 -7.03
C LEU C 330 -6.27 -11.98 -7.78
N TRP C 331 -7.23 -12.49 -8.55
CA TRP C 331 -7.01 -13.64 -9.42
C TRP C 331 -7.17 -13.18 -10.86
N VAL C 332 -6.24 -13.59 -11.71
CA VAL C 332 -6.27 -13.23 -13.13
C VAL C 332 -5.95 -14.47 -13.95
N LYS C 333 -6.58 -14.58 -15.12
CA LYS C 333 -6.28 -15.71 -16.01
C LYS C 333 -4.97 -15.52 -16.74
N ASP C 334 -4.69 -14.29 -17.16
CA ASP C 334 -3.47 -13.97 -17.90
C ASP C 334 -2.62 -13.03 -17.04
N PRO C 335 -1.80 -13.56 -16.13
CA PRO C 335 -0.97 -12.68 -15.30
C PRO C 335 0.13 -11.97 -16.07
N SER C 336 0.37 -12.32 -17.33
CA SER C 336 1.35 -11.61 -18.14
C SER C 336 0.83 -10.28 -18.63
N ALA C 337 -0.50 -10.08 -18.66
CA ALA C 337 -1.04 -8.78 -19.05
C ALA C 337 -0.70 -7.72 -18.00
N LEU C 338 -0.76 -8.09 -16.72
CA LEU C 338 -0.32 -7.19 -15.67
C LEU C 338 1.16 -6.86 -15.83
N VAL C 339 1.98 -7.88 -16.09
CA VAL C 339 3.42 -7.68 -16.17
C VAL C 339 3.79 -6.76 -17.33
N LYS C 340 3.14 -6.95 -18.49
CA LYS C 340 3.45 -6.10 -19.64
C LYS C 340 3.10 -4.65 -19.38
N ALA C 341 2.12 -4.39 -18.51
CA ALA C 341 1.67 -3.03 -18.26
C ALA C 341 2.37 -2.38 -17.07
N LEU C 342 2.82 -3.17 -16.10
CA LEU C 342 3.34 -2.62 -14.85
C LEU C 342 4.84 -2.78 -14.68
N SER C 343 5.50 -3.63 -15.48
CA SER C 343 6.93 -3.78 -15.37
C SER C 343 7.64 -2.57 -15.97
N THR C 344 8.76 -2.19 -15.36
CA THR C 344 9.61 -1.12 -15.86
C THR C 344 10.74 -1.66 -16.74
N ASN C 345 10.67 -2.91 -17.14
CA ASN C 345 11.68 -3.52 -17.99
C ASN C 345 11.47 -3.11 -19.44
N PRO C 346 12.45 -3.32 -20.31
CA PRO C 346 12.24 -3.05 -21.74
C PRO C 346 11.04 -3.80 -22.27
N GLU C 347 10.28 -3.12 -23.14
CA GLU C 347 9.01 -3.66 -23.62
C GLU C 347 9.15 -5.03 -24.27
N TYR C 348 10.35 -5.39 -24.70
CA TYR C 348 10.58 -6.70 -25.32
C TYR C 348 10.95 -7.78 -24.30
N LEU C 349 11.34 -7.39 -23.09
CA LEU C 349 11.71 -8.34 -22.05
C LEU C 349 10.56 -8.66 -21.12
N ARG C 350 9.33 -8.32 -21.50
CA ARG C 350 8.15 -8.53 -20.65
C ARG C 350 7.39 -9.79 -21.06
N ASN C 351 8.10 -10.86 -21.40
CA ASN C 351 7.49 -12.11 -21.80
C ASN C 351 8.18 -13.28 -21.09
N LYS C 352 7.46 -14.39 -20.98
CA LYS C 352 8.01 -15.64 -20.48
C LYS C 352 6.99 -16.78 -20.66
N VAL C 359 9.73 -18.83 -10.45
CA VAL C 359 10.03 -17.59 -9.74
C VAL C 359 9.14 -16.46 -10.25
N VAL C 360 8.30 -15.94 -9.36
CA VAL C 360 7.34 -14.88 -9.69
C VAL C 360 7.89 -13.55 -9.19
N ASP C 361 8.06 -12.59 -10.10
CA ASP C 361 8.29 -11.20 -9.73
C ASP C 361 6.94 -10.59 -9.41
N TYR C 362 6.50 -10.81 -8.18
CA TYR C 362 5.15 -10.42 -7.78
C TYR C 362 4.94 -8.91 -7.82
N LYS C 363 6.02 -8.13 -7.78
CA LYS C 363 5.87 -6.67 -7.81
C LYS C 363 5.42 -6.18 -9.19
N ASP C 364 5.63 -6.97 -10.23
CA ASP C 364 5.22 -6.59 -11.58
C ASP C 364 3.73 -6.78 -11.82
N TRP C 365 3.01 -7.39 -10.89
CA TRP C 365 1.57 -7.55 -11.01
C TRP C 365 0.80 -6.44 -10.30
N GLN C 366 1.48 -5.44 -9.76
CA GLN C 366 0.81 -4.43 -8.94
C GLN C 366 1.56 -3.11 -9.05
N ILE C 367 1.01 -2.08 -8.40
CA ILE C 367 1.58 -0.73 -8.46
C ILE C 367 2.30 -0.44 -7.14
N ALA C 368 2.91 -1.47 -6.56
CA ALA C 368 3.63 -1.32 -5.30
C ALA C 368 4.90 -2.13 -5.39
N LEU C 369 6.05 -1.47 -5.26
CA LEU C 369 7.33 -2.17 -5.41
C LEU C 369 7.74 -2.82 -4.09
N SER C 370 8.00 -2.01 -3.07
CA SER C 370 8.34 -2.53 -1.73
C SER C 370 7.08 -3.11 -1.10
N ARG C 371 6.81 -4.36 -1.45
CA ARG C 371 5.61 -5.03 -0.95
C ARG C 371 5.90 -5.73 0.37
N ARG C 372 4.83 -6.15 1.03
CA ARG C 372 4.90 -6.69 2.38
C ARG C 372 4.57 -8.18 2.41
N PHE C 373 4.94 -8.82 3.51
CA PHE C 373 4.61 -10.22 3.76
C PHE C 373 3.14 -10.36 4.11
N ARG C 374 2.26 -10.10 3.14
CA ARG C 374 0.82 -10.11 3.40
C ARG C 374 0.21 -11.51 3.37
N SER C 375 0.96 -12.53 2.94
CA SER C 375 0.41 -13.87 2.91
C SER C 375 0.38 -14.54 4.27
N LEU C 376 1.15 -14.02 5.24
CA LEU C 376 1.12 -14.62 6.56
C LEU C 376 -0.26 -14.50 7.19
N LYS C 377 -0.91 -13.36 7.02
CA LYS C 377 -2.28 -13.21 7.54
C LYS C 377 -3.18 -14.31 6.99
N LEU C 378 -3.32 -14.38 5.66
CA LEU C 378 -4.14 -15.42 5.05
C LEU C 378 -3.72 -16.80 5.52
N TRP C 379 -2.41 -17.03 5.60
CA TRP C 379 -1.88 -18.31 6.04
C TRP C 379 -2.44 -18.72 7.41
N MET C 380 -2.45 -17.81 8.37
CA MET C 380 -2.92 -18.12 9.70
C MET C 380 -4.43 -18.04 9.85
N VAL C 381 -5.13 -17.33 8.97
CA VAL C 381 -6.58 -17.40 8.99
C VAL C 381 -7.03 -18.75 8.46
N LEU C 382 -6.51 -19.18 7.31
CA LEU C 382 -6.89 -20.51 6.79
C LEU C 382 -6.46 -21.61 7.74
N ARG C 383 -5.21 -21.58 8.23
CA ARG C 383 -4.72 -22.72 9.00
C ARG C 383 -5.38 -22.81 10.37
N SER C 384 -5.30 -21.76 11.18
CA SER C 384 -5.77 -21.93 12.55
C SER C 384 -7.28 -22.01 12.68
N TYR C 385 -8.04 -21.71 11.63
CA TYR C 385 -9.48 -21.84 11.66
C TYR C 385 -9.98 -23.00 10.82
N GLY C 386 -9.37 -23.24 9.67
CA GLY C 386 -9.79 -24.32 8.81
C GLY C 386 -10.99 -23.96 7.97
N VAL C 387 -11.19 -24.75 6.91
CA VAL C 387 -12.30 -24.49 6.00
C VAL C 387 -13.63 -24.59 6.72
N THR C 388 -13.81 -25.63 7.54
CA THR C 388 -15.11 -25.87 8.16
C THR C 388 -15.50 -24.73 9.08
N ASN C 389 -14.59 -24.31 9.96
CA ASN C 389 -14.91 -23.22 10.88
C ASN C 389 -15.03 -21.90 10.15
N LEU C 390 -14.16 -21.67 9.16
CA LEU C 390 -14.27 -20.46 8.35
C LEU C 390 -15.61 -20.39 7.63
N ARG C 391 -16.09 -21.54 7.13
CA ARG C 391 -17.38 -21.57 6.47
C ARG C 391 -18.50 -21.20 7.43
N ASN C 392 -18.52 -21.82 8.61
CA ASN C 392 -19.56 -21.56 9.58
C ASN C 392 -19.45 -20.16 10.19
N PHE C 393 -18.27 -19.54 10.16
CA PHE C 393 -18.15 -18.15 10.58
C PHE C 393 -19.03 -17.25 9.73
N LEU C 394 -18.94 -17.39 8.40
CA LEU C 394 -19.68 -16.52 7.50
C LEU C 394 -21.18 -16.81 7.55
N ARG C 395 -21.55 -18.08 7.68
CA ARG C 395 -22.97 -18.42 7.81
C ARG C 395 -23.56 -17.83 9.08
N SER C 396 -22.76 -17.72 10.14
CA SER C 396 -23.26 -17.17 11.40
C SER C 396 -23.67 -15.72 11.25
N HIS C 397 -22.93 -14.94 10.46
CA HIS C 397 -23.36 -13.57 10.17
C HIS C 397 -24.60 -13.57 9.31
N VAL C 398 -24.69 -14.50 8.34
CA VAL C 398 -25.88 -14.58 7.50
C VAL C 398 -27.10 -14.94 8.34
N LYS C 399 -26.96 -15.91 9.23
CA LYS C 399 -28.08 -16.33 10.07
C LYS C 399 -28.54 -15.19 10.98
N MET C 400 -27.59 -14.40 11.49
CA MET C 400 -27.97 -13.28 12.34
C MET C 400 -28.63 -12.16 11.54
N ALA C 401 -28.31 -12.04 10.26
CA ALA C 401 -29.05 -11.10 9.42
C ALA C 401 -30.40 -11.66 9.02
N LYS C 402 -30.49 -12.97 8.80
CA LYS C 402 -31.79 -13.60 8.59
C LYS C 402 -32.67 -13.47 9.82
N THR C 403 -32.06 -13.55 11.02
CA THR C 403 -32.81 -13.32 12.24
C THR C 403 -33.29 -11.88 12.32
N PHE C 404 -32.43 -10.92 11.97
CA PHE C 404 -32.82 -9.52 11.97
C PHE C 404 -33.86 -9.23 10.89
N GLU C 405 -33.80 -9.93 9.75
CA GLU C 405 -34.81 -9.76 8.72
C GLU C 405 -36.19 -10.20 9.20
N GLY C 406 -36.24 -11.23 10.05
CA GLY C 406 -37.52 -11.70 10.55
C GLY C 406 -38.17 -10.72 11.50
N LEU C 407 -37.39 -10.14 12.42
CA LEU C 407 -37.92 -9.14 13.34
C LEU C 407 -38.52 -7.97 12.58
N ILE C 408 -37.87 -7.55 11.50
CA ILE C 408 -38.40 -6.46 10.69
C ILE C 408 -39.76 -6.83 10.10
N CYS C 409 -39.87 -8.05 9.55
CA CYS C 409 -41.12 -8.47 8.93
C CYS C 409 -42.25 -8.56 9.94
N MET C 410 -41.93 -8.84 11.21
CA MET C 410 -42.97 -8.94 12.22
C MET C 410 -43.58 -7.57 12.54
N ASP C 411 -42.73 -6.55 12.67
CA ASP C 411 -43.22 -5.21 12.94
C ASP C 411 -43.77 -4.59 11.66
N GLY C 412 -44.95 -3.97 11.77
CA GLY C 412 -45.61 -3.37 10.63
C GLY C 412 -45.20 -1.95 10.30
N ARG C 413 -44.49 -1.28 11.21
CA ARG C 413 -43.99 0.06 10.94
C ARG C 413 -42.70 0.04 10.12
N PHE C 414 -42.22 -1.13 9.72
CA PHE C 414 -40.97 -1.28 9.00
C PHE C 414 -41.20 -2.03 7.69
N GLU C 415 -40.34 -1.78 6.72
CA GLU C 415 -40.44 -2.36 5.39
C GLU C 415 -39.06 -2.78 4.90
N ILE C 416 -38.98 -3.97 4.33
CA ILE C 416 -37.74 -4.45 3.73
C ILE C 416 -37.65 -3.90 2.31
N THR C 417 -36.64 -3.07 2.06
CA THR C 417 -36.60 -2.29 0.81
C THR C 417 -36.07 -3.11 -0.37
N VAL C 418 -35.11 -4.00 -0.14
CA VAL C 418 -34.50 -4.77 -1.23
C VAL C 418 -34.19 -6.17 -0.74
N PRO C 419 -34.06 -7.13 -1.66
CA PRO C 419 -33.76 -8.51 -1.25
C PRO C 419 -32.40 -8.61 -0.57
N ARG C 420 -32.36 -9.35 0.53
CA ARG C 420 -31.12 -9.62 1.25
C ARG C 420 -30.36 -10.75 0.55
N THR C 421 -29.06 -10.55 0.34
CA THR C 421 -28.23 -11.54 -0.33
C THR C 421 -27.20 -12.17 0.61
N PHE C 422 -26.34 -11.37 1.23
CA PHE C 422 -25.33 -11.87 2.16
C PHE C 422 -25.26 -10.95 3.37
N ALA C 423 -25.88 -11.36 4.48
CA ALA C 423 -25.63 -10.80 5.81
C ALA C 423 -25.77 -9.27 5.87
N MET C 424 -26.53 -8.67 4.95
CA MET C 424 -26.85 -7.25 5.05
C MET C 424 -28.31 -7.03 4.71
N VAL C 425 -29.00 -6.30 5.57
CA VAL C 425 -30.45 -6.09 5.47
C VAL C 425 -30.71 -4.60 5.32
N CYS C 426 -31.47 -4.23 4.30
CA CYS C 426 -31.87 -2.84 4.06
C CYS C 426 -33.34 -2.70 4.41
N PHE C 427 -33.66 -1.76 5.30
CA PHE C 427 -35.03 -1.57 5.74
C PHE C 427 -35.36 -0.08 5.77
N ARG C 428 -36.64 0.21 5.95
CA ARG C 428 -37.14 1.57 6.00
C ARG C 428 -38.26 1.65 7.02
N LEU C 429 -38.31 2.76 7.75
CA LEU C 429 -39.39 3.03 8.69
C LEU C 429 -40.49 3.80 7.97
N LEU C 430 -41.69 3.23 7.95
CA LEU C 430 -42.78 3.80 7.18
C LEU C 430 -43.51 4.88 7.97
N PRO C 431 -43.82 6.02 7.36
CA PRO C 431 -44.64 7.03 8.01
C PRO C 431 -46.12 6.68 7.89
N PRO C 432 -46.94 7.03 8.88
CA PRO C 432 -48.39 6.81 8.82
C PRO C 432 -49.09 7.83 7.93
N GLU C 457 -43.47 12.76 -3.45
CA GLU C 457 -44.63 13.28 -2.73
C GLU C 457 -44.54 12.89 -1.24
N ASN C 458 -45.00 11.69 -0.90
CA ASN C 458 -44.76 11.11 0.41
C ASN C 458 -43.48 10.28 0.46
N LEU C 459 -42.82 10.07 -0.68
CA LEU C 459 -41.51 9.46 -0.67
C LEU C 459 -40.46 10.45 -0.16
N VAL C 460 -40.61 11.74 -0.50
CA VAL C 460 -39.74 12.76 0.08
C VAL C 460 -40.00 12.88 1.58
N LEU C 461 -41.24 12.62 2.01
CA LEU C 461 -41.56 12.66 3.43
C LEU C 461 -40.89 11.50 4.17
N ALA C 462 -41.03 10.28 3.64
CA ALA C 462 -40.43 9.12 4.29
C ALA C 462 -38.90 9.20 4.28
N ASN C 463 -38.32 9.85 3.27
CA ASN C 463 -36.86 9.96 3.22
C ASN C 463 -36.33 10.88 4.32
N LYS C 464 -37.04 11.97 4.60
CA LYS C 464 -36.65 12.83 5.71
C LYS C 464 -36.92 12.16 7.05
N LEU C 465 -37.95 11.31 7.11
CA LEU C 465 -38.21 10.55 8.33
C LEU C 465 -37.05 9.60 8.64
N ASN C 466 -36.69 8.75 7.68
CA ASN C 466 -35.62 7.78 7.90
C ASN C 466 -34.29 8.47 8.16
N GLN C 467 -34.06 9.64 7.56
CA GLN C 467 -32.82 10.37 7.84
C GLN C 467 -32.78 10.85 9.28
N VAL C 468 -33.86 11.49 9.74
CA VAL C 468 -33.93 11.92 11.13
C VAL C 468 -33.94 10.72 12.07
N TYR C 469 -34.64 9.66 11.67
CA TYR C 469 -34.68 8.45 12.50
C TYR C 469 -33.30 7.84 12.65
N LEU C 470 -32.60 7.59 11.53
CA LEU C 470 -31.30 6.94 11.61
C LEU C 470 -30.27 7.83 12.30
N GLU C 471 -30.27 9.13 12.00
CA GLU C 471 -29.35 10.04 12.66
C GLU C 471 -29.64 10.17 14.15
N THR C 472 -30.87 9.89 14.57
CA THR C 472 -31.19 9.88 16.00
C THR C 472 -30.63 8.63 16.67
N VAL C 473 -30.77 7.47 16.03
CA VAL C 473 -30.24 6.23 16.60
C VAL C 473 -28.72 6.28 16.63
N ASN C 474 -28.10 6.88 15.61
CA ASN C 474 -26.64 6.98 15.60
C ASN C 474 -26.14 7.96 16.65
N ALA C 475 -26.88 9.03 16.91
CA ALA C 475 -26.44 10.06 17.85
C ALA C 475 -26.40 9.55 19.30
N THR C 476 -27.07 8.43 19.58
CA THR C 476 -26.99 7.87 20.93
C THR C 476 -25.60 7.32 21.22
N GLY C 477 -25.02 6.60 20.26
CA GLY C 477 -23.78 5.87 20.47
C GLY C 477 -23.98 4.41 20.80
N SER C 478 -25.23 3.97 20.97
CA SER C 478 -25.48 2.57 21.32
C SER C 478 -25.16 1.65 20.14
N VAL C 479 -25.56 2.02 18.94
CA VAL C 479 -25.26 1.28 17.73
C VAL C 479 -24.83 2.27 16.65
N TYR C 480 -24.51 1.73 15.47
CA TYR C 480 -24.09 2.57 14.35
C TYR C 480 -24.42 1.84 13.06
N MET C 481 -25.37 2.40 12.30
CA MET C 481 -25.70 1.94 10.96
C MET C 481 -25.54 3.10 9.98
N THR C 482 -25.46 2.77 8.70
CA THR C 482 -25.40 3.77 7.63
C THR C 482 -26.59 3.58 6.70
N HIS C 483 -26.69 4.46 5.72
CA HIS C 483 -27.86 4.53 4.85
C HIS C 483 -27.45 4.34 3.40
N ALA C 484 -28.45 4.38 2.52
CA ALA C 484 -28.26 4.33 1.08
C ALA C 484 -29.49 4.90 0.42
N VAL C 485 -29.30 5.49 -0.76
CA VAL C 485 -30.39 6.06 -1.54
C VAL C 485 -30.36 5.34 -2.89
N VAL C 486 -31.11 4.25 -2.99
CA VAL C 486 -31.21 3.46 -4.21
C VAL C 486 -32.64 3.54 -4.73
N GLY C 487 -32.79 3.84 -6.02
CA GLY C 487 -34.11 4.00 -6.59
C GLY C 487 -34.91 5.13 -5.97
N GLY C 488 -34.23 6.13 -5.41
CA GLY C 488 -34.91 7.24 -4.76
C GLY C 488 -35.33 6.98 -3.33
N VAL C 489 -35.31 5.74 -2.88
CA VAL C 489 -35.71 5.41 -1.52
C VAL C 489 -34.54 5.59 -0.58
N TYR C 490 -34.79 6.20 0.57
CA TYR C 490 -33.78 6.34 1.62
C TYR C 490 -33.85 5.11 2.50
N MET C 491 -32.86 4.23 2.38
CA MET C 491 -32.84 2.96 3.09
C MET C 491 -31.81 2.99 4.21
N ILE C 492 -32.02 2.12 5.20
CA ILE C 492 -31.09 1.92 6.30
C ILE C 492 -30.39 0.58 6.10
N ARG C 493 -29.07 0.58 6.22
CA ARG C 493 -28.26 -0.61 5.99
C ARG C 493 -27.81 -1.18 7.33
N PHE C 494 -28.14 -2.43 7.58
CA PHE C 494 -27.77 -3.14 8.81
C PHE C 494 -26.87 -4.30 8.41
N ALA C 495 -25.57 -4.03 8.36
CA ALA C 495 -24.58 -4.99 7.86
C ALA C 495 -23.90 -5.67 9.04
N VAL C 496 -24.31 -6.90 9.32
CA VAL C 496 -23.65 -7.72 10.32
C VAL C 496 -22.39 -8.33 9.71
N GLY C 497 -21.35 -8.43 10.53
CA GLY C 497 -20.11 -9.02 10.06
C GLY C 497 -18.95 -8.74 10.99
N SER C 498 -19.18 -7.86 11.97
CA SER C 498 -18.18 -7.60 12.98
C SER C 498 -17.84 -8.89 13.71
N THR C 499 -16.53 -9.15 13.86
CA THR C 499 -16.10 -10.43 14.42
C THR C 499 -16.67 -10.64 15.81
N LEU C 500 -16.65 -9.60 16.64
CA LEU C 500 -17.14 -9.71 18.00
C LEU C 500 -18.66 -9.72 18.11
N THR C 501 -19.37 -9.40 17.03
CA THR C 501 -20.83 -9.32 17.09
C THR C 501 -21.44 -10.70 17.16
N GLU C 502 -22.14 -10.98 18.25
CA GLU C 502 -22.93 -12.20 18.44
C GLU C 502 -24.41 -11.82 18.50
N GLU C 503 -25.26 -12.84 18.66
CA GLU C 503 -26.69 -12.66 18.41
C GLU C 503 -27.35 -11.71 19.40
N ARG C 504 -26.86 -11.64 20.65
CA ARG C 504 -27.47 -10.74 21.62
C ARG C 504 -27.26 -9.28 21.24
N HIS C 505 -26.25 -8.98 20.43
CA HIS C 505 -26.07 -7.61 19.97
C HIS C 505 -27.09 -7.22 18.90
N VAL C 506 -27.49 -8.19 18.07
CA VAL C 506 -28.49 -7.90 17.04
C VAL C 506 -29.84 -7.61 17.69
N ILE C 507 -30.17 -8.34 18.76
CA ILE C 507 -31.41 -8.07 19.48
C ILE C 507 -31.36 -6.69 20.13
N TYR C 508 -30.18 -6.30 20.62
CA TYR C 508 -30.01 -4.97 21.18
C TYR C 508 -30.25 -3.91 20.11
N ALA C 509 -29.78 -4.15 18.89
CA ALA C 509 -29.98 -3.19 17.80
C ALA C 509 -31.47 -3.02 17.51
N TRP C 510 -32.22 -4.11 17.51
CA TRP C 510 -33.65 -4.02 17.29
C TRP C 510 -34.35 -3.28 18.43
N LYS C 511 -33.95 -3.55 19.68
CA LYS C 511 -34.54 -2.87 20.82
C LYS C 511 -34.34 -1.37 20.72
N ILE C 512 -33.12 -0.93 20.39
CA ILE C 512 -32.85 0.49 20.23
C ILE C 512 -33.59 1.04 19.00
N LEU C 513 -33.63 0.25 17.92
CA LEU C 513 -34.34 0.69 16.72
C LEU C 513 -35.83 0.85 16.99
N GLN C 514 -36.43 -0.12 17.68
CA GLN C 514 -37.85 -0.02 18.01
C GLN C 514 -38.12 1.11 18.98
N GLU C 515 -37.22 1.33 19.95
CA GLU C 515 -37.43 2.38 20.94
C GLU C 515 -37.49 3.75 20.29
N HIS C 516 -36.67 3.99 19.27
CA HIS C 516 -36.75 5.24 18.54
C HIS C 516 -37.86 5.25 17.50
N ALA C 517 -38.38 4.08 17.13
CA ALA C 517 -39.59 4.06 16.31
C ALA C 517 -40.79 4.57 17.11
N ASP C 518 -40.92 4.14 18.37
CA ASP C 518 -41.97 4.64 19.23
C ASP C 518 -41.84 6.14 19.45
N LEU C 519 -40.60 6.63 19.54
CA LEU C 519 -40.36 8.04 19.84
C LEU C 519 -40.80 8.93 18.70
N ILE C 520 -40.22 8.75 17.52
CA ILE C 520 -40.49 9.65 16.40
C ILE C 520 -41.90 9.47 15.86
N LEU C 521 -42.58 8.37 16.18
CA LEU C 521 -43.93 8.14 15.70
C LEU C 521 -45.01 8.46 16.72
N GLY C 522 -44.65 8.54 18.00
CA GLY C 522 -45.57 9.05 19.00
C GLY C 522 -45.90 10.50 18.70
N LYS C 523 -44.91 11.37 18.83
CA LYS C 523 -45.00 12.73 18.28
C LYS C 523 -44.63 12.64 16.81
N PHE C 524 -45.63 12.64 15.94
CA PHE C 524 -45.40 12.62 14.50
C PHE C 524 -46.31 13.67 13.86
N SER C 525 -45.82 14.91 13.78
CA SER C 525 -46.44 15.93 12.97
C SER C 525 -45.76 15.93 11.61
N GLU C 526 -46.53 15.73 10.55
CA GLU C 526 -45.96 15.75 9.21
C GLU C 526 -45.37 17.12 8.85
N ALA C 527 -45.65 18.15 9.64
CA ALA C 527 -45.08 19.47 9.39
C ALA C 527 -43.58 19.52 9.69
N ASP C 528 -43.07 18.59 10.50
CA ASP C 528 -41.66 18.59 10.85
C ASP C 528 -40.82 17.96 9.73
N PHE C 529 -41.28 16.85 9.16
CA PHE C 529 -40.55 16.16 8.11
C PHE C 529 -40.90 16.65 6.72
N SER C 530 -41.98 17.42 6.57
CA SER C 530 -42.34 17.95 5.25
C SER C 530 -41.28 18.90 4.72
N SER C 531 -40.68 19.69 5.62
CA SER C 531 -39.62 20.62 5.23
C SER C 531 -38.28 20.13 5.76
N GLY D 17 -13.86 -25.89 19.70
CA GLY D 17 -14.37 -24.90 20.62
C GLY D 17 -15.36 -23.92 19.99
N VAL D 18 -16.27 -23.40 20.80
CA VAL D 18 -17.23 -22.40 20.36
C VAL D 18 -16.72 -20.98 20.58
N THR D 19 -15.45 -20.83 20.93
CA THR D 19 -14.91 -19.51 21.27
C THR D 19 -14.87 -18.61 20.06
N ASN D 20 -15.05 -17.32 20.31
CA ASN D 20 -15.11 -16.35 19.23
C ASN D 20 -13.71 -16.14 18.63
N PRO D 21 -13.61 -15.92 17.32
CA PRO D 21 -12.29 -15.74 16.70
C PRO D 21 -11.52 -14.53 17.20
N LEU D 22 -12.14 -13.67 18.01
CA LEU D 22 -11.49 -12.49 18.56
C LEU D 22 -11.71 -12.42 20.06
N ASP D 23 -11.66 -13.58 20.73
CA ASP D 23 -11.82 -13.61 22.18
C ASP D 23 -10.70 -12.84 22.84
N PRO D 24 -11.02 -11.86 23.70
CA PRO D 24 -9.95 -11.06 24.32
C PRO D 24 -8.91 -11.88 25.06
N GLU D 25 -9.31 -12.99 25.69
CA GLU D 25 -8.35 -13.75 26.48
C GLU D 25 -7.51 -14.70 25.63
N GLU D 26 -8.08 -15.26 24.56
CA GLU D 26 -7.27 -16.03 23.62
C GLU D 26 -6.41 -15.11 22.77
N PHE D 27 -6.90 -13.89 22.49
CA PHE D 27 -6.07 -12.87 21.88
C PHE D 27 -4.80 -12.65 22.70
N ARG D 28 -4.96 -12.42 23.99
CA ARG D 28 -3.82 -12.12 24.86
C ARG D 28 -2.87 -13.31 24.95
N ARG D 29 -3.41 -14.52 25.10
CA ARG D 29 -2.57 -15.69 25.31
C ARG D 29 -1.66 -15.96 24.11
N GLN D 30 -2.24 -15.99 22.91
CA GLN D 30 -1.42 -16.11 21.70
C GLN D 30 -0.65 -14.83 21.41
N GLY D 31 -1.13 -13.68 21.87
CA GLY D 31 -0.44 -12.44 21.63
C GLY D 31 0.93 -12.38 22.29
N HIS D 32 1.04 -12.94 23.49
CA HIS D 32 2.33 -13.00 24.16
C HIS D 32 3.25 -14.05 23.56
N MET D 33 2.69 -15.08 22.91
CA MET D 33 3.53 -16.11 22.30
C MET D 33 4.36 -15.54 21.16
N ILE D 34 3.76 -14.68 20.33
CA ILE D 34 4.48 -14.11 19.19
C ILE D 34 5.48 -13.06 19.67
N ILE D 35 5.15 -12.32 20.72
CA ILE D 35 6.10 -11.36 21.29
C ILE D 35 7.36 -12.07 21.75
N ASP D 36 7.21 -13.23 22.39
CA ASP D 36 8.39 -14.02 22.76
C ASP D 36 9.03 -14.67 21.55
N PHE D 37 8.24 -14.98 20.51
CA PHE D 37 8.81 -15.53 19.29
C PHE D 37 9.66 -14.50 18.56
N LEU D 38 9.15 -13.28 18.43
CA LEU D 38 9.86 -12.26 17.67
C LEU D 38 11.06 -11.71 18.44
N ALA D 39 10.96 -11.60 19.77
CA ALA D 39 12.11 -11.14 20.53
C ALA D 39 13.23 -12.17 20.52
N ASP D 40 12.88 -13.46 20.47
CA ASP D 40 13.90 -14.48 20.23
C ASP D 40 14.50 -14.34 18.85
N TYR D 41 13.71 -13.92 17.87
CA TYR D 41 14.26 -13.67 16.53
C TYR D 41 15.34 -12.59 16.58
N TYR D 42 15.00 -11.42 17.13
CA TYR D 42 15.97 -10.32 17.21
C TYR D 42 17.19 -10.71 18.02
N ARG D 43 17.04 -11.64 18.97
CA ARG D 43 18.18 -12.12 19.73
C ARG D 43 19.08 -13.00 18.88
N ASP D 44 18.50 -13.97 18.16
CA ASP D 44 19.26 -14.93 17.38
C ASP D 44 19.19 -14.65 15.89
N VAL D 45 18.89 -13.41 15.49
CA VAL D 45 18.83 -13.08 14.06
C VAL D 45 20.18 -13.29 13.40
N GLU D 46 21.26 -13.34 14.19
CA GLU D 46 22.61 -13.42 13.66
C GLU D 46 23.02 -14.84 13.30
N LYS D 47 22.36 -15.86 13.86
CA LYS D 47 22.77 -17.24 13.57
C LYS D 47 22.39 -17.66 12.17
N TYR D 48 21.38 -17.04 11.57
CA TYR D 48 20.95 -17.39 10.22
C TYR D 48 21.84 -16.70 9.19
N PRO D 49 22.07 -17.34 8.04
CA PRO D 49 22.74 -16.64 6.94
C PRO D 49 21.85 -15.54 6.38
N VAL D 50 22.47 -14.40 6.08
CA VAL D 50 21.74 -13.17 5.75
C VAL D 50 20.90 -13.37 4.51
N ARG D 51 21.53 -13.58 3.35
CA ARG D 51 20.78 -13.89 2.14
C ARG D 51 20.36 -15.35 2.15
N SER D 52 19.09 -15.59 1.82
CA SER D 52 18.53 -16.92 1.91
C SER D 52 19.31 -17.92 1.06
N GLN D 53 19.26 -19.19 1.46
CA GLN D 53 20.01 -20.24 0.80
C GLN D 53 19.12 -21.34 0.24
N VAL D 54 17.80 -21.10 0.13
CA VAL D 54 16.90 -22.12 -0.39
C VAL D 54 16.93 -22.10 -1.92
N GLU D 55 16.44 -23.17 -2.51
CA GLU D 55 16.27 -23.29 -3.95
C GLU D 55 14.87 -22.80 -4.34
N PRO D 56 14.70 -22.25 -5.54
CA PRO D 56 13.38 -21.80 -5.96
C PRO D 56 12.38 -22.95 -5.98
N GLY D 57 11.18 -22.69 -5.49
CA GLY D 57 10.16 -23.71 -5.43
C GLY D 57 10.22 -24.61 -4.22
N TYR D 58 10.94 -24.21 -3.18
CA TYR D 58 11.13 -25.06 -2.01
C TYR D 58 9.86 -25.15 -1.17
N LEU D 59 9.03 -24.11 -1.18
CA LEU D 59 7.92 -24.05 -0.24
C LEU D 59 6.72 -24.88 -0.68
N ARG D 60 6.50 -25.02 -1.98
CA ARG D 60 5.40 -25.84 -2.46
C ARG D 60 5.58 -27.31 -2.12
N LYS D 61 6.82 -27.76 -1.92
CA LYS D 61 7.07 -29.15 -1.60
C LYS D 61 6.85 -29.46 -0.12
N ARG D 62 6.98 -28.45 0.75
CA ARG D 62 6.81 -28.66 2.19
C ARG D 62 5.44 -28.25 2.69
N LEU D 63 4.59 -27.66 1.85
CA LEU D 63 3.26 -27.23 2.26
C LEU D 63 2.19 -28.00 1.51
N PRO D 64 1.10 -28.35 2.17
CA PRO D 64 0.00 -29.04 1.48
C PRO D 64 -0.57 -28.22 0.33
N GLU D 65 -1.24 -28.93 -0.58
CA GLU D 65 -1.80 -28.29 -1.77
C GLU D 65 -3.15 -27.64 -1.51
N THR D 66 -3.79 -27.94 -0.38
CA THR D 66 -5.10 -27.36 -0.07
C THR D 66 -5.12 -26.93 1.38
N ALA D 67 -6.04 -26.01 1.69
CA ALA D 67 -6.18 -25.53 3.05
C ALA D 67 -6.78 -26.62 3.93
N PRO D 68 -6.46 -26.62 5.22
CA PRO D 68 -7.00 -27.66 6.11
C PRO D 68 -8.49 -27.45 6.35
N TYR D 69 -9.22 -28.57 6.39
CA TYR D 69 -10.64 -28.53 6.74
C TYR D 69 -10.86 -28.35 8.23
N ASN D 70 -9.83 -28.54 9.05
CA ASN D 70 -9.94 -28.47 10.49
C ASN D 70 -8.85 -27.57 11.05
N PRO D 71 -9.08 -26.96 12.21
CA PRO D 71 -8.11 -26.01 12.75
C PRO D 71 -6.81 -26.68 13.18
N GLU D 72 -5.77 -25.85 13.28
CA GLU D 72 -4.46 -26.29 13.76
C GLU D 72 -4.05 -25.43 14.94
N SER D 73 -3.31 -26.04 15.88
CA SER D 73 -2.90 -25.34 17.07
C SER D 73 -1.90 -24.24 16.73
N ILE D 74 -2.04 -23.09 17.39
CA ILE D 74 -1.12 -21.97 17.18
C ILE D 74 0.30 -22.39 17.45
N GLU D 75 0.51 -23.31 18.39
CA GLU D 75 1.85 -23.80 18.69
C GLU D 75 2.42 -24.59 17.52
N THR D 76 1.58 -25.37 16.83
CA THR D 76 2.05 -26.08 15.65
C THR D 76 2.41 -25.12 14.53
N ILE D 77 1.59 -24.09 14.33
CA ILE D 77 1.82 -23.13 13.24
C ILE D 77 3.18 -22.45 13.43
N LEU D 78 3.47 -22.01 14.66
CA LEU D 78 4.73 -21.33 14.92
C LEU D 78 5.92 -22.25 14.68
N GLN D 79 5.73 -23.56 14.80
CA GLN D 79 6.82 -24.48 14.49
C GLN D 79 7.05 -24.57 12.98
N ASP D 80 6.00 -24.37 12.18
CA ASP D 80 6.18 -24.33 10.73
C ASP D 80 6.85 -23.03 10.29
N VAL D 81 6.63 -21.94 11.03
CA VAL D 81 7.32 -20.69 10.71
C VAL D 81 8.83 -20.86 10.86
N THR D 82 9.26 -21.59 11.90
CA THR D 82 10.69 -21.77 12.13
C THR D 82 11.31 -22.69 11.08
N THR D 83 10.65 -23.80 10.77
CA THR D 83 11.24 -24.82 9.90
C THR D 83 10.96 -24.59 8.43
N GLU D 84 9.95 -23.79 8.06
CA GLU D 84 9.60 -23.60 6.66
C GLU D 84 9.68 -22.14 6.19
N ILE D 85 9.30 -21.19 7.03
CA ILE D 85 9.29 -19.79 6.63
C ILE D 85 10.65 -19.14 6.83
N ILE D 86 11.26 -19.34 8.01
CA ILE D 86 12.53 -18.70 8.30
C ILE D 86 13.66 -19.16 7.41
N PRO D 87 13.76 -20.44 7.00
CA PRO D 87 14.81 -20.81 6.03
C PRO D 87 14.70 -20.05 4.72
N GLY D 88 13.53 -19.54 4.37
CA GLY D 88 13.35 -18.77 3.16
C GLY D 88 13.18 -17.28 3.42
N LEU D 89 14.02 -16.73 4.29
CA LEU D 89 14.02 -15.31 4.59
C LEU D 89 15.41 -14.75 4.35
N THR D 90 15.50 -13.70 3.54
CA THR D 90 16.68 -12.85 3.56
C THR D 90 16.54 -11.88 4.71
N HIS D 91 17.44 -11.98 5.68
CA HIS D 91 17.24 -11.35 6.99
C HIS D 91 17.59 -9.88 6.89
N TRP D 92 16.57 -9.07 6.59
CA TRP D 92 16.76 -7.64 6.45
C TRP D 92 17.19 -7.00 7.76
N GLN D 93 16.79 -7.58 8.88
CA GLN D 93 17.10 -7.05 10.20
C GLN D 93 18.33 -7.71 10.83
N SER D 94 19.00 -8.61 10.10
CA SER D 94 20.28 -9.11 10.57
C SER D 94 21.26 -7.95 10.72
N PRO D 95 22.02 -7.89 11.81
CA PRO D 95 22.98 -6.78 11.98
C PRO D 95 24.08 -6.78 10.94
N ASN D 96 24.21 -7.85 10.16
CA ASN D 96 25.19 -7.93 9.09
C ASN D 96 24.54 -7.82 7.71
N TYR D 97 23.37 -7.18 7.63
CA TYR D 97 22.66 -6.99 6.38
C TYR D 97 22.94 -5.57 5.88
N TYR D 98 23.76 -5.46 4.84
CA TYR D 98 24.14 -4.17 4.28
C TYR D 98 23.68 -3.98 2.84
N ALA D 99 22.82 -4.87 2.34
CA ALA D 99 22.40 -4.82 0.95
C ALA D 99 21.35 -3.75 0.72
N TYR D 100 21.31 -3.26 -0.51
CA TYR D 100 20.28 -2.34 -0.98
C TYR D 100 20.18 -1.12 -0.07
N PHE D 101 19.02 -0.94 0.56
CA PHE D 101 18.80 0.12 1.51
C PHE D 101 18.15 -0.43 2.77
N PRO D 102 18.34 0.22 3.91
CA PRO D 102 17.89 -0.35 5.18
C PRO D 102 16.39 -0.60 5.21
N SER D 103 16.00 -1.56 6.05
CA SER D 103 14.61 -1.75 6.44
C SER D 103 14.46 -1.30 7.89
N SER D 104 14.62 0.02 8.09
CA SER D 104 14.69 0.60 9.43
C SER D 104 13.45 0.30 10.25
N GLY D 105 13.60 -0.57 11.26
CA GLY D 105 12.53 -0.86 12.19
C GLY D 105 12.93 -0.46 13.61
N SER D 106 11.94 -0.41 14.48
CA SER D 106 12.18 -0.08 15.88
C SER D 106 11.06 -0.65 16.73
N VAL D 107 11.31 -0.72 18.03
CA VAL D 107 10.27 -1.12 18.97
C VAL D 107 9.08 -0.17 18.88
N ALA D 108 9.35 1.14 18.93
CA ALA D 108 8.28 2.14 18.88
C ALA D 108 7.46 1.99 17.61
N GLY D 109 8.13 1.89 16.46
CA GLY D 109 7.42 1.72 15.20
C GLY D 109 6.64 0.42 15.13
N PHE D 110 7.10 -0.61 15.85
CA PHE D 110 6.40 -1.88 15.85
C PHE D 110 5.11 -1.80 16.64
N LEU D 111 5.17 -1.25 17.86
CA LEU D 111 3.96 -1.12 18.67
C LEU D 111 2.93 -0.21 18.02
N GLY D 112 3.37 0.78 17.25
CA GLY D 112 2.42 1.64 16.56
C GLY D 112 1.58 0.89 15.55
N GLU D 113 2.22 0.09 14.70
CA GLU D 113 1.48 -0.73 13.76
C GLU D 113 0.64 -1.79 14.47
N MET D 114 1.12 -2.27 15.63
CA MET D 114 0.34 -3.24 16.40
C MET D 114 -0.88 -2.58 17.03
N LEU D 115 -0.73 -1.35 17.52
CA LEU D 115 -1.91 -0.60 17.97
C LEU D 115 -2.84 -0.31 16.79
N SER D 116 -2.26 0.02 15.63
CA SER D 116 -3.08 0.31 14.46
C SER D 116 -3.85 -0.91 13.98
N THR D 117 -3.28 -2.11 14.14
CA THR D 117 -3.95 -3.34 13.76
C THR D 117 -4.80 -3.92 14.89
N GLY D 118 -4.70 -3.39 16.10
CA GLY D 118 -5.57 -3.82 17.18
C GLY D 118 -6.88 -3.07 17.12
N PHE D 119 -6.81 -1.74 17.03
CA PHE D 119 -8.00 -0.94 16.80
C PHE D 119 -8.63 -1.36 15.50
N ASN D 120 -7.81 -1.35 14.44
CA ASN D 120 -8.14 -1.77 13.09
C ASN D 120 -9.40 -1.07 12.60
N VAL D 121 -9.19 0.21 12.33
CA VAL D 121 -10.19 1.07 11.76
C VAL D 121 -9.89 1.19 10.28
N VAL D 122 -10.88 1.62 9.51
CA VAL D 122 -10.70 1.92 8.09
C VAL D 122 -10.93 3.42 7.96
N GLY D 123 -9.85 4.18 7.83
CA GLY D 123 -9.96 5.62 7.82
C GLY D 123 -10.15 6.22 6.45
N PHE D 124 -11.21 5.81 5.75
CA PHE D 124 -11.47 6.36 4.42
C PHE D 124 -12.20 7.70 4.46
N ASN D 125 -12.74 8.09 5.61
CA ASN D 125 -13.22 9.46 5.81
C ASN D 125 -12.96 9.85 7.26
N TRP D 126 -13.28 11.11 7.58
CA TRP D 126 -12.97 11.62 8.91
C TRP D 126 -13.85 10.98 9.97
N MET D 127 -15.12 10.68 9.64
CA MET D 127 -16.01 10.09 10.61
C MET D 127 -15.66 8.65 10.93
N SER D 128 -15.02 7.93 9.99
CA SER D 128 -14.68 6.54 10.23
C SER D 128 -13.61 6.39 11.31
N SER D 129 -12.87 7.45 11.62
CA SER D 129 -11.98 7.59 12.76
C SER D 129 -11.32 8.97 12.72
N PRO D 130 -11.89 9.96 13.42
CA PRO D 130 -11.29 11.30 13.41
C PRO D 130 -9.85 11.32 13.89
N ALA D 131 -9.53 10.56 14.94
CA ALA D 131 -8.15 10.51 15.42
C ALA D 131 -7.20 9.91 14.39
N ALA D 132 -7.71 9.10 13.46
CA ALA D 132 -6.86 8.50 12.44
C ALA D 132 -6.52 9.45 11.30
N THR D 133 -7.23 10.57 11.19
CA THR D 133 -6.92 11.62 10.21
C THR D 133 -6.22 12.80 10.86
N GLU D 134 -6.72 13.25 12.02
CA GLU D 134 -6.12 14.39 12.70
C GLU D 134 -4.68 14.10 13.11
N LEU D 135 -4.45 12.94 13.71
CA LEU D 135 -3.09 12.59 14.15
C LEU D 135 -2.12 12.56 12.98
N GLU D 136 -2.57 12.07 11.83
CA GLU D 136 -1.72 12.05 10.64
C GLU D 136 -1.26 13.46 10.28
N SER D 137 -2.13 14.45 10.46
CA SER D 137 -1.78 15.82 10.12
C SER D 137 -0.88 16.47 11.16
N VAL D 138 -0.97 16.07 12.43
CA VAL D 138 -0.09 16.62 13.45
C VAL D 138 1.32 16.10 13.26
N VAL D 139 1.47 14.77 13.17
CA VAL D 139 2.81 14.19 13.11
C VAL D 139 3.52 14.58 11.83
N MET D 140 2.79 14.77 10.73
CA MET D 140 3.45 15.21 9.51
C MET D 140 3.89 16.66 9.61
N ASP D 141 3.20 17.47 10.42
CA ASP D 141 3.67 18.81 10.70
C ASP D 141 4.81 18.78 11.72
N TRP D 142 4.72 17.88 12.70
CA TRP D 142 5.86 17.59 13.56
C TRP D 142 7.10 17.28 12.72
N PHE D 143 6.95 16.35 11.77
CA PHE D 143 8.08 15.84 11.02
C PHE D 143 8.64 16.89 10.06
N GLY D 144 7.77 17.65 9.39
CA GLY D 144 8.25 18.66 8.48
C GLY D 144 9.09 19.73 9.16
N LYS D 145 8.65 20.17 10.34
CA LYS D 145 9.45 21.13 11.10
C LYS D 145 10.79 20.54 11.52
N MET D 146 10.83 19.22 11.75
CA MET D 146 12.11 18.57 12.03
C MET D 146 13.02 18.60 10.81
N LEU D 147 12.45 18.40 9.62
CA LEU D 147 13.21 18.53 8.38
C LEU D 147 13.39 19.97 7.94
N ASN D 148 12.94 20.94 8.75
CA ASN D 148 13.02 22.35 8.41
C ASN D 148 12.38 22.65 7.05
N LEU D 149 11.30 21.94 6.76
CA LEU D 149 10.54 22.23 5.55
C LEU D 149 9.92 23.61 5.64
N PRO D 150 9.87 24.36 4.54
CA PRO D 150 9.23 25.69 4.57
C PRO D 150 7.78 25.59 4.99
N GLU D 151 7.24 26.73 5.45
CA GLU D 151 5.86 26.77 5.93
C GLU D 151 4.87 26.38 4.85
N SER D 152 5.25 26.47 3.58
CA SER D 152 4.35 26.16 2.47
C SER D 152 4.07 24.67 2.33
N PHE D 153 4.76 23.82 3.07
CA PHE D 153 4.57 22.38 3.00
C PHE D 153 3.82 21.81 4.19
N LEU D 154 3.58 22.61 5.23
CA LEU D 154 2.89 22.16 6.44
C LEU D 154 1.51 22.77 6.50
N PHE D 155 0.66 22.17 7.35
CA PHE D 155 -0.71 22.64 7.49
C PHE D 155 -0.79 24.01 8.16
N SER D 156 0.23 24.40 8.91
CA SER D 156 0.25 25.73 9.50
C SER D 156 0.35 26.83 8.46
N GLY D 157 0.90 26.52 7.28
CA GLY D 157 0.99 27.50 6.22
C GLY D 157 -0.01 27.25 5.11
N SER D 158 0.50 26.92 3.92
CA SER D 158 -0.37 26.69 2.77
C SER D 158 -0.79 25.24 2.67
N GLY D 159 0.13 24.38 2.24
CA GLY D 159 -0.19 23.00 1.94
C GLY D 159 -0.24 22.07 3.14
N GLY D 160 0.21 20.83 2.94
CA GLY D 160 0.18 19.84 3.99
C GLY D 160 0.85 18.57 3.55
N GLY D 161 0.76 17.54 4.41
CA GLY D 161 1.40 16.28 4.14
C GLY D 161 0.43 15.12 4.30
N VAL D 162 0.75 14.04 3.60
CA VAL D 162 -0.08 12.84 3.60
C VAL D 162 0.82 11.63 3.80
N LEU D 163 0.27 10.59 4.42
CA LEU D 163 1.00 9.35 4.69
C LEU D 163 0.45 8.24 3.79
N GLN D 164 1.30 7.72 2.92
CA GLN D 164 0.92 6.64 2.01
C GLN D 164 1.84 5.44 2.23
N GLY D 165 1.68 4.44 1.38
CA GLY D 165 2.45 3.22 1.51
C GLY D 165 3.86 3.33 0.96
N THR D 166 3.98 3.57 -0.34
CA THR D 166 5.28 3.59 -1.00
C THR D 166 5.49 4.80 -1.92
N SER D 167 6.75 5.15 -2.15
CA SER D 167 7.10 6.30 -2.97
C SER D 167 6.48 6.20 -4.35
N CYS D 168 6.41 5.00 -4.93
CA CYS D 168 5.81 4.85 -6.25
C CYS D 168 4.37 5.33 -6.25
N GLU D 169 3.61 5.00 -5.20
CA GLU D 169 2.25 5.51 -5.08
C GLU D 169 2.25 7.04 -4.92
N ALA D 170 3.20 7.56 -4.14
CA ALA D 170 3.27 9.01 -3.94
C ALA D 170 3.67 9.72 -5.22
N ILE D 171 4.68 9.23 -5.92
CA ILE D 171 5.12 9.86 -7.16
C ILE D 171 4.01 9.80 -8.20
N LEU D 172 3.20 8.72 -8.19
CA LEU D 172 2.10 8.62 -9.13
C LEU D 172 1.02 9.65 -8.83
N CYS D 173 0.77 9.94 -7.56
CA CYS D 173 -0.25 10.92 -7.19
C CYS D 173 0.15 12.31 -7.65
N THR D 174 1.40 12.70 -7.40
CA THR D 174 1.85 14.01 -7.87
C THR D 174 1.91 14.06 -9.39
N LEU D 175 2.33 12.96 -10.03
CA LEU D 175 2.33 12.92 -11.48
C LEU D 175 0.92 13.02 -12.05
N THR D 176 -0.05 12.42 -11.36
CA THR D 176 -1.45 12.57 -11.75
C THR D 176 -1.96 13.96 -11.43
N ALA D 177 -1.37 14.62 -10.43
CA ALA D 177 -1.76 16.00 -10.11
C ALA D 177 -1.14 16.99 -11.08
N ALA D 178 0.13 16.77 -11.46
CA ALA D 178 0.75 17.63 -12.46
C ALA D 178 0.07 17.47 -13.81
N ARG D 179 -0.34 16.25 -14.14
CA ARG D 179 -0.99 15.99 -15.43
C ARG D 179 -2.33 16.71 -15.53
N ASP D 180 -3.20 16.50 -14.54
CA ASP D 180 -4.52 17.12 -14.61
C ASP D 180 -4.44 18.63 -14.46
N ARG D 181 -3.41 19.13 -13.75
CA ARG D 181 -3.16 20.57 -13.73
C ARG D 181 -2.98 21.10 -15.15
N LYS D 182 -2.26 20.35 -15.98
CA LYS D 182 -2.00 20.77 -17.35
C LYS D 182 -3.17 20.46 -18.27
N LEU D 183 -3.63 19.21 -18.26
CA LEU D 183 -4.63 18.77 -19.23
C LEU D 183 -5.99 19.44 -19.02
N ASN D 184 -6.28 19.91 -17.82
CA ASN D 184 -7.50 20.71 -17.64
C ASN D 184 -7.36 22.10 -18.26
N LYS D 185 -6.12 22.58 -18.42
CA LYS D 185 -5.88 23.86 -19.08
C LYS D 185 -5.89 23.71 -20.60
N ILE D 186 -5.07 22.78 -21.12
CA ILE D 186 -4.88 22.69 -22.57
C ILE D 186 -5.86 21.72 -23.23
N GLY D 187 -6.30 20.68 -22.53
CA GLY D 187 -7.17 19.67 -23.12
C GLY D 187 -6.60 18.29 -22.96
N ARG D 188 -7.48 17.32 -22.75
CA ARG D 188 -7.06 15.95 -22.44
C ARG D 188 -6.56 15.19 -23.67
N GLU D 189 -6.79 15.69 -24.88
CA GLU D 189 -6.25 15.02 -26.05
C GLU D 189 -4.75 15.21 -26.20
N HIS D 190 -4.14 16.02 -25.32
CA HIS D 190 -2.72 16.32 -25.39
C HIS D 190 -1.89 15.45 -24.45
N ILE D 191 -2.46 14.37 -23.91
CA ILE D 191 -1.73 13.54 -22.98
C ILE D 191 -0.57 12.83 -23.68
N GLY D 192 -0.71 12.57 -24.98
CA GLY D 192 0.36 11.96 -25.75
C GLY D 192 1.57 12.83 -25.97
N ARG D 193 1.54 14.08 -25.49
CA ARG D 193 2.65 15.01 -25.63
C ARG D 193 3.36 15.31 -24.33
N LEU D 194 2.78 14.94 -23.19
CA LEU D 194 3.39 15.23 -21.89
C LEU D 194 4.65 14.38 -21.71
N VAL D 195 5.69 15.01 -21.15
CA VAL D 195 7.00 14.39 -20.98
C VAL D 195 7.35 14.35 -19.50
N VAL D 196 7.99 13.25 -19.09
CA VAL D 196 8.42 13.05 -17.71
C VAL D 196 9.94 12.95 -17.71
N TYR D 197 10.58 13.65 -16.77
CA TYR D 197 12.02 13.81 -16.78
C TYR D 197 12.64 13.20 -15.53
N GLY D 198 13.70 12.40 -15.74
CA GLY D 198 14.54 11.93 -14.66
C GLY D 198 15.98 11.86 -15.14
N SER D 199 16.82 11.16 -14.39
CA SER D 199 18.17 10.84 -14.85
C SER D 199 18.29 9.34 -15.07
N ASP D 200 19.43 8.93 -15.63
CA ASP D 200 19.71 7.50 -15.72
C ASP D 200 20.03 6.87 -14.36
N GLN D 201 19.93 7.66 -13.29
CA GLN D 201 20.04 7.17 -11.92
C GLN D 201 18.72 7.24 -11.16
N THR D 202 17.70 7.89 -11.72
CA THR D 202 16.41 7.97 -11.06
C THR D 202 15.77 6.59 -10.96
N HIS D 203 15.24 6.26 -9.79
CA HIS D 203 14.60 4.97 -9.56
C HIS D 203 13.50 4.72 -10.59
N CYS D 204 13.25 3.43 -10.85
CA CYS D 204 12.24 3.06 -11.82
C CYS D 204 10.82 3.29 -11.33
N ALA D 205 10.64 3.72 -10.07
CA ALA D 205 9.31 4.09 -9.60
C ALA D 205 8.74 5.25 -10.41
N LEU D 206 9.62 6.11 -10.95
CA LEU D 206 9.16 7.20 -11.79
C LEU D 206 8.60 6.67 -13.11
N GLN D 207 9.36 5.80 -13.77
CA GLN D 207 8.89 5.21 -15.02
C GLN D 207 7.58 4.46 -14.82
N LYS D 208 7.50 3.64 -13.77
CA LYS D 208 6.28 2.89 -13.50
C LYS D 208 5.09 3.82 -13.29
N ALA D 209 5.29 4.88 -12.49
CA ALA D 209 4.22 5.85 -12.28
C ALA D 209 3.83 6.53 -13.59
N ALA D 210 4.80 6.80 -14.46
CA ALA D 210 4.49 7.38 -15.76
C ALA D 210 3.74 6.39 -16.63
N GLN D 211 4.13 5.11 -16.59
CA GLN D 211 3.42 4.09 -17.35
C GLN D 211 1.97 3.97 -16.90
N VAL D 212 1.76 3.93 -15.58
CA VAL D 212 0.41 3.75 -15.05
C VAL D 212 -0.46 4.95 -15.34
N ALA D 213 0.06 6.16 -15.15
CA ALA D 213 -0.71 7.37 -15.34
C ALA D 213 -0.95 7.72 -16.80
N GLY D 214 -0.64 6.83 -17.73
CA GLY D 214 -0.96 7.05 -19.13
C GLY D 214 0.00 7.93 -19.89
N ILE D 215 1.23 8.09 -19.42
CA ILE D 215 2.25 8.81 -20.17
C ILE D 215 2.78 7.88 -21.26
N ASN D 216 2.95 8.43 -22.45
CA ASN D 216 3.42 7.63 -23.57
C ASN D 216 4.80 7.03 -23.26
N PRO D 217 5.00 5.73 -23.47
CA PRO D 217 6.30 5.12 -23.16
C PRO D 217 7.48 5.75 -23.91
N LYS D 218 7.24 6.57 -24.93
CA LYS D 218 8.32 7.27 -25.62
C LYS D 218 8.65 8.62 -24.98
N ASN D 219 7.73 9.18 -24.22
CA ASN D 219 7.92 10.49 -23.59
C ASN D 219 8.41 10.37 -22.14
N PHE D 220 9.27 9.40 -21.87
CA PHE D 220 9.93 9.29 -20.58
C PHE D 220 11.43 9.41 -20.82
N ARG D 221 12.09 10.26 -20.05
CA ARG D 221 13.50 10.57 -20.25
C ARG D 221 14.33 10.12 -19.06
N ALA D 222 15.51 9.58 -19.35
CA ALA D 222 16.52 9.26 -18.34
C ALA D 222 17.78 10.01 -18.75
N ILE D 223 17.81 11.30 -18.43
CA ILE D 223 18.88 12.17 -18.90
C ILE D 223 20.23 11.67 -18.41
N LYS D 224 21.22 11.71 -19.30
CA LYS D 224 22.53 11.17 -18.99
C LYS D 224 23.19 11.94 -17.86
N THR D 225 23.89 11.22 -16.98
CA THR D 225 24.69 11.81 -15.92
C THR D 225 26.15 11.44 -16.13
N PHE D 226 27.03 12.36 -15.74
CA PHE D 226 28.46 12.20 -15.96
C PHE D 226 29.19 12.07 -14.63
N LYS D 227 30.34 11.38 -14.67
CA LYS D 227 31.12 11.17 -13.45
C LYS D 227 31.67 12.48 -12.91
N GLU D 228 31.87 13.48 -13.77
CA GLU D 228 32.44 14.76 -13.35
C GLU D 228 31.55 15.44 -12.31
N ASN D 229 30.25 15.15 -12.32
CA ASN D 229 29.33 15.71 -11.34
C ASN D 229 28.86 14.66 -10.33
N SER D 230 29.60 13.56 -10.21
CA SER D 230 29.25 12.46 -9.31
C SER D 230 27.85 11.94 -9.61
N PHE D 231 27.51 11.93 -10.90
CA PHE D 231 26.27 11.34 -11.41
C PHE D 231 25.04 12.09 -10.88
N GLY D 232 25.14 13.40 -10.78
CA GLY D 232 24.01 14.24 -10.47
C GLY D 232 23.51 14.93 -11.70
N LEU D 233 22.21 14.78 -11.97
CA LEU D 233 21.59 15.41 -13.13
C LEU D 233 21.79 16.92 -13.08
N SER D 234 22.49 17.45 -14.08
CA SER D 234 22.80 18.88 -14.12
C SER D 234 21.69 19.63 -14.83
N ALA D 235 21.40 20.83 -14.34
CA ALA D 235 20.32 21.63 -14.92
C ALA D 235 20.64 22.06 -16.34
N ALA D 236 21.92 22.25 -16.66
CA ALA D 236 22.30 22.60 -18.03
C ALA D 236 21.94 21.49 -19.00
N THR D 237 22.19 20.24 -18.61
CA THR D 237 21.80 19.11 -19.45
C THR D 237 20.30 18.87 -19.40
N LEU D 238 19.66 19.13 -18.25
CA LEU D 238 18.21 19.06 -18.18
C LEU D 238 17.58 20.01 -19.19
N ARG D 239 18.06 21.26 -19.24
CA ARG D 239 17.51 22.24 -20.18
C ARG D 239 17.79 21.84 -21.62
N GLU D 240 18.88 21.11 -21.86
CA GLU D 240 19.18 20.65 -23.21
C GLU D 240 18.07 19.77 -23.76
N VAL D 241 17.66 18.76 -22.99
CA VAL D 241 16.68 17.80 -23.47
C VAL D 241 15.30 18.44 -23.61
N ILE D 242 15.02 19.49 -22.84
CA ILE D 242 13.73 20.14 -22.92
C ILE D 242 13.56 20.86 -24.25
N LEU D 243 14.61 21.56 -24.70
CA LEU D 243 14.54 22.22 -26.00
C LEU D 243 14.41 21.21 -27.12
N GLU D 244 15.05 20.05 -27.00
CA GLU D 244 14.89 18.98 -27.99
C GLU D 244 13.44 18.54 -28.06
N ASP D 245 12.77 18.40 -26.91
CA ASP D 245 11.41 17.88 -26.88
C ASP D 245 10.38 18.93 -27.26
N ILE D 246 10.63 20.19 -26.92
CA ILE D 246 9.74 21.26 -27.36
C ILE D 246 9.79 21.39 -28.88
N GLU D 247 10.98 21.25 -29.47
CA GLU D 247 11.11 21.26 -30.92
C GLU D 247 10.37 20.10 -31.57
N ALA D 248 10.22 18.98 -30.86
CA ALA D 248 9.46 17.85 -31.36
C ALA D 248 7.96 17.99 -31.13
N GLY D 249 7.50 19.14 -30.64
CA GLY D 249 6.10 19.36 -30.37
C GLY D 249 5.60 18.74 -29.09
N LEU D 250 6.48 18.31 -28.21
CA LEU D 250 6.09 17.70 -26.94
C LEU D 250 5.88 18.78 -25.87
N ILE D 251 5.28 18.36 -24.76
CA ILE D 251 4.99 19.27 -23.66
C ILE D 251 5.72 18.79 -22.40
N PRO D 252 6.74 19.51 -21.93
CA PRO D 252 7.40 19.10 -20.68
C PRO D 252 6.47 19.28 -19.49
N LEU D 253 6.44 18.28 -18.62
CA LEU D 253 5.45 18.24 -17.55
C LEU D 253 6.04 18.03 -16.16
N PHE D 254 6.98 17.09 -16.00
CA PHE D 254 7.32 16.54 -14.70
C PHE D 254 8.82 16.29 -14.62
N VAL D 255 9.47 16.87 -13.62
CA VAL D 255 10.88 16.60 -13.34
C VAL D 255 10.99 16.13 -11.89
N CYS D 256 11.89 15.18 -11.65
CA CYS D 256 11.98 14.51 -10.34
C CYS D 256 13.44 14.36 -9.95
N PRO D 257 14.05 15.43 -9.44
CA PRO D 257 15.41 15.31 -8.89
C PRO D 257 15.41 14.40 -7.67
N THR D 258 16.53 13.70 -7.50
CA THR D 258 16.65 12.68 -6.46
C THR D 258 17.79 13.02 -5.52
N VAL D 259 17.56 12.84 -4.21
CA VAL D 259 18.60 13.03 -3.18
C VAL D 259 18.75 11.66 -2.56
N GLY D 260 19.85 10.97 -2.84
CA GLY D 260 19.98 9.60 -2.35
C GLY D 260 19.59 8.61 -3.41
N THR D 261 20.30 8.63 -4.53
CA THR D 261 19.98 7.71 -5.64
C THR D 261 20.31 6.31 -5.17
N THR D 262 19.61 5.31 -5.69
CA THR D 262 19.76 3.93 -5.21
C THR D 262 21.18 3.42 -5.43
N SER D 263 21.71 3.61 -6.61
CA SER D 263 23.03 3.02 -6.95
C SER D 263 24.26 3.66 -6.29
N SER D 264 24.37 4.99 -6.26
CA SER D 264 25.62 5.66 -5.78
C SER D 264 25.35 6.78 -4.80
N THR D 265 24.22 6.75 -4.11
CA THR D 265 23.85 7.88 -3.22
C THR D 265 24.26 9.20 -3.87
N ALA D 266 23.85 9.47 -5.12
CA ALA D 266 24.12 10.78 -5.69
C ALA D 266 23.04 11.76 -5.25
N VAL D 267 23.31 13.05 -5.46
CA VAL D 267 22.39 14.11 -5.07
C VAL D 267 22.21 15.06 -6.25
N ASP D 268 20.96 15.28 -6.63
CA ASP D 268 20.73 16.18 -7.76
C ASP D 268 20.56 17.61 -7.25
N PRO D 269 21.17 18.61 -7.92
CA PRO D 269 21.03 20.00 -7.47
C PRO D 269 19.60 20.49 -7.55
N ILE D 270 18.96 20.65 -6.38
CA ILE D 270 17.53 20.90 -6.34
C ILE D 270 17.22 22.29 -6.90
N SER D 271 17.94 23.30 -6.44
CA SER D 271 17.59 24.68 -6.80
C SER D 271 17.75 24.97 -8.29
N PRO D 272 18.87 24.65 -8.95
CA PRO D 272 18.96 24.95 -10.40
C PRO D 272 17.98 24.15 -11.23
N ILE D 273 17.69 22.91 -10.84
CA ILE D 273 16.66 22.13 -11.53
C ILE D 273 15.31 22.82 -11.43
N CYS D 274 15.04 23.50 -10.32
CA CYS D 274 13.76 24.17 -10.16
C CYS D 274 13.63 25.36 -11.09
N GLU D 275 14.68 26.17 -11.22
CA GLU D 275 14.58 27.36 -12.06
C GLU D 275 14.41 26.98 -13.53
N VAL D 276 14.93 25.83 -13.94
CA VAL D 276 14.66 25.33 -15.30
C VAL D 276 13.20 24.92 -15.42
N ALA D 277 12.64 24.33 -14.37
CA ALA D 277 11.26 23.86 -14.41
C ALA D 277 10.26 25.01 -14.32
N LYS D 278 10.58 26.03 -13.50
CA LYS D 278 9.70 27.19 -13.42
C LYS D 278 9.66 27.95 -14.74
N GLU D 279 10.75 27.92 -15.51
CA GLU D 279 10.75 28.55 -16.82
C GLU D 279 9.71 27.89 -17.74
N TYR D 280 9.73 26.56 -17.83
CA TYR D 280 8.83 25.84 -18.71
C TYR D 280 7.60 25.33 -17.98
N GLU D 281 7.34 25.83 -16.77
CA GLU D 281 6.14 25.51 -16.00
C GLU D 281 5.95 24.00 -15.83
N MET D 282 6.71 23.40 -14.91
CA MET D 282 6.59 21.99 -14.64
C MET D 282 6.44 21.76 -13.14
N TRP D 283 6.01 20.54 -12.81
CA TRP D 283 5.99 20.08 -11.43
C TRP D 283 7.37 19.55 -11.06
N VAL D 284 7.88 19.99 -9.91
CA VAL D 284 9.15 19.50 -9.39
C VAL D 284 8.83 18.63 -8.19
N HIS D 285 8.97 17.32 -8.36
CA HIS D 285 8.90 16.38 -7.25
C HIS D 285 10.31 16.09 -6.78
N VAL D 286 10.51 16.11 -5.46
CA VAL D 286 11.82 15.84 -4.87
C VAL D 286 11.74 14.46 -4.24
N ASP D 287 12.34 13.46 -4.89
CA ASP D 287 12.39 12.11 -4.35
C ASP D 287 13.61 11.99 -3.45
N ALA D 288 13.37 11.85 -2.15
CA ALA D 288 14.43 11.61 -1.17
C ALA D 288 14.02 10.45 -0.26
N ALA D 289 13.80 9.28 -0.89
CA ALA D 289 13.27 8.13 -0.16
C ALA D 289 14.21 7.69 0.95
N TYR D 290 15.43 7.32 0.59
CA TYR D 290 16.40 6.87 1.58
C TYR D 290 16.87 8.02 2.45
N ALA D 291 17.57 8.99 1.85
CA ALA D 291 18.30 10.00 2.59
C ALA D 291 17.45 11.18 3.04
N GLY D 292 16.14 11.14 2.84
CA GLY D 292 15.33 12.28 3.23
C GLY D 292 15.34 12.54 4.73
N SER D 293 15.27 11.47 5.52
CA SER D 293 15.14 11.63 6.96
C SER D 293 16.42 12.08 7.63
N ALA D 294 17.58 11.95 6.97
CA ALA D 294 18.81 12.45 7.56
C ALA D 294 18.86 13.97 7.59
N CYS D 295 17.91 14.63 6.94
CA CYS D 295 17.88 16.08 6.91
C CYS D 295 17.29 16.69 8.17
N ILE D 296 16.89 15.87 9.14
CA ILE D 296 16.50 16.41 10.44
C ILE D 296 17.70 16.84 11.26
N CYS D 297 18.91 16.42 10.86
CA CYS D 297 20.15 16.90 11.45
C CYS D 297 20.62 18.15 10.71
N PRO D 298 20.93 19.24 11.41
CA PRO D 298 21.21 20.51 10.72
C PRO D 298 22.37 20.46 9.76
N GLU D 299 23.25 19.47 9.86
CA GLU D 299 24.40 19.38 8.97
C GLU D 299 24.09 18.66 7.66
N PHE D 300 23.00 17.91 7.59
CA PHE D 300 22.58 17.27 6.35
C PHE D 300 21.44 18.00 5.67
N ARG D 301 20.80 18.94 6.36
CA ARG D 301 19.65 19.67 5.80
C ARG D 301 20.02 20.44 4.54
N HIS D 302 21.31 20.74 4.33
CA HIS D 302 21.72 21.45 3.13
C HIS D 302 21.55 20.63 1.86
N PHE D 303 21.27 19.33 1.97
CA PHE D 303 21.07 18.51 0.79
C PHE D 303 19.74 18.75 0.11
N ILE D 304 18.74 19.25 0.83
CA ILE D 304 17.46 19.60 0.24
C ILE D 304 17.31 21.11 0.08
N ASP D 305 18.42 21.85 0.10
CA ASP D 305 18.38 23.27 -0.20
C ASP D 305 17.79 23.47 -1.60
N GLY D 306 16.72 24.24 -1.68
CA GLY D 306 15.99 24.42 -2.91
C GLY D 306 14.65 23.72 -2.93
N VAL D 307 14.37 22.85 -1.96
CA VAL D 307 13.07 22.22 -1.86
C VAL D 307 11.97 23.26 -1.64
N GLU D 308 12.36 24.47 -1.24
CA GLU D 308 11.40 25.56 -1.09
C GLU D 308 10.76 25.97 -2.40
N GLU D 309 11.37 25.62 -3.54
CA GLU D 309 10.87 25.98 -4.86
C GLU D 309 10.28 24.80 -5.61
N ALA D 310 10.15 23.65 -4.97
CA ALA D 310 9.54 22.48 -5.59
C ALA D 310 8.02 22.50 -5.34
N ASP D 311 7.32 21.49 -5.84
CA ASP D 311 5.90 21.32 -5.57
C ASP D 311 5.58 20.18 -4.63
N SER D 312 6.50 19.23 -4.47
CA SER D 312 6.27 18.11 -3.57
C SER D 312 7.61 17.53 -3.13
N PHE D 313 7.60 16.95 -1.93
CA PHE D 313 8.77 16.32 -1.35
C PHE D 313 8.32 15.02 -0.69
N SER D 314 9.06 13.94 -0.93
CA SER D 314 8.67 12.63 -0.42
C SER D 314 9.89 11.89 0.12
N LEU D 315 9.71 11.30 1.31
CA LEU D 315 10.71 10.41 1.87
C LEU D 315 10.02 9.18 2.45
N ASN D 316 10.74 8.05 2.41
CA ASN D 316 10.24 6.79 2.90
C ASN D 316 10.68 6.66 4.35
N ALA D 317 9.75 6.70 5.27
CA ALA D 317 10.09 6.67 6.66
C ALA D 317 10.59 5.35 7.05
N HIS D 318 10.28 4.34 6.24
CA HIS D 318 10.59 2.95 6.60
C HIS D 318 11.99 2.54 6.17
N LYS D 319 12.66 3.44 5.47
CA LYS D 319 13.95 3.15 4.88
C LYS D 319 15.08 3.79 5.68
N TRP D 320 14.72 4.67 6.61
CA TRP D 320 15.72 5.31 7.45
C TRP D 320 15.05 6.19 8.50
N PHE D 321 13.92 5.72 9.05
CA PHE D 321 13.33 6.41 10.19
C PHE D 321 12.60 5.44 11.12
N PHE D 322 12.97 4.17 11.11
CA PHE D 322 12.63 3.23 12.18
C PHE D 322 11.13 2.99 12.31
N THR D 323 10.35 3.18 11.24
CA THR D 323 8.89 3.04 11.33
C THR D 323 8.40 1.69 10.86
N THR D 324 9.28 0.82 10.36
CA THR D 324 8.93 -0.46 9.73
C THR D 324 8.10 -0.25 8.46
N LEU D 325 8.03 -1.27 7.62
CA LEU D 325 7.20 -1.23 6.43
C LEU D 325 5.73 -1.27 6.82
N ASP D 326 4.91 -0.41 6.21
CA ASP D 326 5.34 0.58 5.23
C ASP D 326 4.94 1.99 5.69
N CYS D 327 5.70 3.00 5.25
CA CYS D 327 5.46 4.37 5.68
C CYS D 327 6.22 5.36 4.82
N CYS D 328 5.51 6.11 3.98
CA CYS D 328 6.10 7.12 3.13
C CYS D 328 5.41 8.44 3.39
N CYS D 329 6.21 9.51 3.51
CA CYS D 329 5.71 10.81 3.91
C CYS D 329 5.78 11.78 2.73
N LEU D 330 4.62 12.03 2.11
CA LEU D 330 4.52 12.97 1.01
C LEU D 330 4.14 14.35 1.52
N TRP D 331 4.90 15.36 1.13
CA TRP D 331 4.60 16.75 1.40
C TRP D 331 4.34 17.47 0.09
N VAL D 332 3.34 18.35 0.08
CA VAL D 332 2.95 19.07 -1.14
C VAL D 332 2.61 20.52 -0.78
N LYS D 333 2.83 21.42 -1.74
CA LYS D 333 2.44 22.82 -1.55
C LYS D 333 0.96 23.04 -1.84
N ASP D 334 0.43 22.34 -2.83
CA ASP D 334 -0.96 22.49 -3.25
C ASP D 334 -1.67 21.15 -3.12
N PRO D 335 -2.29 20.87 -1.97
CA PRO D 335 -3.11 19.65 -1.86
C PRO D 335 -4.34 19.67 -2.73
N SER D 336 -4.77 20.86 -3.20
CA SER D 336 -5.92 20.93 -4.09
C SER D 336 -5.66 20.17 -5.39
N ALA D 337 -4.42 20.24 -5.88
CA ALA D 337 -4.07 19.51 -7.10
C ALA D 337 -4.23 18.01 -6.92
N LEU D 338 -3.92 17.50 -5.72
CA LEU D 338 -4.14 16.09 -5.44
C LEU D 338 -5.63 15.78 -5.45
N VAL D 339 -6.40 16.53 -4.67
CA VAL D 339 -7.84 16.26 -4.52
C VAL D 339 -8.57 16.45 -5.83
N LYS D 340 -8.13 17.39 -6.66
CA LYS D 340 -8.84 17.67 -7.91
C LYS D 340 -8.66 16.53 -8.91
N ALA D 341 -7.57 15.77 -8.82
CA ALA D 341 -7.31 14.71 -9.77
C ALA D 341 -7.67 13.34 -9.27
N LEU D 342 -7.72 13.13 -7.95
CA LEU D 342 -7.91 11.81 -7.38
C LEU D 342 -9.25 11.64 -6.66
N SER D 343 -10.10 12.65 -6.67
CA SER D 343 -11.44 12.49 -6.13
C SER D 343 -12.37 11.89 -7.18
N THR D 344 -13.47 11.32 -6.71
CA THR D 344 -14.49 10.77 -7.60
C THR D 344 -15.74 11.63 -7.67
N ASN D 345 -15.80 12.71 -6.91
CA ASN D 345 -16.90 13.65 -7.02
C ASN D 345 -16.87 14.32 -8.39
N PRO D 346 -18.00 14.87 -8.83
CA PRO D 346 -18.02 15.57 -10.13
C PRO D 346 -16.94 16.63 -10.23
N GLU D 347 -16.55 16.94 -11.47
CA GLU D 347 -15.36 17.76 -11.72
C GLU D 347 -15.46 19.13 -11.05
N TYR D 348 -16.67 19.70 -10.99
CA TYR D 348 -16.85 21.04 -10.43
C TYR D 348 -16.97 21.06 -8.92
N LEU D 349 -16.89 19.90 -8.26
CA LEU D 349 -17.06 19.82 -6.81
C LEU D 349 -15.74 19.54 -6.09
N ARG D 350 -14.62 19.62 -6.78
CA ARG D 350 -13.32 19.34 -6.17
C ARG D 350 -12.31 20.44 -6.50
N VAL D 359 -11.99 20.13 8.02
CA VAL D 359 -11.89 18.67 8.01
C VAL D 359 -11.11 18.22 6.77
N VAL D 360 -10.33 17.15 6.90
CA VAL D 360 -9.40 16.70 5.86
C VAL D 360 -9.88 15.36 5.31
N ASP D 361 -10.22 15.34 4.03
CA ASP D 361 -10.55 14.11 3.31
C ASP D 361 -9.25 13.55 2.74
N TYR D 362 -8.62 12.64 3.47
CA TYR D 362 -7.28 12.20 3.10
C TYR D 362 -7.28 11.18 1.97
N LYS D 363 -8.41 10.51 1.71
CA LYS D 363 -8.43 9.53 0.64
C LYS D 363 -8.34 10.16 -0.74
N ASP D 364 -8.52 11.48 -0.84
CA ASP D 364 -8.38 12.19 -2.09
C ASP D 364 -6.96 12.69 -2.32
N TRP D 365 -6.03 12.40 -1.42
CA TRP D 365 -4.62 12.73 -1.58
C TRP D 365 -3.80 11.53 -2.04
N GLN D 366 -4.40 10.37 -2.25
CA GLN D 366 -3.65 9.17 -2.58
C GLN D 366 -4.54 8.22 -3.38
N ILE D 367 -4.07 6.99 -3.55
CA ILE D 367 -4.73 6.02 -4.42
C ILE D 367 -5.60 5.07 -3.59
N ALA D 368 -5.22 4.86 -2.33
CA ALA D 368 -5.87 3.85 -1.49
C ALA D 368 -7.04 4.48 -0.73
N LEU D 369 -8.24 4.07 -1.12
CA LEU D 369 -9.44 4.54 -0.47
C LEU D 369 -9.61 4.08 0.95
N SER D 370 -9.43 2.80 1.21
CA SER D 370 -9.60 2.29 2.54
C SER D 370 -8.26 2.33 3.21
N ARG D 371 -7.94 3.50 3.71
CA ARG D 371 -6.66 3.87 4.29
C ARG D 371 -6.43 3.32 5.66
N ARG D 372 -5.16 3.23 6.04
CA ARG D 372 -4.72 2.66 7.30
C ARG D 372 -4.38 3.75 8.30
N PHE D 373 -4.27 3.34 9.57
CA PHE D 373 -3.92 4.24 10.67
C PHE D 373 -2.40 4.21 10.86
N ARG D 374 -1.70 4.74 9.86
CA ARG D 374 -0.24 4.75 9.84
C ARG D 374 0.37 5.82 10.73
N SER D 375 -0.44 6.64 11.40
CA SER D 375 0.10 7.76 12.16
C SER D 375 0.81 7.31 13.43
N LEU D 376 0.32 6.26 14.08
CA LEU D 376 0.95 5.82 15.33
C LEU D 376 2.36 5.29 15.08
N LYS D 377 2.62 4.72 13.90
CA LYS D 377 3.98 4.34 13.55
C LYS D 377 4.90 5.55 13.62
N LEU D 378 4.49 6.66 13.00
CA LEU D 378 5.28 7.88 13.06
C LEU D 378 5.21 8.51 14.45
N TRP D 379 4.02 8.53 15.05
CA TRP D 379 3.85 9.12 16.37
C TRP D 379 4.74 8.46 17.41
N MET D 380 4.69 7.13 17.49
CA MET D 380 5.45 6.41 18.50
C MET D 380 6.94 6.58 18.29
N VAL D 381 7.40 6.53 17.04
CA VAL D 381 8.82 6.74 16.76
C VAL D 381 9.24 8.11 17.23
N LEU D 382 8.46 9.14 16.90
CA LEU D 382 8.82 10.50 17.28
C LEU D 382 8.78 10.69 18.79
N ARG D 383 7.84 10.03 19.47
CA ARG D 383 7.63 10.27 20.89
C ARG D 383 8.56 9.41 21.76
N SER D 384 8.68 8.12 21.43
CA SER D 384 9.49 7.23 22.26
C SER D 384 10.98 7.54 22.19
N TYR D 385 11.43 8.24 21.15
CA TYR D 385 12.86 8.53 20.98
C TYR D 385 13.20 10.01 21.04
N GLY D 386 12.33 10.88 20.52
CA GLY D 386 12.58 12.30 20.57
C GLY D 386 13.55 12.76 19.49
N VAL D 387 13.50 14.07 19.21
CA VAL D 387 14.29 14.64 18.13
C VAL D 387 15.78 14.43 18.39
N THR D 388 16.22 14.58 19.65
CA THR D 388 17.65 14.58 19.95
C THR D 388 18.26 13.19 19.76
N ASN D 389 17.50 12.14 20.04
CA ASN D 389 18.04 10.79 19.87
C ASN D 389 17.93 10.31 18.43
N LEU D 390 16.86 10.68 17.73
CA LEU D 390 16.69 10.26 16.35
C LEU D 390 17.83 10.77 15.47
N ARG D 391 18.34 11.98 15.77
CA ARG D 391 19.48 12.50 15.03
C ARG D 391 20.71 11.61 15.24
N ASN D 392 21.02 11.30 16.51
CA ASN D 392 22.20 10.50 16.80
C ASN D 392 22.09 9.09 16.26
N PHE D 393 20.88 8.53 16.21
CA PHE D 393 20.67 7.28 15.51
C PHE D 393 21.19 7.36 14.08
N LEU D 394 20.70 8.35 13.33
CA LEU D 394 21.14 8.51 11.94
C LEU D 394 22.61 8.89 11.87
N ARG D 395 23.08 9.74 12.80
CA ARG D 395 24.50 10.05 12.84
C ARG D 395 25.33 8.81 13.08
N SER D 396 24.83 7.89 13.90
CA SER D 396 25.54 6.65 14.20
C SER D 396 25.78 5.84 12.93
N HIS D 397 24.78 5.77 12.05
CA HIS D 397 24.93 5.03 10.80
C HIS D 397 25.94 5.70 9.88
N VAL D 398 25.82 7.02 9.72
CA VAL D 398 26.82 7.78 8.96
C VAL D 398 28.20 7.59 9.58
N LYS D 399 28.26 7.60 10.91
CA LYS D 399 29.53 7.42 11.60
C LYS D 399 30.16 6.07 11.27
N MET D 400 29.35 5.01 11.24
CA MET D 400 29.90 3.69 10.95
C MET D 400 30.32 3.57 9.48
N ALA D 401 29.50 4.08 8.57
CA ALA D 401 29.86 4.02 7.15
C ALA D 401 31.12 4.81 6.86
N LYS D 402 31.34 5.91 7.59
CA LYS D 402 32.58 6.67 7.42
C LYS D 402 33.77 5.89 7.94
N THR D 403 33.59 5.13 9.03
CA THR D 403 34.67 4.28 9.51
C THR D 403 34.98 3.18 8.51
N PHE D 404 33.95 2.59 7.90
CA PHE D 404 34.17 1.62 6.84
C PHE D 404 34.88 2.26 5.65
N GLU D 405 34.57 3.53 5.37
CA GLU D 405 35.25 4.22 4.28
C GLU D 405 36.73 4.41 4.58
N GLY D 406 37.07 4.81 5.81
CA GLY D 406 38.46 5.01 6.16
C GLY D 406 39.26 3.72 6.20
N LEU D 407 38.61 2.63 6.63
CA LEU D 407 39.27 1.33 6.60
C LEU D 407 39.55 0.89 5.17
N ILE D 408 38.69 1.28 4.23
CA ILE D 408 38.91 0.94 2.82
C ILE D 408 40.10 1.72 2.26
N CYS D 409 40.24 2.99 2.66
CA CYS D 409 41.33 3.80 2.14
C CYS D 409 42.70 3.26 2.53
N MET D 410 42.81 2.65 3.70
CA MET D 410 44.12 2.16 4.16
C MET D 410 44.58 0.96 3.33
N ASP D 411 43.69 0.01 3.07
CA ASP D 411 43.99 -1.09 2.18
C ASP D 411 44.20 -0.56 0.77
N GLY D 412 45.42 -0.71 0.24
CA GLY D 412 45.75 -0.15 -1.04
C GLY D 412 45.15 -0.88 -2.23
N ARG D 413 44.47 -2.00 -2.00
CA ARG D 413 43.86 -2.78 -3.06
C ARG D 413 42.41 -2.40 -3.32
N PHE D 414 41.92 -1.34 -2.68
CA PHE D 414 40.55 -0.90 -2.80
C PHE D 414 40.51 0.55 -3.23
N GLU D 415 39.50 0.92 -4.01
CA GLU D 415 39.29 2.30 -4.40
C GLU D 415 37.84 2.67 -4.13
N ILE D 416 37.64 3.91 -3.67
CA ILE D 416 36.31 4.44 -3.43
C ILE D 416 35.82 5.06 -4.74
N THR D 417 34.79 4.45 -5.33
CA THR D 417 34.41 4.80 -6.70
C THR D 417 33.72 6.16 -6.77
N VAL D 418 32.87 6.47 -5.80
CA VAL D 418 32.15 7.75 -5.80
C VAL D 418 32.09 8.27 -4.37
N PRO D 419 32.02 9.61 -4.22
CA PRO D 419 32.08 10.20 -2.88
C PRO D 419 30.91 9.81 -2.01
N ARG D 420 31.20 9.51 -0.75
CA ARG D 420 30.15 9.20 0.22
C ARG D 420 29.30 10.43 0.49
N THR D 421 27.98 10.29 0.32
CA THR D 421 27.06 11.37 0.68
C THR D 421 26.33 11.08 1.98
N PHE D 422 25.69 9.92 2.10
CA PHE D 422 25.10 9.46 3.36
C PHE D 422 25.45 8.00 3.59
N ALA D 423 25.44 7.62 4.87
CA ALA D 423 25.60 6.26 5.40
C ALA D 423 25.62 5.10 4.40
N MET D 424 26.50 5.17 3.41
CA MET D 424 26.71 4.12 2.42
C MET D 424 28.06 4.31 1.78
N VAL D 425 28.71 3.21 1.39
CA VAL D 425 30.03 3.28 0.78
C VAL D 425 30.02 2.53 -0.54
N CYS D 426 30.64 3.12 -1.55
CA CYS D 426 30.77 2.51 -2.87
C CYS D 426 32.25 2.32 -3.17
N PHE D 427 32.74 1.11 -2.95
CA PHE D 427 34.13 0.77 -3.19
C PHE D 427 34.22 -0.31 -4.27
N ARG D 428 35.45 -0.62 -4.66
CA ARG D 428 35.70 -1.68 -5.63
C ARG D 428 37.11 -2.19 -5.43
N LEU D 429 37.27 -3.50 -5.58
CA LEU D 429 38.58 -4.14 -5.50
C LEU D 429 39.21 -4.10 -6.88
N LEU D 430 40.47 -3.68 -6.95
CA LEU D 430 41.11 -3.52 -8.23
C LEU D 430 42.15 -4.62 -8.46
N PRO D 431 42.39 -4.99 -9.71
CA PRO D 431 43.38 -6.02 -10.00
C PRO D 431 44.79 -5.43 -9.96
N PRO D 432 45.82 -6.28 -9.73
CA PRO D 432 47.21 -5.79 -9.71
C PRO D 432 47.70 -5.37 -11.09
N GLU D 457 38.83 -2.37 -21.72
CA GLU D 457 39.29 -3.75 -21.63
C GLU D 457 39.75 -4.07 -20.20
N ASN D 458 40.52 -3.15 -19.62
CA ASN D 458 40.85 -3.26 -18.21
C ASN D 458 39.61 -3.04 -17.34
N LEU D 459 38.68 -2.19 -17.82
CA LEU D 459 37.44 -1.98 -17.08
C LEU D 459 36.59 -3.24 -17.07
N VAL D 460 36.51 -3.93 -18.21
CA VAL D 460 35.75 -5.17 -18.27
C VAL D 460 36.35 -6.21 -17.34
N LEU D 461 37.67 -6.30 -17.30
CA LEU D 461 38.33 -7.28 -16.44
C LEU D 461 38.05 -6.98 -14.97
N ALA D 462 38.29 -5.74 -14.54
CA ALA D 462 38.08 -5.39 -13.15
C ALA D 462 36.62 -5.55 -12.73
N ASN D 463 35.68 -5.31 -13.65
CA ASN D 463 34.27 -5.52 -13.33
C ASN D 463 33.97 -6.99 -13.08
N LYS D 464 34.51 -7.88 -13.91
CA LYS D 464 34.37 -9.31 -13.66
C LYS D 464 35.04 -9.70 -12.35
N LEU D 465 36.14 -9.03 -12.00
CA LEU D 465 36.83 -9.32 -10.74
C LEU D 465 35.93 -9.03 -9.55
N ASN D 466 35.22 -7.89 -9.57
CA ASN D 466 34.39 -7.53 -8.43
C ASN D 466 33.10 -8.35 -8.37
N GLN D 467 32.58 -8.79 -9.52
CA GLN D 467 31.40 -9.65 -9.51
C GLN D 467 31.70 -10.98 -8.81
N VAL D 468 32.76 -11.66 -9.25
CA VAL D 468 33.15 -12.93 -8.64
C VAL D 468 33.50 -12.71 -7.17
N TYR D 469 34.23 -11.63 -6.88
CA TYR D 469 34.61 -11.32 -5.50
C TYR D 469 33.37 -11.11 -4.63
N LEU D 470 32.48 -10.21 -5.04
CA LEU D 470 31.34 -9.85 -4.19
C LEU D 470 30.41 -11.04 -3.99
N GLU D 471 30.19 -11.84 -5.03
CA GLU D 471 29.30 -12.98 -4.87
C GLU D 471 29.92 -14.06 -4.00
N THR D 472 31.25 -14.16 -3.98
CA THR D 472 31.90 -15.09 -3.06
C THR D 472 31.68 -14.68 -1.62
N VAL D 473 31.72 -13.37 -1.34
CA VAL D 473 31.47 -12.89 0.03
C VAL D 473 30.03 -13.16 0.42
N ASN D 474 29.08 -12.90 -0.48
CA ASN D 474 27.67 -13.10 -0.15
C ASN D 474 27.35 -14.58 0.02
N ALA D 475 28.01 -15.45 -0.74
CA ALA D 475 27.68 -16.88 -0.70
C ALA D 475 27.96 -17.50 0.65
N THR D 476 28.82 -16.88 1.46
CA THR D 476 29.09 -17.43 2.79
C THR D 476 27.88 -17.33 3.71
N GLY D 477 27.07 -16.29 3.53
CA GLY D 477 25.98 -16.04 4.44
C GLY D 477 26.34 -15.22 5.65
N SER D 478 27.62 -14.87 5.82
CA SER D 478 28.02 -14.08 6.97
C SER D 478 27.54 -12.65 6.85
N VAL D 479 27.72 -12.05 5.67
CA VAL D 479 27.26 -10.71 5.37
C VAL D 479 26.45 -10.75 4.06
N TYR D 480 25.96 -9.59 3.65
CA TYR D 480 25.21 -9.52 2.40
C TYR D 480 25.22 -8.08 1.89
N MET D 481 25.88 -7.87 0.76
CA MET D 481 25.90 -6.58 0.08
C MET D 481 25.51 -6.77 -1.38
N THR D 482 25.02 -5.69 -1.99
CA THR D 482 24.67 -5.68 -3.40
C THR D 482 25.61 -4.75 -4.16
N HIS D 483 25.44 -4.72 -5.48
CA HIS D 483 26.32 -3.99 -6.37
C HIS D 483 25.54 -2.96 -7.16
N ALA D 484 26.27 -2.26 -8.04
CA ALA D 484 25.68 -1.28 -8.94
C ALA D 484 26.71 -0.98 -10.03
N VAL D 485 26.20 -0.70 -11.22
CA VAL D 485 27.02 -0.31 -12.36
C VAL D 485 26.70 1.16 -12.63
N VAL D 486 27.61 2.05 -12.26
CA VAL D 486 27.45 3.48 -12.43
C VAL D 486 28.59 3.96 -13.31
N GLY D 487 28.26 4.44 -14.51
CA GLY D 487 29.29 4.85 -15.44
C GLY D 487 30.08 3.71 -16.03
N GLY D 488 29.47 2.54 -16.16
CA GLY D 488 30.17 1.38 -16.68
C GLY D 488 31.13 0.73 -15.71
N VAL D 489 31.15 1.16 -14.45
CA VAL D 489 32.06 0.64 -13.44
C VAL D 489 31.25 -0.20 -12.46
N TYR D 490 31.69 -1.43 -12.25
CA TYR D 490 31.05 -2.33 -11.30
C TYR D 490 31.49 -1.95 -9.88
N MET D 491 30.53 -1.53 -9.05
CA MET D 491 30.81 -1.07 -7.70
C MET D 491 30.12 -1.98 -6.69
N ILE D 492 30.67 -2.02 -5.48
CA ILE D 492 30.08 -2.75 -4.36
C ILE D 492 29.53 -1.73 -3.38
N ARG D 493 28.27 -1.91 -2.98
CA ARG D 493 27.58 -0.97 -2.10
C ARG D 493 27.55 -1.51 -0.68
N PHE D 494 27.98 -0.70 0.26
CA PHE D 494 27.94 -1.00 1.69
C PHE D 494 27.03 0.03 2.35
N ALA D 495 25.77 -0.33 2.58
CA ALA D 495 24.76 0.58 3.12
C ALA D 495 24.44 0.18 4.56
N VAL D 496 24.98 0.94 5.51
CA VAL D 496 24.74 0.71 6.93
C VAL D 496 23.42 1.35 7.33
N GLY D 497 22.59 0.61 8.06
CA GLY D 497 21.33 1.19 8.49
C GLY D 497 20.42 0.27 9.27
N SER D 498 20.72 -1.03 9.30
CA SER D 498 19.97 -1.94 10.14
C SER D 498 19.99 -1.43 11.58
N THR D 499 18.83 -1.46 12.22
CA THR D 499 18.73 -0.88 13.56
C THR D 499 19.68 -1.60 14.53
N LEU D 500 19.85 -2.91 14.37
CA LEU D 500 20.71 -3.70 15.24
C LEU D 500 22.17 -3.68 14.83
N THR D 501 22.53 -2.98 13.76
CA THR D 501 23.93 -2.95 13.34
C THR D 501 24.76 -2.11 14.30
N GLU D 502 25.82 -2.71 14.83
CA GLU D 502 26.78 -2.02 15.68
C GLU D 502 28.14 -1.96 14.97
N GLU D 503 29.06 -1.21 15.57
CA GLU D 503 30.38 -1.03 14.96
C GLU D 503 31.17 -2.34 14.92
N ARG D 504 30.93 -3.23 15.88
CA ARG D 504 31.58 -4.53 15.84
C ARG D 504 31.13 -5.35 14.64
N HIS D 505 29.99 -5.01 14.04
CA HIS D 505 29.53 -5.73 12.85
C HIS D 505 30.19 -5.16 11.60
N VAL D 506 30.24 -3.84 11.47
CA VAL D 506 30.89 -3.22 10.32
C VAL D 506 32.35 -3.64 10.26
N ILE D 507 33.02 -3.66 11.43
CA ILE D 507 34.41 -4.12 11.48
C ILE D 507 34.47 -5.60 11.11
N TYR D 508 33.51 -6.39 11.57
CA TYR D 508 33.43 -7.79 11.16
C TYR D 508 33.23 -7.90 9.66
N ALA D 509 32.31 -7.08 9.11
CA ALA D 509 32.03 -7.12 7.69
C ALA D 509 33.28 -6.79 6.88
N TRP D 510 34.07 -5.82 7.36
CA TRP D 510 35.30 -5.47 6.67
C TRP D 510 36.38 -6.54 6.87
N LYS D 511 36.33 -7.26 7.99
CA LYS D 511 37.23 -8.40 8.17
C LYS D 511 37.06 -9.42 7.07
N ILE D 512 35.81 -9.70 6.68
CA ILE D 512 35.54 -10.73 5.68
C ILE D 512 35.98 -10.27 4.30
N LEU D 513 35.77 -8.99 3.99
CA LEU D 513 36.20 -8.46 2.69
C LEU D 513 37.70 -8.62 2.50
N GLN D 514 38.47 -8.36 3.56
CA GLN D 514 39.93 -8.50 3.46
C GLN D 514 40.33 -9.95 3.30
N GLU D 515 39.78 -10.83 4.12
CA GLU D 515 40.13 -12.24 4.04
C GLU D 515 39.79 -12.82 2.68
N HIS D 516 38.71 -12.35 2.05
CA HIS D 516 38.39 -12.81 0.70
C HIS D 516 39.27 -12.14 -0.35
N ALA D 517 39.55 -10.84 -0.18
CA ALA D 517 40.44 -10.17 -1.11
C ALA D 517 41.84 -10.77 -1.08
N ASP D 518 42.24 -11.36 0.05
CA ASP D 518 43.52 -12.06 0.12
C ASP D 518 43.50 -13.34 -0.71
N LEU D 519 42.35 -14.02 -0.75
CA LEU D 519 42.24 -15.25 -1.55
C LEU D 519 42.30 -14.93 -3.04
N ILE D 520 41.45 -14.00 -3.50
CA ILE D 520 41.29 -13.77 -4.94
C ILE D 520 42.59 -13.24 -5.53
N LEU D 521 43.11 -12.15 -4.98
CA LEU D 521 44.34 -11.56 -5.50
C LEU D 521 45.55 -12.43 -5.23
N GLY D 522 45.48 -13.34 -4.25
CA GLY D 522 46.63 -14.16 -3.92
C GLY D 522 47.01 -15.11 -5.05
N LYS D 523 46.01 -15.63 -5.76
CA LYS D 523 46.21 -16.48 -6.92
C LYS D 523 45.62 -15.83 -8.16
N PHE D 524 45.75 -14.51 -8.26
CA PHE D 524 45.15 -13.76 -9.37
C PHE D 524 45.82 -14.13 -10.67
N SER D 525 45.02 -14.61 -11.62
CA SER D 525 45.45 -14.80 -13.00
C SER D 525 44.62 -13.86 -13.86
N GLU D 526 45.30 -13.00 -14.62
CA GLU D 526 44.61 -12.09 -15.52
C GLU D 526 43.77 -12.84 -16.55
N ALA D 527 44.05 -14.13 -16.77
CA ALA D 527 43.29 -14.95 -17.72
C ALA D 527 42.14 -15.71 -17.08
N ASP D 528 42.09 -15.80 -15.76
CA ASP D 528 40.96 -16.43 -15.08
C ASP D 528 39.79 -15.48 -14.88
N PHE D 529 39.88 -14.24 -15.38
CA PHE D 529 38.81 -13.27 -15.28
C PHE D 529 38.53 -12.57 -16.60
N SER D 530 39.08 -13.07 -17.70
CA SER D 530 38.88 -12.47 -19.02
C SER D 530 37.88 -13.29 -19.83
N SER D 531 36.71 -13.50 -19.23
CA SER D 531 35.64 -14.28 -19.85
C SER D 531 34.28 -13.86 -19.32
N THR E 19 -10.76 61.16 29.85
CA THR E 19 -11.85 62.12 29.74
C THR E 19 -13.11 61.48 30.35
N ASN E 20 -14.30 61.94 29.95
CA ASN E 20 -15.64 61.53 30.34
C ASN E 20 -16.20 60.53 29.32
N PRO E 21 -16.94 59.52 29.77
CA PRO E 21 -17.53 58.56 28.81
C PRO E 21 -18.50 59.19 27.84
N LEU E 22 -19.06 60.36 28.16
CA LEU E 22 -20.04 61.03 27.30
C LEU E 22 -19.57 62.43 26.90
N ASP E 23 -18.28 62.72 27.02
CA ASP E 23 -17.72 64.01 26.68
C ASP E 23 -18.04 64.36 25.22
N PRO E 24 -18.68 65.49 24.95
CA PRO E 24 -19.15 65.77 23.58
C PRO E 24 -18.02 65.99 22.58
N GLU E 25 -16.82 66.15 23.06
CA GLU E 25 -15.79 66.31 22.13
C GLU E 25 -15.71 64.96 21.59
N GLU E 26 -14.94 64.16 22.27
CA GLU E 26 -14.64 62.86 21.69
C GLU E 26 -15.88 62.26 21.02
N PHE E 27 -17.07 62.64 21.46
CA PHE E 27 -18.30 62.21 20.78
C PHE E 27 -18.28 62.64 19.31
N ARG E 28 -18.05 63.89 19.05
CA ARG E 28 -17.90 64.21 17.67
C ARG E 28 -16.73 63.31 17.26
N ARG E 29 -15.52 63.76 17.51
CA ARG E 29 -14.35 63.13 16.92
C ARG E 29 -14.61 61.70 16.49
N GLN E 30 -14.95 60.83 17.44
CA GLN E 30 -15.20 59.43 17.11
C GLN E 30 -16.48 59.27 16.28
N GLY E 31 -17.50 60.07 16.59
CA GLY E 31 -18.76 59.95 15.86
C GLY E 31 -18.60 60.22 14.37
N HIS E 32 -17.71 61.15 14.02
CA HIS E 32 -17.41 61.36 12.61
C HIS E 32 -16.58 60.22 12.02
N MET E 33 -15.83 59.50 12.87
CA MET E 33 -15.04 58.38 12.39
C MET E 33 -15.88 57.13 12.16
N ILE E 34 -17.00 56.98 12.87
CA ILE E 34 -17.85 55.82 12.67
C ILE E 34 -18.61 55.94 11.36
N ILE E 35 -18.96 57.16 10.96
CA ILE E 35 -19.56 57.37 9.65
C ILE E 35 -18.51 57.36 8.54
N ASP E 36 -17.24 57.62 8.88
CA ASP E 36 -16.14 57.30 7.98
C ASP E 36 -16.20 55.84 7.58
N PHE E 37 -16.22 54.95 8.56
CA PHE E 37 -16.35 53.53 8.29
C PHE E 37 -17.67 53.22 7.59
N LEU E 38 -18.79 53.69 8.16
CA LEU E 38 -20.09 53.18 7.74
C LEU E 38 -20.41 53.56 6.30
N ALA E 39 -20.08 54.79 5.89
CA ALA E 39 -20.27 55.15 4.50
C ALA E 39 -19.21 54.51 3.59
N ASP E 40 -18.10 54.04 4.16
CA ASP E 40 -17.15 53.19 3.47
C ASP E 40 -17.43 51.71 3.67
N TYR E 41 -18.62 51.36 4.14
CA TYR E 41 -19.13 50.00 4.13
C TYR E 41 -20.03 49.76 2.93
N TYR E 42 -21.07 50.59 2.79
CA TYR E 42 -22.00 50.45 1.67
C TYR E 42 -21.29 50.65 0.35
N ARG E 43 -20.31 51.56 0.32
CA ARG E 43 -19.56 51.82 -0.89
C ARG E 43 -18.86 50.55 -1.38
N ASP E 44 -18.34 49.75 -0.45
CA ASP E 44 -17.64 48.53 -0.82
C ASP E 44 -18.26 47.29 -0.16
N VAL E 45 -19.59 47.18 -0.20
CA VAL E 45 -20.23 45.94 0.20
C VAL E 45 -20.06 44.87 -0.87
N GLU E 46 -20.04 45.28 -2.14
CA GLU E 46 -19.96 44.32 -3.23
C GLU E 46 -18.61 43.61 -3.27
N LYS E 47 -17.56 44.24 -2.74
CA LYS E 47 -16.22 43.64 -2.78
C LYS E 47 -16.06 42.47 -1.83
N TYR E 48 -17.09 42.02 -1.15
CA TYR E 48 -16.99 40.92 -0.19
C TYR E 48 -17.86 39.75 -0.62
N PRO E 49 -17.54 38.55 -0.15
CA PRO E 49 -18.49 37.43 -0.31
C PRO E 49 -19.77 37.72 0.43
N VAL E 50 -20.88 37.71 -0.31
CA VAL E 50 -22.19 37.97 0.29
C VAL E 50 -22.45 36.99 1.44
N ARG E 51 -22.44 35.70 1.13
CA ARG E 51 -22.53 34.69 2.18
C ARG E 51 -21.14 34.48 2.80
N SER E 52 -21.08 34.55 4.13
CA SER E 52 -19.81 34.42 4.84
C SER E 52 -19.10 33.13 4.47
N GLN E 53 -17.78 33.18 4.38
CA GLN E 53 -16.96 32.04 4.02
C GLN E 53 -16.09 31.57 5.19
N VAL E 54 -16.27 32.16 6.37
CA VAL E 54 -15.49 31.78 7.54
C VAL E 54 -16.06 30.50 8.15
N GLU E 55 -15.25 29.83 8.98
CA GLU E 55 -15.58 28.56 9.62
C GLU E 55 -15.73 28.76 11.13
N PRO E 56 -16.53 27.92 11.81
CA PRO E 56 -16.79 28.12 13.25
C PRO E 56 -15.55 28.21 14.13
N GLY E 57 -15.73 28.79 15.32
CA GLY E 57 -14.71 28.80 16.35
C GLY E 57 -13.51 29.68 16.07
N TYR E 58 -13.52 30.47 15.00
CA TYR E 58 -12.32 31.21 14.64
C TYR E 58 -12.02 32.31 15.64
N LEU E 59 -13.05 33.03 16.10
CA LEU E 59 -12.81 34.23 16.89
C LEU E 59 -12.24 33.94 18.28
N ARG E 60 -12.67 32.84 18.90
CA ARG E 60 -12.39 32.64 20.33
C ARG E 60 -10.90 32.73 20.65
N LYS E 61 -10.05 32.24 19.75
CA LYS E 61 -8.61 32.28 19.99
C LYS E 61 -7.94 33.55 19.47
N ARG E 62 -8.52 34.20 18.46
CA ARG E 62 -7.97 35.48 18.00
C ARG E 62 -8.05 36.53 19.11
N LEU E 63 -9.26 36.78 19.60
CA LEU E 63 -9.42 37.76 20.66
C LEU E 63 -8.81 37.23 21.96
N PRO E 64 -8.21 38.11 22.77
CA PRO E 64 -7.64 37.66 24.04
C PRO E 64 -8.68 36.99 24.93
N GLU E 65 -8.23 36.03 25.73
CA GLU E 65 -9.12 35.22 26.54
C GLU E 65 -9.70 35.98 27.74
N THR E 66 -9.13 37.13 28.09
CA THR E 66 -9.64 37.94 29.17
C THR E 66 -9.80 39.38 28.68
N ALA E 67 -10.56 40.17 29.46
CA ALA E 67 -10.79 41.55 29.08
C ALA E 67 -9.51 42.37 29.22
N PRO E 68 -9.35 43.41 28.39
CA PRO E 68 -8.19 44.30 28.54
C PRO E 68 -8.31 45.14 29.80
N TYR E 69 -7.33 45.01 30.70
CA TYR E 69 -7.34 45.72 31.98
C TYR E 69 -6.69 47.10 31.91
N ASN E 70 -6.82 47.80 30.77
CA ASN E 70 -6.32 49.16 30.60
C ASN E 70 -6.83 49.73 29.27
N PRO E 71 -6.99 51.05 29.17
CA PRO E 71 -7.74 51.62 28.04
C PRO E 71 -7.04 51.42 26.71
N GLU E 72 -7.77 50.84 25.75
CA GLU E 72 -7.33 50.72 24.38
C GLU E 72 -7.81 51.93 23.58
N SER E 73 -7.07 52.24 22.51
CA SER E 73 -7.39 53.39 21.68
C SER E 73 -8.68 53.12 20.91
N ILE E 74 -9.03 54.04 20.01
CA ILE E 74 -10.25 53.93 19.22
C ILE E 74 -9.96 53.55 17.78
N GLU E 75 -8.91 54.12 17.19
CA GLU E 75 -8.51 53.74 15.83
C GLU E 75 -8.11 52.27 15.76
N THR E 76 -7.63 51.71 16.87
CA THR E 76 -7.29 50.28 16.89
C THR E 76 -8.55 49.42 16.90
N ILE E 77 -9.60 49.87 17.60
CA ILE E 77 -10.86 49.13 17.61
C ILE E 77 -11.51 49.18 16.23
N LEU E 78 -11.39 50.32 15.54
CA LEU E 78 -11.86 50.41 14.17
C LEU E 78 -11.12 49.42 13.26
N GLN E 79 -9.79 49.34 13.43
CA GLN E 79 -9.04 48.29 12.75
C GLN E 79 -9.37 46.91 13.30
N ASP E 80 -9.75 46.85 14.58
CA ASP E 80 -10.23 45.61 15.19
C ASP E 80 -11.64 45.25 14.75
N VAL E 81 -12.34 46.15 14.06
CA VAL E 81 -13.67 45.84 13.55
C VAL E 81 -13.59 45.34 12.10
N THR E 82 -12.69 45.91 11.30
CA THR E 82 -12.64 45.57 9.88
C THR E 82 -12.05 44.18 9.67
N THR E 83 -11.19 43.71 10.58
CA THR E 83 -10.42 42.50 10.33
C THR E 83 -11.19 41.22 10.64
N GLU E 84 -12.11 41.25 11.61
CA GLU E 84 -12.78 40.01 12.01
C GLU E 84 -14.30 40.07 11.96
N ILE E 85 -14.89 41.26 12.13
CA ILE E 85 -16.34 41.36 12.03
C ILE E 85 -16.77 41.14 10.58
N ILE E 86 -16.17 41.89 9.66
CA ILE E 86 -16.56 41.89 8.25
C ILE E 86 -16.36 40.54 7.58
N PRO E 87 -15.23 39.82 7.79
CA PRO E 87 -15.14 38.47 7.21
C PRO E 87 -16.27 37.54 7.64
N GLY E 88 -16.65 37.59 8.92
CA GLY E 88 -17.67 36.71 9.42
C GLY E 88 -19.03 37.34 9.68
N LEU E 89 -19.46 38.24 8.80
CA LEU E 89 -20.83 38.72 8.83
C LEU E 89 -21.42 38.62 7.43
N THR E 90 -22.56 37.96 7.30
CA THR E 90 -23.26 37.82 6.02
C THR E 90 -24.02 39.11 5.78
N HIS E 91 -23.48 39.97 4.91
CA HIS E 91 -24.00 41.31 4.66
C HIS E 91 -25.44 41.31 4.15
N TRP E 92 -26.41 41.04 5.03
CA TRP E 92 -27.84 41.11 4.72
C TRP E 92 -28.30 42.11 3.68
N GLN E 93 -27.85 43.35 3.75
CA GLN E 93 -28.26 44.30 2.72
C GLN E 93 -27.17 44.54 1.66
N SER E 94 -26.22 43.62 1.49
CA SER E 94 -25.33 43.72 0.35
C SER E 94 -26.18 43.57 -0.91
N PRO E 95 -26.05 44.50 -1.88
CA PRO E 95 -27.04 44.58 -2.98
C PRO E 95 -27.30 43.26 -3.69
N ASN E 96 -26.41 42.28 -3.49
CA ASN E 96 -26.62 40.94 -4.01
C ASN E 96 -27.02 39.99 -2.90
N TYR E 97 -28.09 40.31 -2.18
CA TYR E 97 -28.63 39.47 -1.13
C TYR E 97 -30.10 39.21 -1.42
N TYR E 98 -30.42 37.94 -1.69
CA TYR E 98 -31.77 37.52 -2.02
C TYR E 98 -32.14 36.29 -1.20
N ALA E 99 -31.80 36.28 0.07
CA ALA E 99 -32.03 35.14 0.94
C ALA E 99 -33.04 35.50 2.03
N TYR E 100 -33.79 34.50 2.45
CA TYR E 100 -34.69 34.58 3.61
C TYR E 100 -35.74 35.66 3.30
N PHE E 101 -36.05 36.54 4.23
CA PHE E 101 -36.79 37.74 3.89
C PHE E 101 -35.87 38.95 4.05
N PRO E 102 -35.90 39.91 3.13
CA PRO E 102 -34.86 40.93 3.09
C PRO E 102 -34.75 41.71 4.39
N SER E 103 -33.53 42.15 4.70
CA SER E 103 -33.29 43.05 5.81
C SER E 103 -33.21 44.46 5.23
N SER E 104 -34.34 45.18 5.32
CA SER E 104 -34.42 46.53 4.81
C SER E 104 -33.98 47.52 5.89
N GLY E 105 -33.18 48.50 5.48
CA GLY E 105 -32.77 49.57 6.37
C GLY E 105 -32.67 50.86 5.58
N SER E 106 -32.64 51.97 6.33
CA SER E 106 -32.66 53.27 5.68
C SER E 106 -31.93 54.29 6.54
N VAL E 107 -31.39 55.32 5.86
CA VAL E 107 -30.77 56.43 6.57
C VAL E 107 -31.79 57.12 7.47
N ALA E 108 -33.01 57.31 6.96
CA ALA E 108 -34.11 57.80 7.78
C ALA E 108 -34.31 56.91 8.99
N GLY E 109 -34.44 55.60 8.75
CA GLY E 109 -34.43 54.64 9.85
C GLY E 109 -33.13 54.62 10.62
N PHE E 110 -32.04 55.07 10.00
CA PHE E 110 -30.75 55.15 10.68
C PHE E 110 -30.69 56.34 11.61
N LEU E 111 -30.80 57.56 11.06
CA LEU E 111 -30.78 58.76 11.89
C LEU E 111 -31.88 58.74 12.94
N GLY E 112 -33.00 58.09 12.63
CA GLY E 112 -34.08 57.93 13.59
C GLY E 112 -33.66 57.22 14.86
N GLU E 113 -33.10 56.03 14.71
CA GLU E 113 -32.57 55.33 15.88
C GLU E 113 -31.26 55.92 16.36
N MET E 114 -30.55 56.67 15.50
CA MET E 114 -29.36 57.39 15.95
C MET E 114 -29.72 58.40 17.04
N LEU E 115 -30.69 59.27 16.74
CA LEU E 115 -31.24 60.14 17.78
C LEU E 115 -31.76 59.32 18.94
N SER E 116 -32.51 58.25 18.65
CA SER E 116 -33.09 57.40 19.68
C SER E 116 -32.04 56.90 20.66
N THR E 117 -30.97 56.29 20.15
CA THR E 117 -29.88 55.89 21.02
C THR E 117 -29.06 57.08 21.47
N GLY E 118 -28.97 58.11 20.62
CA GLY E 118 -28.34 59.35 21.06
C GLY E 118 -29.07 59.98 22.22
N PHE E 119 -30.41 59.98 22.17
CA PHE E 119 -31.18 60.43 23.33
C PHE E 119 -30.91 59.54 24.55
N ASN E 120 -30.78 58.23 24.33
CA ASN E 120 -30.65 57.24 25.40
C ASN E 120 -31.70 57.49 26.47
N VAL E 121 -32.91 57.00 26.23
CA VAL E 121 -34.03 57.30 27.10
C VAL E 121 -34.75 56.01 27.47
N VAL E 122 -35.13 55.90 28.74
CA VAL E 122 -35.88 54.77 29.25
C VAL E 122 -37.34 55.19 29.31
N GLY E 123 -38.09 54.84 28.27
CA GLY E 123 -39.51 55.14 28.17
C GLY E 123 -40.36 54.34 29.13
N PHE E 124 -40.09 54.54 30.42
CA PHE E 124 -40.56 53.67 31.49
C PHE E 124 -42.06 53.89 31.61
N ASN E 125 -42.42 55.15 31.90
CA ASN E 125 -43.77 55.63 32.08
C ASN E 125 -43.93 56.90 31.25
N TRP E 126 -45.15 57.43 31.19
CA TRP E 126 -45.34 58.66 30.42
C TRP E 126 -44.48 59.79 30.97
N MET E 127 -44.26 59.81 32.29
CA MET E 127 -43.41 60.84 32.88
C MET E 127 -42.04 60.87 32.23
N SER E 128 -41.49 59.71 31.90
CA SER E 128 -40.22 59.62 31.20
C SER E 128 -40.47 59.60 29.69
N SER E 129 -39.90 60.56 28.98
CA SER E 129 -40.07 60.73 27.54
C SER E 129 -41.55 60.77 27.15
N PRO E 130 -42.26 61.85 27.50
CA PRO E 130 -43.68 61.94 27.10
C PRO E 130 -43.89 61.81 25.60
N ALA E 131 -42.94 62.24 24.78
CA ALA E 131 -43.07 62.19 23.33
C ALA E 131 -42.65 60.86 22.73
N ALA E 132 -42.20 59.92 23.56
CA ALA E 132 -41.85 58.59 23.04
C ALA E 132 -43.10 57.78 22.73
N THR E 133 -44.00 57.67 23.71
CA THR E 133 -45.23 56.92 23.51
C THR E 133 -46.28 57.73 22.74
N GLU E 134 -46.29 59.05 22.91
CA GLU E 134 -47.21 59.88 22.15
C GLU E 134 -46.94 59.77 20.65
N LEU E 135 -45.67 59.86 20.26
CA LEU E 135 -45.33 59.65 18.86
C LEU E 135 -45.73 58.26 18.41
N GLU E 136 -45.62 57.27 19.30
CA GLU E 136 -46.00 55.90 18.96
C GLU E 136 -47.47 55.80 18.61
N SER E 137 -48.34 56.43 19.42
CA SER E 137 -49.77 56.37 19.16
C SER E 137 -50.14 57.09 17.87
N VAL E 138 -49.47 58.21 17.57
CA VAL E 138 -49.81 58.95 16.37
C VAL E 138 -49.14 58.35 15.14
N VAL E 139 -47.86 57.99 15.23
CA VAL E 139 -47.15 57.45 14.07
C VAL E 139 -47.75 56.12 13.66
N MET E 140 -48.34 55.37 14.61
CA MET E 140 -48.98 54.12 14.26
C MET E 140 -50.29 54.33 13.52
N ASP E 141 -50.88 55.51 13.64
CA ASP E 141 -52.10 55.83 12.91
C ASP E 141 -51.82 56.40 11.52
N TRP E 142 -50.66 57.04 11.31
CA TRP E 142 -50.20 57.32 9.96
C TRP E 142 -50.16 56.04 9.14
N PHE E 143 -49.29 55.12 9.55
CA PHE E 143 -49.17 53.83 8.89
C PHE E 143 -50.52 53.12 8.82
N GLY E 144 -51.23 53.07 9.95
CA GLY E 144 -52.53 52.40 9.97
C GLY E 144 -53.50 52.97 8.95
N LYS E 145 -53.58 54.30 8.87
CA LYS E 145 -54.40 54.92 7.82
C LYS E 145 -53.82 54.66 6.44
N MET E 146 -52.49 54.53 6.35
CA MET E 146 -51.84 54.35 5.06
C MET E 146 -52.25 53.05 4.39
N LEU E 147 -52.26 51.96 5.16
CA LEU E 147 -52.72 50.69 4.62
C LEU E 147 -54.23 50.65 4.44
N ASN E 148 -54.94 51.72 4.81
CA ASN E 148 -56.40 51.72 4.86
C ASN E 148 -56.90 50.59 5.74
N LEU E 149 -56.37 50.54 6.96
CA LEU E 149 -56.92 49.59 7.92
C LEU E 149 -58.12 50.21 8.62
N PRO E 150 -59.17 49.43 8.86
CA PRO E 150 -60.41 49.99 9.43
C PRO E 150 -60.14 50.74 10.72
N GLU E 151 -60.91 51.82 10.93
CA GLU E 151 -60.78 52.60 12.16
C GLU E 151 -61.06 51.78 13.41
N SER E 152 -61.60 50.56 13.26
CA SER E 152 -61.71 49.64 14.38
C SER E 152 -60.35 49.37 15.01
N PHE E 153 -59.28 49.45 14.21
CA PHE E 153 -57.92 49.30 14.71
C PHE E 153 -57.28 50.64 15.09
N LEU E 154 -57.81 51.75 14.59
CA LEU E 154 -57.17 53.04 14.76
C LEU E 154 -57.52 53.65 16.11
N PHE E 155 -56.63 54.54 16.59
CA PHE E 155 -56.85 55.18 17.89
C PHE E 155 -58.03 56.14 17.85
N SER E 156 -58.22 56.85 16.74
CA SER E 156 -59.39 57.69 16.57
C SER E 156 -60.67 56.89 16.71
N GLY E 157 -60.61 55.58 16.49
CA GLY E 157 -61.70 54.67 16.81
C GLY E 157 -61.39 53.84 18.03
N SER E 158 -61.73 52.55 17.99
CA SER E 158 -61.60 51.70 19.18
C SER E 158 -60.17 51.21 19.39
N GLY E 159 -59.50 50.82 18.33
CA GLY E 159 -58.28 50.04 18.43
C GLY E 159 -57.06 50.82 18.87
N GLY E 160 -55.93 50.11 18.90
CA GLY E 160 -54.67 50.67 19.33
C GLY E 160 -53.50 50.08 18.58
N GLY E 161 -52.34 50.67 18.80
CA GLY E 161 -51.12 50.31 18.10
C GLY E 161 -49.86 50.57 18.91
N VAL E 162 -48.92 49.63 18.84
CA VAL E 162 -47.71 49.63 19.66
C VAL E 162 -46.57 49.08 18.80
N LEU E 163 -45.34 49.27 19.25
CA LEU E 163 -44.17 48.84 18.50
C LEU E 163 -43.35 47.87 19.34
N GLN E 164 -42.84 46.82 18.70
CA GLN E 164 -42.08 45.78 19.38
C GLN E 164 -40.90 45.35 18.50
N GLY E 165 -40.03 44.53 19.09
CA GLY E 165 -38.82 44.10 18.41
C GLY E 165 -39.03 43.00 17.40
N THR E 166 -39.89 42.04 17.75
CA THR E 166 -40.13 40.84 16.96
C THR E 166 -41.59 40.67 16.73
N SER E 167 -41.93 39.85 15.76
CA SER E 167 -43.34 39.51 15.61
C SER E 167 -43.76 38.43 16.61
N CYS E 168 -42.85 37.51 16.91
CA CYS E 168 -43.14 36.51 17.94
C CYS E 168 -43.40 37.18 19.29
N GLU E 169 -42.76 38.32 19.55
CA GLU E 169 -43.11 39.15 20.69
C GLU E 169 -44.59 39.54 20.63
N ALA E 170 -45.02 40.08 19.48
CA ALA E 170 -46.40 40.49 19.33
C ALA E 170 -47.36 39.31 19.45
N ILE E 171 -47.00 38.17 18.87
CA ILE E 171 -47.86 37.00 18.96
C ILE E 171 -47.95 36.53 20.40
N LEU E 172 -46.86 36.67 21.17
CA LEU E 172 -46.91 36.40 22.60
C LEU E 172 -47.93 37.31 23.29
N CYS E 173 -47.77 38.62 23.13
CA CYS E 173 -48.72 39.56 23.72
C CYS E 173 -50.13 39.32 23.22
N THR E 174 -50.27 38.96 21.94
CA THR E 174 -51.59 38.69 21.40
C THR E 174 -52.13 37.34 21.89
N LEU E 175 -51.26 36.32 21.94
CA LEU E 175 -51.67 35.04 22.53
C LEU E 175 -51.99 35.21 24.00
N THR E 176 -51.14 35.96 24.73
CA THR E 176 -51.44 36.26 26.13
C THR E 176 -52.78 36.94 26.27
N ALA E 177 -53.10 37.86 25.36
CA ALA E 177 -54.39 38.54 25.40
C ALA E 177 -55.54 37.56 25.27
N ALA E 178 -55.52 36.74 24.22
CA ALA E 178 -56.62 35.82 23.97
C ALA E 178 -56.67 34.69 24.99
N ARG E 179 -55.51 34.24 25.49
CA ARG E 179 -55.49 33.15 26.45
C ARG E 179 -56.22 33.54 27.73
N ASP E 180 -55.73 34.58 28.41
CA ASP E 180 -56.38 35.04 29.63
C ASP E 180 -57.83 35.45 29.38
N ARG E 181 -58.07 36.21 28.29
CA ARG E 181 -59.42 36.65 27.95
C ARG E 181 -60.41 35.50 27.99
N LYS E 182 -60.13 34.43 27.23
CA LYS E 182 -60.96 33.23 27.29
C LYS E 182 -60.92 32.59 28.67
N LEU E 183 -59.72 32.49 29.25
CA LEU E 183 -59.53 31.75 30.48
C LEU E 183 -59.90 32.56 31.72
N ASN E 184 -60.03 33.88 31.59
CA ASN E 184 -60.57 34.70 32.68
C ASN E 184 -62.04 34.40 32.93
N LYS E 185 -62.70 33.68 32.02
CA LYS E 185 -64.10 33.31 32.17
C LYS E 185 -64.28 31.93 32.77
N ILE E 186 -63.37 30.99 32.49
CA ILE E 186 -63.56 29.59 32.87
C ILE E 186 -62.52 29.12 33.89
N GLY E 187 -61.76 30.03 34.48
CA GLY E 187 -61.10 29.77 35.75
C GLY E 187 -59.58 29.64 35.82
N ARG E 188 -58.84 30.15 34.83
CA ARG E 188 -57.38 30.16 34.84
C ARG E 188 -56.76 28.78 35.08
N GLU E 189 -57.52 27.71 34.85
CA GLU E 189 -56.99 26.36 35.02
C GLU E 189 -57.34 25.44 33.85
N HIS E 190 -58.05 25.93 32.84
CA HIS E 190 -58.30 25.18 31.62
C HIS E 190 -57.21 25.41 30.57
N ILE E 191 -56.02 25.81 31.00
CA ILE E 191 -54.94 26.10 30.06
C ILE E 191 -54.47 24.84 29.35
N GLY E 192 -54.61 23.69 29.99
CA GLY E 192 -54.24 22.42 29.40
C GLY E 192 -55.19 21.90 28.34
N ARG E 193 -56.19 22.69 27.94
CA ARG E 193 -57.17 22.27 26.96
C ARG E 193 -57.40 23.30 25.86
N LEU E 194 -56.55 24.32 25.75
CA LEU E 194 -56.69 25.34 24.72
C LEU E 194 -55.82 24.98 23.52
N VAL E 195 -56.34 25.26 22.33
CA VAL E 195 -55.70 24.88 21.06
C VAL E 195 -55.41 26.15 20.27
N VAL E 196 -54.24 26.16 19.62
CA VAL E 196 -53.85 27.23 18.71
C VAL E 196 -53.77 26.65 17.31
N TYR E 197 -54.27 27.40 16.32
CA TYR E 197 -54.41 26.92 14.96
C TYR E 197 -53.53 27.72 14.01
N GLY E 198 -52.74 27.00 13.22
CA GLY E 198 -51.92 27.60 12.18
C GLY E 198 -51.86 26.73 10.95
N SER E 199 -50.78 26.81 10.20
CA SER E 199 -50.61 26.01 9.00
C SER E 199 -49.20 25.46 8.96
N ASP E 200 -48.97 24.51 8.03
CA ASP E 200 -47.64 23.98 7.83
C ASP E 200 -46.70 24.96 7.14
N GLN E 201 -47.24 26.07 6.63
CA GLN E 201 -46.43 27.14 6.05
C GLN E 201 -46.27 28.33 6.98
N THR E 202 -47.06 28.39 8.05
CA THR E 202 -46.95 29.47 9.03
C THR E 202 -45.58 29.40 9.71
N HIS E 203 -45.09 30.58 10.11
CA HIS E 203 -43.81 30.68 10.80
C HIS E 203 -43.84 29.92 12.14
N CYS E 204 -42.65 29.72 12.70
CA CYS E 204 -42.49 29.10 14.01
C CYS E 204 -42.71 30.09 15.15
N ALA E 205 -42.92 31.37 14.84
CA ALA E 205 -43.30 32.32 15.89
C ALA E 205 -44.59 31.90 16.57
N LEU E 206 -45.51 31.28 15.81
CA LEU E 206 -46.75 30.79 16.40
C LEU E 206 -46.48 29.68 17.42
N GLN E 207 -45.68 28.69 17.03
CA GLN E 207 -45.38 27.58 17.94
C GLN E 207 -44.55 28.04 19.13
N LYS E 208 -43.60 28.96 18.90
CA LYS E 208 -42.78 29.45 20.01
C LYS E 208 -43.60 30.28 21.00
N ALA E 209 -44.48 31.14 20.50
CA ALA E 209 -45.28 31.98 21.38
C ALA E 209 -46.20 31.13 22.25
N ALA E 210 -46.94 30.21 21.63
CA ALA E 210 -47.77 29.29 22.41
C ALA E 210 -46.93 28.47 23.37
N GLN E 211 -45.69 28.13 22.98
CA GLN E 211 -44.78 27.42 23.88
C GLN E 211 -44.51 28.24 25.14
N VAL E 212 -44.13 29.50 24.95
CA VAL E 212 -43.85 30.35 26.10
C VAL E 212 -45.13 30.71 26.83
N ALA E 213 -46.22 30.92 26.09
CA ALA E 213 -47.48 31.31 26.70
C ALA E 213 -48.22 30.16 27.37
N GLY E 214 -47.63 28.97 27.41
CA GLY E 214 -48.16 27.89 28.22
C GLY E 214 -49.09 26.92 27.52
N ILE E 215 -49.21 26.98 26.20
CA ILE E 215 -50.08 26.04 25.49
C ILE E 215 -49.45 24.66 25.52
N ASN E 216 -50.29 23.65 25.75
CA ASN E 216 -49.82 22.28 25.77
C ASN E 216 -49.23 21.92 24.41
N PRO E 217 -48.05 21.28 24.35
CA PRO E 217 -47.46 20.97 23.04
C PRO E 217 -48.36 20.14 22.14
N LYS E 218 -49.16 19.24 22.71
CA LYS E 218 -50.07 18.42 21.91
C LYS E 218 -51.29 19.20 21.42
N ASN E 219 -51.44 20.46 21.83
CA ASN E 219 -52.58 21.29 21.45
C ASN E 219 -52.18 22.41 20.50
N PHE E 220 -51.16 22.18 19.67
CA PHE E 220 -50.80 23.09 18.59
C PHE E 220 -51.07 22.39 17.26
N ARG E 221 -51.73 23.09 16.35
CA ARG E 221 -52.11 22.53 15.06
C ARG E 221 -51.23 23.09 13.95
N ALA E 222 -50.88 22.23 13.01
CA ALA E 222 -50.20 22.62 11.77
C ALA E 222 -51.03 22.09 10.60
N ILE E 223 -52.18 22.73 10.39
CA ILE E 223 -53.14 22.24 9.40
C ILE E 223 -52.49 22.22 8.02
N LYS E 224 -52.72 21.15 7.27
CA LYS E 224 -52.00 20.93 6.02
C LYS E 224 -52.50 21.87 4.93
N THR E 225 -51.58 22.31 4.09
CA THR E 225 -51.89 23.08 2.89
C THR E 225 -51.83 22.17 1.68
N PHE E 226 -52.37 22.66 0.57
CA PHE E 226 -52.46 21.90 -0.67
C PHE E 226 -51.94 22.74 -1.83
N LYS E 227 -51.59 22.05 -2.91
CA LYS E 227 -51.17 22.70 -4.14
C LYS E 227 -52.34 23.26 -4.95
N GLU E 228 -53.58 22.86 -4.63
CA GLU E 228 -54.73 23.37 -5.35
C GLU E 228 -54.96 24.84 -5.05
N ASN E 229 -54.92 25.22 -3.77
CA ASN E 229 -55.03 26.60 -3.35
C ASN E 229 -53.68 27.30 -3.25
N SER E 230 -52.63 26.68 -3.80
CA SER E 230 -51.27 27.24 -3.80
C SER E 230 -50.78 27.50 -2.37
N PHE E 231 -50.94 26.48 -1.52
CA PHE E 231 -50.37 26.45 -0.17
C PHE E 231 -50.91 27.54 0.74
N GLY E 232 -52.09 28.07 0.43
CA GLY E 232 -52.83 28.90 1.34
C GLY E 232 -53.87 28.06 2.07
N LEU E 233 -54.03 28.32 3.36
CA LEU E 233 -55.00 27.57 4.15
C LEU E 233 -56.40 27.75 3.57
N SER E 234 -57.21 26.71 3.72
CA SER E 234 -58.64 26.80 3.43
C SER E 234 -59.40 26.81 4.74
N ALA E 235 -60.44 27.63 4.81
CA ALA E 235 -61.32 27.61 5.97
C ALA E 235 -62.00 26.24 6.10
N ALA E 236 -62.32 25.62 4.96
CA ALA E 236 -62.97 24.31 4.98
C ALA E 236 -62.11 23.29 5.71
N THR E 237 -60.79 23.35 5.55
CA THR E 237 -59.91 22.44 6.28
C THR E 237 -59.74 22.87 7.74
N LEU E 238 -59.77 24.18 8.01
CA LEU E 238 -59.66 24.64 9.40
C LEU E 238 -60.86 24.18 10.22
N ARG E 239 -62.07 24.43 9.72
CA ARG E 239 -63.27 24.06 10.45
C ARG E 239 -63.31 22.56 10.72
N GLU E 240 -62.85 21.75 9.76
CA GLU E 240 -62.91 20.30 9.91
C GLU E 240 -62.03 19.82 11.06
N VAL E 241 -60.83 20.40 11.19
CA VAL E 241 -59.93 19.99 12.26
C VAL E 241 -60.49 20.42 13.62
N ILE E 242 -61.07 21.63 13.68
CA ILE E 242 -61.65 22.13 14.92
C ILE E 242 -62.69 21.17 15.46
N LEU E 243 -63.55 20.64 14.58
CA LEU E 243 -64.59 19.72 15.00
C LEU E 243 -64.00 18.48 15.66
N GLU E 244 -62.88 17.99 15.14
CA GLU E 244 -62.20 16.86 15.75
C GLU E 244 -61.59 17.23 17.10
N ASP E 245 -61.35 18.51 17.36
CA ASP E 245 -60.86 18.94 18.66
C ASP E 245 -61.97 19.23 19.64
N ILE E 246 -63.16 19.62 19.15
CA ILE E 246 -64.30 19.79 20.05
C ILE E 246 -64.83 18.44 20.50
N GLU E 247 -64.84 17.45 19.60
CA GLU E 247 -65.33 16.12 19.95
C GLU E 247 -64.45 15.42 20.97
N ALA E 248 -63.22 15.89 21.17
CA ALA E 248 -62.31 15.32 22.16
C ALA E 248 -62.12 16.21 23.38
N GLY E 249 -62.94 17.26 23.52
CA GLY E 249 -62.86 18.12 24.68
C GLY E 249 -61.71 19.10 24.68
N LEU E 250 -61.48 19.77 23.55
CA LEU E 250 -60.42 20.77 23.42
C LEU E 250 -61.02 22.07 22.91
N ILE E 251 -60.49 23.18 23.40
CA ILE E 251 -61.03 24.51 23.12
C ILE E 251 -60.22 25.14 21.98
N PRO E 252 -60.83 25.41 20.82
CA PRO E 252 -60.16 26.27 19.84
C PRO E 252 -60.06 27.69 20.38
N LEU E 253 -58.90 28.31 20.17
CA LEU E 253 -58.61 29.59 20.82
C LEU E 253 -57.97 30.63 19.92
N PHE E 254 -57.14 30.26 18.94
CA PHE E 254 -56.30 31.24 18.29
C PHE E 254 -55.96 30.76 16.89
N VAL E 255 -56.27 31.58 15.88
CA VAL E 255 -55.93 31.32 14.49
C VAL E 255 -54.98 32.40 14.01
N CYS E 256 -53.94 31.99 13.28
CA CYS E 256 -52.93 32.91 12.77
C CYS E 256 -52.85 32.80 11.25
N PRO E 257 -53.62 33.60 10.52
CA PRO E 257 -53.44 33.66 9.06
C PRO E 257 -52.19 34.43 8.68
N THR E 258 -51.46 33.90 7.70
CA THR E 258 -50.20 34.47 7.25
C THR E 258 -50.30 34.87 5.78
N VAL E 259 -50.53 36.15 5.51
CA VAL E 259 -50.33 36.69 4.18
C VAL E 259 -48.83 36.89 4.00
N GLY E 260 -48.27 36.27 2.96
CA GLY E 260 -46.83 36.30 2.77
C GLY E 260 -46.10 35.32 3.67
N THR E 261 -46.36 34.04 3.48
CA THR E 261 -45.71 33.01 4.28
C THR E 261 -44.21 32.97 3.99
N THR E 262 -43.48 32.27 4.85
CA THR E 262 -42.03 32.24 4.72
C THR E 262 -41.56 31.36 3.56
N SER E 263 -42.21 30.20 3.39
CA SER E 263 -41.69 29.20 2.48
C SER E 263 -42.03 29.52 1.02
N SER E 264 -43.32 29.61 0.69
CA SER E 264 -43.73 29.84 -0.69
C SER E 264 -44.43 31.18 -0.88
N THR E 265 -44.17 32.14 0.02
CA THR E 265 -44.85 33.44 0.08
C THR E 265 -46.33 33.34 -0.23
N ALA E 266 -46.94 32.22 0.15
CA ALA E 266 -48.35 31.97 -0.10
C ALA E 266 -49.21 32.83 0.81
N VAL E 267 -50.52 32.79 0.56
CA VAL E 267 -51.48 33.63 1.27
C VAL E 267 -52.71 32.79 1.57
N ASP E 268 -53.17 32.84 2.82
CA ASP E 268 -54.40 32.16 3.16
C ASP E 268 -55.54 33.17 3.34
N PRO E 269 -56.74 32.85 2.88
CA PRO E 269 -57.87 33.79 2.96
C PRO E 269 -58.18 34.20 4.39
N ILE E 270 -58.18 35.50 4.63
CA ILE E 270 -58.45 36.02 5.97
C ILE E 270 -59.96 36.07 6.23
N SER E 271 -60.72 36.61 5.28
CA SER E 271 -62.16 36.79 5.49
C SER E 271 -62.90 35.50 5.78
N PRO E 272 -62.71 34.41 5.02
CA PRO E 272 -63.41 33.15 5.38
C PRO E 272 -62.95 32.57 6.70
N ILE E 273 -61.71 32.81 7.12
CA ILE E 273 -61.22 32.27 8.39
C ILE E 273 -61.93 32.95 9.56
N CYS E 274 -62.05 34.28 9.52
CA CYS E 274 -62.71 34.99 10.60
C CYS E 274 -64.16 34.54 10.76
N GLU E 275 -64.81 34.11 9.67
CA GLU E 275 -66.16 33.58 9.77
C GLU E 275 -66.18 32.18 10.37
N VAL E 276 -65.11 31.40 10.17
CA VAL E 276 -65.00 30.10 10.83
C VAL E 276 -64.50 30.27 12.26
N ALA E 277 -63.67 31.27 12.51
CA ALA E 277 -63.20 31.53 13.87
C ALA E 277 -64.23 32.30 14.70
N LYS E 278 -65.11 33.06 14.05
CA LYS E 278 -66.18 33.73 14.78
C LYS E 278 -67.19 32.73 15.32
N GLU E 279 -67.45 31.66 14.56
CA GLU E 279 -68.45 30.69 14.98
C GLU E 279 -68.03 29.93 16.24
N TYR E 280 -66.72 29.81 16.48
CA TYR E 280 -66.21 29.08 17.62
C TYR E 280 -65.49 29.98 18.62
N GLU E 281 -65.70 31.29 18.52
CA GLU E 281 -65.24 32.27 19.50
C GLU E 281 -63.73 32.19 19.73
N MET E 282 -62.95 32.73 18.81
CA MET E 282 -61.50 32.72 19.00
C MET E 282 -60.86 33.91 18.30
N TRP E 283 -59.68 34.27 18.79
CA TRP E 283 -58.95 35.42 18.29
C TRP E 283 -58.38 35.12 16.91
N VAL E 284 -58.38 36.12 16.04
CA VAL E 284 -57.80 36.00 14.70
C VAL E 284 -56.69 37.05 14.61
N HIS E 285 -55.45 36.63 14.80
CA HIS E 285 -54.29 37.48 14.60
C HIS E 285 -53.74 37.25 13.20
N VAL E 286 -53.77 38.29 12.37
CA VAL E 286 -53.23 38.21 11.02
C VAL E 286 -51.73 38.49 11.07
N ASP E 287 -50.94 37.56 10.52
CA ASP E 287 -49.49 37.70 10.47
C ASP E 287 -49.09 38.09 9.06
N ALA E 288 -48.53 39.30 8.92
CA ALA E 288 -47.96 39.76 7.67
C ALA E 288 -46.71 40.59 7.98
N ALA E 289 -45.79 39.99 8.72
CA ALA E 289 -44.55 40.67 9.10
C ALA E 289 -43.82 41.22 7.89
N TYR E 290 -43.74 40.43 6.83
CA TYR E 290 -43.08 40.84 5.59
C TYR E 290 -44.05 41.40 4.55
N ALA E 291 -45.27 40.86 4.50
CA ALA E 291 -46.18 41.15 3.40
C ALA E 291 -46.93 42.47 3.59
N GLY E 292 -47.28 42.81 4.82
CA GLY E 292 -48.22 43.89 5.05
C GLY E 292 -47.78 45.23 4.50
N SER E 293 -46.47 45.51 4.53
CA SER E 293 -45.98 46.83 4.17
C SER E 293 -46.42 47.25 2.77
N ALA E 294 -46.45 46.31 1.82
CA ALA E 294 -46.84 46.64 0.46
C ALA E 294 -48.34 46.93 0.35
N CYS E 295 -49.14 46.54 1.33
CA CYS E 295 -50.57 46.80 1.26
C CYS E 295 -50.92 48.27 1.46
N ILE E 296 -49.94 49.14 1.69
CA ILE E 296 -50.16 50.57 1.55
C ILE E 296 -50.37 50.96 0.10
N CYS E 297 -50.05 50.06 -0.83
CA CYS E 297 -50.24 50.23 -2.26
C CYS E 297 -51.66 49.85 -2.65
N PRO E 298 -52.36 50.67 -3.44
CA PRO E 298 -53.78 50.38 -3.71
C PRO E 298 -54.02 49.09 -4.46
N GLU E 299 -53.03 48.59 -5.20
CA GLU E 299 -53.20 47.31 -5.88
C GLU E 299 -52.89 46.14 -4.96
N PHE E 300 -52.11 46.35 -3.89
CA PHE E 300 -51.78 45.28 -2.96
C PHE E 300 -52.73 45.18 -1.78
N ARG E 301 -53.50 46.24 -1.50
CA ARG E 301 -54.44 46.23 -0.38
C ARG E 301 -55.50 45.14 -0.50
N HIS E 302 -55.62 44.50 -1.67
CA HIS E 302 -56.54 43.40 -1.85
C HIS E 302 -56.05 42.10 -1.22
N PHE E 303 -54.85 42.08 -0.65
CA PHE E 303 -54.30 40.87 -0.06
C PHE E 303 -54.63 40.71 1.42
N ILE E 304 -54.92 41.78 2.14
CA ILE E 304 -55.30 41.69 3.54
C ILE E 304 -56.80 41.94 3.73
N ASP E 305 -57.59 41.74 2.67
CA ASP E 305 -59.04 41.85 2.81
C ASP E 305 -59.56 40.74 3.71
N GLY E 306 -60.31 41.12 4.75
CA GLY E 306 -60.71 40.20 5.78
C GLY E 306 -60.10 40.47 7.13
N VAL E 307 -59.16 41.43 7.22
CA VAL E 307 -58.64 41.88 8.50
C VAL E 307 -59.61 42.80 9.21
N GLU E 308 -60.63 43.29 8.50
CA GLU E 308 -61.64 44.15 9.11
C GLU E 308 -62.43 43.43 10.20
N GLU E 309 -62.43 42.10 10.19
CA GLU E 309 -63.12 41.30 11.19
C GLU E 309 -62.15 40.38 11.94
N ALA E 310 -60.92 40.83 12.13
CA ALA E 310 -59.92 40.11 12.90
C ALA E 310 -59.44 40.99 14.05
N ASP E 311 -59.02 40.35 15.15
CA ASP E 311 -58.75 41.10 16.37
C ASP E 311 -57.41 41.83 16.31
N SER E 312 -56.39 41.24 15.70
CA SER E 312 -55.09 41.87 15.64
C SER E 312 -54.40 41.60 14.31
N PHE E 313 -53.44 42.46 13.99
CA PHE E 313 -52.68 42.40 12.75
C PHE E 313 -51.26 42.86 13.04
N SER E 314 -50.29 42.13 12.49
CA SER E 314 -48.87 42.39 12.76
C SER E 314 -48.11 42.45 11.45
N LEU E 315 -47.29 43.50 11.31
CA LEU E 315 -46.35 43.60 10.20
C LEU E 315 -45.02 44.12 10.72
N ASN E 316 -43.94 43.57 10.19
CA ASN E 316 -42.59 43.94 10.58
C ASN E 316 -42.12 45.08 9.68
N ALA E 317 -41.85 46.24 10.28
CA ALA E 317 -41.32 47.36 9.53
C ALA E 317 -39.84 47.19 9.19
N HIS E 318 -39.15 46.24 9.81
CA HIS E 318 -37.75 45.94 9.50
C HIS E 318 -37.59 44.84 8.46
N LYS E 319 -38.69 44.33 7.90
CA LYS E 319 -38.62 43.36 6.82
C LYS E 319 -38.87 43.98 5.44
N TRP E 320 -39.75 44.97 5.35
CA TRP E 320 -40.04 45.58 4.06
C TRP E 320 -40.51 47.01 4.20
N PHE E 321 -39.91 47.78 5.12
CA PHE E 321 -40.29 49.18 5.24
C PHE E 321 -39.22 50.08 5.88
N PHE E 322 -37.97 49.88 5.50
CA PHE E 322 -36.95 50.94 5.57
C PHE E 322 -36.72 51.46 6.98
N THR E 323 -36.96 50.63 7.99
CA THR E 323 -36.48 50.91 9.33
C THR E 323 -35.29 50.01 9.62
N THR E 324 -34.64 50.25 10.75
CA THR E 324 -33.57 49.37 11.16
C THR E 324 -34.11 48.29 12.09
N LEU E 325 -33.46 47.13 12.07
CA LEU E 325 -33.76 46.10 13.06
C LEU E 325 -33.51 46.67 14.45
N ASP E 326 -34.56 46.77 15.27
CA ASP E 326 -35.87 46.24 14.95
C ASP E 326 -37.03 47.22 15.24
N CYS E 327 -38.16 46.99 14.59
CA CYS E 327 -39.36 47.80 14.78
C CYS E 327 -40.57 47.09 14.18
N CYS E 328 -41.26 46.29 14.99
CA CYS E 328 -42.48 45.62 14.56
C CYS E 328 -43.69 46.33 15.15
N CYS E 329 -44.73 46.49 14.33
CA CYS E 329 -45.90 47.29 14.69
C CYS E 329 -47.13 46.40 14.76
N LEU E 330 -47.77 46.37 15.93
CA LEU E 330 -48.93 45.53 16.21
C LEU E 330 -50.18 46.39 16.30
N TRP E 331 -51.24 45.96 15.61
CA TRP E 331 -52.52 46.66 15.63
C TRP E 331 -53.54 45.76 16.31
N VAL E 332 -54.19 46.28 17.36
CA VAL E 332 -55.17 45.54 18.13
C VAL E 332 -56.49 46.30 18.07
N LYS E 333 -57.60 45.54 18.00
CA LYS E 333 -58.92 46.13 18.18
C LYS E 333 -59.24 46.41 19.64
N ASP E 334 -58.58 45.70 20.55
CA ASP E 334 -58.87 45.79 21.99
C ASP E 334 -57.57 45.97 22.75
N PRO E 335 -57.09 47.22 22.86
CA PRO E 335 -55.94 47.47 23.75
C PRO E 335 -56.24 47.14 25.20
N SER E 336 -57.51 47.07 25.59
CA SER E 336 -57.86 46.66 26.95
C SER E 336 -57.45 45.23 27.23
N ALA E 337 -57.39 44.38 26.19
CA ALA E 337 -56.94 43.01 26.37
C ALA E 337 -55.43 42.92 26.54
N LEU E 338 -54.68 43.86 25.97
CA LEU E 338 -53.23 43.86 26.12
C LEU E 338 -52.84 44.22 27.54
N VAL E 339 -53.43 45.28 28.09
CA VAL E 339 -53.12 45.69 29.46
C VAL E 339 -53.60 44.64 30.46
N LYS E 340 -54.76 44.03 30.19
CA LYS E 340 -55.34 43.08 31.13
C LYS E 340 -54.46 41.86 31.37
N ALA E 341 -53.54 41.54 30.44
CA ALA E 341 -52.73 40.35 30.56
C ALA E 341 -51.24 40.63 30.73
N LEU E 342 -50.78 41.87 30.54
CA LEU E 342 -49.36 42.19 30.59
C LEU E 342 -49.04 43.24 31.64
N SER E 343 -49.96 43.52 32.56
CA SER E 343 -49.73 44.48 33.62
C SER E 343 -49.40 43.77 34.92
N THR E 344 -48.59 44.43 35.76
CA THR E 344 -48.40 43.98 37.12
C THR E 344 -49.39 44.63 38.07
N ASN E 345 -50.17 45.59 37.58
CA ASN E 345 -51.22 46.22 38.38
C ASN E 345 -52.26 45.17 38.77
N PRO E 346 -52.98 45.40 39.87
CA PRO E 346 -54.03 44.46 40.28
C PRO E 346 -55.09 44.29 39.21
N GLU E 347 -55.80 43.16 39.28
CA GLU E 347 -56.75 42.77 38.23
C GLU E 347 -57.91 43.75 38.14
N TYR E 348 -58.29 44.39 39.26
CA TYR E 348 -59.44 45.29 39.24
C TYR E 348 -59.09 46.68 38.72
N LEU E 349 -57.84 47.11 38.86
CA LEU E 349 -57.45 48.41 38.35
C LEU E 349 -57.40 48.43 36.83
N ARG E 350 -57.00 47.32 36.21
CA ARG E 350 -56.91 47.23 34.76
C ARG E 350 -58.24 47.51 34.08
N VAL E 359 -52.62 59.80 27.85
CA VAL E 359 -51.50 59.22 28.59
C VAL E 359 -51.66 57.70 28.68
N VAL E 360 -50.72 56.98 28.08
CA VAL E 360 -50.77 55.52 28.01
C VAL E 360 -49.44 54.97 28.52
N ASP E 361 -49.51 54.11 29.54
CA ASP E 361 -48.35 53.33 29.97
C ASP E 361 -48.21 52.17 28.98
N TYR E 362 -47.43 52.41 27.92
CA TYR E 362 -47.35 51.44 26.83
C TYR E 362 -46.68 50.14 27.25
N LYS E 363 -45.89 50.16 28.32
CA LYS E 363 -45.26 48.94 28.81
C LYS E 363 -46.25 47.92 29.35
N ASP E 364 -47.55 48.18 29.22
CA ASP E 364 -48.58 47.21 29.54
C ASP E 364 -49.23 46.61 28.31
N TRP E 365 -48.96 47.16 27.12
CA TRP E 365 -49.35 46.55 25.86
C TRP E 365 -48.33 45.54 25.36
N GLN E 366 -47.21 45.38 26.06
CA GLN E 366 -46.07 44.64 25.53
C GLN E 366 -45.29 44.03 26.68
N ILE E 367 -44.09 43.52 26.36
CA ILE E 367 -43.23 42.87 27.34
C ILE E 367 -42.36 43.90 28.05
N ALA E 368 -41.45 44.51 27.31
CA ALA E 368 -40.36 45.30 27.86
C ALA E 368 -40.83 46.38 28.85
N LEU E 369 -40.53 46.18 30.13
CA LEU E 369 -40.76 47.23 31.10
C LEU E 369 -39.96 48.49 30.79
N SER E 370 -38.82 48.31 30.16
CA SER E 370 -38.05 49.45 29.75
C SER E 370 -38.20 49.55 28.26
N ARG E 371 -38.67 50.68 27.78
CA ARG E 371 -39.00 50.91 26.38
C ARG E 371 -37.95 51.79 25.73
N ARG E 372 -37.41 51.33 24.61
CA ARG E 372 -36.57 52.17 23.78
C ARG E 372 -37.42 53.13 22.96
N PHE E 373 -36.90 54.34 22.74
CA PHE E 373 -37.56 55.34 21.93
C PHE E 373 -37.71 54.83 20.50
N ARG E 374 -38.63 53.88 20.29
CA ARG E 374 -38.75 53.19 19.01
C ARG E 374 -39.41 54.02 17.93
N SER E 375 -40.12 55.10 18.30
CA SER E 375 -40.97 55.78 17.34
C SER E 375 -40.22 56.73 16.40
N LEU E 376 -38.99 57.12 16.74
CA LEU E 376 -38.25 58.02 15.85
C LEU E 376 -37.98 57.38 14.50
N LYS E 377 -37.87 56.05 14.45
CA LYS E 377 -37.57 55.35 13.20
C LYS E 377 -38.67 55.59 12.18
N LEU E 378 -39.90 55.20 12.51
CA LEU E 378 -41.02 55.30 11.58
C LEU E 378 -41.47 56.74 11.36
N TRP E 379 -40.82 57.72 11.98
CA TRP E 379 -41.12 59.13 11.76
C TRP E 379 -40.32 59.68 10.57
N MET E 380 -39.00 59.50 10.58
CA MET E 380 -38.17 59.91 9.46
C MET E 380 -38.53 59.15 8.18
N VAL E 381 -38.89 57.87 8.32
CA VAL E 381 -39.23 57.08 7.14
C VAL E 381 -40.49 57.64 6.47
N LEU E 382 -41.49 58.01 7.26
CA LEU E 382 -42.73 58.47 6.66
C LEU E 382 -42.68 59.95 6.27
N ARG E 383 -41.83 60.75 6.91
CA ARG E 383 -41.89 62.19 6.68
C ARG E 383 -40.95 62.66 5.56
N SER E 384 -39.68 62.22 5.60
CA SER E 384 -38.68 62.77 4.67
C SER E 384 -39.08 62.48 3.23
N TYR E 385 -39.35 61.21 2.93
CA TYR E 385 -39.80 60.80 1.60
C TYR E 385 -41.24 61.18 1.38
N GLY E 386 -42.10 60.69 2.26
CA GLY E 386 -43.53 60.80 2.08
C GLY E 386 -44.11 59.56 1.43
N VAL E 387 -45.43 59.45 1.57
CA VAL E 387 -46.20 58.34 1.01
C VAL E 387 -45.91 58.18 -0.47
N THR E 388 -45.53 59.26 -1.16
CA THR E 388 -45.21 59.16 -2.57
C THR E 388 -43.94 58.36 -2.81
N ASN E 389 -42.87 58.61 -2.03
CA ASN E 389 -41.62 57.90 -2.26
C ASN E 389 -41.61 56.52 -1.61
N LEU E 390 -42.61 56.18 -0.80
CA LEU E 390 -42.64 54.87 -0.14
C LEU E 390 -43.18 53.80 -1.08
N ARG E 391 -44.39 54.01 -1.62
CA ARG E 391 -44.96 53.07 -2.58
C ARG E 391 -44.33 53.17 -3.97
N ASN E 392 -43.13 53.75 -4.06
CA ASN E 392 -42.31 53.67 -5.25
C ASN E 392 -40.95 53.04 -5.01
N PHE E 393 -40.45 53.07 -3.77
CA PHE E 393 -39.39 52.14 -3.39
C PHE E 393 -39.92 50.73 -3.25
N LEU E 394 -41.18 50.59 -2.84
CA LEU E 394 -41.76 49.28 -2.59
C LEU E 394 -42.14 48.55 -3.88
N ARG E 395 -42.58 49.29 -4.91
CA ARG E 395 -42.77 48.66 -6.21
C ARG E 395 -41.46 48.43 -6.94
N SER E 396 -40.35 49.00 -6.47
CA SER E 396 -39.06 48.73 -7.08
C SER E 396 -38.72 47.25 -6.99
N HIS E 397 -38.84 46.67 -5.79
CA HIS E 397 -38.56 45.25 -5.62
C HIS E 397 -39.56 44.39 -6.39
N VAL E 398 -40.84 44.79 -6.40
CA VAL E 398 -41.88 43.97 -7.01
C VAL E 398 -41.67 43.91 -8.52
N LYS E 399 -41.50 45.07 -9.17
CA LYS E 399 -41.34 45.09 -10.61
C LYS E 399 -40.08 44.36 -11.06
N MET E 400 -39.02 44.39 -10.24
CA MET E 400 -37.83 43.63 -10.57
C MET E 400 -38.08 42.13 -10.54
N ALA E 401 -38.90 41.67 -9.58
CA ALA E 401 -39.26 40.26 -9.55
C ALA E 401 -39.97 39.85 -10.83
N LYS E 402 -40.79 40.75 -11.38
CA LYS E 402 -41.43 40.45 -12.67
C LYS E 402 -40.42 40.42 -13.80
N THR E 403 -39.32 41.15 -13.67
CA THR E 403 -38.25 41.07 -14.68
C THR E 403 -37.38 39.84 -14.46
N PHE E 404 -37.18 39.44 -13.21
CA PHE E 404 -36.51 38.16 -12.95
C PHE E 404 -37.38 37.00 -13.40
N GLU E 405 -38.68 37.03 -13.04
CA GLU E 405 -39.58 35.96 -13.40
C GLU E 405 -39.71 35.81 -14.92
N GLY E 406 -39.59 36.92 -15.66
CA GLY E 406 -39.67 36.83 -17.10
C GLY E 406 -38.51 36.06 -17.70
N LEU E 407 -37.29 36.30 -17.21
CA LEU E 407 -36.13 35.58 -17.72
C LEU E 407 -36.21 34.09 -17.39
N ILE E 408 -36.76 33.76 -16.22
CA ILE E 408 -36.90 32.36 -15.84
C ILE E 408 -37.80 31.63 -16.82
N CYS E 409 -38.88 32.27 -17.26
CA CYS E 409 -39.81 31.65 -18.19
C CYS E 409 -39.19 31.49 -19.57
N MET E 410 -38.31 32.40 -19.97
CA MET E 410 -37.66 32.31 -21.27
C MET E 410 -36.69 31.14 -21.37
N ASP E 411 -36.35 30.51 -20.25
CA ASP E 411 -35.42 29.38 -20.23
C ASP E 411 -36.20 28.08 -20.07
N GLY E 412 -35.98 27.13 -20.99
CA GLY E 412 -36.64 25.85 -20.94
C GLY E 412 -36.10 24.86 -19.94
N ARG E 413 -35.10 25.25 -19.15
CA ARG E 413 -34.52 24.38 -18.14
C ARG E 413 -34.76 24.88 -16.72
N PHE E 414 -35.47 26.00 -16.55
CA PHE E 414 -35.95 26.47 -15.27
C PHE E 414 -37.48 26.49 -15.30
N GLU E 415 -38.10 26.36 -14.13
CA GLU E 415 -39.54 26.45 -14.04
C GLU E 415 -39.93 27.25 -12.81
N ILE E 416 -41.08 27.91 -12.88
CA ILE E 416 -41.65 28.63 -11.76
C ILE E 416 -42.50 27.64 -10.97
N THR E 417 -42.08 27.33 -9.75
CA THR E 417 -42.79 26.35 -8.92
C THR E 417 -44.19 26.84 -8.57
N VAL E 418 -44.28 27.96 -7.87
CA VAL E 418 -45.54 28.39 -7.28
C VAL E 418 -45.77 29.86 -7.63
N PRO E 419 -47.03 30.31 -7.58
CA PRO E 419 -47.34 31.70 -7.94
C PRO E 419 -46.54 32.70 -7.12
N ARG E 420 -46.23 33.83 -7.76
CA ARG E 420 -45.55 34.94 -7.12
C ARG E 420 -46.58 35.95 -6.63
N THR E 421 -46.46 36.35 -5.37
CA THR E 421 -47.38 37.33 -4.78
C THR E 421 -46.79 38.73 -4.76
N PHE E 422 -45.61 38.90 -4.17
CA PHE E 422 -45.01 40.23 -4.05
C PHE E 422 -43.49 40.12 -3.93
N ALA E 423 -42.79 40.50 -5.00
CA ALA E 423 -41.35 40.75 -4.99
C ALA E 423 -40.53 39.53 -4.56
N MET E 424 -41.08 38.32 -4.64
CA MET E 424 -40.32 37.12 -4.29
C MET E 424 -40.75 36.00 -5.23
N VAL E 425 -39.81 35.51 -6.04
CA VAL E 425 -40.07 34.52 -7.07
C VAL E 425 -39.47 33.19 -6.63
N CYS E 426 -40.26 32.12 -6.74
CA CYS E 426 -39.80 30.76 -6.48
C CYS E 426 -39.51 30.09 -7.82
N PHE E 427 -38.34 29.46 -7.91
CA PHE E 427 -37.93 28.81 -9.15
C PHE E 427 -37.12 27.56 -8.81
N ARG E 428 -36.80 26.79 -9.85
CA ARG E 428 -35.95 25.62 -9.69
C ARG E 428 -35.41 25.21 -11.06
N LEU E 429 -34.17 24.77 -11.10
CA LEU E 429 -33.62 24.13 -12.29
C LEU E 429 -33.94 22.65 -12.26
N LEU E 430 -34.40 22.13 -13.40
CA LEU E 430 -34.88 20.76 -13.46
C LEU E 430 -33.99 19.91 -14.35
N PRO E 431 -33.94 18.60 -14.11
CA PRO E 431 -33.06 17.73 -14.90
C PRO E 431 -33.58 17.56 -16.32
N PRO E 432 -32.73 17.08 -17.25
CA PRO E 432 -33.11 16.86 -18.65
C PRO E 432 -34.31 15.93 -18.80
N GLU E 457 -40.04 9.71 -7.47
CA GLU E 457 -39.19 9.18 -8.55
C GLU E 457 -38.08 10.18 -8.93
N ASN E 458 -38.33 11.00 -9.94
CA ASN E 458 -37.45 12.10 -10.31
C ASN E 458 -37.57 13.28 -9.35
N LEU E 459 -38.61 13.30 -8.51
CA LEU E 459 -38.72 14.35 -7.50
C LEU E 459 -37.49 14.38 -6.61
N VAL E 460 -37.07 13.20 -6.12
CA VAL E 460 -35.83 13.12 -5.36
C VAL E 460 -34.64 13.45 -6.24
N LEU E 461 -34.66 12.98 -7.49
CA LEU E 461 -33.56 13.25 -8.42
C LEU E 461 -33.47 14.74 -8.72
N ALA E 462 -34.60 15.37 -9.06
CA ALA E 462 -34.60 16.79 -9.36
C ALA E 462 -34.18 17.62 -8.16
N ASN E 463 -34.66 17.24 -6.97
CA ASN E 463 -34.40 18.03 -5.78
C ASN E 463 -32.93 18.00 -5.39
N LYS E 464 -32.27 16.84 -5.57
CA LYS E 464 -30.84 16.78 -5.28
C LYS E 464 -30.03 17.65 -6.23
N LEU E 465 -30.51 17.81 -7.47
CA LEU E 465 -29.87 18.75 -8.39
C LEU E 465 -29.95 20.17 -7.85
N ASN E 466 -31.15 20.61 -7.48
CA ASN E 466 -31.33 21.97 -7.00
C ASN E 466 -30.50 22.23 -5.75
N GLN E 467 -30.43 21.27 -4.84
CA GLN E 467 -29.62 21.44 -3.64
C GLN E 467 -28.16 21.63 -3.98
N VAL E 468 -27.62 20.75 -4.82
CA VAL E 468 -26.20 20.85 -5.20
C VAL E 468 -25.97 22.10 -6.04
N TYR E 469 -26.92 22.43 -6.92
CA TYR E 469 -26.79 23.61 -7.77
C TYR E 469 -26.73 24.88 -6.93
N LEU E 470 -27.79 25.16 -6.17
CA LEU E 470 -27.85 26.37 -5.35
C LEU E 470 -26.66 26.47 -4.40
N GLU E 471 -26.28 25.35 -3.77
CA GLU E 471 -25.15 25.37 -2.86
C GLU E 471 -23.83 25.65 -3.56
N THR E 472 -23.75 25.39 -4.87
CA THR E 472 -22.57 25.77 -5.64
C THR E 472 -22.65 27.20 -6.17
N VAL E 473 -23.85 27.67 -6.52
CA VAL E 473 -24.01 29.08 -6.88
C VAL E 473 -23.75 29.98 -5.67
N ASN E 474 -23.88 29.46 -4.45
CA ASN E 474 -23.69 30.26 -3.25
C ASN E 474 -22.28 30.18 -2.71
N ALA E 475 -21.57 29.07 -2.94
CA ALA E 475 -20.19 28.97 -2.46
C ALA E 475 -19.27 29.97 -3.15
N THR E 476 -19.72 30.56 -4.25
CA THR E 476 -18.91 31.58 -4.93
C THR E 476 -18.71 32.80 -4.03
N GLY E 477 -19.60 33.03 -3.09
CA GLY E 477 -19.62 34.26 -2.33
C GLY E 477 -20.23 35.44 -3.07
N SER E 478 -20.50 35.31 -4.37
CA SER E 478 -21.01 36.44 -5.13
C SER E 478 -22.41 36.86 -4.68
N VAL E 479 -23.30 35.88 -4.44
CA VAL E 479 -24.67 36.13 -4.03
C VAL E 479 -25.05 35.12 -2.95
N TYR E 480 -26.15 35.40 -2.24
CA TYR E 480 -26.72 34.48 -1.28
C TYR E 480 -28.22 34.35 -1.49
N MET E 481 -28.66 33.13 -1.83
CA MET E 481 -30.06 32.77 -1.89
C MET E 481 -30.27 31.54 -1.02
N THR E 482 -31.54 31.20 -0.77
CA THR E 482 -31.86 30.01 0.00
C THR E 482 -33.13 29.37 -0.57
N HIS E 483 -33.56 28.31 0.09
CA HIS E 483 -34.53 27.39 -0.47
C HIS E 483 -35.72 27.16 0.45
N ALA E 484 -36.60 26.22 0.06
CA ALA E 484 -37.75 25.84 0.84
C ALA E 484 -38.29 24.53 0.29
N VAL E 485 -38.67 23.61 1.18
CA VAL E 485 -39.20 22.32 0.77
C VAL E 485 -40.71 22.32 1.00
N VAL E 486 -41.47 22.65 -0.04
CA VAL E 486 -42.91 22.80 0.05
C VAL E 486 -43.55 21.90 -1.00
N GLY E 487 -44.48 21.05 -0.58
CA GLY E 487 -45.08 20.11 -1.50
C GLY E 487 -44.12 19.03 -1.98
N GLY E 488 -43.02 18.83 -1.27
CA GLY E 488 -42.04 17.84 -1.66
C GLY E 488 -41.07 18.26 -2.73
N VAL E 489 -41.11 19.52 -3.17
CA VAL E 489 -40.21 20.03 -4.20
C VAL E 489 -39.23 20.99 -3.55
N TYR E 490 -37.94 20.66 -3.62
CA TYR E 490 -36.89 21.59 -3.24
C TYR E 490 -36.83 22.71 -4.27
N MET E 491 -37.11 23.93 -3.84
CA MET E 491 -37.14 25.07 -4.74
C MET E 491 -36.31 26.20 -4.16
N ILE E 492 -35.68 26.97 -5.04
CA ILE E 492 -34.80 28.06 -4.63
C ILE E 492 -35.62 29.35 -4.56
N ARG E 493 -35.46 30.07 -3.45
CA ARG E 493 -36.21 31.29 -3.21
C ARG E 493 -35.38 32.51 -3.61
N PHE E 494 -36.01 33.42 -4.35
CA PHE E 494 -35.38 34.67 -4.76
C PHE E 494 -36.17 35.81 -4.12
N ALA E 495 -35.73 36.25 -2.95
CA ALA E 495 -36.41 37.28 -2.17
C ALA E 495 -35.65 38.59 -2.32
N VAL E 496 -36.09 39.42 -3.27
CA VAL E 496 -35.45 40.69 -3.57
C VAL E 496 -36.20 41.85 -2.92
N THR E 499 -32.30 45.66 -0.62
CA THR E 499 -32.07 46.96 -0.01
C THR E 499 -31.33 47.88 -0.97
N LEU E 500 -30.07 47.56 -1.22
CA LEU E 500 -29.28 48.23 -2.25
C LEU E 500 -29.52 47.66 -3.63
N THR E 501 -30.58 46.87 -3.81
CA THR E 501 -30.80 46.12 -5.03
C THR E 501 -31.61 46.94 -6.03
N GLU E 502 -31.01 47.20 -7.18
CA GLU E 502 -31.68 47.83 -8.32
C GLU E 502 -31.77 46.81 -9.46
N GLU E 503 -32.37 47.24 -10.58
CA GLU E 503 -32.55 46.33 -11.70
C GLU E 503 -31.22 45.88 -12.28
N ARG E 504 -30.18 46.69 -12.14
CA ARG E 504 -28.85 46.32 -12.63
C ARG E 504 -28.35 45.03 -12.00
N HIS E 505 -28.71 44.77 -10.75
CA HIS E 505 -28.19 43.63 -10.01
C HIS E 505 -29.02 42.36 -10.19
N VAL E 506 -30.24 42.47 -10.72
CA VAL E 506 -31.07 41.28 -10.92
C VAL E 506 -30.53 40.42 -12.06
N ILE E 507 -30.10 41.06 -13.16
CA ILE E 507 -29.65 40.30 -14.33
C ILE E 507 -28.21 39.86 -14.20
N TYR E 508 -27.39 40.54 -13.38
CA TYR E 508 -26.10 39.99 -12.99
C TYR E 508 -26.27 38.63 -12.33
N ALA E 509 -27.19 38.56 -11.35
CA ALA E 509 -27.45 37.30 -10.67
C ALA E 509 -28.19 36.30 -11.54
N TRP E 510 -28.84 36.75 -12.62
CA TRP E 510 -29.53 35.80 -13.50
C TRP E 510 -28.53 34.98 -14.31
N LYS E 511 -27.63 35.63 -15.04
CA LYS E 511 -26.69 34.88 -15.86
C LYS E 511 -25.63 34.18 -15.03
N ILE E 512 -25.36 34.65 -13.79
CA ILE E 512 -24.62 33.83 -12.84
C ILE E 512 -25.39 32.57 -12.51
N LEU E 513 -26.68 32.73 -12.21
CA LEU E 513 -27.57 31.59 -12.00
C LEU E 513 -27.68 30.76 -13.28
N GLN E 514 -27.69 31.41 -14.43
CA GLN E 514 -27.80 30.77 -15.74
C GLN E 514 -26.47 30.25 -16.25
N GLU E 515 -25.38 30.46 -15.50
CA GLU E 515 -24.02 29.97 -15.89
C GLU E 515 -23.73 28.65 -15.18
N HIS E 516 -24.09 28.56 -13.90
CA HIS E 516 -23.90 27.28 -13.18
C HIS E 516 -24.79 26.25 -13.88
N ALA E 517 -25.99 26.66 -14.31
CA ALA E 517 -26.81 25.72 -15.10
C ALA E 517 -25.87 25.09 -16.11
N ASP E 518 -25.06 25.91 -16.78
CA ASP E 518 -24.19 25.38 -17.82
C ASP E 518 -23.14 24.44 -17.23
N LEU E 519 -22.62 24.77 -16.04
CA LEU E 519 -21.62 23.92 -15.40
C LEU E 519 -22.18 22.54 -15.08
N ILE E 520 -23.27 22.50 -14.33
CA ILE E 520 -23.80 21.22 -13.85
C ILE E 520 -24.49 20.46 -14.99
N LEU E 521 -25.39 21.12 -15.71
CA LEU E 521 -26.09 20.45 -16.81
C LEU E 521 -25.14 20.03 -17.93
N GLY E 522 -23.93 20.55 -17.95
CA GLY E 522 -22.95 20.15 -18.94
C GLY E 522 -22.48 18.73 -18.75
N LYS E 523 -21.96 18.42 -17.57
CA LYS E 523 -21.47 17.10 -17.24
C LYS E 523 -22.47 16.30 -16.39
N PHE E 524 -23.76 16.57 -16.57
CA PHE E 524 -24.79 15.94 -15.74
C PHE E 524 -24.79 14.42 -15.93
N SER E 525 -25.06 13.71 -14.83
CA SER E 525 -25.24 12.27 -14.85
C SER E 525 -26.23 11.91 -13.75
N GLU E 526 -27.10 10.94 -14.05
CA GLU E 526 -28.06 10.48 -13.05
C GLU E 526 -27.39 9.82 -11.86
N ALA E 527 -26.14 9.34 -12.03
CA ALA E 527 -25.46 8.64 -10.95
C ALA E 527 -24.85 9.59 -9.93
N ASP E 528 -24.50 10.81 -10.33
CA ASP E 528 -23.96 11.78 -9.38
C ASP E 528 -24.97 12.10 -8.29
N PHE E 529 -26.23 12.31 -8.69
CA PHE E 529 -27.32 12.61 -7.76
C PHE E 529 -28.20 11.39 -7.51
N SER E 530 -27.61 10.19 -7.57
CA SER E 530 -28.34 8.98 -7.20
C SER E 530 -28.66 8.95 -5.72
N SER E 531 -27.82 9.57 -4.90
CA SER E 531 -28.01 9.58 -3.45
C SER E 531 -27.96 10.99 -2.87
N THR F 19 -32.48 58.56 -6.29
CA THR F 19 -31.35 58.24 -5.41
C THR F 19 -31.78 57.20 -4.38
N ASN F 20 -31.06 56.09 -4.33
CA ASN F 20 -31.42 54.98 -3.46
C ASN F 20 -31.43 55.42 -2.00
N PRO F 21 -32.38 54.93 -1.19
CA PRO F 21 -32.52 55.43 0.19
C PRO F 21 -31.36 55.10 1.10
N LEU F 22 -30.28 54.53 0.55
CA LEU F 22 -29.08 54.22 1.31
C LEU F 22 -27.84 54.57 0.48
N ASP F 23 -27.90 55.71 -0.21
CA ASP F 23 -26.73 56.22 -0.91
C ASP F 23 -25.68 56.61 0.12
N PRO F 24 -24.50 55.96 0.12
CA PRO F 24 -23.57 56.15 1.25
C PRO F 24 -23.12 57.59 1.46
N GLU F 25 -22.93 58.34 0.37
CA GLU F 25 -22.56 59.75 0.50
C GLU F 25 -23.75 60.57 0.99
N GLU F 26 -24.92 60.36 0.39
CA GLU F 26 -26.16 60.91 0.94
C GLU F 26 -26.33 60.49 2.40
N PHE F 27 -25.98 59.24 2.71
CA PHE F 27 -25.90 58.78 4.08
C PHE F 27 -24.85 59.56 4.86
N ARG F 28 -23.67 59.79 4.26
CA ARG F 28 -22.57 60.41 4.98
C ARG F 28 -22.91 61.82 5.45
N ARG F 29 -23.48 62.65 4.55
CA ARG F 29 -23.81 64.01 4.93
C ARG F 29 -24.90 64.02 6.01
N GLN F 30 -25.99 63.30 5.79
CA GLN F 30 -27.08 63.26 6.75
C GLN F 30 -26.63 62.66 8.08
N GLY F 31 -25.80 61.62 8.03
CA GLY F 31 -25.23 61.09 9.25
C GLY F 31 -24.37 62.10 9.97
N HIS F 32 -23.64 62.92 9.22
CA HIS F 32 -22.74 63.92 9.79
C HIS F 32 -23.46 65.15 10.32
N MET F 33 -24.79 65.19 10.23
CA MET F 33 -25.57 66.24 10.87
C MET F 33 -26.05 65.82 12.25
N ILE F 34 -26.34 64.54 12.42
CA ILE F 34 -26.78 64.01 13.70
C ILE F 34 -25.68 64.20 14.75
N ILE F 35 -24.43 63.98 14.35
CA ILE F 35 -23.30 64.08 15.28
C ILE F 35 -23.35 65.41 16.04
N ASP F 36 -23.32 66.52 15.29
CA ASP F 36 -23.45 67.84 15.90
C ASP F 36 -24.74 67.95 16.70
N PHE F 37 -25.87 67.76 16.02
CA PHE F 37 -27.17 67.74 16.67
C PHE F 37 -27.21 66.81 17.87
N LEU F 38 -26.28 65.85 17.98
CA LEU F 38 -26.20 65.14 19.24
C LEU F 38 -25.19 65.80 20.17
N ALA F 39 -24.00 66.11 19.66
CA ALA F 39 -23.00 66.78 20.47
C ALA F 39 -23.54 68.10 21.01
N ASP F 40 -24.21 68.89 20.16
CA ASP F 40 -24.87 70.11 20.62
C ASP F 40 -25.80 69.81 21.77
N TYR F 41 -26.75 68.90 21.57
CA TYR F 41 -27.64 68.47 22.66
C TYR F 41 -26.82 67.95 23.83
N TYR F 42 -25.73 67.23 23.55
CA TYR F 42 -24.95 66.60 24.61
C TYR F 42 -24.30 67.59 25.57
N ARG F 43 -23.56 68.58 25.07
CA ARG F 43 -22.92 69.50 26.01
C ARG F 43 -23.96 70.19 26.89
N ASP F 44 -24.88 70.93 26.27
CA ASP F 44 -25.88 71.74 26.95
C ASP F 44 -27.14 70.97 27.32
N VAL F 45 -26.98 69.75 27.86
CA VAL F 45 -28.12 68.98 28.35
C VAL F 45 -28.82 69.74 29.48
N GLU F 46 -28.05 70.37 30.36
CA GLU F 46 -28.59 71.02 31.55
C GLU F 46 -29.40 72.27 31.24
N LYS F 47 -29.51 72.65 29.96
CA LYS F 47 -30.43 73.73 29.59
C LYS F 47 -31.85 73.41 30.03
N TYR F 48 -32.28 72.17 29.84
CA TYR F 48 -33.64 71.75 30.09
C TYR F 48 -33.85 71.49 31.58
N PRO F 49 -35.10 71.35 32.02
CA PRO F 49 -35.35 70.83 33.37
C PRO F 49 -35.17 69.32 33.41
N VAL F 50 -35.09 68.79 34.63
CA VAL F 50 -34.84 67.36 34.79
C VAL F 50 -36.12 66.55 34.67
N ARG F 51 -37.24 67.09 35.16
CA ARG F 51 -38.56 66.50 34.94
C ARG F 51 -39.30 67.31 33.89
N SER F 52 -39.78 66.64 32.85
CA SER F 52 -40.59 67.32 31.85
C SER F 52 -41.79 67.98 32.52
N GLN F 53 -42.19 69.14 31.98
CA GLN F 53 -43.28 69.92 32.54
C GLN F 53 -44.44 70.05 31.57
N VAL F 54 -44.46 69.24 30.53
CA VAL F 54 -45.50 69.30 29.50
C VAL F 54 -46.77 68.63 30.04
N GLU F 55 -47.89 68.85 29.36
CA GLU F 55 -49.17 68.25 29.70
C GLU F 55 -49.53 67.14 28.72
N PRO F 56 -50.33 66.17 29.15
CA PRO F 56 -50.69 65.07 28.24
C PRO F 56 -51.47 65.57 27.03
N GLY F 57 -51.01 65.18 25.84
CA GLY F 57 -51.70 65.44 24.61
C GLY F 57 -51.12 66.53 23.70
N TYR F 58 -49.86 66.91 23.88
CA TYR F 58 -49.32 68.02 23.09
C TYR F 58 -48.97 67.58 21.67
N LEU F 59 -48.48 66.36 21.51
CA LEU F 59 -47.92 65.94 20.22
C LEU F 59 -49.02 65.75 19.17
N ARG F 60 -50.18 65.25 19.57
CA ARG F 60 -51.24 64.98 18.60
C ARG F 60 -51.78 66.26 17.98
N LYS F 61 -51.81 67.36 18.75
CA LYS F 61 -52.35 68.62 18.23
C LYS F 61 -51.32 69.41 17.43
N ARG F 62 -50.04 69.31 17.78
CA ARG F 62 -49.02 70.22 17.28
C ARG F 62 -48.34 69.74 16.00
N LEU F 63 -48.85 68.71 15.35
CA LEU F 63 -48.25 68.22 14.12
C LEU F 63 -49.31 67.43 13.35
N PRO F 64 -49.07 67.14 12.06
CA PRO F 64 -50.15 66.65 11.19
C PRO F 64 -50.90 65.44 11.73
N GLU F 65 -52.13 65.29 11.26
CA GLU F 65 -52.99 64.14 11.53
C GLU F 65 -52.75 62.99 10.55
N THR F 66 -52.33 63.30 9.33
CA THR F 66 -52.09 62.32 8.29
C THR F 66 -50.62 62.37 7.89
N ALA F 67 -50.05 61.20 7.60
CA ALA F 67 -48.65 61.13 7.20
C ALA F 67 -48.41 61.96 5.93
N PRO F 68 -47.23 62.55 5.78
CA PRO F 68 -46.96 63.40 4.62
C PRO F 68 -47.06 62.63 3.32
N TYR F 69 -47.85 63.18 2.40
CA TYR F 69 -48.03 62.62 1.07
C TYR F 69 -46.95 63.03 0.08
N ASN F 70 -45.85 63.64 0.56
CA ASN F 70 -44.83 64.18 -0.31
C ASN F 70 -43.55 64.40 0.49
N PRO F 71 -42.40 64.56 -0.17
CA PRO F 71 -41.14 64.72 0.57
C PRO F 71 -41.03 65.98 1.42
N GLU F 72 -39.88 66.14 2.05
CA GLU F 72 -39.51 67.38 2.71
C GLU F 72 -38.03 67.31 3.03
N SER F 73 -37.38 68.47 2.96
CA SER F 73 -35.97 68.57 3.28
C SER F 73 -35.71 68.02 4.69
N ILE F 74 -34.62 67.27 4.82
CA ILE F 74 -34.34 66.58 6.08
C ILE F 74 -34.04 67.57 7.19
N GLU F 75 -33.53 68.76 6.85
CA GLU F 75 -33.29 69.76 7.89
C GLU F 75 -34.61 70.26 8.50
N THR F 76 -35.72 70.18 7.75
CA THR F 76 -37.02 70.48 8.34
C THR F 76 -37.38 69.47 9.42
N ILE F 77 -36.99 68.21 9.23
CA ILE F 77 -37.31 67.15 10.18
C ILE F 77 -36.14 66.99 11.15
N LEU F 78 -35.26 67.99 11.19
CA LEU F 78 -34.20 68.07 12.20
C LEU F 78 -34.53 69.09 13.28
N GLN F 79 -34.80 70.34 12.89
CA GLN F 79 -35.35 71.31 13.84
C GLN F 79 -36.80 70.99 14.22
N ASP F 80 -37.45 70.07 13.50
CA ASP F 80 -38.71 69.53 13.95
C ASP F 80 -38.59 68.88 15.31
N VAL F 81 -37.46 68.25 15.60
CA VAL F 81 -37.31 67.53 16.89
C VAL F 81 -37.13 68.55 18.01
N THR F 82 -36.31 69.59 17.78
CA THR F 82 -36.12 70.66 18.79
C THR F 82 -37.45 71.37 18.99
N THR F 83 -38.17 71.60 17.89
CA THR F 83 -39.48 72.29 17.97
C THR F 83 -40.54 71.48 18.72
N ILE F 85 -40.39 67.40 19.66
CA ILE F 85 -40.06 66.22 20.51
C ILE F 85 -39.15 66.56 21.71
N ILE F 86 -37.99 67.17 21.48
CA ILE F 86 -37.09 67.55 22.58
C ILE F 86 -37.84 68.20 23.75
N PRO F 87 -38.83 69.09 23.53
CA PRO F 87 -39.63 69.57 24.66
C PRO F 87 -40.69 68.57 25.10
N GLY F 88 -40.40 67.29 24.93
CA GLY F 88 -41.21 66.21 25.45
C GLY F 88 -40.31 65.12 25.99
N LEU F 89 -39.26 65.54 26.71
CA LEU F 89 -38.20 64.67 27.18
C LEU F 89 -38.06 64.76 28.69
N THR F 90 -37.86 63.62 29.33
CA THR F 90 -37.47 63.54 30.72
C THR F 90 -36.03 63.03 30.76
N HIS F 91 -35.13 63.85 31.30
CA HIS F 91 -33.70 63.66 31.12
C HIS F 91 -33.14 62.82 32.26
N TRP F 92 -32.94 61.53 31.98
CA TRP F 92 -32.33 60.61 32.93
C TRP F 92 -30.83 60.78 33.00
N GLN F 93 -30.18 60.96 31.84
CA GLN F 93 -28.77 61.28 31.80
C GLN F 93 -28.53 62.71 32.27
N SER F 94 -29.36 63.17 33.20
CA SER F 94 -29.14 64.46 33.83
C SER F 94 -27.89 64.41 34.69
N PRO F 95 -27.10 65.48 34.73
CA PRO F 95 -25.85 65.47 35.50
C PRO F 95 -26.07 65.28 36.99
N ASN F 96 -27.29 65.43 37.49
CA ASN F 96 -27.60 65.22 38.91
C ASN F 96 -29.04 64.74 39.02
N TYR F 97 -29.21 63.55 39.62
CA TYR F 97 -30.46 62.82 39.55
C TYR F 97 -30.36 61.67 40.54
N TYR F 98 -31.43 61.44 41.31
CA TYR F 98 -31.34 60.51 42.43
C TYR F 98 -32.57 59.63 42.60
N ALA F 99 -33.51 59.62 41.65
CA ALA F 99 -34.83 59.01 41.89
C ALA F 99 -34.81 57.50 41.66
N TYR F 100 -34.74 57.08 40.40
CA TYR F 100 -34.71 55.66 40.11
C TYR F 100 -33.27 55.14 40.07
N PHE F 101 -32.91 54.36 39.04
CA PHE F 101 -31.57 53.87 38.78
C PHE F 101 -31.08 54.40 37.44
N PRO F 102 -29.83 54.84 37.34
CA PRO F 102 -29.42 55.63 36.16
C PRO F 102 -29.49 54.84 34.86
N SER F 103 -29.73 55.56 33.76
CA SER F 103 -29.70 54.98 32.42
C SER F 103 -28.35 55.32 31.80
N SER F 104 -27.34 54.56 32.21
CA SER F 104 -25.97 54.87 31.83
C SER F 104 -25.74 54.59 30.34
N GLY F 105 -25.20 55.59 29.65
CA GLY F 105 -24.81 55.43 28.27
C GLY F 105 -23.41 55.97 28.06
N SER F 106 -22.82 55.60 26.93
CA SER F 106 -21.45 56.00 26.62
C SER F 106 -21.28 56.10 25.12
N VAL F 107 -20.33 56.93 24.69
CA VAL F 107 -20.04 57.05 23.27
C VAL F 107 -19.61 55.71 22.71
N ALA F 108 -18.89 54.92 23.50
CA ALA F 108 -18.51 53.57 23.09
C ALA F 108 -19.74 52.73 22.78
N GLY F 109 -20.70 52.70 23.72
CA GLY F 109 -21.93 51.96 23.47
C GLY F 109 -22.73 52.56 22.33
N PHE F 110 -22.72 53.89 22.21
CA PHE F 110 -23.45 54.55 21.13
C PHE F 110 -22.89 54.13 19.78
N LEU F 111 -21.56 54.19 19.61
CA LEU F 111 -20.95 53.82 18.34
C LEU F 111 -21.01 52.32 18.09
N GLY F 112 -20.96 51.50 19.14
CA GLY F 112 -21.13 50.08 18.97
C GLY F 112 -22.51 49.74 18.41
N GLU F 113 -23.55 50.37 18.95
CA GLU F 113 -24.88 50.27 18.34
C GLU F 113 -24.92 50.92 16.97
N MET F 114 -24.05 51.91 16.72
CA MET F 114 -24.11 52.64 15.47
C MET F 114 -23.70 51.78 14.29
N LEU F 115 -22.47 51.25 14.31
CA LEU F 115 -22.03 50.40 13.21
C LEU F 115 -22.74 49.06 13.19
N SER F 116 -23.25 48.59 14.33
CA SER F 116 -24.11 47.41 14.32
C SER F 116 -25.40 47.70 13.55
N THR F 117 -26.08 48.79 13.91
CA THR F 117 -27.29 49.21 13.19
C THR F 117 -27.00 49.59 11.75
N GLY F 118 -25.79 50.06 11.45
CA GLY F 118 -25.38 50.29 10.07
C GLY F 118 -25.03 49.04 9.31
N PHE F 119 -24.84 47.94 10.04
CA PHE F 119 -24.60 46.65 9.43
C PHE F 119 -25.92 45.96 9.15
N ASN F 120 -26.96 46.31 9.93
CA ASN F 120 -28.36 46.10 9.57
C ASN F 120 -28.64 44.62 9.34
N VAL F 121 -28.05 43.79 10.19
CA VAL F 121 -27.80 42.39 9.91
C VAL F 121 -28.53 41.56 10.96
N VAL F 122 -29.21 40.50 10.52
CA VAL F 122 -30.07 39.72 11.40
C VAL F 122 -29.29 38.54 11.95
N GLY F 123 -29.09 38.53 13.27
CA GLY F 123 -28.48 37.40 13.95
C GLY F 123 -29.45 36.24 14.08
N PHE F 124 -30.15 35.96 12.97
CA PHE F 124 -31.18 34.92 12.96
C PHE F 124 -30.59 33.58 13.39
N ASN F 125 -29.50 33.15 12.76
CA ASN F 125 -28.78 31.96 13.18
C ASN F 125 -27.29 32.29 13.16
N TRP F 126 -26.45 31.24 13.16
CA TRP F 126 -25.02 31.46 13.11
C TRP F 126 -24.57 31.95 11.74
N MET F 127 -24.97 31.25 10.68
CA MET F 127 -24.39 31.49 9.36
C MET F 127 -24.74 32.88 8.82
N SER F 128 -25.90 33.42 9.17
CA SER F 128 -26.33 34.70 8.61
C SER F 128 -25.56 35.88 9.17
N SER F 129 -24.68 35.66 10.15
CA SER F 129 -23.69 36.60 10.65
C SER F 129 -22.87 35.87 11.70
N PRO F 130 -21.91 35.03 11.30
CA PRO F 130 -21.17 34.25 12.31
C PRO F 130 -20.46 35.08 13.35
N ALA F 131 -19.77 36.16 12.96
CA ALA F 131 -19.09 36.99 13.94
C ALA F 131 -20.04 37.70 14.90
N ALA F 132 -21.35 37.62 14.66
CA ALA F 132 -22.32 38.24 15.56
C ALA F 132 -22.50 37.41 16.83
N THR F 133 -23.02 36.20 16.70
CA THR F 133 -23.27 35.36 17.86
C THR F 133 -21.99 34.91 18.54
N GLU F 134 -20.90 34.75 17.77
CA GLU F 134 -19.62 34.38 18.37
C GLU F 134 -19.08 35.48 19.28
N LEU F 135 -19.37 36.74 18.96
CA LEU F 135 -18.88 37.84 19.78
C LEU F 135 -19.51 37.84 21.16
N GLU F 136 -20.79 37.44 21.26
CA GLU F 136 -21.46 37.40 22.56
C GLU F 136 -20.87 36.34 23.47
N SER F 137 -20.38 35.24 22.91
CA SER F 137 -19.87 34.15 23.73
C SER F 137 -18.59 34.55 24.46
N VAL F 138 -17.68 35.22 23.76
CA VAL F 138 -16.39 35.55 24.36
C VAL F 138 -16.53 36.67 25.37
N VAL F 139 -17.41 37.64 25.11
CA VAL F 139 -17.45 38.84 25.93
C VAL F 139 -18.08 38.57 27.29
N MET F 140 -19.03 37.63 27.38
CA MET F 140 -19.73 37.42 28.64
C MET F 140 -18.81 36.84 29.71
N ASP F 141 -17.85 36.02 29.32
CA ASP F 141 -16.90 35.49 30.30
C ASP F 141 -15.92 36.54 30.77
N TRP F 142 -15.55 37.48 29.89
CA TRP F 142 -14.76 38.63 30.30
C TRP F 142 -15.37 39.29 31.52
N PHE F 143 -16.63 39.72 31.39
CA PHE F 143 -17.36 40.29 32.50
C PHE F 143 -17.51 39.27 33.63
N GLY F 144 -17.74 38.00 33.27
CA GLY F 144 -18.01 37.00 34.29
C GLY F 144 -16.90 36.85 35.30
N LYS F 145 -15.65 36.77 34.81
CA LYS F 145 -14.52 36.61 35.71
C LYS F 145 -14.32 37.83 36.60
N MET F 146 -14.77 39.01 36.14
CA MET F 146 -14.64 40.22 36.96
C MET F 146 -15.46 40.13 38.24
N LEU F 147 -16.69 39.62 38.15
CA LEU F 147 -17.52 39.39 39.33
C LEU F 147 -16.96 38.31 40.24
N ASN F 148 -15.82 37.70 39.88
CA ASN F 148 -15.34 36.48 40.51
C ASN F 148 -16.43 35.41 40.49
N LEU F 149 -17.02 35.25 39.32
CA LEU F 149 -18.07 34.25 39.12
C LEU F 149 -17.42 32.88 38.96
N PRO F 150 -17.89 31.86 39.68
CA PRO F 150 -17.35 30.51 39.50
C PRO F 150 -17.52 30.04 38.07
N GLU F 151 -16.64 29.13 37.64
CA GLU F 151 -16.65 28.69 36.26
C GLU F 151 -17.89 27.89 35.90
N SER F 152 -18.80 27.64 36.85
CA SER F 152 -20.07 27.01 36.53
C SER F 152 -20.93 27.87 35.61
N PHE F 153 -20.69 29.19 35.59
CA PHE F 153 -21.45 30.11 34.74
C PHE F 153 -20.71 30.49 33.47
N LEU F 154 -19.39 30.32 33.43
CA LEU F 154 -18.58 30.81 32.32
C LEU F 154 -18.52 29.79 31.18
N PHE F 155 -18.43 30.31 29.96
CA PHE F 155 -18.34 29.45 28.78
C PHE F 155 -17.15 28.51 28.84
N SER F 156 -16.00 29.02 29.31
CA SER F 156 -14.78 28.21 29.34
C SER F 156 -15.01 26.90 30.08
N GLY F 157 -15.81 26.93 31.13
CA GLY F 157 -16.20 25.72 31.83
C GLY F 157 -17.49 25.15 31.31
N SER F 158 -18.49 25.03 32.18
CA SER F 158 -19.76 24.39 31.86
C SER F 158 -20.92 25.37 31.76
N GLY F 159 -20.65 26.67 31.68
CA GLY F 159 -21.67 27.68 31.74
C GLY F 159 -21.98 28.29 30.38
N GLY F 160 -22.58 29.48 30.43
CA GLY F 160 -22.95 30.19 29.23
C GLY F 160 -23.37 31.60 29.56
N GLY F 161 -23.35 32.46 28.54
CA GLY F 161 -23.70 33.85 28.71
C GLY F 161 -24.39 34.44 27.49
N VAL F 162 -25.57 35.02 27.69
CA VAL F 162 -26.37 35.59 26.61
C VAL F 162 -26.68 37.04 26.94
N LEU F 163 -26.65 37.88 25.91
CA LEU F 163 -27.00 39.29 26.04
C LEU F 163 -28.46 39.48 25.63
N GLN F 164 -29.23 40.10 26.52
CA GLN F 164 -30.61 40.48 26.23
C GLN F 164 -30.83 41.91 26.72
N GLY F 165 -31.88 42.53 26.21
CA GLY F 165 -32.10 43.94 26.50
C GLY F 165 -32.70 44.21 27.87
N THR F 166 -33.62 43.35 28.29
CA THR F 166 -34.39 43.57 29.51
C THR F 166 -34.23 42.37 30.45
N SER F 167 -34.03 42.66 31.73
CA SER F 167 -34.02 41.61 32.74
C SER F 167 -35.38 40.92 32.81
N CYS F 168 -36.46 41.64 32.50
CA CYS F 168 -37.78 41.01 32.42
C CYS F 168 -37.80 39.92 31.36
N GLU F 169 -37.24 40.22 30.18
CA GLU F 169 -37.10 39.19 29.16
C GLU F 169 -36.19 38.07 29.66
N ALA F 170 -35.10 38.43 30.33
CA ALA F 170 -34.19 37.41 30.86
C ALA F 170 -34.88 36.55 31.91
N ILE F 171 -35.53 37.18 32.89
CA ILE F 171 -36.24 36.43 33.92
C ILE F 171 -37.39 35.64 33.32
N LEU F 172 -37.98 36.13 32.22
CA LEU F 172 -38.98 35.35 31.51
C LEU F 172 -38.37 34.10 30.90
N CYS F 173 -37.14 34.20 30.39
CA CYS F 173 -36.49 33.05 29.77
C CYS F 173 -36.17 31.98 30.81
N THR F 174 -35.52 32.35 31.91
CA THR F 174 -35.20 31.38 32.94
C THR F 174 -36.46 30.79 33.56
N LEU F 175 -37.48 31.62 33.78
CA LEU F 175 -38.74 31.13 34.32
C LEU F 175 -39.38 30.13 33.36
N THR F 176 -39.36 30.42 32.07
CA THR F 176 -39.81 29.45 31.09
C THR F 176 -38.91 28.22 31.09
N ALA F 177 -37.59 28.43 31.17
CA ALA F 177 -36.66 27.31 31.21
C ALA F 177 -36.91 26.45 32.44
N ALA F 178 -37.04 27.08 33.61
CA ALA F 178 -37.29 26.33 34.83
C ALA F 178 -38.65 25.64 34.79
N ARG F 179 -39.66 26.32 34.26
CA ARG F 179 -41.00 25.76 34.22
C ARG F 179 -41.04 24.48 33.39
N ASP F 180 -40.58 24.57 32.13
CA ASP F 180 -40.65 23.41 31.24
C ASP F 180 -39.76 22.28 31.73
N ARG F 181 -38.65 22.60 32.41
CA ARG F 181 -37.79 21.55 32.94
C ARG F 181 -38.53 20.68 33.94
N LYS F 182 -39.27 21.31 34.86
CA LYS F 182 -40.04 20.53 35.83
C LYS F 182 -41.29 19.93 35.19
N LEU F 183 -41.91 20.66 34.27
CA LEU F 183 -43.13 20.15 33.64
C LEU F 183 -42.84 18.95 32.73
N ASN F 184 -41.63 18.87 32.18
CA ASN F 184 -41.29 17.70 31.36
C ASN F 184 -41.19 16.45 32.22
N LYS F 185 -40.70 16.59 33.46
CA LYS F 185 -40.60 15.44 34.35
C LYS F 185 -41.97 15.01 34.85
N ILE F 186 -42.79 15.98 35.30
CA ILE F 186 -44.01 15.65 36.02
C ILE F 186 -45.27 15.78 35.17
N GLY F 187 -45.18 16.29 33.95
CA GLY F 187 -46.35 16.42 33.09
C GLY F 187 -46.89 17.84 33.00
N ARG F 188 -47.31 18.24 31.81
CA ARG F 188 -47.73 19.61 31.55
C ARG F 188 -49.09 19.96 32.17
N GLU F 189 -49.78 19.01 32.81
CA GLU F 189 -51.05 19.30 33.46
C GLU F 189 -50.87 19.77 34.90
N HIS F 190 -49.66 20.14 35.29
CA HIS F 190 -49.40 20.66 36.63
C HIS F 190 -48.98 22.13 36.61
N ILE F 191 -49.16 22.82 35.48
CA ILE F 191 -48.85 24.24 35.39
C ILE F 191 -49.71 25.07 36.34
N GLY F 192 -50.75 24.48 36.92
CA GLY F 192 -51.52 25.19 37.93
C GLY F 192 -50.90 25.13 39.31
N ARG F 193 -50.15 24.07 39.62
CA ARG F 193 -49.56 23.91 40.94
C ARG F 193 -48.18 24.54 41.05
N LEU F 194 -47.56 24.94 39.94
CA LEU F 194 -46.30 25.68 39.98
C LEU F 194 -46.46 26.93 40.82
N VAL F 195 -45.37 27.38 41.45
CA VAL F 195 -45.37 28.62 42.22
C VAL F 195 -44.07 29.36 41.97
N VAL F 196 -44.13 30.69 42.11
CA VAL F 196 -42.99 31.58 41.95
C VAL F 196 -42.87 32.46 43.19
N TYR F 197 -41.65 32.63 43.70
CA TYR F 197 -41.44 33.24 45.01
C TYR F 197 -40.50 34.43 44.93
N GLY F 198 -40.94 35.55 45.51
CA GLY F 198 -40.13 36.73 45.74
C GLY F 198 -40.62 37.40 47.00
N SER F 199 -40.02 38.53 47.34
CA SER F 199 -40.45 39.30 48.50
C SER F 199 -41.34 40.46 48.05
N ASP F 200 -41.87 41.21 49.01
CA ASP F 200 -42.70 42.36 48.69
C ASP F 200 -41.88 43.53 48.17
N GLN F 201 -40.54 43.45 48.21
CA GLN F 201 -39.68 44.44 47.59
C GLN F 201 -39.03 43.90 46.31
N THR F 202 -39.58 42.84 45.73
CA THR F 202 -39.08 42.31 44.47
C THR F 202 -39.73 43.04 43.31
N HIS F 203 -38.91 43.39 42.33
CA HIS F 203 -39.38 44.18 41.20
C HIS F 203 -40.54 43.50 40.49
N CYS F 204 -41.40 44.31 39.88
CA CYS F 204 -42.56 43.77 39.17
C CYS F 204 -42.18 42.97 37.94
N ALA F 205 -40.89 42.91 37.59
CA ALA F 205 -40.47 42.11 36.44
C ALA F 205 -40.76 40.63 36.67
N LEU F 206 -40.60 40.16 37.91
CA LEU F 206 -40.88 38.77 38.21
C LEU F 206 -42.36 38.47 38.05
N GLN F 207 -43.23 39.36 38.54
CA GLN F 207 -44.66 39.16 38.42
C GLN F 207 -45.09 39.03 36.96
N LYS F 208 -44.73 40.03 36.14
CA LYS F 208 -45.16 40.00 34.74
C LYS F 208 -44.57 38.82 34.00
N ALA F 209 -43.28 38.52 34.22
CA ALA F 209 -42.65 37.37 33.59
C ALA F 209 -43.39 36.08 33.94
N ALA F 210 -44.00 36.03 35.13
CA ALA F 210 -44.79 34.86 35.50
C ALA F 210 -46.14 34.83 34.81
N GLN F 211 -46.81 35.98 34.71
CA GLN F 211 -48.10 36.04 34.03
C GLN F 211 -47.99 35.58 32.59
N VAL F 212 -46.99 36.08 31.86
CA VAL F 212 -46.79 35.70 30.47
C VAL F 212 -46.54 34.20 30.35
N ALA F 213 -45.93 33.60 31.36
CA ALA F 213 -45.57 32.19 31.33
C ALA F 213 -46.72 31.25 31.64
N GLY F 214 -47.95 31.77 31.76
CA GLY F 214 -49.10 30.93 32.04
C GLY F 214 -49.25 30.52 33.50
N ILE F 215 -48.27 30.82 34.35
CA ILE F 215 -48.42 30.57 35.78
C ILE F 215 -49.61 31.35 36.31
N ASN F 216 -50.51 30.64 37.00
CA ASN F 216 -51.75 31.20 37.55
C ASN F 216 -51.51 32.48 38.34
N PRO F 217 -52.48 33.41 38.35
CA PRO F 217 -52.28 34.63 39.15
C PRO F 217 -52.14 34.34 40.63
N LYS F 218 -52.78 33.29 41.13
CA LYS F 218 -52.78 32.92 42.53
C LYS F 218 -51.48 32.30 42.98
N ASN F 219 -50.54 32.08 42.07
CA ASN F 219 -49.30 31.38 42.40
C ASN F 219 -48.15 32.36 42.40
N PHE F 220 -48.37 33.54 42.97
CA PHE F 220 -47.31 34.51 43.09
C PHE F 220 -47.25 34.87 44.55
N ARG F 221 -46.08 34.68 45.16
CA ARG F 221 -45.91 34.91 46.59
C ARG F 221 -44.87 36.01 46.77
N ALA F 222 -45.35 37.20 47.15
CA ALA F 222 -44.48 38.31 47.53
C ALA F 222 -44.31 38.22 49.05
N ILE F 223 -43.24 37.54 49.48
CA ILE F 223 -43.05 37.27 50.90
C ILE F 223 -42.85 38.57 51.66
N LYS F 224 -43.22 38.55 52.94
CA LYS F 224 -43.16 39.74 53.79
C LYS F 224 -41.74 39.93 54.29
N THR F 225 -41.18 41.11 54.04
CA THR F 225 -39.90 41.49 54.61
C THR F 225 -40.12 42.21 55.95
N PHE F 226 -39.03 42.48 56.65
CA PHE F 226 -39.13 43.06 57.98
C PHE F 226 -38.06 44.14 58.17
N LYS F 227 -38.41 45.15 58.96
CA LYS F 227 -37.39 46.10 59.42
C LYS F 227 -36.42 45.44 60.39
N GLU F 228 -36.79 44.31 60.96
CA GLU F 228 -35.88 43.57 61.85
C GLU F 228 -34.58 43.23 61.12
N ASN F 229 -34.69 42.71 59.90
CA ASN F 229 -33.54 42.34 59.08
C ASN F 229 -33.36 43.26 57.88
N SER F 230 -33.74 44.53 58.03
CA SER F 230 -33.51 45.57 57.01
C SER F 230 -34.17 45.22 55.68
N PHE F 231 -35.37 44.63 55.76
CA PHE F 231 -36.20 44.38 54.57
C PHE F 231 -35.52 43.44 53.58
N GLY F 232 -34.90 42.39 54.10
CA GLY F 232 -34.34 41.32 53.28
C GLY F 232 -35.18 40.07 53.45
N LEU F 233 -35.23 39.25 52.40
CA LEU F 233 -35.99 38.01 52.46
C LEU F 233 -35.38 37.04 53.46
N SER F 234 -36.05 36.87 54.60
CA SER F 234 -35.61 35.88 55.58
C SER F 234 -35.84 34.49 55.01
N ALA F 235 -34.74 33.77 54.75
CA ALA F 235 -34.86 32.40 54.25
C ALA F 235 -35.62 31.52 55.24
N ALA F 236 -35.58 31.87 56.53
CA ALA F 236 -36.42 31.19 57.50
C ALA F 236 -37.90 31.39 57.19
N THR F 237 -38.27 32.61 56.78
CA THR F 237 -39.65 32.88 56.37
C THR F 237 -39.96 32.23 55.03
N LEU F 238 -38.99 32.20 54.12
CA LEU F 238 -39.21 31.60 52.80
C LEU F 238 -39.62 30.14 52.94
N ARG F 239 -38.91 29.36 53.76
CA ARG F 239 -39.31 27.98 53.98
C ARG F 239 -40.66 27.90 54.67
N GLU F 240 -40.92 28.82 55.60
CA GLU F 240 -42.23 28.83 56.26
C GLU F 240 -43.34 29.06 55.25
N VAL F 241 -43.15 30.02 54.33
CA VAL F 241 -44.16 30.26 53.33
C VAL F 241 -44.11 29.21 52.23
N ILE F 242 -42.93 28.61 51.98
CA ILE F 242 -42.85 27.51 51.02
C ILE F 242 -43.67 26.33 51.50
N LEU F 243 -43.91 26.24 52.82
CA LEU F 243 -44.68 25.13 53.39
C LEU F 243 -46.18 25.32 53.16
N GLU F 244 -46.71 26.49 53.53
CA GLU F 244 -48.13 26.79 53.40
C GLU F 244 -48.66 26.39 52.03
N ASP F 245 -47.83 26.56 51.00
CA ASP F 245 -48.22 26.14 49.65
C ASP F 245 -48.05 24.64 49.44
N ILE F 246 -47.05 24.03 50.07
CA ILE F 246 -46.86 22.58 49.94
C ILE F 246 -48.06 21.84 50.53
N GLU F 247 -48.47 22.22 51.74
CA GLU F 247 -49.63 21.59 52.37
C GLU F 247 -50.89 21.79 51.55
N ALA F 248 -51.02 22.92 50.86
CA ALA F 248 -52.13 23.17 49.96
C ALA F 248 -52.02 22.39 48.66
N GLY F 249 -51.04 21.49 48.54
CA GLY F 249 -50.88 20.69 47.35
C GLY F 249 -50.34 21.43 46.15
N LEU F 250 -49.45 22.39 46.37
CA LEU F 250 -48.86 23.17 45.30
C LEU F 250 -47.40 22.75 45.09
N ILE F 251 -46.82 23.24 44.01
CA ILE F 251 -45.46 22.87 43.62
C ILE F 251 -44.57 24.11 43.60
N PRO F 252 -43.65 24.25 44.54
CA PRO F 252 -42.69 25.36 44.47
C PRO F 252 -41.74 25.15 43.29
N LEU F 253 -41.46 26.24 42.57
CA LEU F 253 -40.71 26.11 41.33
C LEU F 253 -39.57 27.12 41.25
N PHE F 254 -39.85 28.39 41.51
CA PHE F 254 -38.96 29.48 41.13
C PHE F 254 -38.90 30.50 42.25
N VAL F 255 -37.68 30.81 42.70
CA VAL F 255 -37.45 31.83 43.72
C VAL F 255 -36.42 32.81 43.18
N CYS F 256 -36.56 34.07 43.57
CA CYS F 256 -35.74 35.16 43.04
C CYS F 256 -35.19 36.01 44.18
N PRO F 257 -34.05 35.62 44.74
CA PRO F 257 -33.39 36.50 45.72
C PRO F 257 -32.86 37.75 45.03
N THR F 258 -33.04 38.89 45.70
CA THR F 258 -32.74 40.19 45.11
C THR F 258 -31.62 40.88 45.88
N VAL F 259 -30.64 41.41 45.14
CA VAL F 259 -29.56 42.21 45.70
C VAL F 259 -29.75 43.64 45.22
N GLY F 260 -29.85 44.57 46.17
CA GLY F 260 -30.15 45.95 45.83
C GLY F 260 -31.54 46.09 45.25
N THR F 261 -32.55 45.92 46.10
CA THR F 261 -33.93 46.05 45.66
C THR F 261 -34.22 47.47 45.18
N THR F 262 -35.22 47.59 44.31
CA THR F 262 -35.43 48.82 43.56
C THR F 262 -35.95 49.98 44.40
N SER F 263 -36.32 49.76 45.66
CA SER F 263 -36.86 50.83 46.49
C SER F 263 -36.13 51.03 47.81
N SER F 264 -35.34 50.07 48.28
CA SER F 264 -34.59 50.24 49.51
C SER F 264 -33.17 49.70 49.43
N THR F 265 -32.75 49.19 48.27
CA THR F 265 -31.45 48.54 48.08
C THR F 265 -31.10 47.62 49.24
N ALA F 266 -32.07 46.80 49.62
CA ALA F 266 -31.79 45.71 50.52
C ALA F 266 -31.23 44.53 49.74
N VAL F 267 -30.60 43.61 50.46
CA VAL F 267 -30.00 42.42 49.85
C VAL F 267 -30.59 41.20 50.50
N ASP F 268 -30.94 40.21 49.68
CA ASP F 268 -31.47 38.97 50.21
C ASP F 268 -30.34 37.96 50.37
N PRO F 269 -30.36 37.14 51.43
CA PRO F 269 -29.26 36.19 51.66
C PRO F 269 -29.27 35.02 50.69
N ILE F 270 -28.32 35.01 49.74
CA ILE F 270 -28.35 34.00 48.68
C ILE F 270 -28.07 32.61 49.25
N SER F 271 -27.00 32.47 50.05
CA SER F 271 -26.62 31.16 50.55
C SER F 271 -27.72 30.46 51.34
N PRO F 272 -28.43 31.12 52.27
CA PRO F 272 -29.53 30.42 52.95
C PRO F 272 -30.74 30.18 52.05
N ILE F 273 -30.95 31.01 51.03
CA ILE F 273 -32.08 30.79 50.12
C ILE F 273 -31.80 29.62 49.19
N CYS F 274 -30.54 29.43 48.78
CA CYS F 274 -30.22 28.27 47.96
C CYS F 274 -30.26 26.98 48.77
N GLU F 275 -30.03 27.06 50.08
CA GLU F 275 -30.09 25.87 50.92
C GLU F 275 -31.51 25.41 51.20
N VAL F 276 -32.48 26.31 51.14
CA VAL F 276 -33.88 25.90 51.24
C VAL F 276 -34.46 25.57 49.86
N ALA F 277 -33.96 26.21 48.81
CA ALA F 277 -34.45 25.90 47.47
C ALA F 277 -33.98 24.53 47.00
N LYS F 278 -32.76 24.12 47.38
CA LYS F 278 -32.31 22.78 47.05
C LYS F 278 -33.17 21.72 47.73
N GLU F 279 -33.74 22.05 48.89
CA GLU F 279 -34.60 21.10 49.60
C GLU F 279 -35.80 20.71 48.75
N TYR F 280 -36.34 21.65 47.97
CA TYR F 280 -37.53 21.42 47.16
C TYR F 280 -37.22 21.52 45.66
N GLU F 281 -35.94 21.48 45.29
CA GLU F 281 -35.51 21.47 43.89
C GLU F 281 -36.07 22.67 43.13
N MET F 282 -35.67 23.86 43.57
CA MET F 282 -36.16 25.11 43.02
C MET F 282 -35.06 25.81 42.24
N TRP F 283 -35.43 26.38 41.09
CA TRP F 283 -34.51 27.22 40.34
C TRP F 283 -34.32 28.54 41.08
N VAL F 284 -33.08 28.90 41.36
CA VAL F 284 -32.75 30.14 42.03
C VAL F 284 -32.17 31.10 41.01
N HIS F 285 -32.94 32.13 40.66
CA HIS F 285 -32.48 33.22 39.82
C HIS F 285 -32.10 34.38 40.73
N VAL F 286 -30.82 34.71 40.77
CA VAL F 286 -30.33 35.83 41.57
C VAL F 286 -30.42 37.09 40.72
N ASP F 287 -31.18 38.08 41.20
CA ASP F 287 -31.35 39.34 40.50
C ASP F 287 -30.64 40.44 41.27
N ALA F 288 -29.54 40.93 40.70
CA ALA F 288 -28.85 42.12 41.18
C ALA F 288 -28.66 43.08 40.00
N ALA F 289 -29.79 43.49 39.42
CA ALA F 289 -29.77 44.28 38.18
C ALA F 289 -28.93 45.54 38.35
N TYR F 290 -29.11 46.25 39.46
CA TYR F 290 -28.34 47.45 39.72
C TYR F 290 -27.05 47.12 40.48
N ALA F 291 -27.19 46.62 41.71
CA ALA F 291 -26.06 46.38 42.60
C ALA F 291 -25.29 45.10 42.30
N GLY F 292 -25.41 44.56 41.09
CA GLY F 292 -24.64 43.39 40.72
C GLY F 292 -23.28 43.80 40.19
N SER F 293 -23.26 44.83 39.35
CA SER F 293 -22.01 45.42 38.90
C SER F 293 -21.12 45.83 40.06
N ALA F 294 -21.69 45.93 41.26
CA ALA F 294 -20.89 46.14 42.45
C ALA F 294 -19.88 45.02 42.64
N CYS F 295 -20.36 43.78 42.68
CA CYS F 295 -19.55 42.62 43.07
C CYS F 295 -18.28 42.42 42.26
N ILE F 296 -18.01 43.31 41.32
CA ILE F 296 -16.67 43.38 40.72
C ILE F 296 -15.62 43.69 41.78
N CYS F 297 -15.94 44.61 42.69
CA CYS F 297 -14.96 45.05 43.67
C CYS F 297 -15.09 44.24 44.96
N PRO F 298 -13.95 43.83 45.54
CA PRO F 298 -13.96 42.89 46.67
C PRO F 298 -14.84 43.25 47.87
N GLU F 299 -15.14 44.53 48.10
CA GLU F 299 -15.92 44.86 49.29
C GLU F 299 -17.42 44.76 49.07
N PHE F 300 -17.97 45.32 47.99
CA PHE F 300 -19.38 45.02 47.71
C PHE F 300 -19.53 43.84 46.75
N ARG F 301 -18.66 42.84 46.90
CA ARG F 301 -18.85 41.51 46.35
C ARG F 301 -19.38 40.52 47.38
N HIS F 302 -19.12 40.75 48.66
CA HIS F 302 -19.49 39.83 49.73
C HIS F 302 -21.00 39.62 49.83
N PHE F 303 -21.77 40.35 49.02
CA PHE F 303 -23.21 40.23 49.06
C PHE F 303 -23.75 39.10 48.18
N ILE F 304 -22.99 38.64 47.19
CA ILE F 304 -23.41 37.46 46.43
C ILE F 304 -22.61 36.26 46.89
N ASP F 305 -22.55 36.04 48.21
CA ASP F 305 -22.05 34.78 48.75
C ASP F 305 -23.15 33.74 48.61
N GLY F 306 -22.97 32.79 47.70
CA GLY F 306 -23.96 31.79 47.42
C GLY F 306 -24.50 31.80 46.00
N VAL F 307 -24.15 32.80 45.18
CA VAL F 307 -24.52 32.78 43.77
C VAL F 307 -23.94 31.55 43.07
N GLU F 308 -22.84 31.01 43.61
CA GLU F 308 -22.31 29.73 43.17
C GLU F 308 -23.27 28.57 43.41
N GLU F 309 -24.33 28.79 44.19
CA GLU F 309 -25.34 27.76 44.45
C GLU F 309 -26.67 28.08 43.78
N ALA F 310 -26.68 29.00 42.83
CA ALA F 310 -27.89 29.42 42.14
C ALA F 310 -27.79 29.06 40.66
N ASP F 311 -28.96 28.94 40.02
CA ASP F 311 -29.02 28.48 38.63
C ASP F 311 -28.83 29.60 37.62
N SER F 312 -29.01 30.85 38.01
CA SER F 312 -28.82 31.94 37.07
C SER F 312 -28.51 33.24 37.80
N PHE F 313 -27.80 34.13 37.10
CA PHE F 313 -27.44 35.45 37.60
C PHE F 313 -27.78 36.48 36.52
N SER F 314 -28.31 37.63 36.93
CA SER F 314 -28.81 38.61 35.97
C SER F 314 -28.60 40.02 36.51
N LEU F 315 -27.88 40.83 35.74
CA LEU F 315 -27.79 42.27 35.96
C LEU F 315 -27.87 42.94 34.59
N ASN F 316 -28.36 44.17 34.58
CA ASN F 316 -28.52 44.91 33.34
C ASN F 316 -27.45 45.98 33.20
N ALA F 317 -26.86 46.05 32.00
CA ALA F 317 -25.84 47.04 31.68
C ALA F 317 -26.40 48.23 30.91
N HIS F 318 -27.72 48.31 30.76
CA HIS F 318 -28.39 49.59 30.54
C HIS F 318 -28.85 50.16 31.88
N LYS F 319 -27.91 50.24 32.83
CA LYS F 319 -28.19 50.74 34.16
C LYS F 319 -26.93 51.28 34.81
N TRP F 320 -26.08 50.40 35.33
CA TRP F 320 -24.87 50.81 36.04
C TRP F 320 -23.59 50.49 35.27
N PHE F 321 -23.69 49.97 34.05
CA PHE F 321 -22.51 49.70 33.24
C PHE F 321 -22.68 50.17 31.79
N PHE F 322 -22.89 51.48 31.65
CA PHE F 322 -22.61 52.21 30.42
C PHE F 322 -23.09 51.53 29.14
N CYS F 327 -28.33 46.88 28.18
CA CYS F 327 -27.78 45.55 28.09
C CYS F 327 -28.12 44.80 29.36
N CYS F 328 -28.19 43.47 29.26
CA CYS F 328 -28.43 42.62 30.42
C CYS F 328 -27.56 41.39 30.30
N CYS F 329 -27.00 40.96 31.42
CA CYS F 329 -26.08 39.84 31.46
C CYS F 329 -26.77 38.67 32.17
N LEU F 330 -27.23 37.70 31.39
CA LEU F 330 -27.80 36.47 31.92
C LEU F 330 -26.73 35.38 31.89
N TRP F 331 -26.39 34.86 33.06
CA TRP F 331 -25.45 33.76 33.20
C TRP F 331 -26.20 32.56 33.74
N VAL F 332 -26.13 31.44 33.02
CA VAL F 332 -26.86 30.23 33.38
C VAL F 332 -25.86 29.10 33.54
N LYS F 333 -26.05 28.29 34.59
CA LYS F 333 -25.28 27.06 34.71
C LYS F 333 -25.61 26.09 33.59
N ASP F 334 -26.84 26.16 33.07
CA ASP F 334 -27.36 25.19 32.10
C ASP F 334 -28.00 25.93 30.94
N PRO F 335 -27.23 26.28 29.91
CA PRO F 335 -27.86 26.80 28.68
C PRO F 335 -28.74 25.77 27.98
N SER F 336 -28.61 24.49 28.30
CA SER F 336 -29.47 23.49 27.69
C SER F 336 -30.91 23.60 28.22
N ALA F 337 -31.08 24.14 29.42
CA ALA F 337 -32.43 24.37 29.93
C ALA F 337 -33.11 25.49 29.15
N LEU F 338 -32.35 26.52 28.75
CA LEU F 338 -32.90 27.59 27.94
C LEU F 338 -33.35 27.08 26.58
N VAL F 339 -32.51 26.28 25.92
CA VAL F 339 -32.76 25.88 24.55
C VAL F 339 -33.96 24.93 24.47
N LYS F 340 -34.01 23.94 25.36
CA LYS F 340 -35.07 22.93 25.29
C LYS F 340 -36.46 23.53 25.47
N ALA F 341 -36.57 24.67 26.14
CA ALA F 341 -37.88 25.27 26.39
C ALA F 341 -38.24 26.36 25.40
N LEU F 342 -37.27 26.93 24.67
CA LEU F 342 -37.52 28.05 23.78
C LEU F 342 -37.43 27.69 22.30
N SER F 343 -37.05 26.46 21.96
CA SER F 343 -36.87 26.10 20.56
C SER F 343 -38.17 25.60 19.93
N THR F 344 -38.21 25.60 18.60
CA THR F 344 -39.41 25.27 17.84
C THR F 344 -39.25 23.99 17.02
N ASN F 345 -38.33 23.12 17.38
CA ASN F 345 -38.08 21.86 16.69
C ASN F 345 -38.19 20.72 17.68
N PRO F 346 -38.44 19.46 17.17
CA PRO F 346 -38.88 18.35 18.04
C PRO F 346 -38.28 18.25 19.43
N GLU F 347 -39.12 17.81 20.38
CA GLU F 347 -38.74 17.72 21.78
C GLU F 347 -37.50 16.86 21.98
N TYR F 348 -37.38 15.77 21.21
CA TYR F 348 -36.26 14.86 21.35
C TYR F 348 -35.01 15.36 20.64
N LEU F 349 -35.17 16.14 19.57
CA LEU F 349 -34.02 16.75 18.90
C LEU F 349 -33.60 18.04 19.61
N ARG F 350 -33.88 18.13 20.90
CA ARG F 350 -33.52 19.31 21.69
C ARG F 350 -32.39 19.00 22.66
N VAL F 359 -21.67 24.95 17.69
CA VAL F 359 -22.08 26.24 17.17
C VAL F 359 -23.24 26.80 18.00
N VAL F 360 -23.06 28.00 18.55
CA VAL F 360 -24.01 28.59 19.48
C VAL F 360 -25.18 29.15 18.68
N ASP F 361 -26.31 28.44 18.71
CA ASP F 361 -27.57 28.97 18.16
C ASP F 361 -28.23 29.81 19.26
N TYR F 362 -27.79 31.07 19.33
CA TYR F 362 -28.26 31.98 20.37
C TYR F 362 -29.76 32.24 20.30
N LYS F 363 -30.39 31.93 19.17
CA LYS F 363 -31.81 32.24 19.00
C LYS F 363 -32.67 31.50 20.01
N ASP F 364 -32.29 30.28 20.39
CA ASP F 364 -33.05 29.50 21.36
C ASP F 364 -32.64 29.80 22.80
N TRP F 365 -31.83 30.83 23.02
CA TRP F 365 -31.52 31.29 24.37
C TRP F 365 -32.43 32.39 24.87
N GLN F 366 -33.24 32.99 23.99
CA GLN F 366 -34.05 34.13 24.37
C GLN F 366 -35.33 34.15 23.56
N ILE F 367 -36.22 35.07 23.93
CA ILE F 367 -37.50 35.22 23.24
C ILE F 367 -37.33 35.90 21.89
N ALA F 368 -36.26 36.68 21.71
CA ALA F 368 -36.02 37.40 20.47
C ALA F 368 -35.45 36.44 19.43
N LEU F 369 -36.28 36.09 18.45
CA LEU F 369 -35.84 35.26 17.32
C LEU F 369 -34.79 36.01 16.48
N SER F 370 -35.21 37.08 15.82
CA SER F 370 -34.31 37.93 15.03
C SER F 370 -33.52 38.80 16.01
N ARG F 371 -32.48 38.20 16.59
CA ARG F 371 -31.70 38.88 17.61
C ARG F 371 -30.99 40.10 17.03
N ARG F 372 -30.48 40.93 17.94
CA ARG F 372 -29.69 42.10 17.61
C ARG F 372 -28.23 41.87 17.98
N PHE F 373 -27.35 42.64 17.34
CA PHE F 373 -25.92 42.59 17.64
C PHE F 373 -25.65 43.49 18.85
N ARG F 374 -26.16 43.05 20.00
CA ARG F 374 -26.02 43.79 21.24
C ARG F 374 -24.59 43.76 21.77
N SER F 375 -23.81 42.76 21.40
CA SER F 375 -22.44 42.67 21.90
C SER F 375 -21.53 43.69 21.24
N LEU F 376 -21.85 44.13 20.02
CA LEU F 376 -21.02 45.14 19.37
C LEU F 376 -20.97 46.42 20.17
N LYS F 377 -22.11 46.84 20.73
CA LYS F 377 -22.06 48.00 21.62
C LYS F 377 -21.57 47.60 23.01
N LEU F 378 -21.80 46.35 23.43
CA LEU F 378 -21.12 45.83 24.60
C LEU F 378 -19.62 45.75 24.36
N TRP F 379 -19.20 45.58 23.11
CA TRP F 379 -17.79 45.39 22.81
C TRP F 379 -16.99 46.65 23.13
N MET F 380 -17.49 47.81 22.73
CA MET F 380 -16.73 49.04 22.89
C MET F 380 -16.59 49.44 24.36
N VAL F 381 -17.59 49.14 25.19
CA VAL F 381 -17.48 49.46 26.60
C VAL F 381 -16.28 48.76 27.23
N LEU F 382 -16.06 47.55 26.76
CA LEU F 382 -14.96 46.77 27.34
C LEU F 382 -13.67 47.27 26.71
N TYR F 385 -12.83 51.49 26.91
CA TYR F 385 -12.57 52.12 28.24
C TYR F 385 -11.65 51.23 29.07
N GLY F 386 -11.68 49.91 28.85
CA GLY F 386 -10.83 48.99 29.57
C GLY F 386 -11.36 48.69 30.96
N VAL F 387 -10.79 47.69 31.62
CA VAL F 387 -11.30 47.27 32.93
C VAL F 387 -10.78 48.19 34.03
N THR F 388 -9.48 48.50 34.01
CA THR F 388 -8.91 49.43 34.99
C THR F 388 -9.61 50.78 34.92
N ASN F 389 -9.93 51.24 33.71
CA ASN F 389 -10.68 52.49 33.51
C ASN F 389 -12.17 52.22 33.33
N LEU F 390 -12.69 51.20 34.01
CA LEU F 390 -14.13 51.02 34.22
C LEU F 390 -14.48 50.62 35.63
N ARG F 391 -13.54 50.08 36.42
CA ARG F 391 -13.79 49.84 37.83
C ARG F 391 -13.97 51.15 38.59
N ASN F 392 -13.12 52.13 38.29
CA ASN F 392 -12.96 53.31 39.13
C ASN F 392 -14.22 54.16 39.18
N PHE F 393 -15.13 53.98 38.22
CA PHE F 393 -16.28 54.87 38.13
C PHE F 393 -17.34 54.54 39.17
N LEU F 394 -17.42 53.27 39.59
CA LEU F 394 -18.45 52.88 40.54
C LEU F 394 -18.07 53.20 41.98
N ARG F 395 -16.78 53.06 42.33
CA ARG F 395 -16.36 53.42 43.68
C ARG F 395 -16.57 54.90 43.97
N SER F 396 -16.53 55.73 42.91
CA SER F 396 -16.75 57.17 43.10
C SER F 396 -18.16 57.44 43.62
N HIS F 397 -19.16 56.75 43.07
CA HIS F 397 -20.54 57.01 43.46
C HIS F 397 -20.80 56.60 44.90
N VAL F 398 -20.14 55.55 45.40
CA VAL F 398 -20.58 54.88 46.62
C VAL F 398 -20.27 55.73 47.85
N LYS F 399 -19.01 56.13 48.02
CA LYS F 399 -18.63 56.89 49.21
C LYS F 399 -19.41 58.18 49.32
N MET F 400 -19.80 58.78 48.20
CA MET F 400 -20.62 59.98 48.22
C MET F 400 -21.96 59.76 48.91
N ALA F 401 -22.47 58.53 48.89
CA ALA F 401 -23.67 58.20 49.65
C ALA F 401 -23.37 58.10 51.14
N LYS F 402 -22.14 57.71 51.50
CA LYS F 402 -21.74 57.67 52.90
C LYS F 402 -21.48 59.08 53.44
N THR F 403 -20.90 59.96 52.61
CA THR F 403 -20.73 61.35 53.03
C THR F 403 -22.07 62.03 53.23
N PHE F 404 -23.00 61.81 52.30
CA PHE F 404 -24.37 62.30 52.48
C PHE F 404 -24.98 61.73 53.76
N GLU F 405 -24.95 60.41 53.92
CA GLU F 405 -25.50 59.76 55.09
C GLU F 405 -25.00 60.41 56.38
N GLY F 406 -23.77 60.92 56.37
CA GLY F 406 -23.27 61.63 57.54
C GLY F 406 -23.91 62.99 57.74
N LEU F 407 -24.22 63.69 56.64
CA LEU F 407 -24.81 65.01 56.76
C LEU F 407 -26.17 64.97 57.45
N ILE F 408 -27.00 63.98 57.11
CA ILE F 408 -28.30 63.83 57.76
C ILE F 408 -28.18 63.22 59.14
N CYS F 409 -27.05 62.57 59.47
CA CYS F 409 -26.89 62.00 60.80
C CYS F 409 -26.80 63.09 61.86
N MET F 410 -26.03 64.14 61.59
CA MET F 410 -25.81 65.22 62.53
C MET F 410 -26.96 66.23 62.59
N ASP F 411 -27.98 66.08 61.74
CA ASP F 411 -28.94 67.16 61.55
C ASP F 411 -29.89 67.27 62.73
N GLY F 412 -30.57 66.18 63.09
CA GLY F 412 -31.52 66.24 64.19
C GLY F 412 -32.96 66.19 63.74
N ARG F 413 -33.33 67.05 62.78
CA ARG F 413 -34.65 66.97 62.17
C ARG F 413 -34.80 65.75 61.27
N PHE F 414 -33.69 65.13 60.87
CA PHE F 414 -33.70 64.03 59.92
C PHE F 414 -33.46 62.70 60.65
N GLU F 415 -33.63 61.61 59.91
CA GLU F 415 -33.36 60.27 60.41
C GLU F 415 -32.91 59.39 59.27
N ILE F 416 -32.16 58.34 59.60
CA ILE F 416 -31.76 57.33 58.64
C ILE F 416 -32.82 56.23 58.66
N THR F 417 -33.44 55.99 57.51
CA THR F 417 -34.52 55.02 57.43
C THR F 417 -34.02 53.60 57.66
N VAL F 418 -33.12 53.13 56.79
CA VAL F 418 -32.60 51.77 56.83
C VAL F 418 -31.14 51.78 56.42
N PRO F 419 -30.40 50.71 56.73
CA PRO F 419 -29.00 50.63 56.32
C PRO F 419 -28.82 50.91 54.83
N ARG F 420 -27.80 51.69 54.52
CA ARG F 420 -27.51 52.11 53.15
C ARG F 420 -26.48 51.18 52.53
N THR F 421 -26.67 50.87 51.23
CA THR F 421 -25.72 50.08 50.46
C THR F 421 -25.76 50.51 49.00
N PHE F 422 -24.69 50.19 48.28
CA PHE F 422 -24.54 50.39 46.84
C PHE F 422 -25.10 51.73 46.36
N ALA F 423 -24.50 52.81 46.86
CA ALA F 423 -24.72 54.15 46.30
C ALA F 423 -26.20 54.52 46.23
N MET F 424 -26.94 54.22 47.29
CA MET F 424 -28.34 54.65 47.38
C MET F 424 -28.72 54.76 48.85
N VAL F 425 -29.03 55.98 49.28
CA VAL F 425 -29.40 56.26 50.66
C VAL F 425 -30.82 56.83 50.70
N CYS F 426 -31.55 56.51 51.77
CA CYS F 426 -32.90 56.99 51.97
C CYS F 426 -32.99 57.76 53.28
N PHE F 427 -33.64 58.91 53.26
CA PHE F 427 -33.84 59.66 54.48
C PHE F 427 -35.30 60.06 54.67
N ARG F 428 -35.56 60.91 55.65
CA ARG F 428 -36.92 61.22 56.08
C ARG F 428 -36.93 62.40 57.03
N LEU F 429 -37.60 63.49 56.66
CA LEU F 429 -37.76 64.64 57.53
C LEU F 429 -38.93 64.36 58.48
N LEU F 430 -38.63 64.16 59.75
CA LEU F 430 -39.64 63.77 60.72
C LEU F 430 -40.16 64.99 61.47
N PRO F 431 -41.36 64.90 62.06
CA PRO F 431 -41.96 66.06 62.72
C PRO F 431 -41.26 66.37 64.03
N PRO F 432 -41.50 67.56 64.60
CA PRO F 432 -40.98 67.91 65.94
C PRO F 432 -41.92 67.45 67.05
N GLU F 457 -51.12 56.54 63.03
CA GLU F 457 -50.31 57.28 63.98
C GLU F 457 -49.77 58.57 63.37
N ASN F 458 -48.91 59.26 64.11
CA ASN F 458 -48.16 60.38 63.55
C ASN F 458 -47.27 59.94 62.39
N LEU F 459 -47.13 58.63 62.19
CA LEU F 459 -46.46 58.11 61.02
C LEU F 459 -47.11 58.63 59.73
N VAL F 460 -48.44 58.59 59.68
CA VAL F 460 -49.16 59.14 58.52
C VAL F 460 -48.86 60.62 58.37
N LEU F 461 -48.78 61.34 59.50
CA LEU F 461 -48.46 62.76 59.47
C LEU F 461 -47.09 63.00 58.85
N ALA F 462 -46.08 62.24 59.27
CA ALA F 462 -44.75 62.38 58.70
C ALA F 462 -44.73 61.96 57.24
N ASN F 463 -45.41 60.86 56.91
CA ASN F 463 -45.45 60.40 55.53
C ASN F 463 -46.04 61.47 54.60
N LYS F 464 -47.12 62.11 55.03
CA LYS F 464 -47.66 63.23 54.26
C LYS F 464 -46.66 64.38 54.21
N LEU F 465 -46.01 64.67 55.34
CA LEU F 465 -45.05 65.76 55.41
C LEU F 465 -43.92 65.57 54.39
N ASN F 466 -43.30 64.39 54.38
CA ASN F 466 -42.27 64.11 53.39
C ASN F 466 -42.84 64.03 51.98
N GLN F 467 -44.15 63.80 51.82
CA GLN F 467 -44.74 63.79 50.48
C GLN F 467 -44.83 65.22 49.93
N VAL F 468 -45.31 66.16 50.75
CA VAL F 468 -45.41 67.55 50.32
C VAL F 468 -44.02 68.13 50.07
N TYR F 469 -43.15 68.04 51.08
CA TYR F 469 -41.78 68.53 50.98
C TYR F 469 -41.09 67.97 49.75
N LEU F 470 -41.28 66.68 49.48
CA LEU F 470 -40.60 66.03 48.36
C LEU F 470 -40.98 66.67 47.03
N GLU F 471 -42.28 66.68 46.70
CA GLU F 471 -42.67 67.02 45.34
C GLU F 471 -42.33 68.46 44.98
N THR F 472 -42.55 69.39 45.92
CA THR F 472 -42.11 70.77 45.71
C THR F 472 -40.61 70.82 45.40
N VAL F 473 -39.81 70.10 46.18
CA VAL F 473 -38.37 70.02 45.97
C VAL F 473 -38.03 69.53 44.58
N ASN F 474 -38.89 68.69 43.98
CA ASN F 474 -38.67 68.29 42.59
C ASN F 474 -39.40 69.18 41.60
N ALA F 475 -40.58 69.69 41.95
CA ALA F 475 -41.26 70.64 41.09
C ALA F 475 -40.47 71.92 40.91
N THR F 476 -39.50 72.17 41.80
CA THR F 476 -38.57 73.28 41.62
C THR F 476 -37.88 73.22 40.27
N GLY F 477 -37.71 72.01 39.72
CA GLY F 477 -37.15 71.83 38.40
C GLY F 477 -35.64 71.62 38.36
N SER F 478 -34.94 71.81 39.48
CA SER F 478 -33.50 71.66 39.49
C SER F 478 -33.09 70.19 39.55
N VAL F 479 -33.64 69.44 40.50
CA VAL F 479 -33.18 68.08 40.80
C VAL F 479 -34.38 67.14 40.88
N TYR F 480 -34.06 65.85 40.99
CA TYR F 480 -35.02 64.75 41.12
C TYR F 480 -34.71 63.89 42.33
N MET F 481 -35.77 63.49 43.04
CA MET F 481 -35.73 62.40 44.01
C MET F 481 -37.12 61.78 44.08
N THR F 482 -37.20 60.46 43.90
CA THR F 482 -38.48 59.79 44.12
C THR F 482 -38.54 59.29 45.56
N HIS F 483 -39.53 58.45 45.84
CA HIS F 483 -39.86 58.01 47.17
C HIS F 483 -40.03 56.50 47.19
N ALA F 484 -40.40 55.99 48.35
CA ALA F 484 -40.74 54.59 48.54
C ALA F 484 -41.46 54.47 49.88
N VAL F 485 -42.42 53.55 49.93
CA VAL F 485 -43.11 53.27 51.18
C VAL F 485 -42.70 51.87 51.63
N VAL F 486 -41.60 51.79 52.38
CA VAL F 486 -41.07 50.53 52.89
C VAL F 486 -41.33 50.49 54.40
N GLY F 487 -41.90 49.38 54.86
CA GLY F 487 -42.30 49.30 56.26
C GLY F 487 -43.40 50.25 56.65
N GLY F 488 -44.22 50.68 55.69
CA GLY F 488 -45.26 51.65 55.98
C GLY F 488 -44.76 53.04 56.24
N VAL F 489 -43.52 53.34 55.86
CA VAL F 489 -42.91 54.65 56.11
C VAL F 489 -42.59 55.29 54.77
N TYR F 490 -43.15 56.45 54.52
CA TYR F 490 -42.76 57.24 53.35
C TYR F 490 -41.33 57.72 53.52
N MET F 491 -40.44 57.24 52.65
CA MET F 491 -39.05 57.63 52.67
C MET F 491 -38.66 58.13 51.29
N ILE F 492 -37.52 58.80 51.21
CA ILE F 492 -37.10 59.52 50.02
C ILE F 492 -35.72 59.00 49.62
N ARG F 493 -35.58 58.56 48.37
CA ARG F 493 -34.43 57.79 47.93
C ARG F 493 -33.41 58.67 47.23
N PHE F 494 -32.13 58.34 47.43
CA PHE F 494 -30.99 59.09 46.89
C PHE F 494 -30.00 58.11 46.27
N ALA F 495 -30.06 57.96 44.95
CA ALA F 495 -29.21 57.01 44.22
C ALA F 495 -28.28 57.79 43.28
N VAL F 496 -27.01 57.89 43.67
CA VAL F 496 -26.01 58.53 42.84
C VAL F 496 -25.75 57.66 41.60
N GLY F 497 -25.76 58.27 40.43
CA GLY F 497 -25.54 57.48 39.23
C GLY F 497 -25.32 58.33 38.00
N SER F 498 -25.04 57.62 36.89
CA SER F 498 -24.90 58.19 35.54
C SER F 498 -23.66 59.08 35.41
N THR F 499 -22.52 58.57 35.91
CA THR F 499 -21.20 59.13 35.63
C THR F 499 -21.05 60.62 35.93
N LEU F 500 -21.84 61.46 35.26
CA LEU F 500 -21.68 62.91 35.27
C LEU F 500 -21.75 63.53 36.66
N THR F 501 -22.05 62.71 37.68
CA THR F 501 -22.24 63.22 39.04
C THR F 501 -20.89 63.53 39.69
N GLU F 502 -20.28 64.63 39.24
CA GLU F 502 -19.22 65.25 40.01
C GLU F 502 -19.77 65.58 41.39
N GLU F 503 -18.91 65.47 42.41
CA GLU F 503 -19.37 65.74 43.78
C GLU F 503 -19.94 67.15 43.89
N ARG F 504 -19.46 68.08 43.06
CA ARG F 504 -20.04 69.41 42.99
C ARG F 504 -21.50 69.42 42.56
N HIS F 505 -22.03 68.27 42.11
CA HIS F 505 -23.45 68.16 41.80
C HIS F 505 -24.28 67.61 42.97
N VAL F 506 -23.64 66.93 43.92
CA VAL F 506 -24.34 66.53 45.14
C VAL F 506 -24.43 67.71 46.10
N ILE F 507 -23.38 68.54 46.15
CA ILE F 507 -23.39 69.76 46.94
C ILE F 507 -23.98 70.93 46.16
N TYR F 508 -24.47 70.68 44.94
CA TYR F 508 -25.55 71.49 44.38
C TYR F 508 -26.68 71.65 45.39
N ALA F 509 -27.01 70.57 46.09
CA ALA F 509 -28.16 70.56 47.00
C ALA F 509 -27.77 70.14 48.41
N TRP F 510 -28.56 69.23 48.98
CA TRP F 510 -28.54 68.89 50.40
C TRP F 510 -28.98 70.07 51.25
N LYS F 511 -28.40 71.25 51.04
CA LYS F 511 -28.93 72.44 51.69
C LYS F 511 -30.14 73.00 50.93
N ILE F 512 -30.27 72.70 49.64
CA ILE F 512 -31.56 72.86 48.97
C ILE F 512 -32.62 72.01 49.67
N LEU F 513 -32.22 70.83 50.13
CA LEU F 513 -33.10 69.93 50.86
C LEU F 513 -32.99 70.16 52.36
N GLN F 514 -32.24 71.18 52.78
CA GLN F 514 -32.21 71.65 54.15
C GLN F 514 -32.76 73.05 54.31
N GLU F 515 -32.82 73.84 53.23
CA GLU F 515 -33.52 75.12 53.28
C GLU F 515 -35.02 74.91 53.28
N HIS F 516 -35.51 73.93 52.53
CA HIS F 516 -36.95 73.67 52.48
C HIS F 516 -37.43 73.11 53.81
N ALA F 517 -36.66 72.19 54.40
CA ALA F 517 -37.01 71.71 55.74
C ALA F 517 -36.99 72.85 56.75
N ASP F 518 -36.04 73.78 56.60
CA ASP F 518 -36.06 75.00 57.40
C ASP F 518 -37.25 75.87 57.02
N LEU F 519 -37.54 75.99 55.73
CA LEU F 519 -38.64 76.85 55.27
C LEU F 519 -39.99 76.25 55.64
N ILE F 520 -40.18 74.95 55.40
CA ILE F 520 -41.49 74.35 55.60
C ILE F 520 -41.79 74.17 57.08
N LEU F 521 -40.78 73.80 57.88
CA LEU F 521 -40.99 73.68 59.32
C LEU F 521 -41.02 75.02 60.03
N GLY F 522 -40.76 76.13 59.32
CA GLY F 522 -41.01 77.44 59.89
C GLY F 522 -42.47 77.80 59.89
N LYS F 523 -43.22 77.34 58.90
CA LYS F 523 -44.66 77.49 58.83
C LYS F 523 -45.37 76.16 59.07
N PHE F 524 -44.73 75.26 59.80
CA PHE F 524 -45.32 73.98 60.14
C PHE F 524 -46.43 74.19 61.16
N SER F 525 -47.66 73.88 60.76
CA SER F 525 -48.82 74.02 61.64
C SER F 525 -49.50 72.68 61.90
N GLU F 526 -48.90 71.57 61.48
CA GLU F 526 -49.45 70.23 61.72
C GLU F 526 -50.79 70.03 61.02
N ALA F 527 -51.72 70.96 61.21
CA ALA F 527 -53.04 70.83 60.58
C ALA F 527 -52.96 70.87 59.07
N ASP F 528 -51.93 71.52 58.50
CA ASP F 528 -51.75 71.50 57.06
C ASP F 528 -51.52 70.09 56.53
N PHE F 529 -51.10 69.16 57.39
CA PHE F 529 -50.92 67.77 57.02
C PHE F 529 -51.88 66.85 57.77
N SER F 530 -52.88 67.41 58.44
CA SER F 530 -53.95 66.62 59.06
C SER F 530 -55.01 66.22 58.06
N SER F 531 -54.76 66.39 56.76
CA SER F 531 -55.69 66.01 55.70
C SER F 531 -54.96 65.87 54.37
#